data_4XMM
#
_entry.id   4XMM
#
_cell.length_a   210.645
_cell.length_b   186.297
_cell.length_c   199.570
_cell.angle_alpha   90.00
_cell.angle_beta   100.85
_cell.angle_gamma   90.00
#
_symmetry.space_group_name_H-M   'C 1 2 1'
#
loop_
_entity.id
_entity.type
_entity.pdbx_description
1 polymer 'Protein transport protein SEC13'
2 polymer 'Nucleoporin NUP145'
3 polymer 'Nucleoporin SEH1'
4 polymer 'Nucleoporin NUP85'
5 polymer 'Nucleoporin NUP120'
6 polymer 'Nucleoporin NUP84'
7 polymer 'Antibody 57 heavy chain'
8 polymer 'Antibody 57 light chain'
#
loop_
_entity_poly.entity_id
_entity_poly.type
_entity_poly.pdbx_seq_one_letter_code
_entity_poly.pdbx_strand_id
1 'polypeptide(L)'
;MVVIANAHNELIHDAVLDYYGKRLATCSSDKTIKIFEVEGETHKLIDTLTGHEGPVWRVDWAHPKFGTILASCSYDGKVL
IWKEENGRWSQIAVHAVHSASVNSVQWAPHEYGPLLLVASSDGKVSVVEFKENGTTSPIIIDAHAIGVNSASWAPATIEE
DGEHNGTKESRKFVTGGADNLVKIWKYNSDAQTYVLESTLEGHSDWVRDVAWSPTVLLRSYLASVSQDRTCIIWTQDNEQ
GPWKKTLLKEEKFPDVLWRASWSLSGNVLALSGGDNKVTLWKENLEGKWEPAGEVHQ
;
A
2 'polypeptide(L)'
;MGSSHHHHHHSDQPDADFEGIEASPKLDVSKDWVEQLILAGSSLRSVFATSKEFDGPCQNEIDLLFSECNDEIDNAKLIM
KERRFTASYTFAKFSTGSMLLTKDIVGKSGVSIKRLPTELQRKFLFDDVYLDKEIEKVTIEARKSNPYPQISESSLLFKD
ALDYMEKTSSDYNLWKLSSILFDPVSYPYKTDNDQVKMALLKKERHCRLTSWIVSQIGPEIEEKIRNSSNEIEQIFLYLL
LNDVVRASKLAIESKNGHLSVLISYLGSNDPRIRDLAELQLQKWSTGGCSIDKNISKIYKLLSGSPFEGLFSLKELESEF
SWLCLLNLTLCYGQIDEYSLESLVQSHLDKFSLPYDDPIGVIFQLYAANENTEKLYKEVRQRTNALDVQFCWYLIQTLRF
NGTRVFSKETSDEATFAFAAQLEFAQLHGHSLFVSCFLNDDKAAEDTIKRLVMREITLLRASTNDHILNRLKIPSQLIFN
AQALKDRYEGNYLSEVQNLLLGSSYDLAEMAIVTSLGPRLLLSNNPVQNNELKTLREILNEFPDSERDKWSVSINVFEVY
LKLVLDNVETQETIDSLISGMKIFYDQYKHCREVAACCNVMSQEIVSKILEKNNPSIGDSKAKLLELPLGQPEKAYLRGE
FAQDLMKCTYKI
;
B
3 'polypeptide(L)'
;MQPFDSGHDDLVHDVVYDFYGRHVATCSSDQHIKVFKLDKDTSNWELSDSWRAHDSSIVAIDWASPEYGRIIASASYDKT
VKLWEEDPDQEECSGRRWNKLCTLNDSKGSLYSVKFAPAHLGLKLACLGNDGILRLYDALEPSDLRSWTLTSEMKVLSIP
PANHLQSDFCLSWCPSRFSPEKLAVSALEQAIIYQRGKDGKLHVAAKLPGHKSLIRSISWAPSIGRWYQLIATGCKDGRI
RIFKITEKLSPLASEESLTNSNMFDNSADVDMDAQGRSDSNTEEKAELQSNLQVELLSEHDDHNGEVWSVSWNLTGTILS
SAGDDGKVRLWKATYSNEFKCMSVITAQQ
;
C
4 'polypeptide(L)'
;MGSSHHHHHHSDQPSGAILVPMTVNDQPIEKNGDKMPLKFKLGPLSYQNMAFITAKDKYKLYPVRIPRLDTSKEFSAYVS
GLFEIYRDLGDDRVFNVPTIGVVNSNFAKEHNATVNLAMEAILNELEVFIGRVKDQDGRVNRFYELEESLTVLNCLRTMY
FILDGQDVEENRSEFIESLLNWINRSDGEPDEEYIEQVFSVKDSTAGKKVFETQYFWKLLNQLVLRGLLSQAIGCIERSD
LLPYLSDTCAVSFDAVSDSIELLKQYPKDSSSTFREWKNLVLKLSQAFGSSATDISGELRDYIEDFLLVIGGNQRKILQY
SRTWYESFCGFLLYYIPSLELSAEYLQMSLEANVVDITNDWEQPCVDIISGKIHSILPVMESLDSCTAAFTAMICEAKGL
IENIFEGEKNSDDYSNEDNEMLEDLFSYRNGMASYMLNSFAFELCSLGDKELWPVAIGLIALSATGTRSAKKMVIAELLP
HYPFVTNDDIEWMLSICVEWRLPEIAKEIYTTLGNQMLSAHNIIESIANFSRAGKYELVKSYSWLLFEASCMEGQKLDDP
VLNAIVSKNSPAEDDVIIPQDILDCVVTNSMRQTLAPYAVLSQFYELRDREDWGQALRLLLLLIEFPYLPKHYLVLLVAK
FLYPIFLLDDKKLMDEDSVATVIEVIETKWDDADEKSSNLYETIIEADKSLPSSMATLLKNLRKKLNFKLCQAFM
;
D
5 'polypeptide(L)'
;MHHHHHHSTACLSRIDANLLQYYEKPEPNNTVDLYVSNNSNNNGLKEGDKSISTPVPQPYGSEYSNCLLLSNSEYICYHF
SSRSTLLTFYPLSDAYHGKTINIHLPNASMNQRYTLTIQEVEQQLLVNVILKDGSFLTLQLPLSFLFSSANTLNGEWFHL
QNPYDFTVRVPHFLFYVSPQFSVVFLEDGGLLGLKKVDGVHYEPLLFNDNSYLKSLTRFFSRSSKSDYDSVISCKLFHER
YLIVLTQNCHLKIWDLTSFTLIQDYDMVSQSDSDPSHFRKVEAVGEYLSLYNNTLVTLLPLENGLFQMGTLLVDSSGILT
YTFQNNIPTNLSASAIWSIVDLVLTRPLELNVEASYLNLIVLWKSGTASKLQILNVNDESFKNYEWIESVNKSLVDLQSE
HDLDIVTKTGDVERGFCNLKSRYGTQIFERAQQILSENKIIMAHNEDEEYLANLETILRDVKTAFNEASSITLYGDEIIL
VNCFQPYNHSLYKLNTTVENWFYNMHSETDGSELFKYLRTLNGFASTLSNDVLRSISKKFLDIITGELPDSMTTVEKFTD
IFKNCLENQFEITNLKILFDELNSFDIPVVLNDLINNQMKPGIFWKKDFISAIKFDGFTSIISLESLHQLLSIHYRITLQ
VLLTFVLFDLDTEIFGQHISTLLDLHYKQFLLLNLYRQDKCLLAEVLLKDSSEFSFGVKFFNYGQLIAYIDSLNSNVYNA
SITENSFFMTFFRSYIIENTSHKNIRFFLENVECPFYLRHNEVQEFMFAMTLFSCGNFDQSYEIFQLHDYPEAINDKLPT
FLEDLKSENYHGDSIWKDLLCTFTVPYRHSAFYYQLSLLFDRNNSQEFALKCISKSAEYSLKEIQIEELQDFKEKQHIHY
LNLLIHFRMFEEVLDVLRLGHECLSDTVRTNFLQLLLQEDIYSRDFFSTLLRLCNAHSDNGELYLRTVDIKIVDSILSQN
LRSGDWECFKKLYCFRMLNKSERAAAEVLYQYILMQADLDVIRKRKCYLMVINVLSSFDSAYDQWILNGSKVVTLTDLRD
ELRGL
;
E
6 'polypeptide(L)'
;GPHMELSPTYQTERFTKFSDTLKEFKIEQNNEQNPIDPFNIIREFRSAAGQLALDLANSGDESNVISSKDWELEARFWHL
VELLLVFRNADLDLDEMELHPYNSRGLFEKKLMQDNKQLYQIWIVMVWLKENTYVMERPKNVPTSKWLNSITSGGLKSCD
LDFPLRENTNVLDVKDKEEDHIFFKYIYELILAGAIDEALEEAKLSDNISICMILCGIQEYLNPVIDTQIANEFNTQQGI
KKHSLWRRTVYSLSQQAGLDPYERAIYSYLSGAIPNQEVLQYSDWESDLHIHLNQILQTEIENYLLENNQVGTDELILPL
PSHALTVQEVLNRVASRHPSESEHPIRVLMASVILDSLPSVIHSSVEMLLDVVKGTEASNDIIDKPYLLRIVTHLAICLD
IINPGSVEEVDKSKLITTYISLLKLQGLYENIPIYATFLNESDCLEACSFILSS
;
F
7 'polypeptide(L)'
;MKKNIAFLLASMFVFSIATNAYAEISEVQLVESGGGLVQPGGSLRLSCAASGFNVSYSSIHWVRQAPGKGLEWVASIYPY
YGSTSYADSVKGRFTISADTSKNTAYLQMNSLRAEDTAVYYCARTGMYFGFFHHSWSNAALDYWGQGTLVTVSSASTKGP
SVFPLAPSSKSTSGGTAALGCLVKDYFPEPVTVSWNSGALTSGVHTFPAVLQSSGLYSLSSVVTVPSSSLGTQTYICNVN
HKPSNTKVDKKVEPKSCDKTHTGGSHHHHHH
;
H
8 'polypeptide(L)'
;MASDIQMTQSPSSLSASVGDRVTITCRASQSVSSAVAWYQQKPGKAPKLLIYSASSLYSGVPSRFSGSRSGTDFTLTISS
LQPEDFATYYCQQISQYPITFGQGTKVEIKRTVAAPSVFIFPPSDSQLKSGTASVVCLLNNFYPREAKVQWKVDNALQSG
NSQESVTEQDSKDSTYSLSSTLTLSKADYEKHKVYACEVTHQGLSSPVTKSFNRGEC
;
L
#
# COMPACT_ATOMS: atom_id res chain seq x y z
N HIS A 8 13.63 9.73 -21.34
CA HIS A 8 12.83 9.13 -22.41
C HIS A 8 11.49 9.80 -22.63
N ASN A 9 11.40 10.52 -23.74
CA ASN A 9 10.16 11.14 -24.17
C ASN A 9 10.34 11.45 -25.65
N GLU A 10 10.18 10.41 -26.46
CA GLU A 10 10.41 10.47 -27.90
C GLU A 10 9.25 11.03 -28.73
N LEU A 11 8.08 11.23 -28.12
CA LEU A 11 6.89 11.60 -28.88
C LEU A 11 5.75 12.05 -27.97
N ILE A 12 5.83 13.30 -27.56
CA ILE A 12 4.72 14.00 -26.94
C ILE A 12 3.78 14.50 -28.02
N HIS A 13 2.48 14.34 -27.77
CA HIS A 13 1.47 14.69 -28.75
C HIS A 13 0.91 16.07 -28.49
N ASP A 14 0.82 16.46 -27.22
CA ASP A 14 0.29 17.80 -26.96
C ASP A 14 0.90 18.41 -25.73
N ALA A 15 0.91 19.74 -25.71
CA ALA A 15 1.35 20.47 -24.54
C ALA A 15 0.51 21.72 -24.42
N VAL A 16 0.24 22.15 -23.19
CA VAL A 16 -0.54 23.37 -23.00
C VAL A 16 0.10 24.21 -21.91
N LEU A 17 -0.04 25.52 -22.10
CA LEU A 17 0.33 26.53 -21.14
C LEU A 17 -0.85 27.15 -20.42
N ASP A 18 -0.67 27.43 -19.13
CA ASP A 18 -1.71 28.07 -18.34
C ASP A 18 -1.82 29.58 -18.59
N TYR A 19 -2.96 30.14 -18.19
CA TYR A 19 -3.27 31.57 -18.35
C TYR A 19 -2.05 32.47 -18.15
N TYR A 20 -1.34 32.22 -17.04
CA TYR A 20 -0.16 32.99 -16.64
C TYR A 20 1.17 32.37 -17.04
N GLY A 21 1.10 31.19 -17.65
CA GLY A 21 2.27 30.50 -18.18
C GLY A 21 3.36 30.06 -17.23
N LYS A 22 2.98 29.64 -16.02
CA LYS A 22 3.98 29.19 -15.03
C LYS A 22 4.04 27.68 -14.97
N ARG A 23 3.03 27.03 -15.52
CA ARG A 23 2.84 25.60 -15.31
C ARG A 23 2.47 24.97 -16.65
N LEU A 24 3.40 24.19 -17.18
CA LEU A 24 3.24 23.52 -18.47
C LEU A 24 2.74 22.08 -18.30
N ALA A 25 1.91 21.63 -19.23
CA ALA A 25 1.40 20.27 -19.11
C ALA A 25 1.53 19.58 -20.45
N THR A 26 2.57 18.76 -20.57
CA THR A 26 2.75 17.94 -21.75
C THR A 26 2.07 16.59 -21.57
N CYS A 27 1.64 16.02 -22.67
CA CYS A 27 1.08 14.70 -22.69
C CYS A 27 1.58 13.96 -23.93
N SER A 28 2.03 12.73 -23.67
CA SER A 28 2.73 11.88 -24.61
C SER A 28 1.93 10.63 -24.93
N SER A 29 2.60 9.64 -25.52
CA SER A 29 1.99 8.36 -25.87
C SER A 29 2.06 7.31 -24.78
N ASP A 30 3.02 7.41 -23.87
CA ASP A 30 3.08 6.46 -22.76
C ASP A 30 1.96 6.65 -21.72
N LYS A 31 1.00 7.53 -22.01
CA LYS A 31 -0.27 7.68 -21.28
C LYS A 31 -0.11 8.71 -20.16
N THR A 32 1.12 9.07 -19.86
CA THR A 32 1.36 9.96 -18.73
C THR A 32 1.28 11.40 -19.16
N ILE A 33 0.84 12.23 -18.22
CA ILE A 33 0.74 13.66 -18.43
C ILE A 33 1.67 14.33 -17.45
N LYS A 34 2.77 14.89 -17.95
CA LYS A 34 3.74 15.51 -17.06
C LYS A 34 3.50 17.00 -16.91
N ILE A 35 3.50 17.45 -15.64
CA ILE A 35 3.33 18.85 -15.29
C ILE A 35 4.69 19.44 -14.89
N PHE A 36 5.00 20.61 -15.44
CA PHE A 36 6.28 21.27 -15.21
C PHE A 36 6.12 22.68 -14.64
N GLU A 37 7.06 23.10 -13.80
CA GLU A 37 7.07 24.48 -13.34
C GLU A 37 8.08 25.21 -14.23
N VAL A 38 7.62 25.94 -15.23
CA VAL A 38 8.55 26.52 -16.20
C VAL A 38 9.22 27.76 -15.65
N GLU A 39 10.46 28.00 -16.08
CA GLU A 39 11.22 29.20 -15.76
C GLU A 39 12.39 29.36 -16.74
N GLY A 40 12.06 29.94 -17.88
CA GLY A 40 12.96 30.12 -19.00
C GLY A 40 13.64 28.87 -19.51
N GLU A 41 14.91 28.75 -19.23
CA GLU A 41 15.53 27.51 -19.62
C GLU A 41 15.04 26.32 -18.80
N THR A 42 14.65 26.54 -17.54
CA THR A 42 14.51 25.39 -16.62
C THR A 42 13.04 25.14 -16.30
N HIS A 43 12.48 24.15 -17.01
CA HIS A 43 11.17 23.60 -16.63
C HIS A 43 11.36 22.40 -15.70
N LYS A 44 11.20 22.61 -14.40
CA LYS A 44 11.35 21.54 -13.43
C LYS A 44 10.10 20.66 -13.37
N LEU A 45 10.29 19.37 -13.66
CA LEU A 45 9.21 18.40 -13.55
C LEU A 45 8.66 18.39 -12.13
N ILE A 46 7.37 18.69 -12.01
CA ILE A 46 6.70 18.70 -10.71
C ILE A 46 5.73 17.52 -10.55
N ASP A 47 5.29 16.93 -11.66
CA ASP A 47 4.29 15.88 -11.55
C ASP A 47 4.33 14.90 -12.73
N THR A 48 3.74 13.74 -12.51
CA THR A 48 3.40 12.82 -13.58
C THR A 48 2.01 12.27 -13.30
N LEU A 49 1.17 12.20 -14.33
CA LEU A 49 -0.20 11.75 -14.12
C LEU A 49 -0.58 10.53 -14.96
N THR A 50 -0.76 9.39 -14.31
CA THR A 50 -1.09 8.14 -14.98
C THR A 50 -2.56 7.78 -14.71
N GLY A 51 -3.41 7.89 -15.72
CA GLY A 51 -4.79 7.47 -15.58
C GLY A 51 -5.51 7.15 -16.88
N HIS A 52 -4.76 6.96 -17.95
CA HIS A 52 -5.33 6.70 -19.25
C HIS A 52 -4.95 5.32 -19.78
N GLU A 53 -5.79 4.78 -20.67
CA GLU A 53 -5.53 3.47 -21.24
C GLU A 53 -5.22 3.60 -22.73
N GLY A 54 -4.29 4.51 -23.01
CA GLY A 54 -3.84 4.78 -24.36
C GLY A 54 -3.19 6.15 -24.42
N PRO A 55 -2.55 6.46 -25.55
CA PRO A 55 -1.78 7.70 -25.76
C PRO A 55 -2.63 8.93 -25.46
N VAL A 56 -2.13 9.84 -24.63
CA VAL A 56 -2.89 11.05 -24.33
C VAL A 56 -2.64 12.00 -25.50
N TRP A 57 -3.71 12.24 -26.25
CA TRP A 57 -3.65 13.05 -27.45
C TRP A 57 -3.54 14.52 -27.17
N ARG A 58 -4.35 14.99 -26.22
CA ARG A 58 -4.41 16.39 -25.91
C ARG A 58 -4.63 16.64 -24.42
N VAL A 59 -4.15 17.78 -23.97
CA VAL A 59 -4.38 18.30 -22.63
C VAL A 59 -4.84 19.73 -22.80
N ASP A 60 -5.43 20.32 -21.76
CA ASP A 60 -5.96 21.69 -21.85
C ASP A 60 -6.42 22.22 -20.49
N TRP A 61 -5.71 23.24 -19.99
CA TRP A 61 -6.07 23.88 -18.74
C TRP A 61 -7.38 24.64 -18.92
N ALA A 62 -8.10 24.87 -17.84
CA ALA A 62 -9.29 25.71 -17.87
C ALA A 62 -8.96 27.09 -17.32
N HIS A 63 -9.94 27.99 -17.35
CA HIS A 63 -9.71 29.34 -16.87
C HIS A 63 -9.56 29.25 -15.35
N PRO A 64 -8.55 29.92 -14.80
CA PRO A 64 -8.16 29.90 -13.38
C PRO A 64 -9.27 30.40 -12.47
N LYS A 65 -10.25 31.08 -13.05
CA LYS A 65 -11.54 31.33 -12.42
C LYS A 65 -12.14 30.04 -11.84
N PHE A 66 -11.79 28.90 -12.42
CA PHE A 66 -12.25 27.62 -11.91
C PHE A 66 -11.16 26.82 -11.19
N GLY A 67 -10.26 27.52 -10.50
CA GLY A 67 -9.19 26.86 -9.78
C GLY A 67 -8.17 26.28 -10.75
N THR A 68 -7.66 25.10 -10.43
CA THR A 68 -6.69 24.47 -11.31
C THR A 68 -7.32 23.21 -11.86
N ILE A 69 -7.88 23.31 -13.05
CA ILE A 69 -8.53 22.17 -13.69
C ILE A 69 -7.87 21.91 -15.04
N LEU A 70 -7.77 20.64 -15.40
CA LEU A 70 -7.16 20.26 -16.65
C LEU A 70 -7.88 19.05 -17.25
N ALA A 71 -8.52 19.25 -18.39
CA ALA A 71 -9.25 18.18 -19.03
C ALA A 71 -8.34 17.64 -20.10
N SER A 72 -8.10 16.34 -20.03
CA SER A 72 -7.25 15.68 -21.02
C SER A 72 -8.08 14.66 -21.77
N CYS A 73 -7.72 14.43 -23.02
CA CYS A 73 -8.37 13.37 -23.77
C CYS A 73 -7.35 12.46 -24.40
N SER A 74 -7.63 11.17 -24.28
CA SER A 74 -6.73 10.11 -24.67
C SER A 74 -7.37 9.07 -25.57
N TYR A 75 -6.53 8.17 -26.06
CA TYR A 75 -6.92 7.10 -26.96
C TYR A 75 -7.89 6.10 -26.33
N ASP A 76 -7.94 6.02 -25.01
CA ASP A 76 -8.88 5.11 -24.35
C ASP A 76 -10.34 5.55 -24.40
N GLY A 77 -10.65 6.52 -25.25
CA GLY A 77 -12.03 6.92 -25.48
C GLY A 77 -12.60 7.77 -24.36
N LYS A 78 -11.79 8.00 -23.34
CA LYS A 78 -12.28 8.66 -22.14
C LYS A 78 -11.70 10.06 -22.00
N VAL A 79 -12.54 11.02 -21.65
CA VAL A 79 -12.01 12.32 -21.25
C VAL A 79 -11.83 12.30 -19.74
N LEU A 80 -10.65 12.69 -19.28
CA LEU A 80 -10.39 12.75 -17.84
C LEU A 80 -10.14 14.17 -17.36
N ILE A 81 -11.02 14.62 -16.46
CA ILE A 81 -10.80 15.90 -15.78
C ILE A 81 -9.94 15.71 -14.54
N TRP A 82 -8.88 16.50 -14.46
CA TRP A 82 -7.96 16.49 -13.32
C TRP A 82 -8.03 17.80 -12.55
N LYS A 83 -7.46 17.83 -11.34
CA LYS A 83 -7.42 19.05 -10.53
C LYS A 83 -6.32 18.99 -9.46
N GLU A 84 -5.49 20.02 -9.38
CA GLU A 84 -4.50 20.10 -8.30
C GLU A 84 -5.18 20.53 -7.01
N GLU A 85 -4.83 19.87 -5.93
CA GLU A 85 -5.51 20.02 -4.65
C GLU A 85 -4.49 20.05 -3.51
N ASN A 86 -4.16 21.25 -3.07
CA ASN A 86 -3.18 21.50 -2.01
C ASN A 86 -1.78 21.06 -2.39
N GLY A 87 -1.52 21.05 -3.71
CA GLY A 87 -0.28 20.55 -4.26
C GLY A 87 -0.27 19.04 -4.51
N ARG A 88 -1.44 18.44 -4.67
CA ARG A 88 -1.55 17.03 -4.95
C ARG A 88 -2.69 16.76 -5.96
N TRP A 89 -2.34 16.24 -7.14
CA TRP A 89 -3.31 16.03 -8.22
C TRP A 89 -4.23 14.82 -8.03
N SER A 90 -5.45 14.96 -8.55
CA SER A 90 -6.55 14.02 -8.30
C SER A 90 -7.56 14.11 -9.45
N GLN A 91 -7.87 12.96 -10.06
CA GLN A 91 -8.87 12.89 -11.10
C GLN A 91 -10.29 13.05 -10.57
N ILE A 92 -10.80 14.27 -10.60
CA ILE A 92 -12.08 14.55 -9.97
C ILE A 92 -13.26 14.05 -10.80
N ALA A 93 -13.18 14.19 -12.13
CA ALA A 93 -14.26 13.64 -12.94
C ALA A 93 -13.77 12.93 -14.19
N VAL A 94 -14.73 12.41 -14.94
CA VAL A 94 -14.49 11.72 -16.20
C VAL A 94 -15.73 11.75 -17.07
N HIS A 95 -15.52 11.81 -18.38
CA HIS A 95 -16.62 11.85 -19.33
C HIS A 95 -16.27 11.09 -20.61
N ALA A 96 -16.74 9.84 -20.69
CA ALA A 96 -16.45 8.97 -21.82
C ALA A 96 -17.75 8.45 -22.45
N VAL A 97 -18.60 9.35 -22.92
CA VAL A 97 -19.81 8.96 -23.67
C VAL A 97 -19.51 8.93 -25.17
N HIS A 98 -18.29 8.50 -25.50
CA HIS A 98 -17.82 8.44 -26.87
C HIS A 98 -17.18 7.08 -27.09
N SER A 99 -17.62 6.38 -28.14
CA SER A 99 -17.27 5.00 -28.38
C SER A 99 -15.97 4.80 -29.16
N ALA A 100 -15.17 5.86 -29.27
CA ALA A 100 -13.87 5.76 -29.93
C ALA A 100 -12.86 6.74 -29.37
N SER A 101 -11.67 6.74 -29.97
CA SER A 101 -10.55 7.57 -29.52
C SER A 101 -10.94 9.03 -29.52
N VAL A 102 -10.85 9.65 -28.35
CA VAL A 102 -11.13 11.09 -28.23
C VAL A 102 -9.95 11.93 -28.65
N ASN A 103 -10.17 12.86 -29.57
CA ASN A 103 -9.08 13.60 -30.20
C ASN A 103 -8.86 14.99 -29.60
N SER A 104 -9.87 15.87 -29.69
CA SER A 104 -9.69 17.21 -29.13
C SER A 104 -10.52 17.44 -27.87
N VAL A 105 -10.07 18.41 -27.08
CA VAL A 105 -10.73 18.81 -25.84
C VAL A 105 -10.31 20.25 -25.52
N GLN A 106 -11.25 21.17 -25.59
CA GLN A 106 -10.91 22.57 -25.47
C GLN A 106 -12.02 23.31 -24.71
N TRP A 107 -11.63 24.02 -23.65
CA TRP A 107 -12.58 24.75 -22.81
C TRP A 107 -13.19 25.95 -23.52
N ALA A 108 -14.36 26.36 -23.05
CA ALA A 108 -15.04 27.51 -23.61
C ALA A 108 -14.46 28.80 -23.05
N PRO A 109 -14.89 29.95 -23.59
CA PRO A 109 -14.69 31.22 -22.89
C PRO A 109 -15.37 31.24 -21.53
N HIS A 110 -14.62 31.69 -20.52
CA HIS A 110 -15.03 31.59 -19.14
C HIS A 110 -16.34 32.32 -18.80
N GLU A 111 -16.86 33.07 -19.77
CA GLU A 111 -18.13 33.75 -19.60
C GLU A 111 -19.28 32.75 -19.77
N TYR A 112 -18.97 31.63 -20.43
CA TYR A 112 -19.97 30.59 -20.67
C TYR A 112 -20.20 29.64 -19.50
N GLY A 113 -19.41 29.82 -18.43
CA GLY A 113 -19.41 28.85 -17.35
C GLY A 113 -18.11 28.08 -17.43
N PRO A 114 -18.13 26.80 -17.04
CA PRO A 114 -16.94 25.95 -17.15
C PRO A 114 -17.04 24.91 -18.28
N LEU A 115 -17.65 25.30 -19.40
CA LEU A 115 -17.94 24.35 -20.47
C LEU A 115 -16.70 23.73 -21.11
N LEU A 116 -16.82 22.46 -21.46
CA LEU A 116 -15.77 21.72 -22.14
C LEU A 116 -16.22 21.32 -23.55
N LEU A 117 -15.29 21.16 -24.47
CA LEU A 117 -15.63 20.73 -25.82
C LEU A 117 -14.85 19.51 -26.26
N VAL A 118 -15.50 18.35 -26.20
CA VAL A 118 -14.88 17.09 -26.56
C VAL A 118 -15.20 16.70 -27.99
N ALA A 119 -14.26 16.06 -28.69
CA ALA A 119 -14.51 15.67 -30.08
C ALA A 119 -13.86 14.33 -30.43
N SER A 120 -14.68 13.30 -30.55
CA SER A 120 -14.20 11.93 -30.68
C SER A 120 -14.47 11.32 -32.06
N SER A 121 -13.83 10.19 -32.35
CA SER A 121 -13.90 9.55 -33.66
C SER A 121 -15.25 8.89 -33.96
N ASP A 122 -16.10 8.77 -32.94
CA ASP A 122 -17.46 8.28 -33.15
C ASP A 122 -18.38 9.37 -33.70
N GLY A 123 -17.79 10.36 -34.35
CA GLY A 123 -18.53 11.43 -34.97
C GLY A 123 -19.35 12.24 -34.00
N LYS A 124 -18.79 12.45 -32.82
CA LYS A 124 -19.52 13.17 -31.79
C LYS A 124 -18.65 14.27 -31.21
N VAL A 125 -19.34 15.23 -30.62
CA VAL A 125 -18.73 16.39 -29.99
C VAL A 125 -19.63 16.79 -28.84
N SER A 126 -19.09 16.77 -27.63
CA SER A 126 -19.94 17.10 -26.48
C SER A 126 -19.54 18.40 -25.83
N VAL A 127 -20.50 18.94 -25.07
CA VAL A 127 -20.29 20.12 -24.27
C VAL A 127 -20.69 19.81 -22.83
N VAL A 128 -19.69 19.45 -22.05
CA VAL A 128 -19.87 18.99 -20.68
C VAL A 128 -19.90 20.11 -19.64
N GLU A 129 -21.09 20.44 -19.15
CA GLU A 129 -21.18 21.37 -18.03
C GLU A 129 -20.89 20.69 -16.69
N PHE A 130 -20.40 21.48 -15.75
CA PHE A 130 -20.10 20.98 -14.43
C PHE A 130 -21.02 21.70 -13.45
N LYS A 131 -22.02 20.99 -12.94
CA LYS A 131 -23.09 21.64 -12.22
C LYS A 131 -22.67 22.13 -10.83
N GLU A 132 -23.67 22.26 -9.97
CA GLU A 132 -23.51 22.75 -8.62
C GLU A 132 -22.84 21.73 -7.71
N ASN A 133 -23.17 20.46 -7.91
CA ASN A 133 -22.50 19.36 -7.23
C ASN A 133 -21.15 19.03 -7.86
N GLY A 134 -20.74 19.84 -8.83
CA GLY A 134 -19.57 19.55 -9.64
C GLY A 134 -19.75 18.38 -10.59
N THR A 135 -20.96 17.84 -10.67
CA THR A 135 -21.21 16.66 -11.50
C THR A 135 -21.48 17.07 -12.95
N THR A 136 -21.26 16.14 -13.88
CA THR A 136 -21.31 16.46 -15.30
C THR A 136 -22.72 16.48 -15.90
N SER A 137 -22.94 17.39 -16.85
CA SER A 137 -24.26 17.54 -17.48
C SER A 137 -24.23 17.42 -19.01
N PRO A 138 -23.89 16.26 -19.55
CA PRO A 138 -23.55 16.14 -20.99
C PRO A 138 -24.71 16.40 -21.95
N ILE A 139 -24.50 17.29 -22.92
CA ILE A 139 -25.47 17.50 -23.99
C ILE A 139 -24.63 17.43 -25.26
N ILE A 140 -24.80 16.32 -25.95
CA ILE A 140 -23.96 15.92 -27.06
C ILE A 140 -24.69 16.15 -28.38
N ILE A 141 -23.92 16.19 -29.46
CA ILE A 141 -24.43 16.22 -30.82
C ILE A 141 -23.55 15.37 -31.72
N ASP A 142 -24.15 14.89 -32.80
CA ASP A 142 -23.42 14.26 -33.90
C ASP A 142 -22.83 15.33 -34.79
N ALA A 143 -21.54 15.22 -35.03
CA ALA A 143 -20.80 16.24 -35.76
C ALA A 143 -20.42 15.76 -37.15
N HIS A 144 -19.70 14.66 -37.25
CA HIS A 144 -19.24 14.24 -38.56
C HIS A 144 -19.35 12.73 -38.79
N ALA A 145 -19.49 12.37 -40.05
CA ALA A 145 -19.74 10.99 -40.46
C ALA A 145 -18.65 10.01 -40.02
N ILE A 146 -17.50 10.10 -40.68
CA ILE A 146 -16.42 9.12 -40.53
C ILE A 146 -15.46 9.47 -39.37
N GLY A 147 -15.82 10.50 -38.60
CA GLY A 147 -15.03 10.90 -37.44
C GLY A 147 -14.61 12.36 -37.36
N VAL A 148 -14.37 12.82 -36.13
CA VAL A 148 -13.99 14.20 -35.90
C VAL A 148 -12.54 14.33 -35.42
N ASN A 149 -11.70 15.05 -36.16
CA ASN A 149 -10.30 15.16 -35.72
C ASN A 149 -10.08 16.31 -34.74
N SER A 150 -10.89 17.36 -34.83
CA SER A 150 -10.70 18.54 -33.99
C SER A 150 -11.97 19.38 -33.85
N ALA A 151 -12.00 20.21 -32.81
CA ALA A 151 -13.12 21.14 -32.57
C ALA A 151 -12.67 22.33 -31.73
N SER A 152 -12.71 23.52 -32.31
CA SER A 152 -12.31 24.74 -31.61
C SER A 152 -13.45 25.70 -31.26
N TRP A 153 -13.34 26.33 -30.09
CA TRP A 153 -14.31 27.31 -29.60
C TRP A 153 -14.17 28.67 -30.29
N ALA A 154 -15.25 29.46 -30.21
CA ALA A 154 -15.25 30.84 -30.70
C ALA A 154 -15.50 31.85 -29.60
N PRO A 155 -14.74 32.96 -29.60
CA PRO A 155 -15.15 33.92 -28.58
C PRO A 155 -16.31 34.74 -29.15
N ALA A 156 -17.05 35.45 -28.29
CA ALA A 156 -18.18 36.26 -28.75
C ALA A 156 -18.79 37.12 -27.65
N THR A 157 -19.60 38.09 -28.06
CA THR A 157 -20.21 39.03 -27.12
C THR A 157 -21.72 39.05 -27.29
N SER A 170 -25.68 33.31 -28.48
CA SER A 170 -25.00 33.49 -29.75
C SER A 170 -23.59 32.92 -29.70
N ARG A 171 -23.48 31.75 -29.06
CA ARG A 171 -22.20 31.07 -28.94
C ARG A 171 -22.01 30.17 -30.15
N LYS A 172 -20.77 29.88 -30.49
CA LYS A 172 -20.49 29.01 -31.63
C LYS A 172 -19.18 28.28 -31.49
N PHE A 173 -19.03 27.20 -32.25
CA PHE A 173 -17.73 26.55 -32.39
C PHE A 173 -17.53 25.96 -33.78
N VAL A 174 -16.29 25.53 -34.04
CA VAL A 174 -15.97 24.91 -35.31
C VAL A 174 -15.53 23.47 -35.06
N THR A 175 -15.74 22.62 -36.06
CA THR A 175 -15.31 21.23 -36.03
C THR A 175 -14.68 20.81 -37.36
N GLY A 176 -13.56 20.12 -37.29
CA GLY A 176 -12.93 19.61 -38.50
C GLY A 176 -13.13 18.11 -38.58
N GLY A 177 -13.59 17.66 -39.74
CA GLY A 177 -14.05 16.28 -39.87
C GLY A 177 -13.12 15.34 -40.62
N ALA A 178 -13.52 14.07 -40.61
CA ALA A 178 -12.86 13.05 -41.42
C ALA A 178 -13.53 12.89 -42.78
N ASP A 179 -14.60 13.66 -43.00
CA ASP A 179 -15.26 13.74 -44.30
C ASP A 179 -14.89 15.07 -44.97
N ASN A 180 -13.82 15.68 -44.48
CA ASN A 180 -13.25 16.89 -45.07
C ASN A 180 -14.15 18.12 -44.90
N LEU A 181 -15.07 18.06 -43.94
CA LEU A 181 -15.92 19.20 -43.70
C LEU A 181 -15.38 20.07 -42.57
N VAL A 182 -15.89 21.29 -42.52
CA VAL A 182 -15.58 22.23 -41.46
C VAL A 182 -16.88 22.88 -41.02
N LYS A 183 -17.36 22.51 -39.84
CA LYS A 183 -18.69 22.91 -39.41
C LYS A 183 -18.73 23.97 -38.33
N ILE A 184 -19.72 24.86 -38.44
CA ILE A 184 -19.91 25.96 -37.52
C ILE A 184 -21.26 25.87 -36.83
N TRP A 185 -21.21 25.45 -35.56
CA TRP A 185 -22.40 25.19 -34.75
C TRP A 185 -22.71 26.40 -33.89
N LYS A 186 -23.99 26.56 -33.54
CA LYS A 186 -24.44 27.66 -32.69
C LYS A 186 -25.49 27.21 -31.66
N TYR A 187 -25.41 27.76 -30.45
CA TYR A 187 -26.39 27.42 -29.42
C TYR A 187 -27.79 27.96 -29.73
N ASN A 188 -28.80 27.22 -29.28
CA ASN A 188 -30.19 27.62 -29.50
C ASN A 188 -31.02 27.20 -28.30
N SER A 189 -31.70 28.15 -27.67
CA SER A 189 -32.56 27.89 -26.52
C SER A 189 -33.79 27.05 -26.87
N ASP A 190 -34.23 27.14 -28.12
CA ASP A 190 -35.33 26.32 -28.58
C ASP A 190 -34.93 24.85 -28.61
N ALA A 191 -33.73 24.56 -29.08
CA ALA A 191 -33.28 23.18 -29.21
C ALA A 191 -32.61 22.62 -27.94
N GLN A 192 -31.97 23.49 -27.16
CA GLN A 192 -31.15 23.11 -25.98
C GLN A 192 -29.91 22.31 -26.36
N THR A 193 -29.83 21.93 -27.62
CA THR A 193 -28.65 21.30 -28.16
C THR A 193 -28.16 22.25 -29.24
N TYR A 194 -26.85 22.34 -29.41
CA TYR A 194 -26.26 23.22 -30.41
C TYR A 194 -26.78 22.90 -31.81
N VAL A 195 -27.36 23.90 -32.47
CA VAL A 195 -27.92 23.64 -33.80
C VAL A 195 -26.86 24.02 -34.81
N LEU A 196 -26.63 23.13 -35.77
CA LEU A 196 -25.70 23.40 -36.84
C LEU A 196 -26.20 24.57 -37.67
N GLU A 197 -25.33 25.53 -37.97
CA GLU A 197 -25.79 26.67 -38.77
C GLU A 197 -25.05 26.77 -40.09
N SER A 198 -23.78 26.36 -40.16
CA SER A 198 -23.14 26.39 -41.47
C SER A 198 -21.97 25.44 -41.61
N THR A 199 -21.99 24.68 -42.70
CA THR A 199 -20.90 23.78 -43.08
C THR A 199 -20.09 24.27 -44.29
N LEU A 200 -18.80 23.97 -44.31
CA LEU A 200 -17.90 24.44 -45.37
C LEU A 200 -16.96 23.35 -45.90
N GLU A 201 -16.91 23.26 -47.23
CA GLU A 201 -16.24 22.20 -47.98
C GLU A 201 -15.04 22.74 -48.75
N GLY A 202 -13.85 22.19 -48.50
CA GLY A 202 -12.69 22.59 -49.30
C GLY A 202 -11.43 21.73 -49.27
N HIS A 203 -11.48 20.59 -48.59
CA HIS A 203 -10.32 19.72 -48.45
C HIS A 203 -10.58 18.35 -49.06
N SER A 204 -9.51 17.71 -49.54
CA SER A 204 -9.61 16.39 -50.14
C SER A 204 -9.16 15.28 -49.18
N ASP A 205 -8.96 15.62 -47.91
CA ASP A 205 -8.53 14.63 -46.93
C ASP A 205 -8.81 15.12 -45.51
N TRP A 206 -8.73 14.19 -44.56
CA TRP A 206 -9.14 14.38 -43.17
C TRP A 206 -8.74 15.78 -42.70
N VAL A 207 -9.73 16.61 -42.36
CA VAL A 207 -9.45 17.92 -41.79
C VAL A 207 -8.85 17.76 -40.40
N ARG A 208 -7.53 17.81 -40.34
CA ARG A 208 -6.79 17.59 -39.11
C ARG A 208 -7.14 18.58 -38.01
N ASP A 209 -6.90 19.87 -38.24
CA ASP A 209 -7.15 20.82 -37.17
C ASP A 209 -7.95 22.00 -37.71
N VAL A 210 -8.77 22.58 -36.84
CA VAL A 210 -9.49 23.81 -37.17
C VAL A 210 -9.34 24.81 -36.02
N ALA A 211 -9.15 26.09 -36.36
CA ALA A 211 -8.95 27.14 -35.38
C ALA A 211 -9.76 28.41 -35.58
N TRP A 212 -10.48 28.82 -34.54
CA TRP A 212 -11.11 30.15 -34.55
C TRP A 212 -10.14 31.15 -33.95
N SER A 213 -10.03 32.30 -34.60
CA SER A 213 -9.15 33.38 -34.19
C SER A 213 -9.74 34.31 -33.14
N PRO A 214 -8.95 34.66 -32.12
CA PRO A 214 -9.46 35.51 -31.02
C PRO A 214 -9.46 37.01 -31.33
N THR A 215 -9.53 37.37 -32.60
CA THR A 215 -9.44 38.78 -32.96
C THR A 215 -10.84 39.43 -32.97
N VAL A 216 -11.14 40.25 -31.97
CA VAL A 216 -12.42 40.95 -31.95
C VAL A 216 -12.33 42.16 -32.91
N LEU A 217 -12.02 41.89 -34.17
CA LEU A 217 -11.76 42.92 -35.19
C LEU A 217 -12.86 42.80 -36.25
N LEU A 218 -12.93 43.80 -37.14
CA LEU A 218 -13.90 43.89 -38.25
C LEU A 218 -14.46 42.58 -38.83
N ARG A 219 -13.63 41.55 -38.93
CA ARG A 219 -14.07 40.26 -39.45
C ARG A 219 -13.58 39.10 -38.58
N SER A 220 -14.01 37.88 -38.94
CA SER A 220 -13.57 36.69 -38.22
C SER A 220 -12.76 35.81 -39.16
N TYR A 221 -11.77 35.12 -38.59
CA TYR A 221 -10.82 34.33 -39.38
C TYR A 221 -10.81 32.88 -38.90
N LEU A 222 -10.80 31.94 -39.84
CA LEU A 222 -10.61 30.53 -39.52
C LEU A 222 -9.50 29.87 -40.34
N ALA A 223 -8.51 29.30 -39.66
CA ALA A 223 -7.46 28.55 -40.35
C ALA A 223 -7.68 27.04 -40.26
N SER A 224 -8.03 26.44 -41.39
CA SER A 224 -8.32 25.02 -41.46
C SER A 224 -7.24 24.22 -42.19
N VAL A 225 -6.31 23.69 -41.39
CA VAL A 225 -5.24 22.82 -41.87
C VAL A 225 -5.82 21.44 -42.17
N SER A 226 -5.18 20.70 -43.07
CA SER A 226 -5.70 19.40 -43.47
C SER A 226 -4.61 18.43 -43.91
N GLN A 227 -5.01 17.18 -44.11
CA GLN A 227 -4.10 16.12 -44.52
C GLN A 227 -3.63 16.31 -45.96
N ASP A 228 -4.49 16.86 -46.82
CA ASP A 228 -4.12 17.11 -48.21
C ASP A 228 -3.15 18.27 -48.38
N ARG A 229 -2.46 18.63 -47.30
CA ARG A 229 -1.40 19.63 -47.29
C ARG A 229 -1.90 20.98 -47.78
N THR A 230 -3.09 21.36 -47.35
CA THR A 230 -3.63 22.67 -47.63
C THR A 230 -3.96 23.34 -46.31
N CYS A 231 -4.14 24.66 -46.35
CA CYS A 231 -4.65 25.40 -45.21
C CYS A 231 -5.60 26.47 -45.72
N ILE A 232 -6.89 26.15 -45.73
CA ILE A 232 -7.88 27.12 -46.17
C ILE A 232 -8.16 28.13 -45.08
N ILE A 233 -8.41 29.38 -45.46
CA ILE A 233 -8.75 30.40 -44.48
C ILE A 233 -10.12 30.97 -44.77
N TRP A 234 -11.06 30.71 -43.85
CA TRP A 234 -12.43 31.16 -44.00
C TRP A 234 -12.62 32.51 -43.32
N THR A 235 -12.62 33.57 -44.11
CA THR A 235 -12.81 34.92 -43.57
C THR A 235 -14.25 35.38 -43.81
N GLN A 236 -15.03 35.50 -42.75
CA GLN A 236 -16.40 35.95 -42.92
C GLN A 236 -16.41 37.47 -42.77
N ASP A 237 -17.16 38.14 -43.65
CA ASP A 237 -17.23 39.59 -43.67
C ASP A 237 -17.81 40.10 -42.37
N ASN A 238 -19.00 39.58 -42.07
CA ASN A 238 -19.66 39.83 -40.80
C ASN A 238 -20.68 38.76 -40.49
N GLU A 239 -21.61 39.12 -39.61
CA GLU A 239 -22.66 38.24 -39.14
C GLU A 239 -23.52 37.67 -40.28
N GLN A 240 -23.57 38.35 -41.42
CA GLN A 240 -24.39 37.93 -42.55
C GLN A 240 -23.65 37.12 -43.63
N GLY A 241 -23.01 37.85 -44.54
CA GLY A 241 -22.34 37.33 -45.72
C GLY A 241 -21.45 36.13 -45.48
N PRO A 242 -21.69 35.00 -46.20
CA PRO A 242 -21.01 33.75 -45.86
C PRO A 242 -19.49 33.86 -45.96
N TRP A 243 -18.82 32.74 -45.72
CA TRP A 243 -17.37 32.75 -45.58
C TRP A 243 -16.69 32.99 -46.93
N LYS A 244 -15.37 33.11 -46.93
CA LYS A 244 -14.64 33.29 -48.18
C LYS A 244 -13.44 32.36 -48.19
N LYS A 245 -13.46 31.44 -49.14
CA LYS A 245 -12.40 30.46 -49.31
C LYS A 245 -11.10 31.09 -49.79
N THR A 246 -10.01 30.83 -49.09
CA THR A 246 -8.70 31.35 -49.48
C THR A 246 -7.56 30.39 -49.12
N LEU A 247 -7.19 29.55 -50.08
CA LEU A 247 -6.02 28.67 -49.94
C LEU A 247 -4.79 29.51 -49.64
N LEU A 248 -4.40 29.53 -48.35
CA LEU A 248 -3.24 30.28 -47.85
C LEU A 248 -2.15 30.51 -48.89
N LYS A 249 -1.57 29.40 -49.36
CA LYS A 249 -0.78 29.43 -50.59
C LYS A 249 -1.30 28.35 -51.53
N GLU A 250 -1.08 28.49 -52.83
CA GLU A 250 -1.64 27.53 -53.78
C GLU A 250 -0.62 26.48 -54.20
N GLU A 251 0.18 25.99 -53.25
CA GLU A 251 1.03 24.82 -53.54
C GLU A 251 0.95 23.94 -52.29
N LYS A 252 0.87 22.63 -52.50
CA LYS A 252 0.85 21.67 -51.40
C LYS A 252 2.16 21.76 -50.63
N PHE A 253 2.05 21.73 -49.31
CA PHE A 253 3.18 21.75 -48.40
C PHE A 253 3.96 20.44 -48.54
N PRO A 254 5.30 20.48 -48.35
CA PRO A 254 6.11 19.27 -48.57
C PRO A 254 5.61 18.01 -47.87
N ASP A 255 4.92 18.18 -46.73
CA ASP A 255 4.29 17.06 -46.03
C ASP A 255 2.96 17.44 -45.38
N VAL A 256 2.16 16.42 -45.06
CA VAL A 256 0.87 16.61 -44.38
C VAL A 256 0.93 17.58 -43.20
N LEU A 257 -0.03 18.49 -43.14
CA LEU A 257 -0.12 19.45 -42.04
C LEU A 257 -0.98 18.94 -40.88
N TRP A 258 -0.59 19.32 -39.66
CA TRP A 258 -1.27 18.83 -38.46
C TRP A 258 -2.04 19.91 -37.72
N ARG A 259 -1.31 20.90 -37.20
CA ARG A 259 -1.91 21.88 -36.30
C ARG A 259 -1.96 23.28 -36.93
N ALA A 260 -2.88 24.10 -36.45
CA ALA A 260 -3.06 25.46 -36.96
C ALA A 260 -3.59 26.40 -35.89
N SER A 261 -2.73 27.27 -35.36
CA SER A 261 -3.09 28.12 -34.23
C SER A 261 -3.02 29.63 -34.49
N TRP A 262 -4.03 30.36 -34.01
CA TRP A 262 -4.00 31.81 -34.09
C TRP A 262 -3.25 32.42 -32.90
N SER A 263 -2.75 33.64 -33.09
CA SER A 263 -2.17 34.45 -32.01
C SER A 263 -3.24 35.40 -31.48
N LEU A 264 -3.20 35.67 -30.17
CA LEU A 264 -4.17 36.59 -29.58
C LEU A 264 -3.99 38.02 -30.05
N SER A 265 -2.87 38.62 -29.67
CA SER A 265 -2.47 39.93 -30.14
C SER A 265 -1.87 39.84 -31.54
N GLY A 266 -2.63 40.20 -32.56
CA GLY A 266 -2.01 40.34 -33.87
C GLY A 266 -2.63 39.60 -35.04
N ASN A 267 -3.27 38.47 -34.77
CA ASN A 267 -3.86 37.62 -35.81
C ASN A 267 -2.85 36.90 -36.71
N VAL A 268 -1.68 36.61 -36.14
CA VAL A 268 -0.69 35.73 -36.76
C VAL A 268 -1.16 34.27 -36.75
N LEU A 269 -0.85 33.56 -37.84
CA LEU A 269 -1.15 32.14 -37.93
C LEU A 269 0.08 31.23 -37.92
N ALA A 270 0.09 30.29 -36.97
CA ALA A 270 1.15 29.30 -36.86
C ALA A 270 0.71 27.96 -37.42
N LEU A 271 1.48 27.41 -38.34
CA LEU A 271 1.16 26.14 -38.99
C LEU A 271 2.18 25.05 -38.69
N SER A 272 1.74 24.02 -37.98
CA SER A 272 2.58 22.84 -37.70
C SER A 272 2.52 21.71 -38.72
N GLY A 273 3.23 21.87 -39.84
CA GLY A 273 3.29 20.82 -40.83
C GLY A 273 4.18 19.68 -40.38
N GLY A 274 3.96 18.48 -40.92
CA GLY A 274 4.79 17.32 -40.61
C GLY A 274 6.19 17.38 -41.23
N ASP A 275 6.64 18.60 -41.52
CA ASP A 275 7.96 18.93 -42.09
C ASP A 275 8.94 19.63 -41.12
N ASN A 276 8.71 19.40 -39.84
CA ASN A 276 9.66 19.69 -38.75
C ASN A 276 10.03 21.17 -38.52
N LYS A 277 9.41 22.10 -39.25
CA LYS A 277 9.45 23.51 -38.83
C LYS A 277 7.99 23.96 -38.67
N VAL A 278 7.75 25.10 -38.02
CA VAL A 278 6.42 25.67 -37.91
C VAL A 278 6.48 26.96 -38.70
N THR A 279 5.58 27.10 -39.67
CA THR A 279 5.54 28.35 -40.44
C THR A 279 4.60 29.38 -39.84
N LEU A 280 4.76 30.62 -40.27
CA LEU A 280 3.96 31.70 -39.73
C LEU A 280 3.51 32.65 -40.83
N TRP A 281 2.21 32.94 -40.81
CA TRP A 281 1.58 33.66 -41.91
C TRP A 281 0.78 34.82 -41.33
N LYS A 282 0.95 35.98 -41.93
CA LYS A 282 0.29 37.19 -41.45
C LYS A 282 -0.49 37.78 -42.59
N GLU A 283 -1.63 38.38 -42.28
CA GLU A 283 -2.44 38.99 -43.33
C GLU A 283 -1.89 40.37 -43.66
N ASN A 284 -1.81 40.65 -44.95
CA ASN A 284 -1.38 41.97 -45.43
C ASN A 284 -2.56 42.73 -46.03
N LEU A 285 -2.30 43.94 -46.53
CA LEU A 285 -3.37 44.81 -47.00
C LEU A 285 -3.99 44.37 -48.32
N GLU A 286 -3.35 43.44 -49.02
CA GLU A 286 -4.00 42.71 -50.10
C GLU A 286 -5.15 41.81 -49.62
N GLY A 287 -5.18 41.51 -48.31
CA GLY A 287 -6.08 40.52 -47.78
C GLY A 287 -5.50 39.12 -47.82
N LYS A 288 -4.41 38.96 -48.58
CA LYS A 288 -3.79 37.65 -48.71
C LYS A 288 -2.69 37.51 -47.68
N TRP A 289 -2.16 36.30 -47.56
CA TRP A 289 -1.34 35.97 -46.40
C TRP A 289 0.13 35.78 -46.81
N GLU A 290 1.04 36.20 -45.94
CA GLU A 290 2.46 36.29 -46.28
C GLU A 290 3.28 35.71 -45.14
N PRO A 291 4.38 35.00 -45.48
CA PRO A 291 5.15 34.44 -44.37
C PRO A 291 5.82 35.51 -43.52
N ALA A 292 6.08 35.14 -42.27
CA ALA A 292 6.78 36.01 -41.33
C ALA A 292 7.61 35.14 -40.37
N GLY A 293 8.85 35.55 -40.13
CA GLY A 293 9.69 34.85 -39.17
C GLY A 293 11.14 35.30 -39.20
N ASP B 32 7.19 -27.75 5.93
CA ASP B 32 7.21 -27.73 4.47
C ASP B 32 5.88 -27.22 3.91
N TRP B 33 4.78 -27.78 4.43
CA TRP B 33 3.45 -27.36 4.01
C TRP B 33 3.13 -25.94 4.47
N VAL B 34 3.76 -25.51 5.55
CA VAL B 34 3.47 -24.18 6.11
C VAL B 34 4.44 -23.15 5.54
N GLU B 35 5.46 -23.64 4.83
CA GLU B 35 6.44 -22.77 4.20
C GLU B 35 5.97 -22.47 2.79
N GLN B 36 5.14 -23.36 2.26
CA GLN B 36 4.64 -23.24 0.89
C GLN B 36 3.39 -22.37 0.90
N LEU B 37 2.73 -22.28 2.08
CA LEU B 37 1.52 -21.48 2.29
C LEU B 37 1.91 -20.01 2.50
N ILE B 38 2.97 -19.80 3.26
CA ILE B 38 3.58 -18.49 3.44
C ILE B 38 4.20 -17.93 2.15
N LEU B 39 4.36 -18.78 1.14
CA LEU B 39 4.92 -18.32 -0.12
C LEU B 39 3.82 -18.17 -1.16
N TYR B 89 5.37 13.91 -37.13
CA TYR B 89 4.34 14.66 -36.43
C TYR B 89 4.92 15.84 -35.67
N THR B 90 4.19 16.95 -35.70
CA THR B 90 4.61 18.16 -35.03
C THR B 90 3.36 18.73 -34.38
N PHE B 91 3.53 19.51 -33.32
CA PHE B 91 2.40 20.28 -32.82
C PHE B 91 2.85 21.68 -32.46
N ALA B 92 1.98 22.67 -32.67
CA ALA B 92 2.26 24.02 -32.19
C ALA B 92 1.08 24.98 -32.11
N LYS B 93 0.85 25.57 -30.94
CA LYS B 93 -0.22 26.55 -30.77
C LYS B 93 0.36 27.83 -30.17
N PHE B 94 -0.41 28.90 -30.17
CA PHE B 94 0.08 30.15 -29.60
C PHE B 94 -0.24 30.25 -28.13
N SER B 95 0.73 30.78 -27.39
CA SER B 95 0.61 30.96 -25.95
C SER B 95 -0.30 32.12 -25.60
N THR B 96 -0.77 32.11 -24.36
CA THR B 96 -1.43 33.26 -23.77
C THR B 96 -0.49 34.47 -23.94
N GLY B 97 0.75 34.33 -23.47
CA GLY B 97 1.76 35.36 -23.62
C GLY B 97 2.34 35.32 -25.02
N SER B 98 1.50 35.62 -26.01
CA SER B 98 1.72 35.29 -27.43
C SER B 98 3.14 34.84 -27.82
N MET B 99 3.41 33.56 -27.61
CA MET B 99 4.64 32.89 -28.05
C MET B 99 4.36 31.42 -28.30
N LEU B 100 5.32 30.69 -28.87
CA LEU B 100 4.96 29.42 -29.49
C LEU B 100 5.66 28.21 -28.84
N LEU B 101 4.88 27.16 -28.54
CA LEU B 101 5.45 25.89 -28.11
C LEU B 101 5.36 24.87 -29.27
N THR B 102 6.48 24.19 -29.52
CA THR B 102 6.59 23.17 -30.55
C THR B 102 7.22 21.88 -30.05
N LYS B 103 6.96 20.77 -30.73
CA LYS B 103 7.65 19.53 -30.40
C LYS B 103 9.13 19.77 -30.49
N ASP B 104 9.82 19.33 -29.47
CA ASP B 104 11.25 19.53 -29.32
C ASP B 104 11.72 18.43 -28.41
N ILE B 105 12.47 17.51 -28.98
CA ILE B 105 12.92 16.33 -28.27
C ILE B 105 14.34 16.55 -27.77
N VAL B 106 14.82 17.79 -27.89
CA VAL B 106 16.11 18.24 -27.36
C VAL B 106 16.15 18.84 -25.94
N GLY B 107 15.04 19.38 -25.48
CA GLY B 107 14.91 19.85 -24.11
C GLY B 107 14.68 18.78 -23.06
N LYS B 108 13.88 19.17 -22.06
CA LYS B 108 13.55 18.26 -20.97
C LYS B 108 12.06 17.90 -21.01
N SER B 109 11.27 18.88 -21.46
CA SER B 109 9.83 18.74 -21.41
C SER B 109 9.24 18.07 -22.64
N GLY B 110 9.91 18.17 -23.77
CA GLY B 110 9.37 17.70 -25.04
C GLY B 110 8.73 18.84 -25.81
N VAL B 111 9.06 20.05 -25.40
CA VAL B 111 8.60 21.28 -26.04
C VAL B 111 9.62 22.38 -25.91
N SER B 112 9.38 23.46 -26.65
CA SER B 112 10.33 24.56 -26.68
C SER B 112 9.59 25.86 -26.46
N ILE B 113 10.05 26.60 -25.46
CA ILE B 113 9.54 27.92 -25.13
C ILE B 113 10.18 28.93 -26.06
N LYS B 114 9.52 29.19 -27.18
CA LYS B 114 10.14 30.06 -28.17
C LYS B 114 9.69 31.49 -28.02
N ARG B 115 10.68 32.36 -27.81
CA ARG B 115 10.48 33.80 -27.89
C ARG B 115 10.24 34.17 -29.35
N LEU B 116 8.98 34.41 -29.68
CA LEU B 116 8.56 34.84 -31.02
C LEU B 116 9.39 36.02 -31.56
N PRO B 117 10.02 35.83 -32.74
CA PRO B 117 10.89 36.79 -33.43
C PRO B 117 10.11 38.08 -33.62
N THR B 118 10.60 39.17 -33.04
CA THR B 118 9.87 40.42 -33.09
C THR B 118 10.27 41.29 -34.28
N GLU B 119 9.27 41.72 -35.06
CA GLU B 119 9.54 42.58 -36.21
C GLU B 119 10.07 43.94 -35.71
N LEU B 120 9.69 44.27 -34.48
CA LEU B 120 9.97 45.54 -33.82
C LEU B 120 11.48 45.82 -33.69
N GLN B 121 12.14 46.38 -34.69
CA GLN B 121 13.56 46.54 -34.62
C GLN B 121 13.92 48.02 -34.46
N ARG B 122 14.04 48.40 -33.19
CA ARG B 122 14.35 49.78 -32.81
C ARG B 122 14.70 49.90 -31.32
N LYS B 123 16.01 50.02 -31.07
CA LYS B 123 16.63 49.76 -29.78
C LYS B 123 15.96 50.41 -28.57
N PHE B 124 15.76 51.73 -28.63
CA PHE B 124 15.31 52.50 -27.46
C PHE B 124 13.94 52.06 -26.90
N LEU B 125 13.21 51.27 -27.66
CA LEU B 125 11.94 50.71 -27.23
C LEU B 125 12.04 49.75 -26.06
N PHE B 126 13.15 49.02 -25.97
CA PHE B 126 13.30 48.08 -24.85
C PHE B 126 13.78 48.69 -23.53
N ASP B 127 14.24 49.94 -23.58
CA ASP B 127 14.61 50.77 -22.43
C ASP B 127 13.41 51.56 -21.88
N ASP B 128 13.03 51.30 -20.62
CA ASP B 128 11.81 51.86 -19.99
C ASP B 128 11.79 53.37 -19.70
N VAL B 129 12.93 54.03 -19.89
CA VAL B 129 13.05 55.47 -19.62
C VAL B 129 12.31 56.21 -20.72
N TYR B 130 12.54 55.76 -21.95
CA TYR B 130 11.89 56.34 -23.11
C TYR B 130 10.39 56.34 -22.85
N LEU B 131 9.85 55.17 -22.50
CA LEU B 131 8.43 55.06 -22.23
C LEU B 131 7.96 56.02 -21.14
N ASP B 132 8.77 56.22 -20.09
CA ASP B 132 8.30 57.11 -19.02
C ASP B 132 8.18 58.54 -19.53
N LYS B 133 9.22 59.00 -20.21
CA LYS B 133 9.24 60.38 -20.68
C LYS B 133 8.16 60.54 -21.74
N GLU B 134 7.82 59.45 -22.42
CA GLU B 134 6.80 59.50 -23.46
C GLU B 134 5.43 59.60 -22.84
N ILE B 135 5.26 59.10 -21.61
CA ILE B 135 3.96 59.17 -20.97
C ILE B 135 3.83 60.57 -20.40
N GLU B 136 4.98 61.17 -20.10
CA GLU B 136 4.98 62.53 -19.58
C GLU B 136 4.38 63.52 -20.58
N LYS B 137 4.32 63.11 -21.85
CA LYS B 137 3.85 63.97 -22.93
C LYS B 137 2.39 63.77 -23.28
N VAL B 138 1.63 63.12 -22.40
CA VAL B 138 0.27 62.78 -22.76
C VAL B 138 -0.74 63.11 -21.68
N THR B 139 -1.96 63.41 -22.12
CA THR B 139 -3.06 63.71 -21.22
C THR B 139 -4.14 62.68 -21.50
N ILE B 140 -4.37 61.86 -20.49
CA ILE B 140 -5.33 60.77 -20.53
C ILE B 140 -6.65 61.10 -19.86
N GLU B 141 -7.74 60.83 -20.56
CA GLU B 141 -9.06 61.16 -20.08
C GLU B 141 -9.84 59.87 -20.25
N ALA B 142 -10.81 59.62 -19.38
CA ALA B 142 -11.61 58.42 -19.50
C ALA B 142 -12.63 58.60 -20.61
N ARG B 143 -13.09 57.50 -21.18
CA ARG B 143 -14.01 57.61 -22.30
C ARG B 143 -15.38 58.09 -21.92
N LYS B 144 -16.12 58.48 -22.95
CA LYS B 144 -17.48 58.96 -22.81
C LYS B 144 -18.45 57.82 -23.06
N SER B 145 -17.91 56.61 -23.29
CA SER B 145 -18.76 55.41 -23.36
C SER B 145 -18.31 54.27 -22.44
N ASN B 146 -17.24 54.49 -21.68
CA ASN B 146 -16.78 53.55 -20.64
C ASN B 146 -15.65 54.17 -19.79
N PRO B 147 -15.27 53.55 -18.65
CA PRO B 147 -14.24 54.25 -17.87
C PRO B 147 -12.78 54.06 -18.35
N TYR B 148 -12.55 53.31 -19.42
CA TYR B 148 -11.19 53.01 -19.88
C TYR B 148 -10.43 54.19 -20.47
N PRO B 149 -9.12 54.27 -20.18
CA PRO B 149 -8.27 55.39 -20.62
C PRO B 149 -8.18 55.45 -22.14
N GLN B 150 -8.11 56.66 -22.69
CA GLN B 150 -7.75 56.93 -24.08
C GLN B 150 -7.23 58.36 -24.21
N ILE B 151 -6.36 58.60 -25.17
CA ILE B 151 -5.56 59.83 -25.15
C ILE B 151 -6.36 61.04 -25.58
N SER B 152 -6.24 62.09 -24.80
CA SER B 152 -6.94 63.35 -25.02
C SER B 152 -5.97 64.38 -25.58
N GLU B 153 -4.76 64.43 -25.01
CA GLU B 153 -3.72 65.32 -25.54
C GLU B 153 -2.38 64.63 -25.76
N SER B 154 -1.77 64.88 -26.91
CA SER B 154 -0.41 64.38 -27.13
C SER B 154 0.50 65.48 -27.62
N SER B 155 1.71 65.52 -27.07
CA SER B 155 2.71 66.50 -27.48
C SER B 155 3.89 65.78 -28.10
N LEU B 156 3.67 64.57 -28.58
CA LEU B 156 4.74 63.84 -29.23
C LEU B 156 5.09 64.48 -30.56
N LEU B 157 6.39 64.56 -30.81
CA LEU B 157 6.92 65.16 -32.03
C LEU B 157 8.02 64.27 -32.57
N PHE B 158 8.15 64.22 -33.90
CA PHE B 158 9.25 63.47 -34.52
C PHE B 158 10.56 63.89 -33.86
N LYS B 159 10.64 65.18 -33.56
CA LYS B 159 11.75 65.80 -32.83
C LYS B 159 12.20 65.00 -31.60
N ASP B 160 11.24 64.52 -30.82
CA ASP B 160 11.50 63.95 -29.50
C ASP B 160 12.35 62.68 -29.52
N ALA B 161 12.10 61.82 -30.50
CA ALA B 161 12.83 60.58 -30.68
C ALA B 161 14.32 60.75 -31.00
N LEU B 162 14.70 61.92 -31.49
CA LEU B 162 16.02 62.11 -32.09
C LEU B 162 17.16 61.91 -31.09
N ASP B 163 16.90 62.24 -29.82
CA ASP B 163 17.90 62.04 -28.77
C ASP B 163 18.29 60.57 -28.60
N TYR B 164 17.38 59.67 -28.92
CA TYR B 164 17.58 58.23 -28.70
C TYR B 164 18.16 57.50 -29.91
N MET B 165 18.56 58.26 -30.94
CA MET B 165 19.13 57.65 -32.14
C MET B 165 20.46 58.30 -32.49
N GLU B 166 21.28 57.58 -33.24
CA GLU B 166 22.57 58.09 -33.68
C GLU B 166 22.38 59.10 -34.79
N LYS B 167 23.03 60.26 -34.70
CA LYS B 167 22.88 61.30 -35.71
C LYS B 167 23.42 60.85 -37.06
N THR B 168 24.14 59.73 -37.06
CA THR B 168 24.72 59.16 -38.27
C THR B 168 23.77 58.20 -39.00
N SER B 169 22.85 57.57 -38.27
CA SER B 169 22.01 56.52 -38.86
C SER B 169 20.99 57.09 -39.84
N SER B 170 20.63 56.30 -40.85
CA SER B 170 19.60 56.69 -41.82
C SER B 170 18.25 56.91 -41.14
N ASP B 171 18.03 56.14 -40.07
CA ASP B 171 16.82 56.27 -39.28
C ASP B 171 16.71 57.71 -38.79
N TYR B 172 17.80 58.20 -38.22
CA TYR B 172 17.87 59.56 -37.69
C TYR B 172 17.49 60.57 -38.78
N ASN B 173 17.92 60.27 -40.00
CA ASN B 173 17.60 61.12 -41.14
C ASN B 173 16.11 61.14 -41.39
N LEU B 174 15.50 59.97 -41.41
CA LEU B 174 14.05 59.86 -41.54
C LEU B 174 13.31 60.69 -40.49
N TRP B 175 13.68 60.51 -39.24
CA TRP B 175 12.95 61.16 -38.15
C TRP B 175 13.18 62.67 -38.17
N LYS B 176 14.39 63.06 -38.55
CA LYS B 176 14.75 64.47 -38.62
C LYS B 176 13.97 65.16 -39.73
N LEU B 177 14.14 64.70 -40.96
CA LEU B 177 13.37 65.22 -42.10
C LEU B 177 11.88 65.31 -41.79
N SER B 178 11.37 64.25 -41.16
CA SER B 178 9.97 64.24 -40.72
C SER B 178 9.66 65.35 -39.72
N SER B 179 10.60 65.63 -38.83
CA SER B 179 10.46 66.74 -37.89
C SER B 179 10.40 68.07 -38.65
N ILE B 180 11.35 68.28 -39.55
CA ILE B 180 11.46 69.50 -40.34
C ILE B 180 10.16 69.79 -41.10
N LEU B 181 9.61 68.76 -41.76
CA LEU B 181 8.39 68.96 -42.54
C LEU B 181 7.09 69.02 -41.72
N PHE B 182 7.01 68.25 -40.62
CA PHE B 182 5.72 68.10 -39.93
C PHE B 182 5.61 68.74 -38.55
N ASP B 183 6.70 68.78 -37.78
CA ASP B 183 6.57 69.30 -36.43
C ASP B 183 6.34 70.80 -36.53
N PRO B 184 5.50 71.36 -35.65
CA PRO B 184 5.22 72.78 -35.80
C PRO B 184 6.49 73.60 -35.52
N VAL B 185 6.70 74.66 -36.29
CA VAL B 185 7.78 75.59 -36.00
C VAL B 185 7.20 76.63 -35.05
N SER B 186 8.03 77.17 -34.19
CA SER B 186 7.62 78.36 -33.46
C SER B 186 8.46 79.54 -33.86
N TYR B 187 7.82 80.70 -33.87
CA TYR B 187 8.48 81.93 -34.23
C TYR B 187 8.38 82.88 -33.04
N PRO B 188 9.48 83.06 -32.28
CA PRO B 188 9.36 83.73 -30.99
C PRO B 188 9.07 85.20 -31.14
N TYR B 189 9.40 85.82 -32.27
CA TYR B 189 9.28 87.26 -32.24
C TYR B 189 7.87 87.64 -32.67
N LYS B 190 7.33 88.62 -31.95
CA LYS B 190 5.95 89.10 -32.14
C LYS B 190 5.84 89.70 -33.52
N THR B 191 4.69 89.48 -34.13
CA THR B 191 4.43 90.00 -35.47
C THR B 191 3.17 90.83 -35.64
N ASP B 192 3.35 91.97 -36.32
CA ASP B 192 2.31 92.99 -36.61
C ASP B 192 0.96 92.25 -36.85
N ASN B 193 0.78 91.39 -37.84
CA ASN B 193 -0.50 90.69 -37.96
C ASN B 193 -0.12 89.28 -38.10
N ASP B 194 -1.12 88.40 -38.19
CA ASP B 194 -0.92 86.97 -38.19
C ASP B 194 -0.66 86.25 -39.50
N GLN B 195 -0.87 86.94 -40.61
CA GLN B 195 -0.65 86.36 -41.93
C GLN B 195 0.81 86.53 -42.24
N VAL B 196 1.33 87.55 -41.59
CA VAL B 196 2.75 87.79 -41.59
C VAL B 196 3.43 86.62 -40.92
N LYS B 197 2.92 86.29 -39.73
CA LYS B 197 3.47 85.22 -38.93
C LYS B 197 3.55 84.01 -39.82
N MET B 198 2.39 83.66 -40.39
CA MET B 198 2.32 82.53 -41.31
C MET B 198 3.45 82.55 -42.36
N ALA B 199 3.70 83.72 -42.96
CA ALA B 199 4.74 83.87 -43.99
C ALA B 199 6.15 83.59 -43.47
N LEU B 200 6.42 84.09 -42.27
CA LEU B 200 7.70 83.86 -41.61
C LEU B 200 7.89 82.40 -41.30
N LEU B 201 6.85 81.78 -40.76
CA LEU B 201 6.91 80.38 -40.45
C LEU B 201 7.25 79.58 -41.73
N LYS B 202 6.67 79.99 -42.86
CA LYS B 202 6.98 79.35 -44.14
C LYS B 202 8.45 79.52 -44.54
N LYS B 203 8.98 80.72 -44.33
CA LYS B 203 10.36 80.98 -44.73
C LYS B 203 11.28 80.12 -43.87
N GLU B 204 11.10 80.20 -42.56
CA GLU B 204 11.87 79.39 -41.61
C GLU B 204 11.89 77.90 -42.02
N ARG B 205 10.70 77.31 -42.16
CA ARG B 205 10.61 75.90 -42.51
C ARG B 205 11.41 75.64 -43.79
N HIS B 206 11.22 76.51 -44.79
CA HIS B 206 11.86 76.35 -46.09
C HIS B 206 13.38 76.34 -45.97
N CYS B 207 13.89 77.26 -45.15
CA CYS B 207 15.31 77.42 -44.94
C CYS B 207 15.90 76.19 -44.25
N ARG B 208 15.15 75.62 -43.31
CA ARG B 208 15.67 74.43 -42.61
C ARG B 208 15.67 73.23 -43.54
N LEU B 209 14.62 73.11 -44.34
CA LEU B 209 14.50 71.98 -45.24
C LEU B 209 15.66 72.03 -46.23
N THR B 210 15.98 73.24 -46.67
CA THR B 210 16.92 73.36 -47.77
C THR B 210 18.35 73.24 -47.25
N SER B 211 18.58 73.73 -46.03
CA SER B 211 19.85 73.48 -45.35
C SER B 211 20.06 71.99 -45.12
N TRP B 212 18.98 71.27 -44.90
CA TRP B 212 19.12 69.85 -44.58
C TRP B 212 19.44 69.11 -45.87
N ILE B 213 18.72 69.45 -46.94
CA ILE B 213 18.92 68.76 -48.20
C ILE B 213 20.38 68.98 -48.57
N VAL B 214 20.87 70.18 -48.30
CA VAL B 214 22.26 70.48 -48.65
C VAL B 214 23.20 69.62 -47.79
N SER B 215 22.79 69.35 -46.55
CA SER B 215 23.55 68.43 -45.69
C SER B 215 23.69 67.06 -46.34
N GLN B 216 22.60 66.60 -46.93
CA GLN B 216 22.59 65.26 -47.52
C GLN B 216 23.38 65.18 -48.82
N ILE B 217 23.06 66.05 -49.77
CA ILE B 217 23.72 66.01 -51.08
C ILE B 217 25.20 66.42 -51.01
N GLY B 218 25.59 67.05 -49.89
CA GLY B 218 26.93 67.60 -49.72
C GLY B 218 28.11 66.87 -50.32
N PRO B 219 28.41 65.65 -49.80
CA PRO B 219 29.52 64.85 -50.34
C PRO B 219 29.40 64.45 -51.82
N GLU B 220 28.23 64.03 -52.27
CA GLU B 220 27.98 63.73 -53.69
C GLU B 220 28.55 64.83 -54.59
N ILE B 221 28.14 66.06 -54.28
CA ILE B 221 28.43 67.19 -55.13
C ILE B 221 29.89 67.52 -54.95
N GLU B 222 30.37 67.58 -53.71
CA GLU B 222 31.79 67.86 -53.46
C GLU B 222 32.72 66.91 -54.24
N GLU B 223 32.31 65.64 -54.35
CA GLU B 223 33.00 64.66 -55.19
C GLU B 223 33.00 65.13 -56.64
N LYS B 224 31.83 65.57 -57.08
CA LYS B 224 31.67 65.98 -58.48
C LYS B 224 32.53 67.20 -58.79
N ILE B 225 32.64 68.12 -57.81
CA ILE B 225 33.45 69.32 -57.97
C ILE B 225 34.91 68.92 -57.98
N ARG B 226 35.26 67.93 -57.16
CA ARG B 226 36.61 67.36 -57.18
C ARG B 226 37.01 66.93 -58.58
N ASN B 227 36.08 66.33 -59.32
CA ASN B 227 36.46 65.76 -60.63
C ASN B 227 36.23 66.64 -61.86
N SER B 228 35.48 67.73 -61.74
CA SER B 228 35.27 68.63 -62.87
C SER B 228 36.58 69.19 -63.42
N SER B 229 36.62 69.40 -64.73
CA SER B 229 37.78 70.02 -65.38
C SER B 229 37.47 71.37 -66.04
N ASN B 230 36.34 71.95 -65.64
CA ASN B 230 35.79 73.11 -66.33
C ASN B 230 35.22 74.00 -65.22
N GLU B 231 35.54 75.28 -65.27
CA GLU B 231 35.20 76.21 -64.19
C GLU B 231 33.69 76.52 -64.10
N ILE B 232 33.05 76.70 -65.25
CA ILE B 232 31.65 77.10 -65.28
C ILE B 232 30.75 75.98 -64.72
N GLU B 233 31.16 74.74 -64.99
CA GLU B 233 30.53 73.57 -64.41
C GLU B 233 30.64 73.57 -62.89
N GLN B 234 31.83 73.89 -62.37
CA GLN B 234 32.01 74.05 -60.93
C GLN B 234 31.08 75.09 -60.35
N ILE B 235 30.96 76.22 -61.03
CA ILE B 235 30.06 77.29 -60.60
C ILE B 235 28.63 76.74 -60.47
N PHE B 236 28.26 75.94 -61.45
CA PHE B 236 26.93 75.33 -61.43
C PHE B 236 26.80 74.41 -60.20
N LEU B 237 27.78 73.52 -60.00
CA LEU B 237 27.77 72.62 -58.84
C LEU B 237 27.68 73.36 -57.49
N TYR B 238 28.32 74.52 -57.42
CA TYR B 238 28.24 75.30 -56.19
C TYR B 238 26.80 75.76 -56.05
N LEU B 239 26.13 75.98 -57.18
CA LEU B 239 24.71 76.33 -57.08
C LEU B 239 23.92 75.10 -56.64
N LEU B 240 24.42 73.92 -56.96
CA LEU B 240 23.80 72.67 -56.52
C LEU B 240 23.90 72.49 -55.01
N LEU B 241 24.89 73.11 -54.39
CA LEU B 241 24.98 73.11 -52.93
C LEU B 241 24.34 74.33 -52.30
N ASN B 242 23.57 75.07 -53.10
CA ASN B 242 22.86 76.25 -52.64
C ASN B 242 23.82 77.25 -52.01
N ASP B 243 25.02 77.30 -52.58
CA ASP B 243 26.03 78.27 -52.19
C ASP B 243 26.19 79.34 -53.28
N VAL B 244 25.34 80.37 -53.23
CA VAL B 244 25.32 81.41 -54.24
C VAL B 244 26.63 82.18 -54.20
N VAL B 245 27.10 82.45 -52.99
CA VAL B 245 28.31 83.24 -52.84
C VAL B 245 29.60 82.63 -53.43
N ARG B 246 29.87 81.35 -53.23
CA ARG B 246 31.10 80.75 -53.79
C ARG B 246 30.96 80.61 -55.36
N ALA B 247 29.73 80.52 -55.86
CA ALA B 247 29.49 80.45 -57.31
C ALA B 247 29.91 81.82 -57.82
N SER B 248 29.36 82.85 -57.18
CA SER B 248 29.65 84.23 -57.56
C SER B 248 31.16 84.46 -57.51
N LYS B 249 31.82 83.90 -56.50
CA LYS B 249 33.24 84.14 -56.30
C LYS B 249 34.10 83.48 -57.36
N LEU B 250 33.76 82.24 -57.67
CA LEU B 250 34.48 81.49 -58.68
C LEU B 250 34.29 82.13 -60.05
N ALA B 251 33.03 82.47 -60.35
CA ALA B 251 32.71 83.27 -61.53
C ALA B 251 33.68 84.45 -61.61
N ILE B 252 33.67 85.28 -60.56
CA ILE B 252 34.58 86.42 -60.48
C ILE B 252 36.00 86.03 -60.84
N GLU B 253 36.48 84.96 -60.20
CA GLU B 253 37.88 84.51 -60.29
C GLU B 253 38.23 83.93 -61.64
N SER B 254 37.29 83.18 -62.21
CA SER B 254 37.48 82.54 -63.50
C SER B 254 37.13 83.55 -64.58
N LYS B 255 36.92 84.80 -64.14
CA LYS B 255 36.84 85.94 -65.03
C LYS B 255 35.45 85.97 -65.62
N ASN B 256 34.58 85.09 -65.16
CA ASN B 256 33.18 85.21 -65.50
C ASN B 256 32.35 86.17 -64.64
N GLY B 257 32.55 87.46 -64.88
CA GLY B 257 31.99 88.49 -64.02
C GLY B 257 30.50 88.82 -64.13
N HIS B 258 30.01 88.91 -65.38
CA HIS B 258 28.59 89.19 -65.62
C HIS B 258 27.74 88.09 -65.01
N LEU B 259 28.14 86.86 -65.27
CA LEU B 259 27.44 85.68 -64.77
C LEU B 259 27.39 85.89 -63.28
N SER B 260 28.57 86.09 -62.70
CA SER B 260 28.72 86.34 -61.27
C SER B 260 27.61 87.26 -60.78
N VAL B 261 27.39 88.37 -61.47
CA VAL B 261 26.39 89.33 -61.00
C VAL B 261 25.03 88.63 -61.01
N LEU B 262 24.75 87.99 -62.15
CA LEU B 262 23.48 87.29 -62.39
C LEU B 262 23.19 86.30 -61.25
N ILE B 263 24.17 85.47 -60.95
CA ILE B 263 24.16 84.52 -59.85
C ILE B 263 23.61 85.11 -58.56
N SER B 264 23.99 86.33 -58.23
CA SER B 264 23.55 86.97 -56.99
C SER B 264 22.03 87.05 -56.83
N TYR B 265 21.29 86.80 -57.92
CA TYR B 265 19.84 86.80 -57.86
C TYR B 265 19.23 85.50 -57.38
N LEU B 266 19.97 84.41 -57.51
CA LEU B 266 19.47 83.11 -57.10
C LEU B 266 19.04 83.13 -55.64
N GLY B 267 17.73 83.03 -55.47
CA GLY B 267 17.09 82.87 -54.18
C GLY B 267 16.28 84.11 -53.81
N SER B 268 16.38 85.16 -54.63
CA SER B 268 15.37 86.21 -54.59
C SER B 268 14.45 85.78 -55.73
N ASN B 269 13.15 85.92 -55.58
CA ASN B 269 12.35 85.28 -56.61
C ASN B 269 11.86 86.26 -57.67
N ASP B 270 12.73 87.21 -58.04
CA ASP B 270 12.35 88.41 -58.79
C ASP B 270 11.77 88.03 -60.14
N PRO B 271 10.43 88.12 -60.32
CA PRO B 271 9.82 87.61 -61.56
C PRO B 271 10.33 88.27 -62.85
N ARG B 272 10.86 89.48 -62.72
CA ARG B 272 11.46 90.21 -63.83
C ARG B 272 12.63 89.39 -64.35
N ILE B 273 13.52 89.07 -63.42
CA ILE B 273 14.72 88.29 -63.70
C ILE B 273 14.34 86.94 -64.28
N ARG B 274 13.27 86.36 -63.75
CA ARG B 274 12.76 85.07 -64.17
C ARG B 274 12.39 85.06 -65.66
N ASP B 275 11.57 86.03 -66.06
CA ASP B 275 11.07 86.08 -67.42
C ASP B 275 12.16 86.53 -68.38
N LEU B 276 13.10 87.33 -67.87
CA LEU B 276 14.22 87.77 -68.67
C LEU B 276 15.16 86.59 -68.98
N ALA B 277 15.47 85.80 -67.95
CA ALA B 277 16.33 84.65 -68.12
C ALA B 277 15.70 83.68 -69.12
N GLU B 278 14.40 83.45 -68.95
CA GLU B 278 13.72 82.52 -69.84
C GLU B 278 13.79 83.06 -71.27
N LEU B 279 13.57 84.37 -71.42
CA LEU B 279 13.63 85.02 -72.74
C LEU B 279 14.97 84.80 -73.42
N GLN B 280 16.04 85.04 -72.67
CA GLN B 280 17.39 84.86 -73.18
C GLN B 280 17.53 83.43 -73.69
N LEU B 281 17.00 82.49 -72.90
CA LEU B 281 17.03 81.07 -73.27
C LEU B 281 16.29 80.73 -74.57
N GLN B 282 15.10 81.30 -74.77
CA GLN B 282 14.37 81.10 -76.03
C GLN B 282 15.13 81.67 -77.23
N LYS B 283 15.70 82.86 -77.03
CA LYS B 283 16.44 83.51 -78.10
C LYS B 283 17.61 82.64 -78.48
N TRP B 284 18.31 82.08 -77.49
CA TRP B 284 19.40 81.16 -77.83
C TRP B 284 18.80 79.93 -78.52
N SER B 285 17.74 79.36 -77.95
CA SER B 285 17.17 78.12 -78.49
C SER B 285 16.29 78.41 -79.70
N THR B 286 16.72 79.38 -80.49
CA THR B 286 16.09 79.74 -81.76
C THR B 286 17.16 80.50 -82.55
N GLY B 287 18.08 79.73 -83.15
CA GLY B 287 19.28 80.27 -83.75
C GLY B 287 20.38 79.94 -82.75
N GLY B 288 20.68 80.92 -81.91
CA GLY B 288 21.81 80.91 -80.99
C GLY B 288 22.98 79.97 -81.26
N CYS B 289 23.79 80.29 -82.28
CA CYS B 289 24.71 79.31 -82.90
C CYS B 289 25.36 78.34 -81.91
N SER B 290 25.68 78.82 -80.71
CA SER B 290 26.29 78.01 -79.66
C SER B 290 26.28 78.78 -78.33
N ILE B 291 25.82 78.13 -77.28
CA ILE B 291 25.96 78.67 -75.93
C ILE B 291 26.57 77.57 -75.04
N ASP B 292 27.53 77.94 -74.20
CA ASP B 292 28.18 77.00 -73.29
C ASP B 292 27.14 76.19 -72.52
N LYS B 293 27.38 74.89 -72.45
CA LYS B 293 26.46 73.95 -71.82
C LYS B 293 26.09 74.27 -70.36
N ASN B 294 26.99 74.88 -69.60
CA ASN B 294 26.68 75.17 -68.19
C ASN B 294 26.11 76.55 -67.94
N ILE B 295 26.42 77.51 -68.82
CA ILE B 295 25.82 78.83 -68.72
C ILE B 295 24.32 78.75 -68.95
N SER B 296 23.94 77.90 -69.89
CA SER B 296 22.53 77.71 -70.16
C SER B 296 21.88 77.07 -68.93
N LYS B 297 22.54 76.10 -68.32
CA LYS B 297 22.02 75.49 -67.08
C LYS B 297 21.76 76.56 -66.01
N ILE B 298 22.73 77.46 -65.84
CA ILE B 298 22.60 78.50 -64.83
C ILE B 298 21.46 79.46 -65.14
N TYR B 299 21.30 79.79 -66.42
CA TYR B 299 20.21 80.66 -66.82
C TYR B 299 18.90 79.97 -66.53
N LYS B 300 18.87 78.67 -66.76
CA LYS B 300 17.67 77.86 -66.55
C LYS B 300 17.30 77.90 -65.06
N LEU B 301 18.31 77.87 -64.19
CA LEU B 301 18.07 78.10 -62.76
C LEU B 301 17.47 79.47 -62.50
N LEU B 302 17.99 80.51 -63.16
CA LEU B 302 17.39 81.83 -62.99
C LEU B 302 15.95 81.92 -63.51
N SER B 303 15.61 81.04 -64.45
CA SER B 303 14.26 81.02 -65.03
C SER B 303 13.18 80.61 -64.03
N GLY B 304 13.57 79.90 -62.97
CA GLY B 304 12.64 79.54 -61.91
C GLY B 304 11.86 78.26 -62.16
N SER B 305 12.12 77.62 -63.29
CA SER B 305 11.40 76.41 -63.69
C SER B 305 12.35 75.45 -64.42
N PRO B 306 13.28 74.83 -63.67
CA PRO B 306 14.47 74.23 -64.30
C PRO B 306 14.19 72.92 -65.00
N PHE B 307 13.09 72.25 -64.67
CA PHE B 307 12.74 71.05 -65.40
C PHE B 307 11.47 71.33 -66.17
N GLU B 308 10.50 71.91 -65.45
CA GLU B 308 9.22 72.41 -65.97
C GLU B 308 9.31 73.19 -67.32
N GLY B 309 10.23 72.83 -68.21
CA GLY B 309 10.79 73.82 -69.12
C GLY B 309 11.12 73.44 -70.56
N LEU B 310 11.58 74.44 -71.30
CA LEU B 310 12.22 74.26 -72.62
C LEU B 310 13.70 74.69 -72.69
N PHE B 311 14.49 74.01 -71.86
CA PHE B 311 15.95 73.95 -71.92
C PHE B 311 16.32 73.11 -70.73
N SER B 312 15.69 71.94 -70.66
CA SER B 312 15.35 71.38 -69.37
C SER B 312 16.49 70.58 -68.75
N LEU B 313 16.62 70.76 -67.44
CA LEU B 313 17.56 70.02 -66.63
C LEU B 313 17.08 68.63 -66.28
N LYS B 314 15.94 68.22 -66.83
CA LYS B 314 15.39 66.89 -66.54
C LYS B 314 16.38 65.78 -66.85
N GLU B 315 17.19 65.96 -67.88
CA GLU B 315 18.15 64.92 -68.24
C GLU B 315 19.21 64.69 -67.15
N LEU B 316 19.39 65.69 -66.29
CA LEU B 316 20.28 65.55 -65.12
C LEU B 316 19.73 64.50 -64.16
N GLU B 317 18.59 63.94 -64.53
CA GLU B 317 17.94 62.90 -63.76
C GLU B 317 18.93 61.76 -63.61
N SER B 318 19.74 61.59 -64.67
CA SER B 318 20.65 60.45 -64.72
C SER B 318 22.03 60.74 -64.13
N GLU B 319 22.26 61.99 -63.72
CA GLU B 319 23.57 62.33 -63.19
C GLU B 319 23.53 62.69 -61.70
N PHE B 320 22.34 62.87 -61.15
CA PHE B 320 22.25 63.34 -59.78
C PHE B 320 21.18 62.63 -58.94
N SER B 321 21.45 62.52 -57.64
CA SER B 321 20.48 62.06 -56.65
C SER B 321 19.18 62.85 -56.88
N TRP B 322 18.03 62.17 -56.83
CA TRP B 322 16.73 62.81 -57.03
C TRP B 322 16.60 64.00 -56.05
N LEU B 323 17.11 63.80 -54.84
CA LEU B 323 17.11 64.80 -53.79
C LEU B 323 17.87 66.06 -54.21
N CYS B 324 19.00 65.87 -54.89
CA CYS B 324 19.78 66.98 -55.41
C CYS B 324 18.96 67.89 -56.35
N LEU B 325 18.24 67.29 -57.29
CA LEU B 325 17.40 68.06 -58.20
C LEU B 325 16.23 68.71 -57.46
N LEU B 326 15.66 67.99 -56.50
CA LEU B 326 14.55 68.54 -55.73
C LEU B 326 15.03 69.79 -55.00
N ASN B 327 16.29 69.77 -54.57
CA ASN B 327 16.88 70.95 -53.94
C ASN B 327 16.78 72.14 -54.88
N LEU B 328 17.14 71.91 -56.14
CA LEU B 328 17.01 72.93 -57.19
C LEU B 328 15.61 73.51 -57.33
N THR B 329 14.60 72.65 -57.42
CA THR B 329 13.24 73.18 -57.40
C THR B 329 12.93 74.00 -56.13
N LEU B 330 13.32 73.50 -54.97
CA LEU B 330 12.99 74.17 -53.70
C LEU B 330 13.69 75.51 -53.46
N CYS B 331 14.93 75.63 -53.92
CA CYS B 331 15.74 76.82 -53.71
C CYS B 331 15.43 77.94 -54.70
N TYR B 332 15.21 77.58 -55.96
CA TYR B 332 15.02 78.56 -57.03
C TYR B 332 13.54 78.60 -57.39
N GLY B 333 13.17 77.88 -58.44
CA GLY B 333 11.91 77.15 -58.43
C GLY B 333 10.56 77.85 -58.32
N GLN B 334 10.48 78.94 -57.53
CA GLN B 334 9.32 79.87 -57.40
C GLN B 334 8.76 79.83 -55.97
N ILE B 335 9.68 79.92 -55.00
CA ILE B 335 9.42 79.86 -53.55
C ILE B 335 8.20 80.63 -53.04
N ASP B 336 8.02 81.86 -53.50
CA ASP B 336 7.07 82.77 -52.89
C ASP B 336 5.66 82.40 -53.32
N GLU B 337 5.50 82.12 -54.60
CA GLU B 337 4.21 81.89 -55.22
C GLU B 337 3.57 80.59 -54.80
N TYR B 338 4.39 79.64 -54.39
CA TYR B 338 3.90 78.33 -54.01
C TYR B 338 4.02 78.14 -52.50
N SER B 339 3.23 77.21 -52.00
CA SER B 339 3.36 76.78 -50.63
C SER B 339 4.47 75.76 -50.72
N LEU B 340 5.11 75.47 -49.60
CA LEU B 340 6.17 74.48 -49.58
C LEU B 340 5.66 73.19 -50.18
N GLU B 341 4.44 72.84 -49.80
CA GLU B 341 3.83 71.58 -50.21
C GLU B 341 3.64 71.54 -51.73
N SER B 342 2.94 72.52 -52.29
CA SER B 342 2.61 72.46 -53.72
C SER B 342 3.85 72.64 -54.59
N LEU B 343 4.88 73.27 -54.04
CA LEU B 343 6.18 73.36 -54.70
C LEU B 343 6.83 71.98 -54.81
N VAL B 344 7.00 71.34 -53.66
CA VAL B 344 7.51 69.97 -53.61
C VAL B 344 6.70 69.04 -54.51
N GLN B 345 5.40 69.24 -54.52
CA GLN B 345 4.50 68.44 -55.32
C GLN B 345 4.84 68.69 -56.79
N SER B 346 5.00 69.97 -57.15
CA SER B 346 5.38 70.37 -58.50
C SER B 346 6.60 69.56 -58.96
N HIS B 347 7.63 69.53 -58.11
CA HIS B 347 8.83 68.78 -58.46
C HIS B 347 8.54 67.30 -58.65
N LEU B 348 7.83 66.70 -57.69
CA LEU B 348 7.53 65.26 -57.71
C LEU B 348 6.75 64.86 -58.96
N ASP B 349 5.92 65.79 -59.43
CA ASP B 349 5.14 65.59 -60.64
C ASP B 349 6.02 65.40 -61.88
N LYS B 350 7.27 65.80 -61.78
CA LYS B 350 8.20 65.73 -62.91
C LYS B 350 9.10 64.50 -62.83
N PHE B 351 9.19 63.90 -61.65
CA PHE B 351 10.09 62.75 -61.45
C PHE B 351 9.53 61.67 -60.54
N SER B 352 9.54 60.44 -61.03
CA SER B 352 9.18 59.27 -60.24
C SER B 352 10.35 59.02 -59.29
N LEU B 353 10.05 58.80 -58.01
CA LEU B 353 11.05 58.38 -57.03
C LEU B 353 11.05 56.87 -56.86
N PRO B 354 12.17 56.29 -56.38
CA PRO B 354 12.17 54.84 -56.21
C PRO B 354 11.20 54.46 -55.11
N TYR B 355 10.38 53.46 -55.38
CA TYR B 355 9.29 53.01 -54.49
C TYR B 355 9.79 52.75 -53.07
N ASP B 356 10.98 52.16 -52.98
CA ASP B 356 11.52 51.66 -51.73
C ASP B 356 12.17 52.73 -50.82
N ASP B 357 12.49 53.89 -51.40
CA ASP B 357 13.21 54.95 -50.68
C ASP B 357 12.27 55.73 -49.74
N PRO B 358 12.52 55.65 -48.42
CA PRO B 358 11.66 56.26 -47.39
C PRO B 358 11.72 57.79 -47.24
N ILE B 359 12.87 58.42 -47.46
CA ILE B 359 12.93 59.87 -47.39
C ILE B 359 12.13 60.44 -48.57
N GLY B 360 12.09 59.67 -49.65
CA GLY B 360 11.20 59.93 -50.77
C GLY B 360 9.75 59.92 -50.34
N VAL B 361 9.34 58.79 -49.77
CA VAL B 361 8.01 58.62 -49.18
C VAL B 361 7.58 59.78 -48.30
N ILE B 362 8.48 60.29 -47.46
CA ILE B 362 8.09 61.35 -46.54
C ILE B 362 7.78 62.63 -47.33
N PHE B 363 8.60 62.94 -48.34
CA PHE B 363 8.32 64.08 -49.20
C PHE B 363 6.98 63.91 -49.91
N GLN B 364 6.70 62.71 -50.37
CA GLN B 364 5.42 62.47 -51.03
C GLN B 364 4.24 62.68 -50.07
N LEU B 365 4.37 62.19 -48.84
CA LEU B 365 3.29 62.37 -47.86
C LEU B 365 3.13 63.83 -47.49
N TYR B 366 4.25 64.55 -47.44
CA TYR B 366 4.24 65.97 -47.15
C TYR B 366 3.54 66.76 -48.25
N ALA B 367 3.89 66.46 -49.49
CA ALA B 367 3.35 67.20 -50.63
C ALA B 367 1.88 66.85 -50.86
N ALA B 368 1.50 65.64 -50.47
CA ALA B 368 0.19 65.10 -50.78
C ALA B 368 -0.95 65.81 -50.06
N ASN B 369 -0.60 66.46 -48.96
CA ASN B 369 -1.48 67.44 -48.27
C ASN B 369 -2.93 66.98 -48.33
N GLU B 370 -3.65 67.48 -49.33
CA GLU B 370 -5.09 67.28 -49.45
C GLU B 370 -5.52 65.81 -49.29
N ASN B 371 -4.66 64.86 -49.65
CA ASN B 371 -5.00 63.47 -49.41
C ASN B 371 -3.77 62.70 -49.02
N THR B 372 -3.26 63.06 -47.85
CA THR B 372 -2.17 62.34 -47.23
C THR B 372 -2.59 60.92 -47.00
N GLU B 373 -3.77 60.74 -46.40
CA GLU B 373 -4.21 59.40 -46.10
C GLU B 373 -4.25 58.58 -47.37
N LYS B 374 -4.84 59.15 -48.42
CA LYS B 374 -4.94 58.40 -49.66
C LYS B 374 -3.59 57.87 -50.06
N LEU B 375 -2.62 58.77 -50.05
CA LEU B 375 -1.28 58.41 -50.44
C LEU B 375 -0.74 57.41 -49.45
N TYR B 376 -0.86 57.72 -48.15
CA TYR B 376 -0.40 56.81 -47.12
C TYR B 376 -0.89 55.38 -47.37
N LYS B 377 -2.18 55.23 -47.68
CA LYS B 377 -2.72 53.90 -47.99
C LYS B 377 -2.00 53.30 -49.20
N GLU B 378 -1.84 54.10 -50.24
CA GLU B 378 -1.09 53.68 -51.42
C GLU B 378 0.31 53.28 -51.00
N VAL B 379 0.95 54.09 -50.17
CA VAL B 379 2.34 53.79 -49.78
C VAL B 379 2.39 52.46 -49.05
N ARG B 380 1.34 52.18 -48.27
CA ARG B 380 1.27 50.95 -47.50
C ARG B 380 1.35 49.68 -48.34
N GLN B 381 0.52 49.61 -49.37
CA GLN B 381 0.43 48.43 -50.20
C GLN B 381 1.61 48.26 -51.15
N ARG B 382 2.42 49.32 -51.33
CA ARG B 382 3.55 49.30 -52.27
C ARG B 382 4.90 48.93 -51.62
N THR B 383 5.19 49.48 -50.44
CA THR B 383 6.53 49.33 -49.89
C THR B 383 6.42 49.04 -48.40
N ASN B 384 7.52 48.61 -47.82
CA ASN B 384 7.69 48.50 -46.37
C ASN B 384 8.68 49.50 -45.77
N ALA B 385 9.01 50.56 -46.50
CA ALA B 385 10.04 51.51 -46.08
C ALA B 385 9.66 52.19 -44.77
N LEU B 386 8.35 52.34 -44.57
CA LEU B 386 7.84 52.88 -43.32
C LEU B 386 7.43 51.72 -42.43
N ASP B 387 8.03 51.64 -41.25
CA ASP B 387 7.78 50.53 -40.33
C ASP B 387 6.55 50.80 -39.49
N VAL B 388 6.14 49.77 -38.75
CA VAL B 388 4.90 49.78 -37.98
C VAL B 388 4.90 50.94 -36.97
N GLN B 389 6.03 51.06 -36.28
CA GLN B 389 6.19 52.07 -35.23
C GLN B 389 6.11 53.43 -35.86
N PHE B 390 6.86 53.63 -36.94
CA PHE B 390 6.96 54.94 -37.55
C PHE B 390 5.57 55.34 -38.01
N CYS B 391 4.90 54.47 -38.76
CA CYS B 391 3.57 54.78 -39.28
C CYS B 391 2.61 55.17 -38.16
N TRP B 392 2.75 54.52 -37.00
CA TRP B 392 1.86 54.87 -35.90
C TRP B 392 2.22 56.25 -35.36
N TYR B 393 3.50 56.46 -35.10
CA TYR B 393 3.96 57.73 -34.56
C TYR B 393 3.53 58.88 -35.48
N LEU B 394 3.78 58.73 -36.77
CA LEU B 394 3.39 59.70 -37.79
C LEU B 394 1.91 60.05 -37.67
N ILE B 395 1.07 59.03 -37.84
CA ILE B 395 -0.37 59.22 -37.79
C ILE B 395 -0.78 59.97 -36.52
N GLN B 396 -0.19 59.57 -35.40
CA GLN B 396 -0.53 60.18 -34.12
C GLN B 396 -0.12 61.65 -34.02
N THR B 397 1.12 61.96 -34.39
CA THR B 397 1.58 63.34 -34.42
C THR B 397 0.64 64.19 -35.25
N LEU B 398 0.40 63.78 -36.49
CA LEU B 398 -0.40 64.57 -37.42
C LEU B 398 -1.80 64.73 -36.83
N ARG B 399 -2.31 63.68 -36.19
CA ARG B 399 -3.64 63.74 -35.60
C ARG B 399 -3.69 64.80 -34.51
N PHE B 400 -2.81 64.65 -33.53
CA PHE B 400 -2.82 65.53 -32.35
C PHE B 400 -2.22 66.91 -32.57
N ASN B 401 -1.82 67.22 -33.80
CA ASN B 401 -1.31 68.56 -34.06
C ASN B 401 -2.11 69.29 -35.12
N GLY B 402 -3.26 68.73 -35.49
CA GLY B 402 -4.07 69.30 -36.55
C GLY B 402 -3.39 69.32 -37.90
N THR B 403 -2.16 68.84 -37.93
CA THR B 403 -1.30 68.89 -39.11
C THR B 403 -1.96 68.24 -40.31
N ARG B 404 -2.67 67.14 -40.06
CA ARG B 404 -3.26 66.33 -41.11
C ARG B 404 -4.41 65.51 -40.55
N VAL B 405 -5.09 64.79 -41.44
CA VAL B 405 -6.30 64.06 -41.06
C VAL B 405 -6.19 62.58 -41.42
N PHE B 406 -6.55 61.70 -40.47
CA PHE B 406 -6.57 60.26 -40.73
C PHE B 406 -7.88 59.66 -40.22
N SER B 407 -8.39 58.66 -40.93
CA SER B 407 -9.60 57.95 -40.49
C SER B 407 -9.38 57.38 -39.12
N LYS B 408 -10.41 57.41 -38.29
CA LYS B 408 -10.41 56.68 -37.03
C LYS B 408 -9.90 55.24 -37.22
N GLU B 409 -10.29 54.65 -38.36
CA GLU B 409 -9.96 53.26 -38.65
C GLU B 409 -8.50 53.08 -39.07
N THR B 410 -7.95 54.03 -39.83
CA THR B 410 -6.55 53.92 -40.22
C THR B 410 -5.61 54.16 -39.03
N SER B 411 -6.00 55.10 -38.17
CA SER B 411 -5.25 55.42 -36.96
C SER B 411 -5.31 54.25 -35.99
N ASP B 412 -6.46 53.60 -35.95
CA ASP B 412 -6.64 52.46 -35.08
C ASP B 412 -5.88 51.28 -35.65
N GLU B 413 -5.90 51.14 -36.97
CA GLU B 413 -5.16 50.06 -37.64
C GLU B 413 -3.69 50.13 -37.28
N ALA B 414 -3.10 51.29 -37.55
CA ALA B 414 -1.71 51.56 -37.19
C ALA B 414 -1.45 51.24 -35.71
N THR B 415 -2.39 51.67 -34.87
CA THR B 415 -2.20 51.54 -33.42
C THR B 415 -2.21 50.07 -32.99
N PHE B 416 -3.23 49.33 -33.44
CA PHE B 416 -3.27 47.88 -33.27
C PHE B 416 -1.96 47.22 -33.67
N ALA B 417 -1.53 47.48 -34.89
CA ALA B 417 -0.33 46.83 -35.42
C ALA B 417 0.87 47.06 -34.49
N PHE B 418 1.08 48.31 -34.07
CA PHE B 418 2.24 48.62 -33.23
C PHE B 418 2.11 48.02 -31.82
N ALA B 419 0.92 48.14 -31.23
CA ALA B 419 0.63 47.56 -29.92
C ALA B 419 0.91 46.06 -29.90
N ALA B 420 0.58 45.42 -31.01
CA ALA B 420 0.79 43.99 -31.17
C ALA B 420 2.26 43.65 -31.26
N GLN B 421 2.98 44.32 -32.16
CA GLN B 421 4.43 44.16 -32.23
C GLN B 421 5.10 44.27 -30.84
N LEU B 422 4.63 45.25 -30.09
CA LEU B 422 5.11 45.53 -28.74
C LEU B 422 4.81 44.38 -27.79
N GLU B 423 3.62 43.81 -27.92
CA GLU B 423 3.23 42.73 -27.04
C GLU B 423 4.04 41.48 -27.39
N PHE B 424 4.32 41.28 -28.67
CA PHE B 424 5.23 40.23 -29.10
C PHE B 424 6.62 40.42 -28.54
N ALA B 425 6.94 41.65 -28.15
CA ALA B 425 8.26 41.93 -27.57
C ALA B 425 8.27 41.89 -26.06
N GLN B 426 7.19 41.38 -25.48
CA GLN B 426 7.05 41.26 -24.04
C GLN B 426 7.10 42.64 -23.39
N LEU B 427 6.85 43.64 -24.23
CA LEU B 427 6.79 45.00 -23.74
C LEU B 427 5.37 45.37 -23.42
N HIS B 428 4.87 44.85 -22.31
CA HIS B 428 3.43 44.93 -22.03
C HIS B 428 3.02 46.34 -21.61
N GLY B 429 3.79 46.97 -20.75
CA GLY B 429 3.52 48.35 -20.37
C GLY B 429 3.42 49.23 -21.62
N HIS B 430 4.35 49.05 -22.55
CA HIS B 430 4.44 49.92 -23.73
C HIS B 430 3.30 49.65 -24.70
N SER B 431 2.99 48.37 -24.89
CA SER B 431 1.86 47.97 -25.72
C SER B 431 0.57 48.51 -25.13
N LEU B 432 0.55 48.59 -23.80
CA LEU B 432 -0.61 49.04 -23.06
C LEU B 432 -0.80 50.52 -23.32
N PHE B 433 0.31 51.26 -23.21
CA PHE B 433 0.30 52.70 -23.48
C PHE B 433 -0.20 52.99 -24.89
N VAL B 434 0.41 52.33 -25.88
CA VAL B 434 -0.03 52.47 -27.27
C VAL B 434 -1.51 52.13 -27.49
N SER B 435 -1.99 51.06 -26.85
CA SER B 435 -3.38 50.61 -27.01
C SER B 435 -4.41 51.71 -26.71
N CYS B 436 -4.02 52.70 -25.90
CA CYS B 436 -4.90 53.79 -25.50
C CYS B 436 -5.22 54.76 -26.65
N PHE B 437 -4.37 54.82 -27.67
CA PHE B 437 -4.61 55.73 -28.79
C PHE B 437 -5.71 55.21 -29.71
N LEU B 438 -6.38 54.15 -29.29
CA LEU B 438 -7.53 53.62 -30.01
C LEU B 438 -8.73 54.55 -29.90
N ASN B 439 -9.41 54.72 -31.03
CA ASN B 439 -10.63 55.52 -31.08
C ASN B 439 -11.84 54.69 -30.70
N ASP B 440 -11.89 53.45 -31.19
CA ASP B 440 -12.99 52.52 -30.91
C ASP B 440 -12.95 52.09 -29.45
N ASP B 441 -13.91 52.57 -28.68
CA ASP B 441 -13.95 52.36 -27.23
C ASP B 441 -14.09 50.90 -26.82
N LYS B 442 -14.93 50.18 -27.55
CA LYS B 442 -15.16 48.75 -27.35
C LYS B 442 -13.85 47.94 -27.41
N ALA B 443 -13.09 48.19 -28.48
CA ALA B 443 -11.84 47.50 -28.76
C ALA B 443 -10.78 47.83 -27.74
N ALA B 444 -10.71 49.12 -27.38
CA ALA B 444 -9.77 49.59 -26.38
C ALA B 444 -10.04 48.82 -25.10
N GLU B 445 -11.32 48.81 -24.72
CA GLU B 445 -11.75 48.13 -23.52
C GLU B 445 -11.24 46.69 -23.51
N ASP B 446 -11.63 45.95 -24.54
CA ASP B 446 -11.21 44.55 -24.65
C ASP B 446 -9.68 44.38 -24.57
N THR B 447 -8.95 44.99 -25.50
CA THR B 447 -7.50 44.89 -25.59
C THR B 447 -6.83 45.11 -24.23
N ILE B 448 -7.18 46.25 -23.63
CA ILE B 448 -6.60 46.71 -22.38
C ILE B 448 -6.87 45.65 -21.33
N LYS B 449 -8.16 45.41 -21.06
CA LYS B 449 -8.58 44.43 -20.07
C LYS B 449 -7.84 43.11 -20.18
N ARG B 450 -7.99 42.47 -21.34
CA ARG B 450 -7.36 41.20 -21.65
C ARG B 450 -5.89 41.19 -21.25
N LEU B 451 -5.18 42.24 -21.66
CA LEU B 451 -3.75 42.30 -21.42
C LEU B 451 -3.42 42.50 -19.94
N VAL B 452 -4.17 43.37 -19.27
CA VAL B 452 -3.88 43.69 -17.88
C VAL B 452 -4.09 42.45 -17.01
N MET B 453 -5.19 41.75 -17.26
CA MET B 453 -5.51 40.58 -16.47
C MET B 453 -4.52 39.46 -16.74
N ARG B 454 -4.24 39.22 -18.02
CA ARG B 454 -3.27 38.21 -18.40
C ARG B 454 -1.88 38.49 -17.81
N GLU B 455 -1.51 39.76 -17.66
CA GLU B 455 -0.12 40.13 -17.36
C GLU B 455 0.10 41.01 -16.13
N ILE B 456 -0.89 41.07 -15.23
CA ILE B 456 -0.82 41.91 -14.03
C ILE B 456 0.46 41.89 -13.21
N THR B 457 1.05 40.71 -13.06
CA THR B 457 2.23 40.54 -12.20
C THR B 457 3.38 41.43 -12.64
N LEU B 458 3.75 41.29 -13.91
CA LEU B 458 4.85 42.06 -14.47
C LEU B 458 4.57 43.56 -14.44
N LEU B 459 3.31 43.93 -14.61
CA LEU B 459 2.88 45.34 -14.60
C LEU B 459 2.75 45.97 -13.21
N ARG B 460 3.43 45.42 -12.21
CA ARG B 460 3.33 45.95 -10.86
C ARG B 460 4.65 45.89 -10.10
N ALA B 461 5.71 46.35 -10.75
CA ALA B 461 7.06 46.24 -10.19
C ALA B 461 7.54 47.61 -9.74
N SER B 462 8.10 48.39 -10.66
CA SER B 462 8.68 49.69 -10.32
C SER B 462 7.65 50.80 -10.41
N THR B 463 8.10 52.03 -10.15
CA THR B 463 7.30 53.23 -10.33
C THR B 463 7.07 53.52 -11.81
N ASN B 464 8.04 53.19 -12.65
CA ASN B 464 7.82 53.24 -14.08
C ASN B 464 6.74 52.25 -14.53
N ASP B 465 6.51 51.21 -13.73
CA ASP B 465 5.34 50.34 -13.87
C ASP B 465 4.11 50.88 -13.11
N HIS B 466 4.35 51.78 -12.16
CA HIS B 466 3.25 52.31 -11.38
C HIS B 466 2.56 53.35 -12.24
N ILE B 467 3.23 54.47 -12.56
CA ILE B 467 2.68 55.44 -13.53
C ILE B 467 1.90 54.72 -14.64
N LEU B 468 2.27 53.46 -14.89
CA LEU B 468 1.68 52.64 -15.95
C LEU B 468 0.28 52.34 -15.51
N ASN B 469 0.17 51.60 -14.40
CA ASN B 469 -1.15 51.32 -13.89
C ASN B 469 -1.87 52.57 -13.35
N ARG B 470 -1.13 53.67 -13.21
CA ARG B 470 -1.71 54.99 -13.10
C ARG B 470 -1.67 55.70 -14.47
N LEU B 471 -1.95 54.99 -15.56
CA LEU B 471 -2.40 55.64 -16.79
C LEU B 471 -3.79 56.21 -16.55
N LYS B 472 -4.78 55.34 -16.67
CA LYS B 472 -6.05 55.47 -15.95
C LYS B 472 -6.66 54.09 -15.97
N ILE B 473 -5.89 53.10 -15.55
CA ILE B 473 -6.38 51.73 -15.62
C ILE B 473 -7.49 51.66 -14.57
N PRO B 474 -8.69 51.20 -14.98
CA PRO B 474 -9.83 51.22 -14.06
C PRO B 474 -9.57 50.44 -12.77
N SER B 475 -9.87 51.04 -11.61
CA SER B 475 -9.66 50.40 -10.31
C SER B 475 -10.16 48.98 -10.39
N GLN B 476 -11.37 48.85 -10.93
CA GLN B 476 -12.02 47.56 -11.03
C GLN B 476 -11.12 46.55 -11.70
N LEU B 477 -10.81 46.80 -12.97
CA LEU B 477 -9.92 45.91 -13.75
C LEU B 477 -8.65 45.45 -13.00
N ILE B 478 -8.00 46.39 -12.30
CA ILE B 478 -6.71 46.12 -11.68
C ILE B 478 -6.87 45.13 -10.53
N PHE B 479 -7.79 45.45 -9.64
CA PHE B 479 -8.03 44.55 -8.51
C PHE B 479 -8.64 43.24 -8.99
N ASN B 480 -9.49 43.27 -10.01
CA ASN B 480 -10.18 42.08 -10.49
C ASN B 480 -9.16 41.07 -10.98
N ALA B 481 -8.33 41.56 -11.91
CA ALA B 481 -7.18 40.84 -12.40
C ALA B 481 -6.40 40.27 -11.23
N GLN B 482 -6.11 41.12 -10.24
CA GLN B 482 -5.35 40.71 -9.07
C GLN B 482 -6.06 39.63 -8.22
N ALA B 483 -7.39 39.61 -8.26
CA ALA B 483 -8.21 38.60 -7.59
C ALA B 483 -8.01 37.26 -8.27
N LEU B 484 -8.00 37.30 -9.60
CA LEU B 484 -7.80 36.10 -10.42
C LEU B 484 -6.44 35.45 -10.12
N LYS B 485 -5.41 36.26 -10.07
CA LYS B 485 -4.06 35.81 -9.76
C LYS B 485 -3.92 35.13 -8.40
N ASP B 486 -4.83 35.44 -7.48
CA ASP B 486 -4.86 34.83 -6.15
C ASP B 486 -5.58 33.49 -6.07
N ARG B 487 -6.74 33.41 -6.73
CA ARG B 487 -7.46 32.17 -6.88
C ARG B 487 -6.60 31.12 -7.57
N TYR B 488 -5.86 31.56 -8.58
CA TYR B 488 -4.98 30.62 -9.28
C TYR B 488 -3.70 30.21 -8.54
N GLU B 489 -3.16 31.10 -7.70
CA GLU B 489 -2.01 30.74 -6.84
C GLU B 489 -2.41 30.31 -5.41
N GLY B 490 -3.70 30.18 -5.15
CA GLY B 490 -4.14 29.49 -3.94
C GLY B 490 -4.04 30.36 -2.69
N SER B 494 -6.30 40.14 -1.42
CA SER B 494 -7.38 39.38 -2.06
C SER B 494 -8.73 39.71 -1.42
N GLU B 495 -8.78 39.64 -0.10
CA GLU B 495 -10.05 39.68 0.61
C GLU B 495 -10.57 41.12 0.65
N VAL B 496 -9.66 42.07 0.77
CA VAL B 496 -10.02 43.48 0.73
C VAL B 496 -10.56 43.84 -0.65
N GLN B 497 -9.95 43.25 -1.67
CA GLN B 497 -10.37 43.44 -3.06
C GLN B 497 -11.78 42.89 -3.26
N ASN B 498 -12.03 41.72 -2.68
CA ASN B 498 -13.36 41.12 -2.75
C ASN B 498 -14.39 41.97 -2.02
N LEU B 499 -13.98 42.57 -0.91
CA LEU B 499 -14.86 43.44 -0.14
C LEU B 499 -15.21 44.71 -0.92
N LEU B 500 -14.26 45.19 -1.70
CA LEU B 500 -14.43 46.40 -2.50
C LEU B 500 -15.56 46.24 -3.51
N ASP B 506 -21.42 32.84 -3.65
CA ASP B 506 -20.56 32.05 -4.54
C ASP B 506 -19.09 32.22 -4.19
N LEU B 507 -18.45 33.21 -4.81
CA LEU B 507 -17.04 33.50 -4.56
C LEU B 507 -16.83 33.96 -3.13
N ALA B 508 -17.74 34.81 -2.66
CA ALA B 508 -17.71 35.29 -1.29
C ALA B 508 -17.83 34.13 -0.31
N GLU B 509 -18.71 33.18 -0.63
CA GLU B 509 -18.90 31.99 0.19
C GLU B 509 -17.62 31.15 0.24
N MET B 510 -16.93 31.06 -0.89
CA MET B 510 -15.67 30.31 -0.98
C MET B 510 -14.58 30.99 -0.16
N ALA B 511 -14.60 32.32 -0.15
CA ALA B 511 -13.66 33.09 0.66
C ALA B 511 -13.91 32.87 2.14
N ILE B 512 -15.19 32.89 2.53
CA ILE B 512 -15.59 32.60 3.91
C ILE B 512 -15.16 31.19 4.30
N VAL B 513 -15.25 30.29 3.32
CA VAL B 513 -14.80 28.91 3.46
C VAL B 513 -13.31 28.85 3.78
N THR B 514 -12.52 29.58 3.01
CA THR B 514 -11.08 29.65 3.21
C THR B 514 -10.71 30.24 4.57
N SER B 515 -11.47 31.23 5.01
CA SER B 515 -11.22 31.89 6.29
C SER B 515 -11.44 30.97 7.50
N LEU B 516 -12.39 30.05 7.36
CA LEU B 516 -12.74 29.12 8.44
C LEU B 516 -11.55 28.30 8.91
N VAL B 527 -9.30 36.83 14.96
CA VAL B 527 -10.32 36.18 14.15
C VAL B 527 -11.67 36.88 14.31
N GLN B 528 -12.05 37.15 15.55
CA GLN B 528 -13.33 37.81 15.84
C GLN B 528 -13.38 39.20 15.22
N ASN B 529 -12.27 39.94 15.33
CA ASN B 529 -12.17 41.26 14.74
C ASN B 529 -12.32 41.23 13.22
N ASN B 530 -11.67 40.25 12.60
CA ASN B 530 -11.77 40.05 11.16
C ASN B 530 -13.21 39.77 10.75
N GLU B 531 -13.89 38.94 11.54
CA GLU B 531 -15.29 38.62 11.31
C GLU B 531 -16.15 39.88 11.37
N LEU B 532 -15.92 40.68 12.41
CA LEU B 532 -16.65 41.93 12.57
C LEU B 532 -16.44 42.87 11.39
N LYS B 533 -15.18 42.99 10.93
CA LYS B 533 -14.85 43.83 9.79
C LYS B 533 -15.57 43.35 8.53
N THR B 534 -15.57 42.04 8.33
CA THR B 534 -16.28 41.43 7.19
C THR B 534 -17.76 41.77 7.26
N LEU B 535 -18.35 41.66 8.44
CA LEU B 535 -19.75 42.00 8.66
C LEU B 535 -20.04 43.45 8.30
N ARG B 536 -19.17 44.36 8.75
CA ARG B 536 -19.31 45.78 8.44
C ARG B 536 -19.25 46.04 6.94
N GLU B 537 -18.31 45.39 6.26
CA GLU B 537 -18.18 45.49 4.81
C GLU B 537 -19.46 45.02 4.11
N ILE B 538 -20.00 43.90 4.56
CA ILE B 538 -21.24 43.36 4.01
C ILE B 538 -22.41 44.33 4.18
N LEU B 539 -22.50 44.93 5.37
CA LEU B 539 -23.52 45.92 5.67
C LEU B 539 -23.40 47.13 4.75
N ASN B 540 -22.17 47.58 4.54
CA ASN B 540 -21.90 48.69 3.63
C ASN B 540 -22.33 48.36 2.20
N GLU B 541 -22.04 47.14 1.76
CA GLU B 541 -22.44 46.70 0.42
C GLU B 541 -23.95 46.67 0.26
N PHE B 542 -24.65 46.22 1.31
CA PHE B 542 -26.10 46.13 1.29
C PHE B 542 -26.74 47.51 1.19
N VAL B 552 -26.20 33.66 0.77
CA VAL B 552 -25.56 34.87 1.25
C VAL B 552 -26.25 35.40 2.51
N SER B 553 -27.58 35.46 2.47
CA SER B 553 -28.35 35.94 3.60
C SER B 553 -28.19 35.05 4.82
N ILE B 554 -28.12 33.73 4.58
CA ILE B 554 -27.93 32.75 5.64
C ILE B 554 -26.62 33.00 6.39
N ASN B 555 -25.55 33.17 5.64
CA ASN B 555 -24.25 33.48 6.20
C ASN B 555 -24.29 34.74 7.05
N VAL B 556 -25.02 35.74 6.57
CA VAL B 556 -25.18 37.00 7.30
C VAL B 556 -25.89 36.76 8.64
N PHE B 557 -26.95 35.95 8.61
CA PHE B 557 -27.68 35.60 9.82
C PHE B 557 -26.76 34.91 10.82
N GLU B 558 -25.96 33.97 10.31
CA GLU B 558 -25.00 33.25 11.14
C GLU B 558 -24.00 34.21 11.80
N VAL B 559 -23.48 35.14 11.00
CA VAL B 559 -22.52 36.13 11.51
C VAL B 559 -23.13 37.00 12.60
N TYR B 560 -24.39 37.41 12.38
CA TYR B 560 -25.13 38.21 13.35
C TYR B 560 -25.30 37.44 14.65
N LEU B 561 -25.59 36.16 14.53
CA LEU B 561 -25.74 35.31 15.71
C LEU B 561 -24.41 35.20 16.46
N LYS B 562 -23.32 35.06 15.72
CA LYS B 562 -21.99 34.93 16.31
C LYS B 562 -21.58 36.19 17.07
N LEU B 563 -21.89 37.34 16.49
CA LEU B 563 -21.61 38.61 17.15
C LEU B 563 -22.42 38.71 18.43
N VAL B 564 -23.63 38.17 18.41
CA VAL B 564 -24.50 38.19 19.58
C VAL B 564 -23.96 37.27 20.68
N GLN B 571 -36.16 33.49 16.30
CA GLN B 571 -35.05 34.10 15.55
C GLN B 571 -33.85 33.16 15.51
N GLU B 572 -33.55 32.55 16.64
CA GLU B 572 -32.43 31.61 16.73
C GLU B 572 -32.69 30.41 15.84
N THR B 573 -33.92 29.91 15.87
CA THR B 573 -34.30 28.75 15.06
C THR B 573 -34.18 29.04 13.57
N ILE B 574 -34.60 30.23 13.16
CA ILE B 574 -34.52 30.64 11.77
C ILE B 574 -33.08 30.69 11.30
N ASP B 575 -32.21 31.25 12.15
CA ASP B 575 -30.79 31.30 11.87
C ASP B 575 -30.24 29.89 11.72
N SER B 576 -30.68 28.99 12.60
CA SER B 576 -30.26 27.59 12.54
C SER B 576 -30.64 26.93 11.22
N LEU B 577 -31.90 27.11 10.81
CA LEU B 577 -32.38 26.56 9.55
C LEU B 577 -31.59 27.12 8.37
N ILE B 578 -31.32 28.42 8.42
CA ILE B 578 -30.51 29.08 7.39
C ILE B 578 -29.13 28.46 7.28
N SER B 579 -28.48 28.25 8.42
CA SER B 579 -27.16 27.64 8.47
C SER B 579 -27.16 26.20 7.95
N GLY B 580 -28.19 25.44 8.30
CA GLY B 580 -28.34 24.08 7.80
C GLY B 580 -28.46 24.06 6.28
N MET B 581 -29.27 24.97 5.76
CA MET B 581 -29.43 25.12 4.31
C MET B 581 -28.11 25.46 3.64
N LYS B 582 -27.34 26.37 4.26
CA LYS B 582 -26.03 26.74 3.73
C LYS B 582 -25.10 25.54 3.69
N ILE B 583 -25.14 24.74 4.76
CA ILE B 583 -24.33 23.54 4.85
C ILE B 583 -24.68 22.55 3.75
N PHE B 584 -25.98 22.43 3.48
CA PHE B 584 -26.44 21.56 2.42
C PHE B 584 -25.90 22.03 1.07
N TYR B 585 -25.86 23.34 0.88
CA TYR B 585 -25.38 23.92 -0.38
C TYR B 585 -23.89 23.68 -0.57
N VAL B 594 -17.65 21.59 0.88
CA VAL B 594 -18.28 20.69 1.83
C VAL B 594 -17.62 20.75 3.20
N ALA B 595 -16.29 20.84 3.21
CA ALA B 595 -15.52 20.85 4.45
C ALA B 595 -15.84 22.07 5.31
N ALA B 596 -15.89 23.23 4.66
CA ALA B 596 -16.18 24.49 5.33
C ALA B 596 -17.56 24.47 5.98
N CYS B 597 -18.52 23.92 5.26
CA CYS B 597 -19.89 23.80 5.76
C CYS B 597 -19.94 22.94 7.02
N CYS B 598 -19.20 21.84 7.01
CA CYS B 598 -19.12 20.95 8.16
C CYS B 598 -18.47 21.66 9.34
N ASN B 599 -17.43 22.43 9.07
CA ASN B 599 -16.77 23.23 10.09
C ASN B 599 -17.72 24.23 10.73
N VAL B 600 -18.51 24.89 9.89
CA VAL B 600 -19.49 25.86 10.36
C VAL B 600 -20.55 25.17 11.22
N MET B 601 -20.98 23.99 10.79
CA MET B 601 -21.96 23.21 11.55
C MET B 601 -21.41 22.85 12.92
N SER B 602 -20.15 22.42 12.95
CA SER B 602 -19.49 22.07 14.21
C SER B 602 -19.39 23.29 15.13
N GLN B 603 -19.07 24.45 14.55
CA GLN B 603 -18.99 25.69 15.32
C GLN B 603 -20.33 26.05 15.94
N GLU B 604 -21.39 25.93 15.14
CA GLU B 604 -22.75 26.18 15.62
C GLU B 604 -23.09 25.24 16.77
N ILE B 605 -22.73 23.97 16.62
CA ILE B 605 -22.97 22.98 17.67
C ILE B 605 -22.25 23.37 18.96
N VAL B 606 -20.99 23.78 18.83
CA VAL B 606 -20.20 24.21 19.98
C VAL B 606 -20.85 25.41 20.66
N SER B 607 -21.30 26.37 19.86
CA SER B 607 -21.95 27.57 20.39
C SER B 607 -23.24 27.21 21.16
N LYS B 608 -24.03 26.32 20.59
CA LYS B 608 -25.26 25.85 21.23
C LYS B 608 -24.96 25.19 22.57
N ILE B 609 -23.92 24.34 22.56
CA ILE B 609 -23.47 23.67 23.77
C ILE B 609 -23.07 24.69 24.85
N LEU B 610 -22.37 25.74 24.42
CA LEU B 610 -21.97 26.81 25.34
C LEU B 610 -23.17 27.56 25.91
N GLU B 611 -24.19 27.77 25.09
CA GLU B 611 -25.41 28.44 25.51
C GLU B 611 -26.18 27.62 26.53
N LYS B 612 -26.24 26.31 26.30
CA LYS B 612 -26.91 25.40 27.22
C LYS B 612 -26.28 25.43 28.61
N ASN B 613 -24.96 25.48 28.64
CA ASN B 613 -24.22 25.52 29.89
C ASN B 613 -24.49 26.80 30.67
N LYS B 621 -36.64 23.29 28.57
CA LYS B 621 -36.22 21.96 28.15
C LYS B 621 -36.72 21.63 26.75
N ALA B 622 -38.00 21.91 26.51
CA ALA B 622 -38.62 21.64 25.21
C ALA B 622 -37.98 22.48 24.12
N LYS B 623 -37.70 23.74 24.44
CA LYS B 623 -37.05 24.65 23.50
C LYS B 623 -35.66 24.14 23.13
N LEU B 624 -34.94 23.66 24.15
CA LEU B 624 -33.61 23.11 23.97
C LEU B 624 -33.66 21.88 23.06
N LEU B 625 -34.65 21.02 23.29
CA LEU B 625 -34.84 19.83 22.46
C LEU B 625 -35.14 20.21 21.02
N GLU B 626 -35.94 21.26 20.84
CA GLU B 626 -36.29 21.75 19.52
C GLU B 626 -35.06 22.28 18.78
N LEU B 627 -34.21 23.01 19.49
CA LEU B 627 -32.99 23.55 18.92
C LEU B 627 -32.06 22.43 18.44
N PRO B 628 -31.93 21.36 19.24
CA PRO B 628 -31.10 20.20 18.92
C PRO B 628 -31.55 19.51 17.64
N LEU B 629 -32.86 19.33 17.49
CA LEU B 629 -33.43 18.68 16.33
C LEU B 629 -33.18 19.50 15.06
N GLN B 643 -17.52 11.69 13.80
CA GLN B 643 -17.28 12.39 15.05
C GLN B 643 -18.50 13.19 15.49
N ASP B 644 -19.14 13.86 14.53
CA ASP B 644 -20.34 14.64 14.81
C ASP B 644 -21.43 13.75 15.36
N LEU B 645 -21.55 12.57 14.77
CA LEU B 645 -22.52 11.58 15.21
C LEU B 645 -22.21 11.11 16.62
N MET B 646 -20.93 10.88 16.89
CA MET B 646 -20.49 10.44 18.22
C MET B 646 -20.83 11.49 19.26
N LYS B 647 -20.62 12.76 18.88
CA LYS B 647 -20.92 13.87 19.76
C LYS B 647 -22.42 13.94 20.05
N CYS B 648 -23.22 13.78 19.00
CA CYS B 648 -24.67 13.81 19.14
C CYS B 648 -25.14 12.68 20.05
N THR B 649 -24.51 11.52 19.92
CA THR B 649 -24.85 10.37 20.74
C THR B 649 -24.52 10.61 22.20
N TYR B 650 -23.34 11.19 22.44
CA TYR B 650 -22.93 11.53 23.79
C TYR B 650 -23.90 12.52 24.40
N LYS B 651 -24.40 13.45 23.58
CA LYS B 651 -25.35 14.46 24.02
C LYS B 651 -26.66 13.82 24.46
N ILE B 652 -27.16 12.90 23.64
CA ILE B 652 -28.42 12.22 23.92
C ILE B 652 -28.30 11.38 25.19
N MET C 1 -20.86 -56.59 -40.37
CA MET C 1 -20.81 -55.27 -40.99
C MET C 1 -21.83 -55.15 -42.11
N GLN C 2 -23.11 -55.14 -41.73
CA GLN C 2 -24.20 -55.01 -42.69
C GLN C 2 -24.68 -53.57 -42.69
N PRO C 3 -25.28 -53.11 -43.80
CA PRO C 3 -25.75 -51.72 -43.84
C PRO C 3 -26.77 -51.42 -42.74
N PHE C 4 -27.00 -50.14 -42.51
CA PHE C 4 -27.99 -49.72 -41.52
C PHE C 4 -28.59 -48.38 -41.92
N ASP C 5 -29.77 -48.07 -41.37
CA ASP C 5 -30.44 -46.82 -41.68
C ASP C 5 -29.89 -45.68 -40.84
N SER C 6 -29.69 -44.54 -41.47
CA SER C 6 -29.18 -43.37 -40.76
C SER C 6 -30.25 -42.77 -39.86
N GLY C 7 -31.47 -42.70 -40.37
CA GLY C 7 -32.57 -42.12 -39.62
C GLY C 7 -32.93 -40.78 -40.21
N HIS C 8 -32.31 -40.47 -41.35
CA HIS C 8 -32.55 -39.21 -42.03
C HIS C 8 -33.68 -39.33 -43.05
N ASP C 9 -34.45 -38.26 -43.18
CA ASP C 9 -35.56 -38.22 -44.11
C ASP C 9 -35.09 -37.73 -45.46
N ASP C 10 -34.24 -36.70 -45.43
CA ASP C 10 -33.72 -36.13 -46.66
C ASP C 10 -32.30 -36.65 -46.90
N LEU C 11 -31.80 -36.46 -48.12
CA LEU C 11 -30.47 -36.94 -48.51
C LEU C 11 -29.35 -36.54 -47.54
N VAL C 12 -28.41 -37.46 -47.33
CA VAL C 12 -27.27 -37.27 -46.43
C VAL C 12 -26.07 -36.69 -47.18
N HIS C 13 -25.47 -35.63 -46.63
CA HIS C 13 -24.35 -34.98 -47.32
C HIS C 13 -22.95 -35.40 -46.91
N ASP C 14 -22.70 -35.54 -45.62
CA ASP C 14 -21.36 -35.87 -45.17
C ASP C 14 -21.37 -36.85 -44.00
N VAL C 15 -20.33 -37.67 -43.94
CA VAL C 15 -20.13 -38.61 -42.85
C VAL C 15 -18.67 -38.43 -42.45
N VAL C 16 -18.40 -38.33 -41.16
CA VAL C 16 -17.04 -38.13 -40.69
C VAL C 16 -16.71 -38.97 -39.46
N TYR C 17 -15.48 -39.46 -39.40
CA TYR C 17 -15.01 -40.28 -38.30
C TYR C 17 -14.38 -39.41 -37.23
N ASP C 18 -14.45 -39.87 -35.99
CA ASP C 18 -13.79 -39.14 -34.92
C ASP C 18 -12.32 -39.51 -35.01
N PHE C 19 -11.53 -39.10 -34.04
CA PHE C 19 -10.11 -39.42 -34.08
C PHE C 19 -9.82 -40.91 -33.98
N TYR C 20 -10.52 -41.58 -33.07
CA TYR C 20 -10.27 -43.00 -32.84
C TYR C 20 -10.97 -43.94 -33.81
N GLY C 21 -11.83 -43.41 -34.68
CA GLY C 21 -12.51 -44.26 -35.64
C GLY C 21 -13.64 -45.07 -35.06
N ARG C 22 -13.99 -44.80 -33.80
CA ARG C 22 -15.05 -45.52 -33.12
C ARG C 22 -16.35 -44.74 -33.07
N HIS C 23 -16.34 -43.53 -33.64
CA HIS C 23 -17.53 -42.70 -33.66
C HIS C 23 -17.73 -42.07 -35.02
N VAL C 24 -18.98 -41.78 -35.36
CA VAL C 24 -19.27 -41.17 -36.66
C VAL C 24 -20.33 -40.09 -36.60
N ALA C 25 -20.10 -39.00 -37.34
CA ALA C 25 -21.06 -37.90 -37.36
C ALA C 25 -21.67 -37.80 -38.76
N THR C 26 -22.99 -37.67 -38.80
CA THR C 26 -23.75 -37.61 -40.04
C THR C 26 -24.59 -36.32 -40.07
N CYS C 27 -24.69 -35.69 -41.23
CA CYS C 27 -25.51 -34.49 -41.36
C CYS C 27 -26.34 -34.55 -42.64
N SER C 28 -27.63 -34.21 -42.54
CA SER C 28 -28.41 -34.27 -43.77
C SER C 28 -29.23 -33.00 -44.04
N SER C 29 -30.05 -33.05 -45.09
CA SER C 29 -30.88 -31.92 -45.46
C SER C 29 -32.08 -31.75 -44.54
N ASP C 30 -32.45 -32.82 -43.84
CA ASP C 30 -33.58 -32.75 -42.92
C ASP C 30 -33.17 -31.97 -41.67
N GLN C 31 -32.06 -31.23 -41.82
CA GLN C 31 -31.52 -30.35 -40.79
C GLN C 31 -31.17 -31.08 -39.50
N HIS C 32 -30.65 -32.29 -39.62
CA HIS C 32 -30.28 -33.05 -38.45
C HIS C 32 -28.83 -33.51 -38.49
N ILE C 33 -28.31 -33.70 -37.28
CA ILE C 33 -26.97 -34.21 -37.04
C ILE C 33 -27.13 -35.43 -36.14
N LYS C 34 -26.67 -36.57 -36.65
CA LYS C 34 -26.71 -37.81 -35.91
C LYS C 34 -25.30 -38.26 -35.56
N VAL C 35 -25.13 -38.86 -34.39
CA VAL C 35 -23.84 -39.35 -33.96
C VAL C 35 -23.99 -40.83 -33.62
N PHE C 36 -23.19 -41.66 -34.28
CA PHE C 36 -23.22 -43.09 -34.04
C PHE C 36 -21.99 -43.59 -33.28
N LYS C 37 -22.25 -44.61 -32.46
CA LYS C 37 -21.27 -45.23 -31.60
C LYS C 37 -21.02 -46.68 -32.03
N LEU C 38 -19.77 -47.12 -31.97
CA LEU C 38 -19.44 -48.49 -32.35
C LEU C 38 -19.31 -49.38 -31.12
N ASP C 39 -20.43 -49.97 -30.70
CA ASP C 39 -20.48 -50.83 -29.53
C ASP C 39 -19.36 -51.88 -29.52
N LYS C 40 -18.58 -51.90 -28.45
CA LYS C 40 -17.48 -52.84 -28.30
C LYS C 40 -17.92 -54.30 -28.40
N ASP C 41 -18.85 -54.68 -27.52
CA ASP C 41 -19.38 -56.03 -27.45
C ASP C 41 -19.95 -56.49 -28.78
N THR C 42 -21.09 -55.92 -29.16
CA THR C 42 -21.71 -56.25 -30.43
C THR C 42 -21.18 -55.30 -31.49
N SER C 43 -20.24 -55.78 -32.30
CA SER C 43 -19.61 -54.96 -33.34
C SER C 43 -20.60 -54.35 -34.33
N ASN C 44 -21.57 -53.62 -33.80
CA ASN C 44 -22.61 -52.97 -34.61
C ASN C 44 -22.57 -51.46 -34.39
N TRP C 45 -23.02 -50.71 -35.38
CA TRP C 45 -23.07 -49.27 -35.24
C TRP C 45 -24.45 -48.95 -34.68
N GLU C 46 -24.51 -48.15 -33.63
CA GLU C 46 -25.80 -47.81 -33.02
C GLU C 46 -25.86 -46.35 -32.64
N LEU C 47 -26.96 -45.70 -33.04
CA LEU C 47 -27.19 -44.27 -32.81
C LEU C 47 -26.91 -43.82 -31.38
N SER C 48 -26.02 -42.86 -31.25
CA SER C 48 -25.67 -42.30 -29.96
C SER C 48 -26.59 -41.12 -29.69
N ASP C 49 -26.86 -40.32 -30.71
CA ASP C 49 -27.76 -39.18 -30.55
C ASP C 49 -28.12 -38.49 -31.84
N SER C 50 -29.34 -37.97 -31.92
CA SER C 50 -29.76 -37.26 -33.12
C SER C 50 -30.36 -35.96 -32.66
N TRP C 51 -30.27 -34.93 -33.49
CA TRP C 51 -30.85 -33.65 -33.09
C TRP C 51 -30.92 -32.66 -34.24
N ARG C 52 -31.90 -31.76 -34.15
CA ARG C 52 -32.07 -30.72 -35.15
C ARG C 52 -31.05 -29.65 -34.81
N ALA C 53 -30.26 -29.23 -35.79
CA ALA C 53 -29.21 -28.25 -35.52
C ALA C 53 -29.21 -27.00 -36.38
N HIS C 54 -29.89 -27.03 -37.53
CA HIS C 54 -29.92 -25.86 -38.39
C HIS C 54 -31.29 -25.60 -38.99
N ASP C 55 -31.49 -24.39 -39.49
CA ASP C 55 -32.77 -24.03 -40.09
C ASP C 55 -32.80 -24.45 -41.55
N SER C 56 -31.65 -24.81 -42.08
CA SER C 56 -31.56 -25.25 -43.47
C SER C 56 -30.71 -26.51 -43.61
N SER C 57 -30.48 -26.93 -44.85
CA SER C 57 -29.72 -28.13 -45.16
C SER C 57 -28.28 -28.10 -44.63
N ILE C 58 -27.92 -29.08 -43.82
CA ILE C 58 -26.56 -29.16 -43.29
C ILE C 58 -25.69 -29.94 -44.27
N VAL C 59 -24.68 -29.28 -44.83
CA VAL C 59 -23.83 -29.90 -45.84
C VAL C 59 -22.50 -30.49 -45.34
N ALA C 60 -21.81 -29.77 -44.46
CA ALA C 60 -20.53 -30.24 -43.96
C ALA C 60 -20.50 -30.49 -42.46
N ILE C 61 -19.49 -31.26 -42.02
CA ILE C 61 -19.33 -31.61 -40.62
C ILE C 61 -17.85 -31.98 -40.37
N ASP C 62 -17.44 -32.05 -39.10
CA ASP C 62 -16.06 -32.38 -38.72
C ASP C 62 -15.82 -32.44 -37.21
N TRP C 63 -14.93 -33.33 -36.77
CA TRP C 63 -14.59 -33.46 -35.36
C TRP C 63 -13.29 -32.73 -35.04
N ALA C 64 -13.20 -32.20 -33.81
CA ALA C 64 -11.99 -31.51 -33.38
C ALA C 64 -11.08 -32.53 -32.69
N SER C 65 -9.81 -32.17 -32.48
CA SER C 65 -8.89 -33.09 -31.82
C SER C 65 -9.40 -33.44 -30.41
N PRO C 66 -9.25 -34.70 -30.00
CA PRO C 66 -9.69 -35.16 -28.68
C PRO C 66 -9.06 -34.41 -27.52
N GLU C 67 -7.93 -33.76 -27.78
CA GLU C 67 -7.24 -33.02 -26.75
C GLU C 67 -7.90 -31.68 -26.48
N TYR C 68 -9.09 -31.50 -27.05
CA TYR C 68 -9.82 -30.27 -26.84
C TYR C 68 -11.23 -30.64 -26.40
N GLY C 69 -11.46 -31.93 -26.22
CA GLY C 69 -12.76 -32.42 -25.82
C GLY C 69 -13.51 -33.05 -26.97
N ARG C 70 -14.79 -33.31 -26.75
CA ARG C 70 -15.66 -33.89 -27.76
C ARG C 70 -16.37 -32.75 -28.47
N ILE C 71 -15.84 -32.34 -29.62
CA ILE C 71 -16.40 -31.20 -30.34
C ILE C 71 -16.69 -31.46 -31.82
N ILE C 72 -17.89 -31.08 -32.26
CA ILE C 72 -18.27 -31.24 -33.65
C ILE C 72 -18.63 -29.86 -34.21
N ALA C 73 -18.42 -29.67 -35.51
CA ALA C 73 -18.74 -28.41 -36.15
C ALA C 73 -19.62 -28.67 -37.36
N SER C 74 -20.58 -27.79 -37.62
CA SER C 74 -21.45 -27.99 -38.77
C SER C 74 -21.62 -26.72 -39.61
N ALA C 75 -21.78 -26.94 -40.92
CA ALA C 75 -21.99 -25.86 -41.87
C ALA C 75 -23.29 -26.13 -42.62
N SER C 76 -24.11 -25.09 -42.76
CA SER C 76 -25.39 -25.23 -43.43
C SER C 76 -25.65 -24.15 -44.47
N TYR C 77 -26.69 -24.38 -45.28
CA TYR C 77 -27.08 -23.43 -46.32
C TYR C 77 -27.72 -22.19 -45.68
N ASP C 78 -27.92 -22.24 -44.37
CA ASP C 78 -28.50 -21.12 -43.65
C ASP C 78 -27.43 -20.07 -43.29
N LYS C 79 -26.35 -20.07 -44.06
CA LYS C 79 -25.25 -19.12 -43.91
C LYS C 79 -24.54 -19.12 -42.56
N THR C 80 -24.74 -20.16 -41.76
CA THR C 80 -24.09 -20.21 -40.46
C THR C 80 -23.20 -21.43 -40.20
N VAL C 81 -22.40 -21.34 -39.13
CA VAL C 81 -21.54 -22.45 -38.71
C VAL C 81 -21.80 -22.61 -37.22
N LYS C 82 -22.11 -23.82 -36.78
CA LYS C 82 -22.38 -24.01 -35.36
C LYS C 82 -21.42 -24.99 -34.73
N LEU C 83 -21.13 -24.75 -33.45
CA LEU C 83 -20.21 -25.62 -32.73
C LEU C 83 -20.90 -26.34 -31.58
N TRP C 84 -20.60 -27.63 -31.41
CA TRP C 84 -21.25 -28.41 -30.38
C TRP C 84 -20.26 -29.22 -29.55
N GLU C 85 -20.61 -29.42 -28.28
CA GLU C 85 -19.79 -30.20 -27.35
C GLU C 85 -20.65 -31.25 -26.65
N GLU C 86 -20.19 -32.49 -26.65
CA GLU C 86 -20.94 -33.57 -26.02
C GLU C 86 -20.96 -33.44 -24.50
N ASP C 87 -22.15 -33.56 -23.92
CA ASP C 87 -22.31 -33.52 -22.47
C ASP C 87 -22.60 -34.95 -22.00
N PRO C 88 -21.56 -35.68 -21.56
CA PRO C 88 -21.65 -37.07 -21.09
C PRO C 88 -22.69 -37.32 -20.00
N ASP C 89 -23.25 -36.26 -19.43
CA ASP C 89 -24.24 -36.38 -18.36
C ASP C 89 -25.67 -36.34 -18.91
N GLN C 90 -25.86 -36.89 -20.10
CA GLN C 90 -27.17 -36.93 -20.75
C GLN C 90 -27.39 -38.30 -21.38
N GLU C 91 -28.64 -38.76 -21.39
CA GLU C 91 -28.95 -40.05 -21.98
C GLU C 91 -28.75 -39.98 -23.48
N GLU C 92 -28.34 -41.10 -24.07
CA GLU C 92 -28.16 -41.16 -25.51
C GLU C 92 -29.54 -41.20 -26.17
N CYS C 93 -29.65 -40.60 -27.35
CA CYS C 93 -30.90 -40.52 -28.13
C CYS C 93 -31.88 -39.51 -27.54
N SER C 94 -31.45 -38.80 -26.49
CA SER C 94 -32.30 -37.80 -25.83
C SER C 94 -32.44 -36.51 -26.64
N GLY C 95 -31.59 -36.33 -27.64
CA GLY C 95 -31.64 -35.12 -28.45
C GLY C 95 -31.01 -33.94 -27.73
N ARG C 96 -30.59 -34.15 -26.48
CA ARG C 96 -29.97 -33.10 -25.69
C ARG C 96 -28.56 -33.49 -25.27
N ARG C 97 -27.89 -34.31 -26.07
CA ARG C 97 -26.56 -34.76 -25.67
C ARG C 97 -25.47 -33.82 -26.19
N TRP C 98 -25.82 -32.97 -27.14
CA TRP C 98 -24.83 -32.02 -27.67
C TRP C 98 -25.32 -30.59 -27.58
N ASN C 99 -24.62 -29.79 -26.78
CA ASN C 99 -24.95 -28.39 -26.55
C ASN C 99 -24.26 -27.44 -27.51
N LYS C 100 -25.03 -26.53 -28.12
CA LYS C 100 -24.43 -25.55 -29.02
C LYS C 100 -23.47 -24.69 -28.21
N LEU C 101 -22.25 -24.52 -28.70
CA LEU C 101 -21.27 -23.73 -27.97
C LEU C 101 -21.14 -22.34 -28.55
N CYS C 102 -21.65 -22.17 -29.77
CA CYS C 102 -21.56 -20.92 -30.50
C CYS C 102 -22.13 -21.05 -31.90
N THR C 103 -22.23 -19.88 -32.53
CA THR C 103 -22.72 -19.74 -33.87
C THR C 103 -21.94 -18.65 -34.59
N LEU C 104 -21.57 -18.93 -35.83
CA LEU C 104 -20.81 -18.01 -36.64
C LEU C 104 -21.69 -17.59 -37.82
N ASN C 105 -22.12 -16.33 -37.77
CA ASN C 105 -23.01 -15.75 -38.78
C ASN C 105 -22.35 -14.81 -39.78
N ASP C 106 -21.05 -14.60 -39.64
CA ASP C 106 -20.29 -13.71 -40.53
C ASP C 106 -20.50 -13.96 -42.03
N SER C 107 -20.74 -15.21 -42.40
CA SER C 107 -20.94 -15.54 -43.80
C SER C 107 -22.27 -14.95 -44.29
N LYS C 108 -22.24 -14.37 -45.48
CA LYS C 108 -23.43 -13.75 -46.06
C LYS C 108 -23.95 -14.58 -47.23
N GLY C 109 -23.45 -15.80 -47.33
CA GLY C 109 -23.86 -16.72 -48.36
C GLY C 109 -23.88 -18.09 -47.72
N SER C 110 -24.59 -19.05 -48.33
CA SER C 110 -24.65 -20.40 -47.79
C SER C 110 -23.24 -20.94 -47.61
N LEU C 111 -23.07 -21.93 -46.73
CA LEU C 111 -21.76 -22.52 -46.50
C LEU C 111 -21.67 -23.96 -47.02
N TYR C 112 -20.57 -24.30 -47.67
CA TYR C 112 -20.41 -25.65 -48.24
C TYR C 112 -19.42 -26.54 -47.49
N SER C 113 -18.47 -25.94 -46.77
CA SER C 113 -17.49 -26.75 -46.07
C SER C 113 -16.95 -26.12 -44.78
N VAL C 114 -16.53 -26.99 -43.87
CA VAL C 114 -15.95 -26.57 -42.60
C VAL C 114 -14.99 -27.67 -42.15
N LYS C 115 -13.75 -27.27 -41.85
CA LYS C 115 -12.74 -28.22 -41.41
C LYS C 115 -11.93 -27.69 -40.24
N PHE C 116 -11.73 -28.52 -39.23
CA PHE C 116 -10.94 -28.13 -38.07
C PHE C 116 -9.50 -28.14 -38.53
N ALA C 117 -8.65 -27.38 -37.85
CA ALA C 117 -7.24 -27.34 -38.22
C ALA C 117 -6.46 -28.39 -37.43
N PRO C 118 -5.20 -28.66 -37.83
CA PRO C 118 -4.40 -29.64 -37.08
C PRO C 118 -4.23 -29.20 -35.63
N ALA C 119 -4.41 -30.12 -34.69
CA ALA C 119 -4.32 -29.84 -33.27
C ALA C 119 -3.13 -28.98 -32.86
N HIS C 120 -1.97 -29.20 -33.49
CA HIS C 120 -0.76 -28.43 -33.17
C HIS C 120 -0.86 -26.92 -33.48
N LEU C 121 -2.07 -26.44 -33.71
CA LEU C 121 -2.30 -25.02 -34.00
C LEU C 121 -3.42 -24.44 -33.12
N GLY C 122 -3.93 -25.26 -32.21
CA GLY C 122 -5.01 -24.84 -31.32
C GLY C 122 -6.36 -25.08 -31.95
N LEU C 123 -7.44 -24.79 -31.24
CA LEU C 123 -8.75 -24.95 -31.83
C LEU C 123 -8.84 -23.87 -32.90
N LYS C 124 -8.84 -24.32 -34.14
CA LYS C 124 -8.88 -23.40 -35.25
C LYS C 124 -9.80 -24.07 -36.26
N LEU C 125 -10.31 -23.29 -37.20
CA LEU C 125 -11.19 -23.89 -38.21
C LEU C 125 -11.37 -22.96 -39.38
N ALA C 126 -11.89 -23.50 -40.46
CA ALA C 126 -12.10 -22.73 -41.65
C ALA C 126 -13.45 -23.01 -42.26
N CYS C 127 -13.94 -22.09 -43.08
CA CYS C 127 -15.22 -22.29 -43.74
C CYS C 127 -15.26 -21.50 -45.03
N LEU C 128 -16.06 -21.97 -45.97
CA LEU C 128 -16.18 -21.35 -47.29
C LEU C 128 -17.60 -21.53 -47.83
N GLY C 129 -18.13 -20.49 -48.46
CA GLY C 129 -19.47 -20.57 -49.01
C GLY C 129 -19.68 -19.89 -50.34
N ASN C 130 -20.90 -19.43 -50.55
CA ASN C 130 -21.27 -18.73 -51.78
C ASN C 130 -20.53 -17.41 -51.90
N ASP C 131 -20.39 -16.72 -50.76
CA ASP C 131 -19.71 -15.43 -50.72
C ASP C 131 -18.27 -15.49 -51.23
N GLY C 132 -17.79 -16.70 -51.53
CA GLY C 132 -16.45 -16.92 -52.03
C GLY C 132 -15.37 -16.40 -51.09
N ILE C 133 -15.70 -16.32 -49.81
CA ILE C 133 -14.73 -15.83 -48.83
C ILE C 133 -14.42 -16.84 -47.76
N LEU C 134 -13.17 -17.28 -47.73
CA LEU C 134 -12.70 -18.23 -46.74
C LEU C 134 -12.51 -17.51 -45.43
N ARG C 135 -12.94 -18.15 -44.35
CA ARG C 135 -12.80 -17.53 -43.04
C ARG C 135 -12.20 -18.50 -42.04
N LEU C 136 -11.24 -18.01 -41.27
CA LEU C 136 -10.58 -18.79 -40.24
C LEU C 136 -11.02 -18.26 -38.89
N TYR C 137 -11.37 -19.19 -37.99
CA TYR C 137 -11.81 -18.85 -36.64
C TYR C 137 -10.92 -19.54 -35.61
N ASP C 138 -10.66 -18.85 -34.51
CA ASP C 138 -9.82 -19.40 -33.43
C ASP C 138 -10.45 -19.33 -32.05
N ALA C 139 -10.37 -20.43 -31.30
CA ALA C 139 -10.86 -20.46 -29.94
C ALA C 139 -9.68 -20.09 -29.04
N LEU C 140 -9.26 -18.83 -29.15
CA LEU C 140 -8.11 -18.26 -28.43
C LEU C 140 -7.87 -18.80 -27.02
N GLU C 141 -8.91 -18.81 -26.19
CA GLU C 141 -8.78 -19.35 -24.84
C GLU C 141 -9.44 -20.72 -24.80
N PRO C 142 -8.63 -21.79 -24.91
CA PRO C 142 -9.08 -23.19 -24.90
C PRO C 142 -10.03 -23.55 -23.76
N SER C 143 -10.21 -22.64 -22.80
CA SER C 143 -11.11 -22.87 -21.69
C SER C 143 -12.51 -22.42 -22.08
N ASP C 144 -12.58 -21.30 -22.79
CA ASP C 144 -13.85 -20.77 -23.25
C ASP C 144 -14.18 -21.24 -24.65
N LEU C 145 -14.83 -22.40 -24.75
CA LEU C 145 -15.19 -22.96 -26.05
C LEU C 145 -16.41 -22.23 -26.61
N ARG C 146 -16.44 -20.91 -26.41
CA ARG C 146 -17.50 -20.06 -26.90
C ARG C 146 -16.82 -18.82 -27.45
N SER C 147 -15.62 -18.59 -26.94
CA SER C 147 -14.79 -17.45 -27.33
C SER C 147 -14.24 -17.59 -28.74
N TRP C 148 -15.11 -17.77 -29.73
CA TRP C 148 -14.63 -17.92 -31.09
C TRP C 148 -14.50 -16.61 -31.84
N THR C 149 -13.25 -16.21 -32.03
CA THR C 149 -12.87 -14.99 -32.71
C THR C 149 -12.63 -15.30 -34.18
N LEU C 150 -12.67 -14.29 -35.03
CA LEU C 150 -12.43 -14.49 -36.46
C LEU C 150 -10.97 -14.16 -36.73
N THR C 151 -10.20 -15.18 -37.10
CA THR C 151 -8.78 -15.03 -37.35
C THR C 151 -8.46 -14.48 -38.74
N SER C 152 -9.25 -14.83 -39.75
CA SER C 152 -8.91 -14.35 -41.09
C SER C 152 -10.01 -14.44 -42.14
N GLU C 153 -9.90 -13.60 -43.16
CA GLU C 153 -10.84 -13.58 -44.27
C GLU C 153 -10.09 -13.38 -45.57
N MET C 154 -10.32 -14.27 -46.52
CA MET C 154 -9.65 -14.20 -47.81
C MET C 154 -10.64 -14.36 -48.95
N LYS C 155 -10.46 -13.55 -49.99
CA LYS C 155 -11.34 -13.63 -51.14
C LYS C 155 -10.77 -14.68 -52.09
N VAL C 156 -11.41 -15.85 -52.14
CA VAL C 156 -10.96 -16.92 -53.03
C VAL C 156 -11.38 -16.59 -54.45
N LEU C 157 -12.68 -16.47 -54.66
CA LEU C 157 -13.24 -16.11 -55.95
C LEU C 157 -13.46 -14.61 -55.93
N SER C 158 -13.41 -13.95 -57.09
CA SER C 158 -13.57 -12.51 -57.11
C SER C 158 -14.93 -12.04 -57.62
N ILE C 159 -15.45 -12.69 -58.66
CA ILE C 159 -16.72 -12.27 -59.24
C ILE C 159 -17.72 -13.41 -59.49
N PRO C 160 -18.35 -13.95 -58.43
CA PRO C 160 -19.34 -15.03 -58.55
C PRO C 160 -20.68 -14.56 -59.13
N PRO C 161 -21.01 -14.94 -60.38
CA PRO C 161 -22.25 -14.56 -61.06
C PRO C 161 -23.53 -15.02 -60.36
N ALA C 162 -24.43 -14.08 -60.12
CA ALA C 162 -25.71 -14.29 -59.43
C ALA C 162 -26.71 -15.30 -60.03
N ASN C 163 -26.31 -16.12 -60.99
CA ASN C 163 -27.25 -17.07 -61.59
C ASN C 163 -26.70 -18.47 -61.83
N HIS C 164 -26.14 -19.09 -60.80
CA HIS C 164 -25.58 -20.42 -60.95
C HIS C 164 -25.83 -21.39 -59.79
N LEU C 165 -26.61 -22.43 -60.06
CA LEU C 165 -26.89 -23.47 -59.08
C LEU C 165 -25.64 -24.35 -59.01
N GLN C 166 -24.87 -24.30 -60.09
CA GLN C 166 -23.63 -25.06 -60.23
C GLN C 166 -22.50 -24.47 -59.37
N SER C 167 -22.54 -24.76 -58.08
CA SER C 167 -21.53 -24.23 -57.17
C SER C 167 -20.97 -25.33 -56.28
N ASP C 168 -19.64 -25.34 -56.13
CA ASP C 168 -18.98 -26.28 -55.26
C ASP C 168 -17.72 -25.67 -54.66
N PHE C 169 -17.48 -25.97 -53.38
CA PHE C 169 -16.32 -25.48 -52.66
C PHE C 169 -15.85 -26.55 -51.70
N CYS C 170 -14.54 -26.68 -51.55
CA CYS C 170 -14.00 -27.69 -50.63
C CYS C 170 -12.78 -27.17 -49.88
N LEU C 171 -12.56 -27.71 -48.69
CA LEU C 171 -11.43 -27.33 -47.87
C LEU C 171 -10.67 -28.54 -47.39
N SER C 172 -9.41 -28.33 -47.02
CA SER C 172 -8.59 -29.41 -46.49
C SER C 172 -7.29 -28.83 -45.98
N TRP C 173 -7.02 -28.98 -44.69
CA TRP C 173 -5.78 -28.47 -44.13
C TRP C 173 -4.64 -29.43 -44.36
N CYS C 174 -3.43 -28.91 -44.25
CA CYS C 174 -2.26 -29.77 -44.37
C CYS C 174 -2.15 -30.35 -42.98
N PRO C 175 -2.33 -31.66 -42.84
CA PRO C 175 -2.27 -32.30 -41.53
C PRO C 175 -0.89 -32.22 -40.88
N SER C 176 0.15 -32.26 -41.72
CA SER C 176 1.54 -32.24 -41.28
C SER C 176 1.82 -31.34 -40.07
N ARG C 177 2.47 -31.93 -39.08
CA ARG C 177 2.84 -31.25 -37.84
C ARG C 177 4.17 -30.51 -37.96
N PHE C 178 5.06 -31.01 -38.80
CA PHE C 178 6.38 -30.42 -38.98
C PHE C 178 6.51 -29.70 -40.31
N SER C 179 5.45 -29.01 -40.70
CA SER C 179 5.43 -28.26 -41.94
C SER C 179 4.70 -26.96 -41.66
N PRO C 180 5.12 -25.86 -42.33
CA PRO C 180 4.46 -24.57 -42.12
C PRO C 180 2.97 -24.60 -42.42
N GLU C 181 2.20 -23.99 -41.53
CA GLU C 181 0.74 -23.92 -41.65
C GLU C 181 0.30 -23.58 -43.06
N LYS C 182 -0.61 -24.39 -43.60
CA LYS C 182 -1.15 -24.17 -44.93
C LYS C 182 -2.38 -25.05 -45.18
N LEU C 183 -3.21 -24.62 -46.12
CA LEU C 183 -4.42 -25.38 -46.45
C LEU C 183 -4.86 -25.24 -47.91
N ALA C 184 -5.53 -26.28 -48.40
CA ALA C 184 -6.00 -26.30 -49.78
C ALA C 184 -7.47 -25.93 -49.83
N VAL C 185 -7.85 -25.32 -50.95
CA VAL C 185 -9.21 -24.83 -51.22
C VAL C 185 -9.63 -25.02 -52.66
N SER C 186 -10.81 -25.59 -52.88
CA SER C 186 -11.30 -25.74 -54.24
C SER C 186 -12.51 -24.83 -54.40
N ALA C 187 -12.58 -24.19 -55.55
CA ALA C 187 -13.66 -23.27 -55.89
C ALA C 187 -14.01 -23.37 -57.37
N LEU C 188 -14.99 -24.22 -57.67
CA LEU C 188 -15.46 -24.44 -59.03
C LEU C 188 -14.41 -25.24 -59.78
N GLU C 189 -13.84 -24.58 -60.78
CA GLU C 189 -12.83 -25.20 -61.61
C GLU C 189 -11.48 -25.00 -60.95
N GLN C 190 -11.34 -23.90 -60.21
CA GLN C 190 -10.06 -23.62 -59.57
C GLN C 190 -9.79 -24.40 -58.29
N ALA C 191 -8.50 -24.47 -57.95
CA ALA C 191 -8.02 -25.13 -56.74
C ALA C 191 -6.72 -24.43 -56.38
N ILE C 192 -6.72 -23.74 -55.25
CA ILE C 192 -5.54 -23.00 -54.81
C ILE C 192 -5.14 -23.31 -53.38
N ILE C 193 -3.84 -23.13 -53.11
CA ILE C 193 -3.24 -23.41 -51.81
C ILE C 193 -2.84 -22.13 -51.08
N TYR C 194 -3.13 -22.08 -49.78
CA TYR C 194 -2.77 -20.92 -48.97
C TYR C 194 -1.71 -21.37 -47.97
N GLN C 195 -0.82 -20.45 -47.62
CA GLN C 195 0.24 -20.72 -46.67
C GLN C 195 0.39 -19.54 -45.72
N ARG C 196 0.69 -19.82 -44.46
CA ARG C 196 0.88 -18.78 -43.49
C ARG C 196 2.20 -18.08 -43.80
N GLY C 197 2.18 -16.75 -43.83
CA GLY C 197 3.39 -16.00 -44.09
C GLY C 197 4.05 -15.63 -42.79
N LYS C 198 5.18 -14.94 -42.87
CA LYS C 198 5.89 -14.50 -41.67
C LYS C 198 5.05 -13.44 -40.96
N ASP C 199 4.19 -12.79 -41.73
CA ASP C 199 3.30 -11.74 -41.25
C ASP C 199 1.99 -12.25 -40.65
N GLY C 200 1.91 -13.56 -40.41
CA GLY C 200 0.72 -14.16 -39.83
C GLY C 200 -0.55 -14.06 -40.68
N LYS C 201 -0.37 -13.82 -41.98
CA LYS C 201 -1.49 -13.70 -42.91
C LYS C 201 -1.42 -14.80 -43.97
N LEU C 202 -2.57 -15.16 -44.53
CA LEU C 202 -2.60 -16.17 -45.57
C LEU C 202 -2.27 -15.55 -46.92
N HIS C 203 -1.50 -16.28 -47.71
CA HIS C 203 -1.11 -15.83 -49.04
C HIS C 203 -1.30 -16.99 -49.99
N VAL C 204 -1.56 -16.73 -51.27
CA VAL C 204 -1.71 -17.83 -52.20
C VAL C 204 -0.30 -18.26 -52.57
N ALA C 205 0.04 -19.49 -52.21
CA ALA C 205 1.38 -19.99 -52.48
C ALA C 205 1.48 -20.89 -53.71
N ALA C 206 0.34 -21.22 -54.31
CA ALA C 206 0.29 -22.06 -55.51
C ALA C 206 -1.13 -22.43 -55.91
N LYS C 207 -1.23 -23.03 -57.08
CA LYS C 207 -2.49 -23.49 -57.65
C LYS C 207 -2.30 -24.88 -58.25
N LEU C 208 -3.35 -25.71 -58.21
CA LEU C 208 -3.30 -27.06 -58.77
C LEU C 208 -3.99 -27.09 -60.13
N PRO C 209 -3.26 -26.73 -61.20
CA PRO C 209 -3.77 -26.68 -62.58
C PRO C 209 -4.19 -28.01 -63.17
N GLY C 210 -5.07 -27.96 -64.17
CA GLY C 210 -5.52 -29.15 -64.88
C GLY C 210 -7.00 -29.49 -64.82
N HIS C 211 -7.71 -28.99 -63.81
CA HIS C 211 -9.13 -29.30 -63.69
C HIS C 211 -9.94 -28.62 -64.80
N LYS C 212 -10.70 -29.42 -65.54
CA LYS C 212 -11.50 -28.92 -66.64
C LYS C 212 -12.99 -28.97 -66.34
N SER C 213 -13.35 -28.78 -65.07
CA SER C 213 -14.75 -28.81 -64.63
C SER C 213 -14.85 -28.53 -63.13
N LEU C 214 -15.94 -28.98 -62.52
CA LEU C 214 -16.16 -28.76 -61.10
C LEU C 214 -15.44 -29.75 -60.20
N ILE C 215 -14.76 -29.23 -59.19
CA ILE C 215 -14.03 -30.06 -58.24
C ILE C 215 -14.98 -30.49 -57.13
N ARG C 216 -15.36 -31.76 -57.12
CA ARG C 216 -16.29 -32.27 -56.12
C ARG C 216 -15.66 -32.53 -54.74
N SER C 217 -14.38 -32.86 -54.71
CA SER C 217 -13.70 -33.17 -53.45
C SER C 217 -12.19 -33.01 -53.52
N ILE C 218 -11.59 -32.73 -52.37
CA ILE C 218 -10.15 -32.58 -52.22
C ILE C 218 -9.78 -32.88 -50.78
N SER C 219 -8.61 -33.50 -50.61
CA SER C 219 -8.11 -33.78 -49.28
C SER C 219 -6.59 -33.86 -49.25
N TRP C 220 -6.00 -33.22 -48.25
CA TRP C 220 -4.57 -33.21 -48.06
C TRP C 220 -4.20 -34.52 -47.41
N ALA C 221 -3.12 -35.15 -47.86
CA ALA C 221 -2.74 -36.42 -47.28
C ALA C 221 -1.75 -36.28 -46.15
N PRO C 222 -1.84 -37.17 -45.14
CA PRO C 222 -0.91 -37.16 -44.03
C PRO C 222 0.48 -37.46 -44.59
N SER C 223 1.44 -36.56 -44.39
CA SER C 223 2.78 -36.80 -44.93
C SER C 223 3.73 -37.42 -43.92
N ILE C 224 3.26 -38.47 -43.24
CA ILE C 224 4.09 -39.17 -42.26
C ILE C 224 5.21 -39.87 -43.01
N GLY C 225 6.46 -39.56 -42.67
CA GLY C 225 7.56 -40.20 -43.35
C GLY C 225 8.08 -39.44 -44.55
N ARG C 226 7.19 -38.86 -45.37
CA ARG C 226 7.64 -38.11 -46.54
C ARG C 226 8.09 -36.69 -46.24
N TRP C 227 8.81 -36.10 -47.19
CA TRP C 227 9.32 -34.73 -47.09
C TRP C 227 8.49 -33.81 -47.97
N TYR C 228 7.64 -34.42 -48.79
CA TYR C 228 6.75 -33.70 -49.68
C TYR C 228 5.30 -33.83 -49.22
N GLN C 229 4.41 -33.15 -49.91
CA GLN C 229 2.99 -33.19 -49.57
C GLN C 229 2.21 -33.76 -50.75
N LEU C 230 1.08 -34.38 -50.47
CA LEU C 230 0.28 -34.93 -51.55
C LEU C 230 -1.17 -34.56 -51.37
N ILE C 231 -1.77 -33.96 -52.38
CA ILE C 231 -3.20 -33.69 -52.26
C ILE C 231 -3.90 -34.23 -53.50
N ALA C 232 -5.03 -34.89 -53.27
CA ALA C 232 -5.80 -35.50 -54.33
C ALA C 232 -7.11 -34.75 -54.55
N THR C 233 -7.60 -34.80 -55.79
CA THR C 233 -8.85 -34.13 -56.15
C THR C 233 -9.72 -34.98 -57.07
N GLY C 234 -11.02 -34.97 -56.79
CA GLY C 234 -11.98 -35.69 -57.60
C GLY C 234 -12.80 -34.68 -58.39
N CYS C 235 -12.51 -34.56 -59.68
CA CYS C 235 -13.20 -33.60 -60.53
C CYS C 235 -14.44 -34.15 -61.21
N LYS C 236 -15.24 -33.24 -61.77
CA LYS C 236 -16.47 -33.59 -62.47
C LYS C 236 -16.14 -34.13 -63.87
N ASP C 237 -14.96 -33.78 -64.38
CA ASP C 237 -14.53 -34.24 -65.69
C ASP C 237 -14.17 -35.72 -65.69
N GLY C 238 -14.44 -36.38 -64.56
CA GLY C 238 -14.19 -37.80 -64.42
C GLY C 238 -12.78 -38.22 -64.12
N ARG C 239 -12.00 -37.31 -63.55
CA ARG C 239 -10.61 -37.64 -63.26
C ARG C 239 -10.15 -37.39 -61.82
N ILE C 240 -9.42 -38.37 -61.32
CA ILE C 240 -8.82 -38.31 -60.01
C ILE C 240 -7.46 -37.71 -60.29
N ARG C 241 -6.99 -36.81 -59.45
CA ARG C 241 -5.68 -36.25 -59.70
C ARG C 241 -4.89 -36.26 -58.40
N ILE C 242 -3.60 -36.55 -58.50
CA ILE C 242 -2.77 -36.55 -57.31
C ILE C 242 -1.57 -35.68 -57.57
N PHE C 243 -1.47 -34.62 -56.76
CA PHE C 243 -0.40 -33.64 -56.88
C PHE C 243 0.65 -33.75 -55.77
N LYS C 244 1.91 -33.68 -56.20
CA LYS C 244 3.06 -33.71 -55.30
C LYS C 244 3.50 -32.26 -55.12
N ILE C 245 3.53 -31.81 -53.87
CA ILE C 245 3.93 -30.45 -53.57
C ILE C 245 5.18 -30.42 -52.72
N THR C 246 6.24 -29.82 -53.27
CA THR C 246 7.50 -29.72 -52.56
C THR C 246 7.86 -28.27 -52.29
N GLU C 247 8.47 -28.00 -51.15
CA GLU C 247 8.90 -26.64 -50.82
C GLU C 247 10.41 -26.61 -50.65
N LYS C 248 11.07 -25.91 -51.56
CA LYS C 248 12.52 -25.78 -51.54
C LYS C 248 12.96 -24.33 -51.37
N LEU C 288 4.55 -17.81 -58.63
CA LEU C 288 5.09 -16.53 -59.07
C LEU C 288 5.85 -15.84 -57.94
N GLN C 289 5.53 -16.22 -56.71
CA GLN C 289 6.16 -15.65 -55.52
C GLN C 289 6.23 -16.75 -54.47
N SER C 290 6.12 -17.98 -54.95
CA SER C 290 6.10 -19.14 -54.07
C SER C 290 7.44 -19.70 -53.63
N ASN C 291 7.33 -20.60 -52.67
CA ASN C 291 8.43 -21.38 -52.15
C ASN C 291 7.97 -22.81 -52.28
N LEU C 292 6.87 -22.97 -53.03
CA LEU C 292 6.24 -24.26 -53.28
C LEU C 292 6.28 -24.70 -54.75
N GLN C 293 6.63 -25.96 -54.95
CA GLN C 293 6.69 -26.56 -56.26
C GLN C 293 5.42 -27.36 -56.43
N VAL C 294 5.01 -27.61 -57.66
CA VAL C 294 3.81 -28.41 -57.89
C VAL C 294 3.95 -29.38 -59.04
N GLU C 295 3.93 -30.66 -58.69
CA GLU C 295 4.03 -31.75 -59.65
C GLU C 295 2.69 -32.43 -59.76
N LEU C 296 2.41 -33.01 -60.91
CA LEU C 296 1.19 -33.80 -61.00
C LEU C 296 1.74 -35.21 -61.00
N LEU C 297 1.31 -36.01 -60.04
CA LEU C 297 1.78 -37.38 -59.99
C LEU C 297 0.87 -38.27 -60.80
N SER C 298 -0.42 -38.21 -60.51
CA SER C 298 -1.31 -39.08 -61.27
C SER C 298 -2.65 -38.50 -61.72
N GLU C 299 -3.22 -39.19 -62.70
CA GLU C 299 -4.53 -38.89 -63.25
C GLU C 299 -5.20 -40.22 -63.49
N HIS C 300 -6.47 -40.33 -63.14
CA HIS C 300 -7.17 -41.59 -63.35
C HIS C 300 -8.65 -41.37 -63.71
N ASP C 301 -9.07 -41.98 -64.81
CA ASP C 301 -10.44 -41.82 -65.28
C ASP C 301 -11.25 -43.10 -65.12
N ASP C 302 -10.63 -44.10 -64.48
CA ASP C 302 -11.24 -45.42 -64.23
C ASP C 302 -12.72 -45.38 -63.86
N HIS C 303 -13.17 -44.25 -63.33
CA HIS C 303 -14.55 -44.08 -62.89
C HIS C 303 -15.55 -43.78 -64.02
N ASN C 304 -15.05 -43.23 -65.13
CA ASN C 304 -15.89 -42.86 -66.27
C ASN C 304 -17.15 -42.17 -65.77
N GLY C 305 -16.97 -40.94 -65.32
CA GLY C 305 -18.05 -40.13 -64.78
C GLY C 305 -17.43 -39.31 -63.66
N GLU C 306 -18.22 -38.49 -62.98
CA GLU C 306 -17.70 -37.64 -61.93
C GLU C 306 -17.21 -38.38 -60.69
N VAL C 307 -16.09 -37.92 -60.14
CA VAL C 307 -15.53 -38.48 -58.91
C VAL C 307 -16.03 -37.58 -57.80
N TRP C 308 -16.93 -38.09 -56.98
CA TRP C 308 -17.55 -37.33 -55.91
C TRP C 308 -16.74 -37.27 -54.60
N SER C 309 -16.19 -38.40 -54.19
CA SER C 309 -15.44 -38.45 -52.94
C SER C 309 -14.01 -38.91 -53.06
N VAL C 310 -13.11 -38.19 -52.38
CA VAL C 310 -11.70 -38.53 -52.35
C VAL C 310 -11.27 -38.46 -50.89
N SER C 311 -10.73 -39.56 -50.39
CA SER C 311 -10.33 -39.64 -48.99
C SER C 311 -8.98 -40.32 -48.80
N TRP C 312 -8.33 -40.05 -47.68
CA TRP C 312 -7.04 -40.64 -47.37
C TRP C 312 -7.00 -41.53 -46.14
N ASN C 313 -5.90 -42.28 -46.07
CA ASN C 313 -5.59 -43.19 -44.98
C ASN C 313 -5.29 -42.36 -43.75
N LEU C 314 -4.99 -43.02 -42.63
CA LEU C 314 -4.62 -42.27 -41.44
C LEU C 314 -3.13 -42.03 -41.57
N THR C 315 -2.49 -42.89 -42.36
CA THR C 315 -1.06 -42.79 -42.60
C THR C 315 -0.76 -42.18 -43.98
N GLY C 316 -1.81 -41.92 -44.75
CA GLY C 316 -1.65 -41.36 -46.08
C GLY C 316 -0.99 -42.42 -46.94
N THR C 317 -1.29 -43.67 -46.62
CA THR C 317 -0.74 -44.83 -47.31
C THR C 317 -1.72 -45.33 -48.36
N ILE C 318 -3.01 -45.07 -48.12
CA ILE C 318 -4.07 -45.48 -49.05
C ILE C 318 -4.92 -44.27 -49.40
N LEU C 319 -5.35 -44.20 -50.65
CA LEU C 319 -6.20 -43.11 -51.11
C LEU C 319 -7.49 -43.71 -51.65
N SER C 320 -8.63 -43.11 -51.34
CA SER C 320 -9.88 -43.67 -51.83
C SER C 320 -10.62 -42.74 -52.78
N SER C 321 -11.39 -43.33 -53.69
CA SER C 321 -12.18 -42.54 -54.63
C SER C 321 -13.51 -43.19 -54.94
N ALA C 322 -14.55 -42.39 -55.09
CA ALA C 322 -15.87 -42.92 -55.40
C ALA C 322 -16.54 -42.04 -56.45
N GLY C 323 -17.40 -42.63 -57.28
CA GLY C 323 -18.06 -41.84 -58.31
C GLY C 323 -19.33 -42.40 -58.92
N ASP C 324 -19.70 -41.87 -60.08
CA ASP C 324 -20.90 -42.27 -60.81
C ASP C 324 -21.04 -43.77 -61.05
N ASP C 325 -19.95 -44.44 -61.46
CA ASP C 325 -19.98 -45.87 -61.72
C ASP C 325 -20.42 -46.72 -60.52
N GLY C 326 -20.69 -46.08 -59.39
CA GLY C 326 -21.12 -46.79 -58.20
C GLY C 326 -20.05 -47.70 -57.65
N LYS C 327 -18.79 -47.27 -57.78
CA LYS C 327 -17.66 -48.06 -57.32
C LYS C 327 -16.68 -47.23 -56.50
N VAL C 328 -16.03 -47.89 -55.55
CA VAL C 328 -15.01 -47.26 -54.71
C VAL C 328 -13.67 -47.87 -55.07
N ARG C 329 -12.65 -47.05 -55.27
CA ARG C 329 -11.34 -47.57 -55.61
C ARG C 329 -10.28 -47.18 -54.60
N LEU C 330 -9.44 -48.15 -54.26
CA LEU C 330 -8.35 -47.92 -53.31
C LEU C 330 -7.02 -47.86 -54.06
N TRP C 331 -6.22 -46.85 -53.75
CA TRP C 331 -4.95 -46.65 -54.42
C TRP C 331 -3.75 -46.62 -53.47
N LYS C 332 -2.68 -47.28 -53.90
CA LYS C 332 -1.42 -47.33 -53.17
C LYS C 332 -0.36 -46.72 -54.07
N ALA C 333 0.74 -46.25 -53.50
CA ALA C 333 1.79 -45.65 -54.32
C ALA C 333 2.83 -46.68 -54.72
N THR C 334 3.34 -46.58 -55.95
CA THR C 334 4.36 -47.49 -56.42
C THR C 334 5.71 -47.09 -55.83
N TYR C 335 6.74 -47.88 -56.14
CA TYR C 335 8.08 -47.60 -55.65
C TYR C 335 8.61 -46.36 -56.39
N SER C 336 8.07 -46.15 -57.58
CA SER C 336 8.43 -45.04 -58.45
C SER C 336 7.65 -43.75 -58.14
N ASN C 337 6.70 -43.86 -57.21
CA ASN C 337 5.83 -42.77 -56.74
C ASN C 337 4.61 -42.54 -57.64
N GLU C 338 4.32 -43.52 -58.49
CA GLU C 338 3.14 -43.46 -59.34
C GLU C 338 2.04 -44.06 -58.47
N PHE C 339 0.78 -44.04 -58.89
CA PHE C 339 -0.25 -44.64 -58.04
C PHE C 339 -0.98 -45.75 -58.77
N LYS C 340 -1.20 -46.85 -58.06
CA LYS C 340 -1.84 -48.03 -58.63
C LYS C 340 -3.09 -48.46 -57.85
N CYS C 341 -4.11 -48.89 -58.57
CA CYS C 341 -5.36 -49.34 -57.96
C CYS C 341 -5.20 -50.73 -57.34
N MET C 342 -5.18 -50.80 -56.01
CA MET C 342 -5.01 -52.09 -55.33
C MET C 342 -6.29 -52.87 -55.09
N SER C 343 -7.44 -52.28 -55.43
CA SER C 343 -8.75 -52.94 -55.29
C SER C 343 -9.92 -52.04 -55.67
N VAL C 344 -11.00 -52.71 -56.08
CA VAL C 344 -12.24 -52.07 -56.51
C VAL C 344 -13.46 -52.66 -55.80
N ILE C 345 -14.07 -51.86 -54.94
CA ILE C 345 -15.24 -52.27 -54.20
C ILE C 345 -16.47 -51.76 -54.97
N THR C 346 -17.63 -52.39 -54.80
CA THR C 346 -18.83 -51.96 -55.52
C THR C 346 -20.12 -52.24 -54.77
N ILE D 18 -8.66 -56.28 -58.22
CA ILE D 18 -9.56 -57.12 -57.44
C ILE D 18 -10.93 -56.47 -57.30
N LEU D 19 -11.98 -57.22 -57.62
CA LEU D 19 -13.34 -56.72 -57.48
C LEU D 19 -14.05 -57.44 -56.34
N VAL D 20 -14.46 -56.67 -55.33
CA VAL D 20 -15.15 -57.23 -54.18
C VAL D 20 -16.51 -56.54 -54.04
N PRO D 21 -17.54 -57.29 -53.61
CA PRO D 21 -18.86 -56.69 -53.44
C PRO D 21 -18.99 -55.95 -52.11
N MET D 22 -19.12 -54.62 -52.20
CA MET D 22 -19.26 -53.72 -51.06
C MET D 22 -20.12 -54.31 -49.96
N THR D 23 -21.24 -54.89 -50.36
CA THR D 23 -22.16 -55.52 -49.44
C THR D 23 -22.93 -56.58 -50.19
N VAL D 24 -22.57 -57.85 -49.99
CA VAL D 24 -23.25 -58.93 -50.70
C VAL D 24 -24.64 -59.18 -50.08
N ASN D 25 -25.39 -58.10 -49.93
CA ASN D 25 -26.74 -58.14 -49.38
C ASN D 25 -27.57 -57.04 -50.03
N ASP D 26 -27.32 -55.81 -49.59
CA ASP D 26 -28.02 -54.64 -50.10
C ASP D 26 -27.12 -53.80 -51.01
N GLN D 27 -27.29 -53.94 -52.32
CA GLN D 27 -26.57 -53.12 -53.28
C GLN D 27 -27.37 -51.87 -53.63
N PRO D 28 -26.79 -50.69 -53.36
CA PRO D 28 -27.50 -49.40 -53.43
C PRO D 28 -27.78 -48.86 -54.83
N ILE D 29 -27.41 -49.58 -55.88
CA ILE D 29 -27.66 -49.11 -57.24
C ILE D 29 -28.24 -50.28 -58.05
N GLU D 30 -28.70 -50.00 -59.27
CA GLU D 30 -29.29 -51.02 -60.15
C GLU D 30 -28.99 -50.67 -61.61
N LYS D 31 -29.87 -49.86 -62.21
CA LYS D 31 -29.71 -49.42 -63.59
C LYS D 31 -28.79 -48.20 -63.65
N ASN D 32 -28.47 -47.74 -64.86
CA ASN D 32 -27.66 -46.53 -64.97
C ASN D 32 -28.54 -45.33 -64.62
N GLY D 33 -29.73 -45.65 -64.10
CA GLY D 33 -30.74 -44.70 -63.69
C GLY D 33 -30.18 -43.55 -62.89
N ASP D 34 -29.72 -42.53 -63.61
CA ASP D 34 -29.12 -41.36 -63.00
C ASP D 34 -27.95 -41.77 -62.12
N LYS D 35 -26.78 -41.92 -62.73
CA LYS D 35 -25.55 -42.27 -62.01
C LYS D 35 -25.47 -41.47 -60.72
N MET D 36 -25.67 -42.15 -59.61
CA MET D 36 -25.65 -41.55 -58.27
C MET D 36 -24.27 -41.19 -57.74
N PRO D 37 -24.20 -40.07 -57.01
CA PRO D 37 -23.01 -39.58 -56.31
C PRO D 37 -22.62 -40.47 -55.13
N LEU D 38 -21.74 -41.43 -55.39
CA LEU D 38 -21.23 -42.30 -54.33
C LEU D 38 -20.08 -41.62 -53.59
N LYS D 39 -20.10 -41.71 -52.27
CA LYS D 39 -19.05 -41.11 -51.47
C LYS D 39 -18.45 -42.13 -50.51
N PHE D 40 -17.14 -42.03 -50.30
CA PHE D 40 -16.41 -42.98 -49.45
C PHE D 40 -15.36 -42.29 -48.58
N LYS D 41 -15.32 -42.67 -47.30
CA LYS D 41 -14.32 -42.14 -46.38
C LYS D 41 -13.61 -43.23 -45.59
N LEU D 42 -12.29 -43.25 -45.76
CA LEU D 42 -11.40 -44.17 -45.08
C LEU D 42 -11.34 -43.83 -43.60
N GLY D 43 -11.58 -44.81 -42.75
CA GLY D 43 -11.58 -44.59 -41.31
C GLY D 43 -10.22 -44.84 -40.68
N PRO D 44 -10.04 -44.36 -39.44
CA PRO D 44 -8.79 -44.52 -38.67
C PRO D 44 -8.46 -46.00 -38.46
N LEU D 45 -9.45 -46.86 -38.66
CA LEU D 45 -9.28 -48.30 -38.49
C LEU D 45 -9.47 -49.02 -39.83
N SER D 46 -8.44 -49.73 -40.26
CA SER D 46 -8.46 -50.48 -41.52
C SER D 46 -9.74 -51.27 -41.74
N TYR D 47 -10.21 -51.94 -40.69
CA TYR D 47 -11.40 -52.78 -40.78
C TYR D 47 -12.72 -52.04 -40.60
N GLN D 48 -12.67 -50.71 -40.60
CA GLN D 48 -13.90 -49.95 -40.43
C GLN D 48 -13.91 -48.64 -41.21
N ASN D 49 -14.32 -48.71 -42.47
CA ASN D 49 -14.39 -47.55 -43.33
C ASN D 49 -15.85 -47.29 -43.62
N MET D 50 -16.18 -46.38 -44.53
CA MET D 50 -17.60 -46.11 -44.74
C MET D 50 -17.98 -45.50 -46.08
N ALA D 51 -19.07 -46.00 -46.64
CA ALA D 51 -19.59 -45.52 -47.91
C ALA D 51 -21.05 -45.08 -47.76
N PHE D 52 -21.45 -44.11 -48.57
CA PHE D 52 -22.82 -43.61 -48.53
C PHE D 52 -23.16 -42.87 -49.83
N ILE D 53 -24.42 -42.51 -50.01
CA ILE D 53 -24.84 -41.82 -51.22
C ILE D 53 -25.66 -40.56 -50.99
N THR D 54 -25.30 -39.50 -51.69
CA THR D 54 -26.02 -38.22 -51.61
C THR D 54 -27.09 -38.20 -52.70
N ALA D 55 -28.20 -38.87 -52.41
CA ALA D 55 -29.32 -38.97 -53.35
C ALA D 55 -30.61 -39.26 -52.60
N LYS D 56 -31.75 -38.98 -53.25
CA LYS D 56 -33.05 -39.21 -52.64
C LYS D 56 -33.36 -40.69 -52.46
N ASP D 57 -33.87 -41.04 -51.29
CA ASP D 57 -34.25 -42.40 -50.93
C ASP D 57 -33.05 -43.34 -50.86
N LYS D 58 -31.90 -42.78 -50.50
CA LYS D 58 -30.66 -43.53 -50.34
C LYS D 58 -30.06 -43.01 -49.04
N TYR D 59 -30.59 -43.52 -47.92
CA TYR D 59 -30.17 -43.07 -46.61
C TYR D 59 -29.50 -44.15 -45.77
N LYS D 60 -28.94 -45.16 -46.43
CA LYS D 60 -28.27 -46.23 -45.70
C LYS D 60 -26.78 -45.94 -45.61
N LEU D 61 -26.14 -46.46 -44.57
CA LEU D 61 -24.70 -46.31 -44.41
C LEU D 61 -24.09 -47.68 -44.58
N TYR D 62 -23.02 -47.75 -45.38
CA TYR D 62 -22.39 -49.03 -45.65
C TYR D 62 -20.97 -49.13 -45.10
N PRO D 63 -20.81 -49.77 -43.94
CA PRO D 63 -19.47 -49.92 -43.36
C PRO D 63 -18.66 -50.89 -44.20
N VAL D 64 -17.53 -50.44 -44.70
CA VAL D 64 -16.70 -51.29 -45.56
C VAL D 64 -15.32 -51.53 -44.99
N ARG D 65 -14.82 -52.76 -45.03
CA ARG D 65 -13.48 -52.96 -44.54
C ARG D 65 -12.58 -53.20 -45.75
N ILE D 66 -11.35 -52.71 -45.64
CA ILE D 66 -10.38 -52.80 -46.73
C ILE D 66 -10.18 -54.23 -47.20
N PRO D 67 -10.39 -54.45 -48.51
CA PRO D 67 -10.26 -55.73 -49.21
C PRO D 67 -9.01 -56.51 -48.80
N ARG D 68 -9.20 -57.79 -48.47
CA ARG D 68 -8.11 -58.67 -48.08
C ARG D 68 -7.29 -58.09 -46.94
N LEU D 69 -7.94 -57.95 -45.79
CA LEU D 69 -7.32 -57.41 -44.59
C LEU D 69 -7.27 -58.55 -43.58
N ASP D 70 -6.20 -58.66 -42.82
CA ASP D 70 -6.10 -59.74 -41.84
C ASP D 70 -6.32 -59.25 -40.40
N THR D 71 -7.44 -59.66 -39.82
CA THR D 71 -7.81 -59.28 -38.47
C THR D 71 -7.58 -60.43 -37.49
N SER D 72 -7.35 -61.63 -38.04
CA SER D 72 -7.19 -62.84 -37.25
C SER D 72 -6.08 -62.78 -36.20
N LYS D 73 -6.22 -63.62 -35.18
CA LYS D 73 -5.26 -63.72 -34.08
C LYS D 73 -4.01 -64.45 -34.56
N GLU D 74 -4.23 -65.42 -35.44
CA GLU D 74 -3.17 -66.23 -36.03
C GLU D 74 -2.17 -65.33 -36.73
N PHE D 75 -2.71 -64.32 -37.42
CA PHE D 75 -1.90 -63.37 -38.15
C PHE D 75 -1.04 -62.55 -37.19
N SER D 76 -1.64 -61.99 -36.16
CA SER D 76 -0.87 -61.17 -35.23
C SER D 76 0.21 -62.03 -34.56
N ALA D 77 -0.08 -63.32 -34.38
CA ALA D 77 0.89 -64.24 -33.80
C ALA D 77 2.08 -64.37 -34.75
N TYR D 78 1.75 -64.51 -36.03
CA TYR D 78 2.71 -64.62 -37.11
C TYR D 78 3.63 -63.39 -37.12
N VAL D 79 2.98 -62.22 -37.09
CA VAL D 79 3.66 -60.94 -37.08
C VAL D 79 4.62 -60.83 -35.91
N SER D 80 4.14 -61.18 -34.72
CA SER D 80 4.98 -61.12 -33.53
C SER D 80 6.18 -62.03 -33.68
N GLY D 81 5.95 -63.26 -34.16
CA GLY D 81 7.03 -64.21 -34.34
C GLY D 81 8.09 -63.67 -35.28
N LEU D 82 7.65 -63.09 -36.39
CA LEU D 82 8.58 -62.56 -37.37
C LEU D 82 9.33 -61.36 -36.81
N PHE D 83 8.65 -60.52 -36.03
CA PHE D 83 9.32 -59.38 -35.45
C PHE D 83 10.37 -59.86 -34.49
N GLU D 84 10.08 -60.98 -33.83
CA GLU D 84 11.02 -61.56 -32.90
C GLU D 84 12.25 -61.95 -33.69
N ILE D 85 12.06 -62.65 -34.80
CA ILE D 85 13.20 -63.05 -35.63
C ILE D 85 14.01 -61.83 -36.10
N TYR D 86 13.31 -60.76 -36.46
CA TYR D 86 13.92 -59.53 -36.95
C TYR D 86 14.77 -58.83 -35.89
N ARG D 87 14.21 -58.78 -34.69
CA ARG D 87 14.82 -58.17 -33.52
C ARG D 87 16.03 -58.95 -33.04
N ASP D 88 15.85 -60.27 -32.98
CA ASP D 88 16.87 -61.20 -32.54
C ASP D 88 18.07 -61.23 -33.48
N LEU D 89 17.84 -60.88 -34.74
CA LEU D 89 18.91 -60.86 -35.73
C LEU D 89 20.02 -59.88 -35.37
N GLY D 90 19.73 -58.95 -34.46
CA GLY D 90 20.69 -57.95 -34.03
C GLY D 90 21.46 -57.31 -35.17
N ASP D 91 22.74 -57.05 -34.94
CA ASP D 91 23.59 -56.41 -35.94
C ASP D 91 23.62 -57.19 -37.26
N ASP D 92 23.26 -58.47 -37.19
CA ASP D 92 23.28 -59.33 -38.38
C ASP D 92 22.13 -59.04 -39.35
N ARG D 93 21.19 -58.16 -38.99
CA ARG D 93 20.12 -57.87 -39.95
C ARG D 93 20.67 -56.90 -40.99
N VAL D 94 21.89 -56.43 -40.75
CA VAL D 94 22.59 -55.52 -41.64
C VAL D 94 23.71 -56.32 -42.31
N PHE D 95 24.18 -55.86 -43.47
CA PHE D 95 25.24 -56.58 -44.18
C PHE D 95 26.43 -55.68 -44.47
N ASN D 96 27.59 -56.06 -43.95
CA ASN D 96 28.82 -55.30 -44.15
C ASN D 96 29.53 -55.70 -45.44
N VAL D 97 29.34 -54.87 -46.48
CA VAL D 97 29.92 -55.10 -47.80
C VAL D 97 31.39 -55.52 -47.76
N VAL D 103 38.63 -62.58 -35.77
CA VAL D 103 37.33 -62.04 -36.12
C VAL D 103 37.49 -61.34 -37.49
N ASN D 104 38.23 -61.97 -38.39
CA ASN D 104 38.43 -61.37 -39.71
C ASN D 104 37.68 -62.12 -40.82
N SER D 105 38.11 -63.34 -41.13
CA SER D 105 37.45 -64.11 -42.17
C SER D 105 36.25 -64.87 -41.59
N ASN D 106 36.13 -64.86 -40.27
CA ASN D 106 35.02 -65.54 -39.61
C ASN D 106 33.76 -64.70 -39.59
N PHE D 107 33.90 -63.38 -39.56
CA PHE D 107 32.72 -62.51 -39.55
C PHE D 107 31.78 -62.84 -40.71
N ALA D 108 32.36 -63.17 -41.85
CA ALA D 108 31.62 -63.53 -43.05
C ALA D 108 30.86 -64.83 -42.88
N LYS D 109 31.60 -65.90 -42.55
CA LYS D 109 31.02 -67.22 -42.37
C LYS D 109 29.97 -67.27 -41.26
N GLU D 110 30.26 -66.63 -40.14
CA GLU D 110 29.35 -66.60 -39.00
C GLU D 110 28.13 -65.75 -39.31
N HIS D 111 28.35 -64.75 -40.18
CA HIS D 111 27.27 -63.85 -40.57
C HIS D 111 26.29 -64.70 -41.33
N ASN D 112 26.80 -65.40 -42.33
CA ASN D 112 25.92 -66.25 -43.09
C ASN D 112 25.29 -67.28 -42.18
N ALA D 113 26.05 -67.84 -41.23
CA ALA D 113 25.51 -68.83 -40.29
C ALA D 113 24.19 -68.39 -39.66
N THR D 114 24.26 -67.25 -38.98
CA THR D 114 23.11 -66.71 -38.27
C THR D 114 22.00 -66.28 -39.21
N VAL D 115 22.36 -65.61 -40.30
CA VAL D 115 21.35 -65.19 -41.26
C VAL D 115 20.57 -66.38 -41.83
N ASN D 116 21.32 -67.39 -42.24
CA ASN D 116 20.78 -68.60 -42.82
C ASN D 116 19.81 -69.26 -41.82
N LEU D 117 20.14 -69.08 -40.55
CA LEU D 117 19.33 -69.65 -39.48
C LEU D 117 18.03 -68.85 -39.36
N ALA D 118 18.17 -67.53 -39.44
CA ALA D 118 17.03 -66.64 -39.38
C ALA D 118 16.07 -67.02 -40.49
N MET D 119 16.64 -67.36 -41.65
CA MET D 119 15.84 -67.76 -42.80
C MET D 119 15.03 -68.99 -42.40
N GLU D 120 15.66 -69.89 -41.64
CA GLU D 120 14.91 -71.07 -41.20
C GLU D 120 13.79 -70.71 -40.23
N ALA D 121 14.07 -69.76 -39.35
CA ALA D 121 13.10 -69.30 -38.36
C ALA D 121 11.86 -68.72 -39.05
N ILE D 122 12.10 -67.86 -40.02
CA ILE D 122 11.05 -67.22 -40.81
C ILE D 122 10.21 -68.32 -41.43
N LEU D 123 10.91 -69.27 -42.07
CA LEU D 123 10.23 -70.39 -42.69
C LEU D 123 9.32 -71.11 -41.71
N ASN D 124 9.84 -71.37 -40.53
CA ASN D 124 9.07 -72.03 -39.49
C ASN D 124 7.82 -71.27 -39.11
N GLU D 125 8.02 -70.03 -38.67
CA GLU D 125 6.93 -69.15 -38.28
C GLU D 125 5.82 -69.12 -39.32
N LEU D 126 6.25 -69.15 -40.58
CA LEU D 126 5.28 -69.12 -41.65
C LEU D 126 4.58 -70.47 -41.70
N GLU D 127 5.28 -71.55 -41.41
CA GLU D 127 4.64 -72.88 -41.45
C GLU D 127 3.56 -73.00 -40.37
N VAL D 128 3.94 -72.60 -39.17
CA VAL D 128 3.07 -72.60 -38.02
C VAL D 128 1.80 -71.82 -38.37
N PHE D 129 2.01 -70.62 -38.87
CA PHE D 129 0.93 -69.72 -39.26
C PHE D 129 0.00 -70.45 -40.21
N ILE D 130 0.58 -71.02 -41.27
CA ILE D 130 -0.18 -71.74 -42.28
C ILE D 130 -1.01 -72.86 -41.67
N GLY D 131 -0.45 -73.50 -40.67
CA GLY D 131 -1.10 -74.59 -39.95
C GLY D 131 -2.33 -74.09 -39.28
N ARG D 132 -2.12 -73.13 -38.38
CA ARG D 132 -3.20 -72.52 -37.63
C ARG D 132 -4.26 -71.94 -38.57
N VAL D 133 -3.89 -71.67 -39.82
CA VAL D 133 -4.87 -71.15 -40.75
C VAL D 133 -5.69 -72.33 -41.29
N LYS D 134 -5.04 -73.47 -41.51
CA LYS D 134 -5.82 -74.61 -42.00
C LYS D 134 -6.79 -75.12 -40.94
N ASP D 135 -6.36 -75.14 -39.67
CA ASP D 135 -7.22 -75.60 -38.58
C ASP D 135 -8.39 -74.66 -38.21
N GLN D 136 -8.09 -73.39 -37.92
CA GLN D 136 -9.12 -72.42 -37.55
C GLN D 136 -9.28 -71.62 -38.83
N ASP D 137 -10.38 -71.86 -39.53
CA ASP D 137 -10.66 -71.21 -40.80
C ASP D 137 -12.09 -71.22 -41.31
N GLY D 138 -12.37 -70.21 -42.10
CA GLY D 138 -13.65 -70.04 -42.77
C GLY D 138 -13.14 -70.24 -44.19
N ARG D 139 -12.14 -69.46 -44.57
CA ARG D 139 -11.54 -69.56 -45.90
C ARG D 139 -10.14 -70.23 -45.90
N VAL D 140 -9.99 -71.32 -46.68
CA VAL D 140 -8.75 -72.09 -46.78
C VAL D 140 -7.82 -71.59 -47.91
N ASN D 141 -8.30 -70.63 -48.70
CA ASN D 141 -7.50 -70.05 -49.79
C ASN D 141 -6.20 -69.46 -49.25
N ARG D 142 -6.29 -68.93 -48.02
CA ARG D 142 -5.17 -68.31 -47.34
C ARG D 142 -4.12 -69.37 -46.99
N PHE D 143 -4.60 -70.57 -46.68
CA PHE D 143 -3.71 -71.68 -46.34
C PHE D 143 -2.86 -72.06 -47.52
N TYR D 144 -3.54 -72.24 -48.65
CA TYR D 144 -2.89 -72.59 -49.91
C TYR D 144 -1.82 -71.54 -50.28
N GLU D 145 -2.21 -70.26 -50.27
CA GLU D 145 -1.25 -69.20 -50.62
C GLU D 145 -0.03 -69.15 -49.71
N LEU D 146 -0.28 -69.39 -48.42
CA LEU D 146 0.81 -69.37 -47.44
C LEU D 146 1.75 -70.56 -47.63
N GLU D 147 1.21 -71.70 -48.04
CA GLU D 147 2.06 -72.88 -48.28
C GLU D 147 2.92 -72.61 -49.48
N GLU D 148 2.31 -72.07 -50.54
CA GLU D 148 3.08 -71.72 -51.74
C GLU D 148 4.28 -70.82 -51.36
N SER D 149 3.98 -69.80 -50.54
CA SER D 149 5.01 -68.86 -50.08
C SER D 149 6.11 -69.61 -49.35
N LEU D 150 5.70 -70.65 -48.64
CA LEU D 150 6.64 -71.48 -47.90
C LEU D 150 7.51 -72.32 -48.79
N THR D 151 6.92 -72.93 -49.80
CA THR D 151 7.66 -73.74 -50.75
C THR D 151 8.77 -72.91 -51.38
N VAL D 152 8.38 -71.76 -51.92
CA VAL D 152 9.34 -70.86 -52.55
C VAL D 152 10.45 -70.42 -51.60
N LEU D 153 10.11 -70.26 -50.34
CA LEU D 153 11.10 -69.85 -49.36
C LEU D 153 12.05 -71.03 -49.01
N ASN D 154 11.50 -72.25 -48.97
CA ASN D 154 12.30 -73.44 -48.69
C ASN D 154 13.36 -73.54 -49.78
N CYS D 155 12.91 -73.45 -51.03
CA CYS D 155 13.80 -73.52 -52.19
C CYS D 155 14.88 -72.44 -52.09
N LEU D 156 14.48 -71.23 -51.70
CA LEU D 156 15.43 -70.14 -51.59
C LEU D 156 16.50 -70.45 -50.56
N ARG D 157 16.10 -71.02 -49.44
CA ARG D 157 17.07 -71.36 -48.42
C ARG D 157 18.01 -72.44 -48.90
N THR D 158 17.42 -73.48 -49.47
CA THR D 158 18.19 -74.61 -49.98
C THR D 158 19.25 -74.15 -50.98
N MET D 159 18.95 -73.10 -51.73
CA MET D 159 19.91 -72.66 -52.75
C MET D 159 20.86 -71.53 -52.37
N TYR D 160 20.51 -70.74 -51.36
CA TYR D 160 21.38 -69.62 -50.99
C TYR D 160 21.59 -69.52 -49.50
N PHE D 161 20.80 -70.27 -48.74
CA PHE D 161 20.92 -70.17 -47.30
C PHE D 161 21.41 -71.40 -46.53
N ILE D 162 22.44 -72.05 -47.06
CA ILE D 162 23.05 -73.23 -46.43
C ILE D 162 24.54 -73.34 -46.73
N LEU D 163 24.87 -73.35 -48.01
CA LEU D 163 26.26 -73.50 -48.48
C LEU D 163 27.06 -72.21 -48.64
N ASP D 164 26.39 -71.05 -48.55
CA ASP D 164 27.05 -69.75 -48.69
C ASP D 164 27.99 -69.65 -49.90
N GLY D 165 27.50 -70.04 -51.07
CA GLY D 165 28.27 -69.98 -52.30
C GLY D 165 29.19 -71.15 -52.59
N GLN D 166 29.33 -72.06 -51.63
CA GLN D 166 30.20 -73.23 -51.80
C GLN D 166 29.43 -74.38 -52.44
N ASP D 167 30.05 -75.55 -52.52
CA ASP D 167 29.40 -76.70 -53.12
C ASP D 167 28.90 -77.63 -52.01
N VAL D 168 28.08 -78.61 -52.40
CA VAL D 168 27.49 -79.57 -51.46
C VAL D 168 28.48 -80.26 -50.52
N GLU D 169 29.74 -80.38 -50.93
CA GLU D 169 30.72 -81.06 -50.10
C GLU D 169 30.97 -80.25 -48.83
N GLU D 170 30.82 -78.94 -48.95
CA GLU D 170 30.97 -78.03 -47.81
C GLU D 170 30.07 -78.43 -46.64
N ASN D 171 28.92 -79.04 -46.94
CA ASN D 171 27.97 -79.44 -45.90
C ASN D 171 26.85 -80.30 -46.47
N ARG D 172 27.18 -81.53 -46.87
CA ARG D 172 26.22 -82.44 -47.48
C ARG D 172 24.95 -82.68 -46.64
N SER D 173 25.12 -82.80 -45.32
CA SER D 173 23.98 -83.06 -44.43
C SER D 173 22.85 -82.04 -44.52
N GLU D 174 23.15 -80.79 -44.15
CA GLU D 174 22.16 -79.72 -44.17
C GLU D 174 21.47 -79.52 -45.52
N PHE D 175 22.27 -79.45 -46.58
CA PHE D 175 21.75 -79.23 -47.93
C PHE D 175 20.71 -80.25 -48.32
N ILE D 176 21.12 -81.51 -48.41
CA ILE D 176 20.21 -82.58 -48.79
C ILE D 176 18.99 -82.58 -47.89
N GLU D 177 19.16 -82.17 -46.63
CA GLU D 177 18.02 -82.15 -45.71
C GLU D 177 16.99 -81.12 -46.18
N SER D 178 17.47 -79.92 -46.48
CA SER D 178 16.58 -78.84 -46.94
C SER D 178 15.96 -79.15 -48.30
N LEU D 179 16.78 -79.68 -49.20
CA LEU D 179 16.32 -80.03 -50.54
C LEU D 179 15.21 -81.05 -50.42
N LEU D 180 15.51 -82.16 -49.76
CA LEU D 180 14.54 -83.22 -49.56
C LEU D 180 13.30 -82.67 -48.88
N ASN D 181 13.48 -81.64 -48.07
CA ASN D 181 12.36 -81.03 -47.39
C ASN D 181 11.54 -80.20 -48.39
N TRP D 182 12.23 -79.32 -49.10
CA TRP D 182 11.58 -78.44 -50.09
C TRP D 182 10.69 -79.22 -51.06
N ILE D 183 11.26 -80.27 -51.64
CA ILE D 183 10.54 -81.10 -52.59
C ILE D 183 9.31 -81.76 -52.00
N ASN D 184 9.43 -82.28 -50.78
CA ASN D 184 8.29 -82.99 -50.19
C ASN D 184 7.35 -82.14 -49.33
N ARG D 185 7.11 -80.92 -49.79
CA ARG D 185 6.21 -79.99 -49.11
C ARG D 185 5.66 -79.04 -50.16
N SER D 186 6.22 -79.15 -51.36
CA SER D 186 5.79 -78.34 -52.49
C SER D 186 4.44 -78.81 -52.96
N ASP D 187 4.35 -80.11 -53.25
CA ASP D 187 3.11 -80.72 -53.69
C ASP D 187 2.84 -81.93 -52.79
N GLY D 188 1.63 -82.47 -52.85
CA GLY D 188 1.27 -83.60 -52.03
C GLY D 188 1.67 -84.96 -52.55
N GLU D 189 1.64 -85.13 -53.87
CA GLU D 189 1.98 -86.41 -54.48
C GLU D 189 3.43 -86.83 -54.24
N PRO D 190 3.68 -88.15 -54.12
CA PRO D 190 2.64 -89.18 -54.19
C PRO D 190 1.82 -89.30 -52.90
N ASP D 191 0.56 -88.90 -53.01
CA ASP D 191 -0.37 -88.95 -51.89
C ASP D 191 -0.77 -90.38 -51.65
N GLU D 192 -0.83 -90.80 -50.38
CA GLU D 192 -1.20 -92.17 -50.05
C GLU D 192 -2.56 -92.57 -50.64
N GLU D 193 -3.31 -91.57 -51.13
CA GLU D 193 -4.59 -91.84 -51.76
C GLU D 193 -4.32 -92.41 -53.15
N TYR D 194 -3.05 -92.31 -53.57
CA TYR D 194 -2.64 -92.84 -54.87
C TYR D 194 -1.82 -94.11 -54.68
N ILE D 195 -1.28 -94.30 -53.48
CA ILE D 195 -0.52 -95.50 -53.17
C ILE D 195 -1.47 -96.69 -53.34
N GLU D 196 -2.59 -96.64 -52.62
CA GLU D 196 -3.59 -97.70 -52.69
C GLU D 196 -4.26 -97.75 -54.05
N GLN D 197 -4.21 -96.62 -54.77
CA GLN D 197 -4.79 -96.52 -56.12
C GLN D 197 -4.29 -97.58 -57.09
N VAL D 198 -3.02 -97.94 -56.99
CA VAL D 198 -2.41 -98.93 -57.88
C VAL D 198 -2.30 -100.26 -57.14
N PHE D 199 -2.14 -100.18 -55.82
CA PHE D 199 -2.07 -101.38 -55.00
C PHE D 199 -3.47 -102.01 -54.89
N SER D 200 -4.31 -101.71 -55.88
CA SER D 200 -5.70 -102.17 -55.94
C SER D 200 -6.09 -102.58 -57.36
N VAL D 201 -5.73 -101.76 -58.36
CA VAL D 201 -6.09 -102.06 -59.75
C VAL D 201 -5.71 -103.45 -60.19
N ALA D 206 -7.81 -106.89 -62.22
CA ALA D 206 -6.82 -106.20 -63.05
C ALA D 206 -6.80 -106.76 -64.45
N GLY D 207 -5.58 -106.88 -64.99
CA GLY D 207 -5.38 -107.42 -66.30
C GLY D 207 -3.93 -107.83 -66.44
N LYS D 208 -3.24 -107.93 -65.30
CA LYS D 208 -1.83 -108.31 -65.22
C LYS D 208 -1.52 -109.14 -63.97
N LYS D 209 -0.38 -109.83 -64.00
CA LYS D 209 0.07 -110.69 -62.91
C LYS D 209 0.71 -109.86 -61.84
N VAL D 210 0.19 -109.92 -60.61
CA VAL D 210 0.72 -109.16 -59.46
C VAL D 210 1.17 -107.74 -59.83
N PHE D 211 2.13 -107.22 -59.08
CA PHE D 211 2.66 -105.88 -59.31
C PHE D 211 3.81 -105.87 -60.31
N GLU D 212 3.53 -105.51 -61.56
CA GLU D 212 4.54 -105.50 -62.64
C GLU D 212 4.11 -104.74 -63.88
N THR D 213 3.40 -103.63 -63.71
CA THR D 213 3.00 -102.81 -64.85
C THR D 213 3.75 -101.49 -64.69
N GLN D 214 3.77 -100.66 -65.74
CA GLN D 214 4.43 -99.36 -65.72
C GLN D 214 4.09 -98.50 -64.51
N TYR D 215 2.97 -98.81 -63.86
CA TYR D 215 2.50 -98.02 -62.73
C TYR D 215 3.29 -98.26 -61.46
N PHE D 216 3.45 -99.52 -61.06
CA PHE D 216 4.20 -99.84 -59.84
C PHE D 216 5.60 -99.25 -59.88
N TRP D 217 6.31 -99.54 -60.97
CA TRP D 217 7.66 -99.06 -61.10
C TRP D 217 7.68 -97.54 -61.17
N LYS D 218 6.86 -96.90 -62.04
CA LYS D 218 6.86 -95.43 -62.05
C LYS D 218 6.73 -94.87 -60.63
N LEU D 219 5.86 -95.47 -59.83
CA LEU D 219 5.65 -95.02 -58.45
C LEU D 219 6.77 -95.43 -57.49
N LEU D 220 7.66 -96.30 -57.94
CA LEU D 220 8.78 -96.73 -57.10
C LEU D 220 9.93 -95.76 -57.37
N ASN D 221 10.14 -95.49 -58.64
CA ASN D 221 11.17 -94.59 -59.11
C ASN D 221 10.85 -93.19 -58.60
N GLN D 222 9.59 -92.79 -58.71
CA GLN D 222 9.14 -91.48 -58.22
C GLN D 222 9.60 -91.30 -56.78
N LEU D 223 9.31 -92.31 -55.96
CA LEU D 223 9.71 -92.32 -54.56
C LEU D 223 11.22 -92.17 -54.39
N VAL D 224 11.98 -92.86 -55.24
CA VAL D 224 13.45 -92.79 -55.15
C VAL D 224 13.96 -91.38 -55.52
N LEU D 225 13.47 -90.84 -56.63
CA LEU D 225 13.84 -89.52 -57.13
C LEU D 225 13.59 -88.41 -56.10
N ARG D 226 12.61 -88.62 -55.24
CA ARG D 226 12.27 -87.66 -54.21
C ARG D 226 12.94 -87.96 -52.87
N GLY D 227 13.86 -88.91 -52.87
CA GLY D 227 14.56 -89.30 -51.65
C GLY D 227 13.73 -90.09 -50.66
N LEU D 228 12.48 -90.35 -51.02
CA LEU D 228 11.56 -91.11 -50.17
C LEU D 228 11.92 -92.59 -50.19
N LEU D 229 13.11 -92.90 -49.71
CA LEU D 229 13.62 -94.27 -49.69
C LEU D 229 12.84 -95.22 -48.79
N SER D 230 12.43 -94.76 -47.61
CA SER D 230 11.65 -95.58 -46.69
C SER D 230 10.43 -96.16 -47.41
N GLN D 231 9.58 -95.27 -47.92
CA GLN D 231 8.38 -95.65 -48.65
C GLN D 231 8.75 -96.55 -49.82
N ALA D 232 9.81 -96.17 -50.53
CA ALA D 232 10.30 -96.93 -51.68
C ALA D 232 10.47 -98.40 -51.30
N ILE D 233 11.20 -98.62 -50.22
CA ILE D 233 11.47 -99.96 -49.70
C ILE D 233 10.15 -100.64 -49.39
N GLY D 234 9.27 -99.93 -48.69
CA GLY D 234 7.98 -100.48 -48.33
C GLY D 234 7.19 -101.01 -49.52
N CYS D 235 7.13 -100.24 -50.59
CA CYS D 235 6.40 -100.64 -51.79
C CYS D 235 6.97 -101.92 -52.42
N ILE D 236 8.20 -102.25 -52.08
CA ILE D 236 8.86 -103.44 -52.62
C ILE D 236 8.52 -104.65 -51.76
N GLU D 237 8.74 -104.51 -50.44
CA GLU D 237 8.42 -105.57 -49.48
C GLU D 237 6.91 -105.79 -49.40
N ARG D 238 6.20 -105.18 -50.33
CA ARG D 238 4.75 -105.24 -50.43
C ARG D 238 4.27 -106.36 -51.33
N SER D 239 4.99 -106.59 -52.43
CA SER D 239 4.53 -107.61 -53.37
C SER D 239 5.46 -108.78 -53.72
N ASP D 240 6.50 -108.54 -54.51
CA ASP D 240 7.38 -109.63 -54.97
C ASP D 240 8.84 -109.59 -54.53
N LEU D 241 9.14 -109.14 -53.33
CA LEU D 241 10.53 -109.16 -52.87
C LEU D 241 10.94 -110.63 -52.87
N LEU D 242 10.43 -111.36 -51.88
CA LEU D 242 10.70 -112.79 -51.76
C LEU D 242 9.84 -113.66 -52.70
N PRO D 243 8.54 -113.37 -52.90
CA PRO D 243 7.73 -114.19 -53.81
C PRO D 243 8.35 -114.60 -55.17
N TYR D 244 7.78 -113.97 -56.20
CA TYR D 244 8.15 -114.21 -57.59
C TYR D 244 9.67 -114.25 -57.79
N LEU D 245 10.43 -113.42 -57.07
CA LEU D 245 11.87 -113.43 -57.30
C LEU D 245 12.62 -114.56 -56.57
N SER D 246 12.54 -114.62 -55.23
CA SER D 246 13.22 -115.69 -54.48
C SER D 246 12.87 -117.05 -55.06
N ASP D 247 11.75 -117.15 -55.78
CA ASP D 247 11.40 -118.43 -56.37
C ASP D 247 11.92 -118.50 -57.82
N THR D 248 11.26 -117.80 -58.74
CA THR D 248 11.62 -117.79 -60.16
C THR D 248 13.14 -117.64 -60.44
N CYS D 249 13.67 -116.44 -60.21
CA CYS D 249 15.09 -116.17 -60.46
C CYS D 249 15.89 -115.80 -59.21
N ALA D 250 16.70 -116.73 -58.75
CA ALA D 250 17.52 -116.51 -57.57
C ALA D 250 18.59 -115.43 -57.81
N VAL D 251 18.95 -115.24 -59.07
CA VAL D 251 19.96 -114.25 -59.43
C VAL D 251 19.48 -112.82 -59.23
N SER D 252 18.37 -112.48 -59.88
CA SER D 252 17.80 -111.14 -59.77
C SER D 252 17.25 -110.87 -58.38
N PHE D 253 17.07 -111.91 -57.59
CA PHE D 253 16.58 -111.75 -56.23
C PHE D 253 17.66 -111.11 -55.38
N ASP D 254 18.91 -111.47 -55.67
CA ASP D 254 20.02 -110.94 -54.92
C ASP D 254 20.21 -109.48 -55.29
N ALA D 255 19.95 -109.16 -56.55
CA ALA D 255 20.06 -107.78 -57.01
C ALA D 255 19.01 -106.96 -56.29
N VAL D 256 17.75 -107.27 -56.59
CA VAL D 256 16.62 -106.57 -55.97
C VAL D 256 16.73 -106.50 -54.44
N SER D 257 17.51 -107.39 -53.83
CA SER D 257 17.65 -107.39 -52.36
C SER D 257 18.78 -106.48 -51.83
N ASP D 258 20.02 -106.72 -52.26
CA ASP D 258 21.10 -105.86 -51.75
C ASP D 258 21.05 -104.47 -52.38
N SER D 259 20.07 -104.27 -53.27
CA SER D 259 19.87 -102.96 -53.86
C SER D 259 19.09 -102.23 -52.79
N ILE D 260 18.08 -102.91 -52.24
CA ILE D 260 17.28 -102.35 -51.17
C ILE D 260 18.19 -102.09 -49.97
N GLU D 261 19.31 -102.83 -49.91
CA GLU D 261 20.27 -102.66 -48.81
C GLU D 261 21.03 -101.34 -49.00
N LEU D 262 21.45 -101.12 -50.25
CA LEU D 262 22.17 -99.89 -50.56
C LEU D 262 21.22 -98.73 -50.28
N LEU D 263 19.97 -98.86 -50.73
CA LEU D 263 18.97 -97.83 -50.47
C LEU D 263 18.92 -97.57 -48.97
N LYS D 264 18.93 -98.65 -48.18
CA LYS D 264 18.89 -98.54 -46.72
C LYS D 264 20.05 -97.73 -46.19
N GLN D 265 21.11 -97.58 -46.98
CA GLN D 265 22.24 -96.81 -46.45
C GLN D 265 22.76 -95.66 -47.32
N TYR D 266 21.84 -94.94 -47.98
CA TYR D 266 22.21 -93.78 -48.80
C TYR D 266 22.82 -92.71 -47.89
N PRO D 267 24.10 -92.36 -48.16
CA PRO D 267 24.84 -91.36 -47.39
C PRO D 267 24.20 -89.97 -47.39
N LYS D 268 24.15 -89.34 -46.22
CA LYS D 268 23.59 -88.01 -46.09
C LYS D 268 24.45 -87.10 -45.23
N ASP D 269 25.68 -87.51 -44.95
CA ASP D 269 26.57 -86.70 -44.13
C ASP D 269 27.97 -86.57 -44.72
N SER D 270 28.47 -87.67 -45.28
CA SER D 270 29.79 -87.68 -45.87
C SER D 270 29.73 -87.79 -47.39
N SER D 271 30.35 -86.83 -48.08
CA SER D 271 30.38 -86.84 -49.54
C SER D 271 31.40 -87.85 -50.04
N SER D 272 32.05 -88.52 -49.10
CA SER D 272 33.03 -89.55 -49.35
C SER D 272 32.21 -90.84 -49.46
N THR D 273 31.47 -91.12 -48.39
CA THR D 273 30.61 -92.28 -48.30
C THR D 273 29.70 -92.37 -49.54
N PHE D 274 29.30 -91.21 -50.08
CA PHE D 274 28.46 -91.20 -51.28
C PHE D 274 29.30 -91.63 -52.48
N ARG D 275 30.52 -91.11 -52.55
CA ARG D 275 31.45 -91.41 -53.63
C ARG D 275 31.60 -92.93 -53.75
N GLU D 276 31.68 -93.59 -52.60
CA GLU D 276 31.82 -95.05 -52.54
C GLU D 276 30.48 -95.77 -52.74
N TRP D 277 29.41 -95.10 -52.35
CA TRP D 277 28.07 -95.64 -52.48
C TRP D 277 27.74 -95.82 -53.96
N LYS D 278 27.91 -94.75 -54.74
CA LYS D 278 27.63 -94.79 -56.17
C LYS D 278 28.51 -95.86 -56.83
N ASN D 279 29.59 -96.19 -56.15
CA ASN D 279 30.53 -97.20 -56.63
C ASN D 279 29.82 -98.53 -56.55
N LEU D 280 29.44 -98.92 -55.32
CA LEU D 280 28.74 -100.19 -55.14
C LEU D 280 27.49 -100.28 -56.03
N VAL D 281 26.82 -99.15 -56.24
CA VAL D 281 25.61 -99.14 -57.07
C VAL D 281 25.92 -99.40 -58.54
N LEU D 282 27.00 -98.81 -59.04
CA LEU D 282 27.38 -98.99 -60.44
C LEU D 282 27.91 -100.40 -60.67
N LYS D 283 28.48 -100.98 -59.62
CA LYS D 283 29.01 -102.33 -59.68
C LYS D 283 27.82 -103.27 -59.80
N LEU D 284 26.84 -103.04 -58.95
CA LEU D 284 25.62 -103.84 -58.93
C LEU D 284 24.94 -103.79 -60.29
N SER D 285 24.82 -102.57 -60.83
CA SER D 285 24.17 -102.38 -62.13
C SER D 285 24.94 -103.02 -63.28
N GLN D 286 26.25 -103.17 -63.15
CA GLN D 286 27.02 -103.80 -64.22
C GLN D 286 26.86 -105.31 -64.14
N ALA D 287 27.00 -105.82 -62.92
CA ALA D 287 26.86 -107.24 -62.63
C ALA D 287 25.51 -107.71 -63.15
N PHE D 288 24.44 -107.12 -62.63
CA PHE D 288 23.11 -107.48 -63.08
C PHE D 288 23.03 -107.22 -64.59
N GLY D 289 23.61 -106.10 -65.00
CA GLY D 289 23.65 -105.68 -66.40
C GLY D 289 23.89 -106.82 -67.35
N SER D 290 24.91 -107.62 -67.08
CA SER D 290 25.17 -108.77 -67.96
C SER D 290 25.13 -110.07 -67.15
N SER D 291 23.94 -110.64 -66.98
CA SER D 291 23.82 -111.87 -66.19
C SER D 291 22.58 -112.72 -66.49
N ALA D 292 22.38 -113.73 -65.66
CA ALA D 292 21.28 -114.70 -65.75
C ALA D 292 19.87 -114.10 -65.80
N THR D 293 19.27 -114.10 -66.99
CA THR D 293 17.93 -113.58 -67.22
C THR D 293 16.83 -114.63 -67.00
N ASP D 294 16.56 -114.98 -65.73
CA ASP D 294 15.53 -115.97 -65.42
C ASP D 294 14.21 -115.32 -65.00
N ILE D 295 13.85 -114.22 -65.66
CA ILE D 295 12.61 -113.51 -65.35
C ILE D 295 11.97 -113.00 -66.64
N SER D 296 10.75 -112.50 -66.53
CA SER D 296 10.01 -111.99 -67.69
C SER D 296 10.81 -110.94 -68.45
N GLY D 297 10.50 -110.81 -69.74
CA GLY D 297 11.16 -109.85 -70.60
C GLY D 297 11.02 -108.43 -70.08
N GLU D 298 9.86 -108.12 -69.53
CA GLU D 298 9.61 -106.79 -69.00
C GLU D 298 10.25 -106.59 -67.62
N LEU D 299 10.04 -107.51 -66.67
CA LEU D 299 10.64 -107.35 -65.34
C LEU D 299 12.16 -107.21 -65.36
N ARG D 300 12.78 -107.73 -66.41
CA ARG D 300 14.21 -107.67 -66.61
C ARG D 300 14.62 -106.21 -66.64
N ASP D 301 14.06 -105.52 -67.62
CA ASP D 301 14.35 -104.12 -67.83
C ASP D 301 13.82 -103.35 -66.63
N TYR D 302 12.59 -103.64 -66.22
CA TYR D 302 11.99 -102.98 -65.06
C TYR D 302 12.92 -102.99 -63.83
N ILE D 303 13.85 -103.94 -63.78
CA ILE D 303 14.79 -103.98 -62.65
C ILE D 303 16.06 -103.22 -63.05
N GLU D 304 16.39 -103.26 -64.34
CA GLU D 304 17.57 -102.55 -64.81
C GLU D 304 17.38 -101.05 -64.65
N ASP D 305 16.24 -100.54 -65.11
CA ASP D 305 15.91 -99.12 -65.01
C ASP D 305 16.00 -98.64 -63.57
N PHE D 306 15.44 -99.41 -62.65
CA PHE D 306 15.48 -99.08 -61.23
C PHE D 306 16.94 -98.92 -60.77
N LEU D 307 17.79 -99.81 -61.27
CA LEU D 307 19.21 -99.75 -60.89
C LEU D 307 19.95 -98.61 -61.58
N LEU D 308 19.51 -98.25 -62.79
CA LEU D 308 20.10 -97.15 -63.54
C LEU D 308 19.78 -95.84 -62.83
N VAL D 309 18.50 -95.66 -62.52
CA VAL D 309 18.02 -94.48 -61.81
C VAL D 309 18.82 -94.34 -60.53
N ILE D 310 18.98 -95.44 -59.81
CA ILE D 310 19.74 -95.38 -58.55
C ILE D 310 21.22 -95.09 -58.84
N GLY D 311 21.70 -95.46 -60.02
CA GLY D 311 23.09 -95.24 -60.38
C GLY D 311 23.33 -93.83 -60.89
N GLY D 312 22.24 -93.17 -61.29
CA GLY D 312 22.30 -91.80 -61.77
C GLY D 312 22.25 -91.57 -63.26
N ASN D 313 21.81 -92.57 -64.03
CA ASN D 313 21.70 -92.41 -65.47
C ASN D 313 20.80 -91.22 -65.78
N GLN D 314 21.34 -90.19 -66.41
CA GLN D 314 20.59 -88.98 -66.72
C GLN D 314 19.31 -89.25 -67.51
N ARG D 315 19.48 -90.01 -68.59
CA ARG D 315 18.40 -90.40 -69.49
C ARG D 315 17.21 -90.99 -68.72
N LYS D 316 17.52 -91.87 -67.79
CA LYS D 316 16.50 -92.54 -66.98
C LYS D 316 15.90 -91.59 -65.96
N ILE D 317 16.74 -90.85 -65.24
CA ILE D 317 16.25 -89.90 -64.23
C ILE D 317 15.23 -88.96 -64.87
N LEU D 318 15.44 -88.63 -66.15
CA LEU D 318 14.50 -87.77 -66.86
C LEU D 318 13.26 -88.56 -67.25
N GLN D 319 13.47 -89.80 -67.68
CA GLN D 319 12.38 -90.68 -68.11
C GLN D 319 11.26 -90.90 -67.08
N TYR D 320 11.63 -91.20 -65.85
CA TYR D 320 10.66 -91.47 -64.79
C TYR D 320 10.32 -90.26 -63.92
N SER D 321 10.45 -89.06 -64.50
CA SER D 321 10.13 -87.84 -63.76
C SER D 321 8.83 -87.23 -64.27
N ARG D 322 7.93 -86.92 -63.34
CA ARG D 322 6.64 -86.34 -63.67
C ARG D 322 6.68 -84.81 -63.74
N THR D 323 7.56 -84.21 -62.95
CA THR D 323 7.71 -82.76 -62.92
C THR D 323 9.19 -82.40 -62.89
N TRP D 324 9.53 -81.24 -63.44
CA TRP D 324 10.91 -80.76 -63.51
C TRP D 324 11.67 -80.85 -62.18
N TYR D 325 11.01 -80.54 -61.06
CA TYR D 325 11.68 -80.56 -59.76
C TYR D 325 12.01 -81.98 -59.28
N GLU D 326 11.36 -82.97 -59.87
CA GLU D 326 11.65 -84.36 -59.52
C GLU D 326 12.96 -84.68 -60.21
N SER D 327 13.08 -84.22 -61.45
CA SER D 327 14.28 -84.42 -62.24
C SER D 327 15.45 -83.77 -61.53
N PHE D 328 15.34 -82.46 -61.30
CA PHE D 328 16.39 -81.67 -60.65
C PHE D 328 16.86 -82.32 -59.33
N CYS D 329 15.87 -82.75 -58.53
CA CYS D 329 16.18 -83.37 -57.24
C CYS D 329 16.95 -84.67 -57.47
N GLY D 330 16.45 -85.50 -58.39
CA GLY D 330 17.11 -86.76 -58.69
C GLY D 330 18.55 -86.51 -59.09
N PHE D 331 18.75 -85.61 -60.06
CA PHE D 331 20.08 -85.26 -60.55
C PHE D 331 21.02 -84.99 -59.40
N LEU D 332 20.57 -84.16 -58.45
CA LEU D 332 21.44 -83.84 -57.31
C LEU D 332 21.68 -85.03 -56.38
N LEU D 333 20.69 -85.90 -56.22
CA LEU D 333 20.83 -87.06 -55.33
C LEU D 333 21.65 -88.25 -55.82
N TYR D 334 21.47 -88.65 -57.08
CA TYR D 334 22.15 -89.85 -57.61
C TYR D 334 23.25 -89.66 -58.66
N TYR D 335 23.18 -88.60 -59.46
CA TYR D 335 24.23 -88.38 -60.47
C TYR D 335 25.45 -87.71 -59.84
N ILE D 336 25.56 -86.39 -59.95
CA ILE D 336 26.67 -85.66 -59.35
C ILE D 336 26.12 -84.58 -58.43
N PRO D 337 26.45 -84.66 -57.13
CA PRO D 337 25.99 -83.69 -56.15
C PRO D 337 26.77 -82.39 -56.16
N SER D 338 26.68 -81.66 -57.27
CA SER D 338 27.37 -80.39 -57.42
C SER D 338 26.46 -79.34 -58.03
N LEU D 339 26.35 -78.19 -57.36
CA LEU D 339 25.50 -77.10 -57.82
C LEU D 339 26.07 -76.41 -59.05
N GLU D 340 27.29 -76.79 -59.42
CA GLU D 340 27.97 -76.24 -60.59
C GLU D 340 27.28 -76.77 -61.83
N LEU D 341 26.44 -77.77 -61.64
CA LEU D 341 25.71 -78.37 -62.74
C LEU D 341 24.22 -78.04 -62.68
N SER D 342 23.80 -77.30 -61.64
CA SER D 342 22.38 -76.96 -61.51
C SER D 342 21.81 -76.31 -62.78
N ALA D 343 22.62 -75.46 -63.40
CA ALA D 343 22.25 -74.74 -64.61
C ALA D 343 21.84 -75.73 -65.67
N GLU D 344 22.65 -76.77 -65.82
CA GLU D 344 22.37 -77.82 -66.78
C GLU D 344 21.20 -78.68 -66.33
N TYR D 345 21.20 -79.05 -65.05
CA TYR D 345 20.13 -79.90 -64.51
C TYR D 345 18.76 -79.31 -64.77
N LEU D 346 18.60 -78.04 -64.41
CA LEU D 346 17.33 -77.36 -64.58
C LEU D 346 16.92 -77.38 -66.03
N GLN D 347 17.88 -77.13 -66.92
CA GLN D 347 17.58 -77.10 -68.33
C GLN D 347 17.05 -78.44 -68.79
N MET D 348 17.73 -79.51 -68.43
CA MET D 348 17.27 -80.83 -68.85
C MET D 348 15.90 -81.08 -68.27
N SER D 349 15.75 -80.74 -66.99
CA SER D 349 14.49 -80.94 -66.31
C SER D 349 13.35 -80.23 -67.05
N LEU D 350 13.60 -79.00 -67.48
CA LEU D 350 12.55 -78.24 -68.14
C LEU D 350 12.30 -78.74 -69.55
N GLU D 351 13.27 -79.44 -70.12
CA GLU D 351 13.07 -79.99 -71.45
C GLU D 351 12.13 -81.21 -71.32
N ALA D 352 12.21 -81.88 -70.17
CA ALA D 352 11.38 -83.06 -69.93
C ALA D 352 9.95 -82.70 -69.55
N ASN D 353 9.82 -81.80 -68.58
CA ASN D 353 8.52 -81.33 -68.12
C ASN D 353 8.53 -79.83 -67.95
N VAL D 354 7.68 -79.15 -68.71
CA VAL D 354 7.58 -77.69 -68.66
C VAL D 354 7.10 -77.25 -67.27
N VAL D 355 7.23 -75.96 -66.97
CA VAL D 355 6.78 -75.41 -65.70
C VAL D 355 5.25 -75.43 -65.67
N ASP D 356 4.69 -75.97 -64.58
CA ASP D 356 3.24 -76.06 -64.44
C ASP D 356 2.69 -74.75 -63.88
N ILE D 357 2.02 -73.97 -64.72
CA ILE D 357 1.47 -72.67 -64.33
C ILE D 357 0.21 -72.79 -63.44
N THR D 358 -0.13 -74.00 -63.00
CA THR D 358 -1.28 -74.18 -62.12
C THR D 358 -1.02 -73.49 -60.79
N ASN D 359 0.16 -73.73 -60.23
CA ASN D 359 0.54 -73.13 -58.95
C ASN D 359 1.54 -72.00 -59.14
N ASP D 360 1.54 -71.07 -58.19
CA ASP D 360 2.41 -69.90 -58.24
C ASP D 360 3.84 -70.08 -57.75
N TRP D 361 4.16 -71.21 -57.14
CA TRP D 361 5.51 -71.42 -56.60
C TRP D 361 6.59 -71.97 -57.56
N GLU D 362 6.18 -72.80 -58.51
CA GLU D 362 7.12 -73.41 -59.46
C GLU D 362 8.02 -72.41 -60.20
N GLN D 363 7.43 -71.44 -60.90
CA GLN D 363 8.25 -70.46 -61.63
C GLN D 363 9.24 -69.73 -60.70
N PRO D 364 8.77 -69.23 -59.54
CA PRO D 364 9.69 -68.56 -58.62
C PRO D 364 10.84 -69.47 -58.22
N CYS D 365 10.56 -70.76 -58.05
CA CYS D 365 11.59 -71.71 -57.69
C CYS D 365 12.59 -71.83 -58.83
N VAL D 366 12.08 -71.92 -60.05
CA VAL D 366 12.92 -71.99 -61.25
C VAL D 366 13.83 -70.76 -61.29
N ASP D 367 13.27 -69.60 -60.96
CA ASP D 367 14.02 -68.35 -60.98
C ASP D 367 15.13 -68.39 -59.94
N ILE D 368 14.78 -68.85 -58.73
CA ILE D 368 15.74 -68.96 -57.63
C ILE D 368 16.92 -69.79 -58.11
N ILE D 369 16.62 -71.05 -58.44
CA ILE D 369 17.62 -71.98 -58.91
C ILE D 369 18.49 -71.39 -60.02
N SER D 370 17.84 -70.74 -60.99
CA SER D 370 18.55 -70.17 -62.14
C SER D 370 19.18 -68.79 -61.92
N GLY D 371 19.40 -68.41 -60.66
CA GLY D 371 20.04 -67.14 -60.37
C GLY D 371 19.30 -65.82 -60.23
N LYS D 372 18.17 -65.63 -60.91
CA LYS D 372 17.47 -64.35 -60.77
C LYS D 372 16.44 -64.34 -59.62
N ILE D 373 16.97 -64.04 -58.43
CA ILE D 373 16.21 -63.97 -57.19
C ILE D 373 15.22 -62.79 -57.12
N HIS D 374 15.71 -61.60 -57.46
CA HIS D 374 14.96 -60.33 -57.45
C HIS D 374 13.53 -60.37 -58.05
N SER D 375 12.98 -59.18 -58.28
CA SER D 375 11.64 -58.99 -58.86
C SER D 375 10.52 -59.89 -58.33
N ILE D 376 10.71 -60.43 -57.13
CA ILE D 376 9.71 -61.27 -56.48
C ILE D 376 8.98 -60.51 -55.38
N LEU D 377 9.61 -59.45 -54.87
CA LEU D 377 9.02 -58.67 -53.79
C LEU D 377 7.61 -58.13 -54.12
N PRO D 378 7.40 -57.47 -55.29
CA PRO D 378 6.04 -56.99 -55.59
C PRO D 378 4.93 -58.05 -55.54
N VAL D 379 5.23 -59.23 -56.07
CA VAL D 379 4.27 -60.33 -56.14
C VAL D 379 4.01 -60.89 -54.75
N MET D 380 5.06 -61.01 -53.95
CA MET D 380 4.91 -61.54 -52.62
C MET D 380 4.12 -60.50 -51.83
N GLU D 381 4.33 -59.22 -52.16
CA GLU D 381 3.62 -58.12 -51.52
C GLU D 381 2.14 -58.24 -51.86
N SER D 382 1.86 -58.89 -52.98
CA SER D 382 0.46 -59.07 -53.38
C SER D 382 -0.12 -60.24 -52.61
N LEU D 383 0.70 -61.26 -52.37
CA LEU D 383 0.21 -62.42 -51.62
C LEU D 383 0.00 -62.06 -50.14
N ASP D 384 1.02 -61.45 -49.53
CA ASP D 384 0.96 -61.00 -48.15
C ASP D 384 2.04 -59.95 -47.87
N SER D 385 1.61 -58.74 -47.53
CA SER D 385 2.52 -57.63 -47.24
C SER D 385 3.62 -57.95 -46.21
N CYS D 386 3.24 -58.61 -45.11
CA CYS D 386 4.17 -58.96 -44.03
C CYS D 386 5.34 -59.83 -44.48
N THR D 387 5.00 -60.99 -45.02
CA THR D 387 5.99 -61.93 -45.52
C THR D 387 6.93 -61.23 -46.48
N ALA D 388 6.37 -60.50 -47.42
CA ALA D 388 7.16 -59.77 -48.41
C ALA D 388 8.15 -58.83 -47.73
N ALA D 389 7.67 -58.11 -46.72
CA ALA D 389 8.48 -57.16 -45.98
C ALA D 389 9.70 -57.83 -45.38
N PHE D 390 9.48 -58.83 -44.53
CA PHE D 390 10.60 -59.53 -43.88
C PHE D 390 11.47 -60.29 -44.88
N THR D 391 10.89 -60.73 -45.99
CA THR D 391 11.63 -61.44 -47.02
C THR D 391 12.66 -60.47 -47.60
N ALA D 392 12.20 -59.29 -47.98
CA ALA D 392 13.07 -58.26 -48.53
C ALA D 392 14.15 -57.95 -47.50
N MET D 393 13.75 -57.94 -46.22
CA MET D 393 14.69 -57.65 -45.14
C MET D 393 15.83 -58.66 -45.07
N ILE D 394 15.50 -59.95 -45.03
CA ILE D 394 16.53 -60.98 -44.96
C ILE D 394 17.33 -61.06 -46.26
N CYS D 395 16.73 -60.61 -47.35
CA CYS D 395 17.42 -60.62 -48.63
C CYS D 395 18.47 -59.51 -48.60
N GLU D 396 18.19 -58.48 -47.80
CA GLU D 396 19.14 -57.38 -47.66
C GLU D 396 20.24 -57.83 -46.71
N ALA D 397 19.84 -58.59 -45.69
CA ALA D 397 20.79 -59.10 -44.70
C ALA D 397 21.83 -59.99 -45.38
N LYS D 398 21.37 -60.84 -46.30
CA LYS D 398 22.27 -61.71 -47.05
C LYS D 398 23.15 -60.90 -47.99
N GLY D 399 22.63 -59.76 -48.43
CA GLY D 399 23.36 -58.89 -49.35
C GLY D 399 22.95 -59.23 -50.77
N LEU D 400 21.73 -59.78 -50.92
CA LEU D 400 21.23 -60.17 -52.23
C LEU D 400 20.57 -58.98 -52.94
N ILE D 401 20.31 -57.93 -52.17
CA ILE D 401 19.72 -56.70 -52.67
C ILE D 401 20.26 -55.56 -51.80
N GLU D 402 20.61 -54.45 -52.42
CA GLU D 402 21.13 -53.31 -51.65
C GLU D 402 20.67 -51.96 -52.18
N ASN D 403 20.84 -50.93 -51.35
CA ASN D 403 20.47 -49.57 -51.69
C ASN D 403 21.46 -48.95 -52.67
N ILE D 404 21.05 -48.87 -53.94
CA ILE D 404 21.90 -48.30 -54.98
C ILE D 404 21.82 -46.77 -54.97
N PHE D 405 20.78 -46.22 -54.35
CA PHE D 405 20.58 -44.78 -54.30
C PHE D 405 21.74 -44.01 -53.68
N GLU D 406 21.91 -42.77 -54.13
CA GLU D 406 23.02 -41.93 -53.69
C GLU D 406 22.68 -40.47 -54.04
N GLY D 407 21.82 -39.87 -53.21
CA GLY D 407 21.40 -38.50 -53.40
C GLY D 407 22.35 -37.51 -52.76
N LEU D 422 14.07 -33.45 -48.47
CA LEU D 422 14.67 -34.78 -48.52
C LEU D 422 15.29 -35.10 -47.18
N GLU D 423 14.52 -34.87 -46.12
CA GLU D 423 14.94 -35.13 -44.74
C GLU D 423 14.17 -36.30 -44.14
N ASP D 424 13.83 -37.31 -44.94
CA ASP D 424 13.07 -38.42 -44.37
C ASP D 424 13.16 -39.79 -45.08
N LEU D 425 12.70 -40.81 -44.35
CA LEU D 425 12.77 -42.25 -44.70
C LEU D 425 11.83 -42.95 -45.72
N PHE D 426 10.51 -42.97 -45.51
CA PHE D 426 9.55 -43.70 -46.37
C PHE D 426 9.70 -43.42 -47.87
N SER D 427 10.87 -43.72 -48.41
CA SER D 427 11.13 -43.50 -49.81
C SER D 427 12.06 -44.53 -50.44
N TYR D 428 12.39 -44.27 -51.70
CA TYR D 428 13.28 -45.11 -52.48
C TYR D 428 14.73 -44.76 -52.15
N ARG D 429 14.90 -43.70 -51.36
CA ARG D 429 16.22 -43.22 -50.97
C ARG D 429 17.00 -44.30 -50.23
N ASN D 430 16.33 -44.96 -49.30
CA ASN D 430 16.98 -46.02 -48.55
C ASN D 430 16.77 -47.34 -49.30
N GLY D 431 16.89 -48.47 -48.60
CA GLY D 431 16.75 -49.75 -49.25
C GLY D 431 15.36 -50.04 -49.79
N MET D 432 15.21 -51.20 -50.42
CA MET D 432 13.93 -51.64 -50.93
C MET D 432 13.28 -52.40 -49.77
N ALA D 433 14.16 -52.90 -48.90
CA ALA D 433 13.76 -53.66 -47.73
C ALA D 433 13.31 -52.66 -46.68
N SER D 434 14.12 -51.62 -46.45
CA SER D 434 13.77 -50.59 -45.49
C SER D 434 12.38 -50.10 -45.85
N TYR D 435 12.20 -49.80 -47.13
CA TYR D 435 10.93 -49.33 -47.68
C TYR D 435 9.77 -50.26 -47.33
N MET D 436 9.93 -51.54 -47.66
CA MET D 436 8.87 -52.51 -47.39
C MET D 436 8.55 -52.69 -45.89
N LEU D 437 9.58 -52.62 -45.04
CA LEU D 437 9.40 -52.76 -43.61
C LEU D 437 8.63 -51.57 -43.03
N ASN D 438 9.08 -50.37 -43.41
CA ASN D 438 8.47 -49.15 -42.95
C ASN D 438 7.02 -49.10 -43.39
N SER D 439 6.78 -49.56 -44.63
CA SER D 439 5.44 -49.60 -45.19
C SER D 439 4.59 -50.52 -44.33
N PHE D 440 5.13 -51.70 -44.02
CA PHE D 440 4.38 -52.63 -43.19
C PHE D 440 3.99 -52.00 -41.85
N ALA D 441 4.94 -51.28 -41.25
CA ALA D 441 4.71 -50.62 -39.97
C ALA D 441 3.48 -49.72 -40.08
N PHE D 442 3.55 -48.81 -41.07
CA PHE D 442 2.47 -47.87 -41.30
C PHE D 442 1.15 -48.60 -41.49
N GLU D 443 1.19 -49.73 -42.20
CA GLU D 443 -0.01 -50.50 -42.45
C GLU D 443 -0.54 -51.07 -41.14
N LEU D 444 0.36 -51.41 -40.23
CA LEU D 444 -0.01 -51.98 -38.94
C LEU D 444 -0.69 -50.94 -38.08
N CYS D 445 -0.31 -49.68 -38.25
CA CYS D 445 -0.89 -48.61 -37.44
C CYS D 445 -2.40 -48.43 -37.64
N SER D 446 -2.89 -48.73 -38.83
CA SER D 446 -4.32 -48.61 -39.10
C SER D 446 -5.11 -49.89 -38.77
N LEU D 447 -4.40 -50.94 -38.39
CA LEU D 447 -5.02 -52.22 -38.05
C LEU D 447 -5.76 -52.17 -36.72
N GLY D 448 -5.41 -51.21 -35.88
CA GLY D 448 -6.06 -51.02 -34.60
C GLY D 448 -5.85 -52.10 -33.55
N ASP D 449 -4.87 -52.97 -33.77
CA ASP D 449 -4.56 -54.02 -32.80
C ASP D 449 -3.38 -53.52 -31.95
N LYS D 450 -3.64 -53.14 -30.70
CA LYS D 450 -2.61 -52.59 -29.81
C LYS D 450 -1.45 -53.55 -29.55
N GLU D 451 -1.64 -54.83 -29.86
CA GLU D 451 -0.61 -55.84 -29.66
C GLU D 451 0.52 -55.62 -30.66
N LEU D 452 0.15 -55.23 -31.87
CA LEU D 452 1.12 -55.02 -32.95
C LEU D 452 1.75 -53.62 -32.98
N TRP D 453 1.17 -52.66 -32.27
CA TRP D 453 1.73 -51.31 -32.25
C TRP D 453 3.21 -51.32 -31.80
N PRO D 454 3.57 -52.20 -30.83
CA PRO D 454 4.97 -52.25 -30.43
C PRO D 454 5.80 -52.71 -31.60
N VAL D 455 5.25 -53.66 -32.37
CA VAL D 455 5.93 -54.18 -33.55
C VAL D 455 6.13 -53.04 -34.55
N ALA D 456 5.09 -52.24 -34.78
CA ALA D 456 5.18 -51.13 -35.72
C ALA D 456 6.26 -50.12 -35.33
N ILE D 457 6.19 -49.64 -34.10
CA ILE D 457 7.13 -48.64 -33.61
C ILE D 457 8.54 -49.23 -33.55
N GLY D 458 8.64 -50.48 -33.14
CA GLY D 458 9.91 -51.15 -33.05
C GLY D 458 10.52 -51.27 -34.44
N LEU D 459 9.69 -51.62 -35.41
CA LEU D 459 10.09 -51.77 -36.80
C LEU D 459 10.69 -50.48 -37.29
N ILE D 460 10.02 -49.37 -36.98
CA ILE D 460 10.50 -48.05 -37.39
C ILE D 460 11.79 -47.66 -36.68
N ALA D 461 11.84 -47.90 -35.38
CA ALA D 461 12.97 -47.58 -34.52
C ALA D 461 14.24 -48.33 -34.89
N LEU D 462 14.09 -49.60 -35.25
CA LEU D 462 15.22 -50.45 -35.61
C LEU D 462 15.61 -50.32 -37.08
N SER D 463 14.78 -49.64 -37.88
CA SER D 463 15.07 -49.42 -39.29
C SER D 463 16.54 -49.04 -39.40
N ALA D 464 17.34 -49.88 -40.06
CA ALA D 464 18.77 -49.64 -40.20
C ALA D 464 19.16 -48.36 -40.93
N THR D 465 18.18 -47.61 -41.42
CA THR D 465 18.46 -46.36 -42.11
C THR D 465 17.51 -45.24 -41.68
N GLY D 466 18.00 -44.01 -41.74
CA GLY D 466 17.20 -42.86 -41.34
C GLY D 466 17.68 -42.20 -40.07
N THR D 467 17.71 -40.88 -40.09
CA THR D 467 18.15 -40.09 -38.93
C THR D 467 17.30 -40.37 -37.70
N ARG D 468 17.92 -40.29 -36.53
CA ARG D 468 17.21 -40.48 -35.27
C ARG D 468 16.09 -39.46 -35.16
N SER D 469 16.31 -38.29 -35.75
CA SER D 469 15.34 -37.20 -35.71
C SER D 469 14.17 -37.47 -36.67
N ALA D 470 14.48 -38.11 -37.79
CA ALA D 470 13.46 -38.45 -38.78
C ALA D 470 12.48 -39.44 -38.15
N LYS D 471 13.05 -40.41 -37.45
CA LYS D 471 12.27 -41.44 -36.79
C LYS D 471 11.49 -40.76 -35.69
N LYS D 472 12.15 -39.83 -35.00
CA LYS D 472 11.52 -39.08 -33.93
C LYS D 472 10.22 -38.48 -34.43
N MET D 473 10.30 -37.82 -35.60
CA MET D 473 9.15 -37.18 -36.20
C MET D 473 8.04 -38.17 -36.57
N VAL D 474 8.45 -39.28 -37.17
CA VAL D 474 7.48 -40.31 -37.56
C VAL D 474 6.72 -40.89 -36.37
N ILE D 475 7.44 -41.17 -35.30
CA ILE D 475 6.83 -41.70 -34.09
C ILE D 475 5.95 -40.64 -33.46
N ALA D 476 6.41 -39.39 -33.56
CA ALA D 476 5.68 -38.25 -33.01
C ALA D 476 4.34 -38.13 -33.68
N GLU D 477 4.23 -38.59 -34.92
CA GLU D 477 2.95 -38.50 -35.61
C GLU D 477 2.11 -39.76 -35.48
N LEU D 478 2.76 -40.91 -35.35
CA LEU D 478 2.01 -42.16 -35.21
C LEU D 478 1.44 -42.41 -33.82
N LEU D 479 2.31 -42.38 -32.80
CA LEU D 479 1.91 -42.65 -31.41
C LEU D 479 0.52 -42.16 -30.95
N PRO D 480 0.16 -40.88 -31.22
CA PRO D 480 -1.16 -40.39 -30.79
C PRO D 480 -2.35 -41.27 -31.19
N HIS D 481 -2.16 -42.14 -32.17
CA HIS D 481 -3.22 -43.01 -32.66
C HIS D 481 -3.26 -44.37 -31.95
N TYR D 482 -2.32 -44.58 -31.04
CA TYR D 482 -2.28 -45.83 -30.29
C TYR D 482 -3.60 -46.02 -29.56
N PRO D 483 -4.22 -47.19 -29.73
CA PRO D 483 -5.51 -47.55 -29.12
C PRO D 483 -5.38 -47.99 -27.67
N PHE D 484 -4.90 -47.09 -26.82
CA PHE D 484 -4.69 -47.40 -25.41
C PHE D 484 -6.02 -47.51 -24.68
N VAL D 485 -6.06 -48.35 -23.65
CA VAL D 485 -7.25 -48.53 -22.82
C VAL D 485 -6.86 -48.71 -21.36
N THR D 486 -5.93 -49.62 -21.15
CA THR D 486 -5.42 -49.96 -19.84
C THR D 486 -4.55 -48.79 -19.34
N ASN D 487 -3.95 -48.96 -18.18
CA ASN D 487 -3.07 -47.97 -17.58
C ASN D 487 -1.72 -48.21 -18.21
N ASP D 488 -1.45 -49.49 -18.38
CA ASP D 488 -0.22 -50.00 -18.94
C ASP D 488 0.04 -49.55 -20.36
N ASP D 489 -1.05 -49.43 -21.09
CA ASP D 489 -1.02 -49.00 -22.46
C ASP D 489 -0.47 -47.57 -22.45
N ILE D 490 -1.09 -46.75 -21.61
CA ILE D 490 -0.70 -45.36 -21.47
C ILE D 490 0.74 -45.23 -21.03
N GLU D 491 1.12 -46.04 -20.05
CA GLU D 491 2.49 -46.03 -19.54
C GLU D 491 3.47 -46.42 -20.64
N TRP D 492 3.03 -47.28 -21.55
CA TRP D 492 3.85 -47.71 -22.67
C TRP D 492 4.09 -46.52 -23.59
N MET D 493 2.99 -45.82 -23.88
CA MET D 493 3.02 -44.63 -24.72
C MET D 493 4.03 -43.65 -24.17
N LEU D 494 3.82 -43.34 -22.88
CA LEU D 494 4.68 -42.43 -22.18
C LEU D 494 6.12 -42.89 -22.25
N SER D 495 6.37 -44.15 -21.92
CA SER D 495 7.73 -44.72 -21.99
C SER D 495 8.37 -44.49 -23.35
N ILE D 496 7.54 -44.43 -24.39
CA ILE D 496 8.05 -44.23 -25.74
C ILE D 496 8.30 -42.74 -25.99
N CYS D 497 7.53 -41.91 -25.29
CA CYS D 497 7.69 -40.48 -25.41
C CYS D 497 8.97 -40.08 -24.71
N VAL D 498 9.27 -40.79 -23.62
CA VAL D 498 10.49 -40.60 -22.85
C VAL D 498 11.65 -41.03 -23.73
N GLU D 499 11.63 -42.32 -24.07
CA GLU D 499 12.66 -42.95 -24.90
C GLU D 499 13.01 -42.16 -26.17
N TRP D 500 12.05 -41.39 -26.68
CA TRP D 500 12.30 -40.62 -27.89
C TRP D 500 12.32 -39.12 -27.68
N ARG D 501 11.96 -38.69 -26.47
CA ARG D 501 11.94 -37.29 -26.10
C ARG D 501 10.88 -36.52 -26.86
N LEU D 502 9.62 -36.85 -26.59
CA LEU D 502 8.50 -36.19 -27.22
C LEU D 502 7.58 -35.57 -26.17
N PRO D 503 8.10 -34.60 -25.37
CA PRO D 503 7.37 -33.92 -24.30
C PRO D 503 6.09 -33.22 -24.75
N GLU D 504 6.08 -32.79 -26.00
CA GLU D 504 4.94 -32.10 -26.59
C GLU D 504 3.87 -33.12 -26.94
N ILE D 505 4.33 -34.33 -27.19
CA ILE D 505 3.43 -35.41 -27.54
C ILE D 505 2.83 -35.88 -26.24
N ALA D 506 3.68 -36.25 -25.29
CA ALA D 506 3.20 -36.70 -23.98
C ALA D 506 2.22 -35.69 -23.40
N LYS D 507 2.57 -34.40 -23.51
CA LYS D 507 1.72 -33.34 -22.99
C LYS D 507 0.36 -33.38 -23.67
N GLU D 508 0.36 -33.70 -24.95
CA GLU D 508 -0.90 -33.77 -25.67
C GLU D 508 -1.72 -34.99 -25.25
N ILE D 509 -1.09 -36.17 -25.22
CA ILE D 509 -1.74 -37.40 -24.81
C ILE D 509 -2.43 -37.18 -23.48
N TYR D 510 -1.64 -36.69 -22.52
CA TYR D 510 -2.15 -36.44 -21.19
C TYR D 510 -3.33 -35.48 -21.26
N THR D 511 -3.19 -34.43 -22.07
CA THR D 511 -4.27 -33.47 -22.21
C THR D 511 -5.55 -34.22 -22.57
N THR D 512 -5.41 -35.20 -23.46
CA THR D 512 -6.55 -36.01 -23.89
C THR D 512 -7.11 -36.81 -22.70
N LEU D 513 -6.23 -37.27 -21.82
CA LEU D 513 -6.69 -38.03 -20.63
C LEU D 513 -7.48 -37.15 -19.65
N GLY D 514 -7.02 -35.93 -19.44
CA GLY D 514 -7.69 -35.02 -18.53
C GLY D 514 -9.11 -34.74 -18.99
N ASN D 515 -9.31 -34.75 -20.30
CA ASN D 515 -10.63 -34.51 -20.87
C ASN D 515 -11.48 -35.77 -20.90
N ILE D 524 -15.19 -34.96 -10.64
CA ILE D 524 -14.42 -34.45 -9.51
C ILE D 524 -13.19 -35.31 -9.24
N GLU D 525 -13.37 -36.63 -9.30
CA GLU D 525 -12.27 -37.55 -9.08
C GLU D 525 -11.20 -37.43 -10.16
N SER D 526 -11.65 -37.28 -11.41
CA SER D 526 -10.74 -37.11 -12.53
C SER D 526 -9.89 -35.86 -12.35
N ILE D 527 -10.54 -34.77 -11.97
CA ILE D 527 -9.87 -33.50 -11.72
C ILE D 527 -8.84 -33.62 -10.61
N ALA D 528 -9.21 -34.35 -9.56
CA ALA D 528 -8.31 -34.61 -8.45
C ALA D 528 -7.09 -35.38 -8.94
N ASN D 529 -7.32 -36.38 -9.78
CA ASN D 529 -6.23 -37.16 -10.36
C ASN D 529 -5.28 -36.31 -11.21
N PHE D 530 -5.84 -35.37 -11.97
CA PHE D 530 -5.04 -34.48 -12.82
C PHE D 530 -4.12 -33.56 -12.02
N SER D 531 -4.63 -33.03 -10.92
CA SER D 531 -3.89 -32.11 -10.06
C SER D 531 -2.66 -32.79 -9.44
N LEU D 538 -2.75 -25.13 -19.74
CA LEU D 538 -2.47 -25.95 -18.56
C LEU D 538 -2.46 -25.09 -17.30
N VAL D 539 -1.83 -23.93 -17.39
CA VAL D 539 -1.73 -23.01 -16.27
C VAL D 539 -3.11 -22.51 -15.86
N LYS D 540 -3.92 -22.14 -16.85
CA LYS D 540 -5.28 -21.67 -16.61
C LYS D 540 -6.10 -22.74 -15.90
N SER D 541 -5.96 -23.99 -16.36
CA SER D 541 -6.67 -25.12 -15.77
C SER D 541 -6.28 -25.31 -14.31
N TYR D 542 -4.98 -25.25 -14.04
CA TYR D 542 -4.47 -25.36 -12.68
C TYR D 542 -5.06 -24.27 -11.79
N SER D 543 -5.10 -23.05 -12.33
CA SER D 543 -5.69 -21.92 -11.62
C SER D 543 -7.14 -22.17 -11.26
N TRP D 544 -7.90 -22.66 -12.25
CA TRP D 544 -9.31 -22.98 -12.04
C TRP D 544 -9.47 -24.03 -10.94
N LEU D 545 -8.63 -25.06 -10.98
CA LEU D 545 -8.64 -26.12 -9.98
C LEU D 545 -8.40 -25.54 -8.59
N LEU D 546 -7.42 -24.64 -8.51
CA LEU D 546 -7.12 -23.92 -7.27
C LEU D 546 -8.35 -23.20 -6.74
N PHE D 547 -8.99 -22.43 -7.61
CA PHE D 547 -10.17 -21.65 -7.24
C PHE D 547 -11.27 -22.56 -6.71
N GLU D 548 -11.48 -23.68 -7.39
CA GLU D 548 -12.48 -24.67 -6.97
C GLU D 548 -12.18 -25.20 -5.58
N ALA D 549 -10.92 -25.55 -5.35
CA ALA D 549 -10.47 -26.04 -4.05
C ALA D 549 -10.74 -25.02 -2.95
N SER D 550 -10.43 -23.76 -3.25
CA SER D 550 -10.67 -22.68 -2.31
C SER D 550 -12.15 -22.57 -1.98
N CYS D 551 -12.99 -22.65 -3.00
CA CYS D 551 -14.44 -22.58 -2.81
C CYS D 551 -14.93 -23.70 -1.93
N MET D 552 -14.40 -24.90 -2.16
CA MET D 552 -14.77 -26.06 -1.36
C MET D 552 -14.37 -25.88 0.09
N GLU D 553 -13.17 -25.36 0.31
CA GLU D 553 -12.67 -25.11 1.65
C GLU D 553 -13.57 -24.11 2.37
N GLY D 554 -13.92 -23.03 1.66
CA GLY D 554 -14.79 -22.02 2.23
C GLY D 554 -16.14 -22.60 2.59
N GLN D 555 -16.62 -23.51 1.76
CA GLN D 555 -17.87 -24.19 2.02
C GLN D 555 -17.78 -25.05 3.28
N LYS D 556 -16.65 -25.74 3.45
CA LYS D 556 -16.44 -26.60 4.61
C LYS D 556 -16.40 -25.81 5.91
N VAL D 561 -11.59 -36.83 0.97
CA VAL D 561 -10.97 -36.59 2.26
C VAL D 561 -9.54 -37.13 2.30
N LEU D 562 -9.35 -38.33 1.76
CA LEU D 562 -8.04 -38.97 1.73
C LEU D 562 -7.04 -38.16 0.91
N ASN D 563 -7.47 -37.70 -0.25
CA ASN D 563 -6.64 -36.86 -1.10
C ASN D 563 -6.15 -35.61 -0.35
N ALA D 564 -7.07 -34.96 0.37
CA ALA D 564 -6.74 -33.78 1.16
C ALA D 564 -5.65 -34.08 2.21
N ILE D 565 -5.77 -35.21 2.88
CA ILE D 565 -4.78 -35.65 3.87
C ILE D 565 -3.43 -35.89 3.22
N VAL D 566 -3.44 -36.54 2.06
CA VAL D 566 -2.22 -36.80 1.31
C VAL D 566 -1.51 -35.50 0.92
N SER D 567 -2.30 -34.52 0.52
CA SER D 567 -1.79 -33.20 0.16
C SER D 567 -1.14 -32.49 1.35
N LYS D 568 -1.75 -32.61 2.53
CA LYS D 568 -1.23 -31.97 3.74
C LYS D 568 0.13 -32.55 4.13
N ASP D 574 -1.50 -48.45 1.09
CA ASP D 574 -2.06 -47.66 0.01
C ASP D 574 -1.72 -46.18 0.15
N ASP D 575 -1.85 -45.67 1.37
CA ASP D 575 -1.58 -44.27 1.66
C ASP D 575 -0.12 -43.88 1.40
N VAL D 576 0.80 -44.74 1.83
CA VAL D 576 2.23 -44.51 1.64
C VAL D 576 2.61 -44.42 0.17
N ILE D 577 2.03 -45.31 -0.63
CA ILE D 577 2.23 -45.31 -2.08
C ILE D 577 1.78 -43.98 -2.69
N ILE D 578 0.62 -43.50 -2.27
CA ILE D 578 0.09 -42.22 -2.72
C ILE D 578 1.01 -41.05 -2.35
N PRO D 579 1.48 -41.05 -1.10
CA PRO D 579 2.43 -40.04 -0.65
C PRO D 579 3.69 -40.06 -1.50
N GLN D 580 4.16 -41.26 -1.84
CA GLN D 580 5.34 -41.42 -2.69
C GLN D 580 5.12 -40.86 -4.09
N ASP D 581 3.94 -41.14 -4.65
CA ASP D 581 3.59 -40.64 -5.98
C ASP D 581 3.54 -39.12 -6.01
N ILE D 582 2.92 -38.54 -4.99
CA ILE D 582 2.81 -37.09 -4.88
C ILE D 582 4.18 -36.44 -4.85
N LEU D 583 5.08 -37.07 -4.09
CA LEU D 583 6.43 -36.59 -3.94
C LEU D 583 7.16 -36.62 -5.28
N VAL D 587 1.01 -27.14 -8.80
CA VAL D 587 1.71 -27.32 -7.54
C VAL D 587 1.32 -26.24 -6.53
N THR D 588 1.26 -24.99 -6.98
CA THR D 588 0.87 -23.87 -6.13
C THR D 588 -0.57 -24.05 -5.63
N ASN D 589 -1.45 -24.42 -6.56
CA ASN D 589 -2.83 -24.77 -6.24
C ASN D 589 -2.88 -25.81 -5.12
N SER D 590 -2.10 -26.86 -5.29
CA SER D 590 -2.00 -27.94 -4.34
C SER D 590 -1.56 -27.44 -2.97
N MET D 591 -0.50 -26.64 -2.95
CA MET D 591 0.00 -26.07 -1.70
C MET D 591 -1.07 -25.23 -1.00
N ARG D 592 -1.81 -24.43 -1.76
CA ARG D 592 -2.90 -23.61 -1.23
C ARG D 592 -3.99 -24.45 -0.60
N GLN D 593 -4.40 -25.49 -1.31
CA GLN D 593 -5.41 -26.42 -0.79
C GLN D 593 -4.94 -27.07 0.51
N THR D 594 -3.67 -27.45 0.54
CA THR D 594 -3.07 -28.04 1.74
C THR D 594 -3.13 -27.07 2.92
N LEU D 595 -2.84 -25.81 2.64
CA LEU D 595 -2.89 -24.76 3.65
C LEU D 595 -4.30 -24.56 4.18
N ALA D 596 -5.26 -24.54 3.26
CA ALA D 596 -6.67 -24.40 3.63
C ALA D 596 -7.09 -25.52 4.55
N PRO D 597 -6.71 -26.76 4.20
CA PRO D 597 -6.98 -27.96 5.00
C PRO D 597 -6.39 -27.87 6.40
N TYR D 598 -5.14 -27.42 6.48
CA TYR D 598 -4.48 -27.22 7.76
C TYR D 598 -5.22 -26.19 8.62
N ALA D 599 -5.67 -25.12 7.98
CA ALA D 599 -6.43 -24.08 8.66
C ALA D 599 -7.74 -24.64 9.22
N VAL D 600 -8.46 -25.40 8.41
CA VAL D 600 -9.70 -26.02 8.84
C VAL D 600 -9.46 -26.96 10.02
N LEU D 601 -8.37 -27.72 9.96
CA LEU D 601 -8.00 -28.64 11.03
C LEU D 601 -7.74 -27.91 12.33
N SER D 602 -6.99 -26.81 12.21
CA SER D 602 -6.72 -25.96 13.36
C SER D 602 -8.02 -25.43 13.95
N GLN D 603 -8.95 -25.04 13.07
CA GLN D 603 -10.25 -24.52 13.49
C GLN D 603 -11.04 -25.56 14.26
N PHE D 604 -11.03 -26.79 13.75
CA PHE D 604 -11.70 -27.89 14.42
C PHE D 604 -11.11 -28.15 15.80
N TYR D 605 -9.79 -28.09 15.90
CA TYR D 605 -9.09 -28.31 17.16
C TYR D 605 -9.46 -27.28 18.21
N ASP D 609 -7.30 -20.75 21.50
CA ASP D 609 -7.42 -19.38 21.02
C ASP D 609 -6.26 -18.98 20.10
N ARG D 610 -5.04 -19.28 20.53
CA ARG D 610 -3.85 -18.96 19.75
C ARG D 610 -3.82 -19.68 18.43
N GLU D 611 -4.29 -20.93 18.45
CA GLU D 611 -4.40 -21.72 17.23
C GLU D 611 -5.37 -21.05 16.25
N ASP D 612 -6.50 -20.60 16.79
CA ASP D 612 -7.51 -19.93 15.99
C ASP D 612 -6.95 -18.65 15.34
N TRP D 613 -6.17 -17.91 16.12
CA TRP D 613 -5.52 -16.70 15.63
C TRP D 613 -4.54 -17.01 14.52
N GLY D 614 -3.74 -18.06 14.71
CA GLY D 614 -2.79 -18.49 13.69
C GLY D 614 -3.52 -18.85 12.40
N GLN D 615 -4.63 -19.55 12.53
CA GLN D 615 -5.44 -19.94 11.37
C GLN D 615 -5.99 -18.71 10.64
N ALA D 616 -6.51 -17.75 11.41
CA ALA D 616 -7.03 -16.52 10.84
C ALA D 616 -5.95 -15.76 10.09
N LEU D 617 -4.75 -15.72 10.68
CA LEU D 617 -3.61 -15.08 10.05
C LEU D 617 -3.26 -15.75 8.73
N ARG D 618 -3.24 -17.09 8.74
CA ARG D 618 -2.97 -17.85 7.52
C ARG D 618 -4.00 -17.52 6.44
N LEU D 619 -5.26 -17.44 6.84
CA LEU D 619 -6.35 -17.08 5.93
C LEU D 619 -6.17 -15.69 5.32
N LEU D 620 -5.83 -14.71 6.15
CA LEU D 620 -5.57 -13.37 5.67
C LEU D 620 -4.42 -13.35 4.67
N LEU D 621 -3.37 -14.10 4.97
CA LEU D 621 -2.21 -14.21 4.08
C LEU D 621 -2.59 -14.80 2.73
N LEU D 622 -3.42 -15.83 2.77
CA LEU D 622 -3.90 -16.46 1.55
C LEU D 622 -4.71 -15.48 0.70
N LEU D 623 -5.61 -14.72 1.35
CA LEU D 623 -6.43 -13.69 0.70
C LEU D 623 -5.58 -12.64 0.02
N ILE D 624 -4.51 -12.21 0.70
CA ILE D 624 -3.57 -11.25 0.14
C ILE D 624 -2.89 -11.80 -1.11
N GLU D 625 -2.50 -13.08 -1.07
CA GLU D 625 -1.86 -13.73 -2.22
C GLU D 625 -2.78 -13.79 -3.45
N PHE D 626 -4.07 -14.10 -3.23
CA PHE D 626 -5.08 -14.17 -4.28
C PHE D 626 -5.31 -12.82 -4.97
N HIS D 632 -12.47 -12.59 -4.90
CA HIS D 632 -13.52 -11.83 -4.21
C HIS D 632 -14.30 -12.73 -3.28
N TYR D 633 -14.64 -13.92 -3.78
CA TYR D 633 -15.39 -14.90 -2.99
C TYR D 633 -14.60 -15.31 -1.77
N LEU D 634 -13.30 -15.53 -1.96
CA LEU D 634 -12.41 -15.91 -0.89
C LEU D 634 -12.43 -14.84 0.21
N VAL D 635 -12.32 -13.58 -0.21
CA VAL D 635 -12.34 -12.45 0.72
C VAL D 635 -13.63 -12.42 1.54
N LEU D 636 -14.76 -12.66 0.86
CA LEU D 636 -16.06 -12.69 1.52
C LEU D 636 -16.13 -13.82 2.56
N LEU D 637 -15.66 -15.00 2.18
CA LEU D 637 -15.62 -16.14 3.11
C LEU D 637 -14.80 -15.79 4.34
N VAL D 638 -13.66 -15.15 4.12
CA VAL D 638 -12.78 -14.70 5.21
C VAL D 638 -13.51 -13.73 6.14
N ALA D 639 -14.17 -12.74 5.56
CA ALA D 639 -14.94 -11.77 6.34
C ALA D 639 -16.01 -12.46 7.19
N LYS D 640 -16.69 -13.43 6.58
CA LYS D 640 -17.71 -14.22 7.28
C LYS D 640 -17.11 -14.95 8.47
N PHE D 641 -15.95 -15.57 8.26
CA PHE D 641 -15.25 -16.26 9.33
C PHE D 641 -14.87 -15.31 10.47
N LEU D 642 -14.42 -14.11 10.11
CA LEU D 642 -14.03 -13.11 11.11
C LEU D 642 -15.21 -12.65 11.95
N TYR D 643 -16.34 -12.43 11.28
CA TYR D 643 -17.56 -12.03 11.95
C TYR D 643 -17.98 -13.10 12.96
N PRO D 644 -17.91 -14.38 12.56
CA PRO D 644 -18.25 -15.53 13.41
C PRO D 644 -17.36 -15.60 14.65
N ILE D 645 -16.08 -15.32 14.47
CA ILE D 645 -15.14 -15.29 15.58
C ILE D 645 -15.48 -14.19 16.57
N PHE D 646 -15.87 -13.02 16.04
CA PHE D 646 -16.22 -11.87 16.88
C PHE D 646 -17.45 -12.16 17.74
N GLU D 656 -2.18 -9.12 18.60
CA GLU D 656 -3.28 -8.19 18.41
C GLU D 656 -2.95 -7.16 17.33
N ASP D 657 -1.75 -6.59 17.41
CA ASP D 657 -1.32 -5.58 16.45
C ASP D 657 -1.24 -6.17 15.05
N SER D 658 -0.70 -7.37 14.95
CA SER D 658 -0.60 -8.07 13.67
C SER D 658 -1.98 -8.30 13.08
N VAL D 659 -2.91 -8.69 13.94
CA VAL D 659 -4.29 -8.93 13.54
C VAL D 659 -4.90 -7.66 12.97
N ALA D 660 -4.71 -6.56 13.68
CA ALA D 660 -5.21 -5.26 13.23
C ALA D 660 -4.63 -4.91 11.86
N THR D 661 -3.32 -5.11 11.70
CA THR D 661 -2.65 -4.83 10.43
C THR D 661 -3.26 -5.63 9.29
N VAL D 662 -3.51 -6.91 9.55
CA VAL D 662 -4.14 -7.78 8.57
C VAL D 662 -5.53 -7.25 8.19
N ILE D 663 -6.36 -6.94 9.19
CA ILE D 663 -7.71 -6.42 8.97
C ILE D 663 -7.69 -5.18 8.09
N GLU D 664 -6.72 -4.33 8.37
CA GLU D 664 -6.49 -3.11 7.62
C GLU D 664 -6.16 -3.41 6.16
N VAL D 665 -5.21 -4.31 5.93
CA VAL D 665 -4.82 -4.70 4.58
C VAL D 665 -6.02 -5.22 3.80
N ILE D 666 -6.84 -5.99 4.49
CA ILE D 666 -8.06 -6.53 3.91
C ILE D 666 -9.01 -5.42 3.50
N GLU D 667 -9.19 -4.44 4.39
CA GLU D 667 -10.05 -3.30 4.10
C GLU D 667 -9.54 -2.54 2.87
N THR D 668 -8.23 -2.42 2.77
CA THR D 668 -7.60 -1.75 1.64
C THR D 668 -7.87 -2.51 0.35
N LYS D 669 -7.77 -3.83 0.41
CA LYS D 669 -8.01 -4.67 -0.75
C LYS D 669 -9.46 -4.57 -1.21
N TRP D 670 -10.37 -4.50 -0.26
CA TRP D 670 -11.80 -4.41 -0.56
C TRP D 670 -12.15 -3.14 -1.32
N SER D 678 -18.77 -10.80 -9.42
CA SER D 678 -19.47 -9.97 -8.44
C SER D 678 -20.80 -10.59 -8.02
N ASN D 679 -21.57 -11.05 -8.99
CA ASN D 679 -22.87 -11.68 -8.74
C ASN D 679 -22.73 -12.95 -7.90
N LEU D 680 -21.74 -13.77 -8.23
CA LEU D 680 -21.46 -14.99 -7.49
C LEU D 680 -21.11 -14.68 -6.04
N TYR D 681 -20.32 -13.62 -5.85
CA TYR D 681 -19.93 -13.18 -4.52
C TYR D 681 -21.15 -12.75 -3.70
N GLU D 682 -22.03 -11.98 -4.33
CA GLU D 682 -23.27 -11.55 -3.69
C GLU D 682 -24.13 -12.74 -3.30
N THR D 683 -24.22 -13.73 -4.19
CA THR D 683 -24.97 -14.95 -3.92
C THR D 683 -24.40 -15.71 -2.73
N ILE D 684 -23.08 -15.82 -2.70
CA ILE D 684 -22.40 -16.48 -1.59
C ILE D 684 -22.70 -15.75 -0.28
N ILE D 685 -22.64 -14.42 -0.33
CA ILE D 685 -22.95 -13.59 0.84
C ILE D 685 -24.37 -13.84 1.32
N GLU D 686 -25.31 -13.91 0.39
CA GLU D 686 -26.72 -14.18 0.69
C GLU D 686 -26.90 -15.55 1.35
N ALA D 687 -26.19 -16.55 0.81
CA ALA D 687 -26.23 -17.90 1.37
C ALA D 687 -25.69 -17.91 2.79
N ASP D 688 -24.62 -17.17 3.02
CA ASP D 688 -24.01 -17.07 4.35
C ASP D 688 -24.96 -16.41 5.36
N LYS D 689 -25.61 -15.33 4.94
CA LYS D 689 -26.58 -14.64 5.80
C LYS D 689 -27.74 -15.56 6.18
N SER D 690 -28.17 -16.38 5.23
CA SER D 690 -29.25 -17.33 5.45
C SER D 690 -28.85 -18.39 6.48
N ALA D 696 -24.63 -4.05 1.50
CA ALA D 696 -24.93 -4.57 2.83
C ALA D 696 -23.74 -5.35 3.38
N THR D 697 -23.15 -6.18 2.53
CA THR D 697 -22.00 -7.00 2.92
C THR D 697 -20.82 -6.11 3.30
N LEU D 698 -20.54 -5.11 2.46
CA LEU D 698 -19.45 -4.18 2.71
C LEU D 698 -19.64 -3.44 4.03
N LEU D 699 -20.88 -3.06 4.31
CA LEU D 699 -21.23 -2.37 5.54
C LEU D 699 -20.97 -3.25 6.76
N LYS D 700 -21.41 -4.51 6.67
CA LYS D 700 -21.20 -5.47 7.74
C LYS D 700 -19.71 -5.65 7.99
N ASN D 701 -18.94 -5.72 6.91
CA ASN D 701 -17.48 -5.82 6.99
C ASN D 701 -16.87 -4.63 7.72
N LEU D 702 -17.29 -3.42 7.35
CA LEU D 702 -16.82 -2.20 8.00
C LEU D 702 -17.14 -2.21 9.50
N ARG D 703 -18.36 -2.65 9.84
CA ARG D 703 -18.78 -2.76 11.23
C ARG D 703 -17.90 -3.71 12.02
N LYS D 704 -17.64 -4.87 11.43
CA LYS D 704 -16.74 -5.85 12.04
C LYS D 704 -15.35 -5.26 12.28
N LYS D 705 -14.82 -4.55 11.28
CA LYS D 705 -13.51 -3.91 11.39
C LYS D 705 -13.48 -2.91 12.54
N LEU D 706 -14.53 -2.11 12.64
CA LEU D 706 -14.67 -1.15 13.73
C LEU D 706 -14.67 -1.86 15.09
N ASN D 707 -15.44 -2.94 15.19
CA ASN D 707 -15.47 -3.73 16.42
C ASN D 707 -14.09 -4.25 16.81
N PHE D 708 -13.36 -4.78 15.82
CA PHE D 708 -12.01 -5.28 16.04
C PHE D 708 -11.07 -4.18 16.55
N LYS D 709 -11.15 -3.00 15.93
CA LYS D 709 -10.37 -1.85 16.34
C LYS D 709 -10.66 -1.48 17.79
N LEU D 710 -11.94 -1.44 18.14
CA LEU D 710 -12.37 -1.17 19.51
C LEU D 710 -11.77 -2.18 20.49
N CYS D 711 -11.84 -3.46 20.12
CA CYS D 711 -11.26 -4.52 20.93
C CYS D 711 -9.76 -4.33 21.15
N GLN D 712 -9.06 -3.97 20.09
CA GLN D 712 -7.62 -3.72 20.17
C GLN D 712 -7.31 -2.54 21.09
N ALA D 713 -8.13 -1.49 20.99
CA ALA D 713 -7.99 -0.33 21.85
C ALA D 713 -8.19 -0.69 23.32
N PHE D 714 -9.19 -1.52 23.60
CA PHE D 714 -9.47 -1.96 24.98
C PHE D 714 -8.33 -2.78 25.57
N MET D 715 -7.71 -3.60 24.72
CA MET D 715 -6.59 -4.44 25.13
C MET D 715 -5.38 -3.60 25.54
N ALA E 10 -5.74 -16.30 116.59
CA ALA E 10 -5.01 -15.30 115.81
C ALA E 10 -5.85 -14.04 115.59
N CYS E 11 -5.44 -12.95 116.23
CA CYS E 11 -6.22 -11.72 116.26
C CYS E 11 -5.61 -10.68 115.33
N LEU E 12 -4.41 -10.97 114.84
CA LEU E 12 -3.76 -10.10 113.88
C LEU E 12 -3.48 -10.84 112.56
N SER E 13 -3.43 -10.07 111.48
CA SER E 13 -3.09 -10.60 110.17
C SER E 13 -1.86 -9.90 109.60
N ARG E 14 -1.28 -10.49 108.55
CA ARG E 14 -0.08 -9.93 107.95
C ARG E 14 -0.36 -9.21 106.64
N ILE E 15 0.03 -7.94 106.60
CA ILE E 15 -0.10 -7.10 105.42
C ILE E 15 1.31 -6.76 104.94
N ASP E 16 1.68 -7.28 103.78
CA ASP E 16 3.04 -7.05 103.29
C ASP E 16 3.12 -5.81 102.41
N ALA E 17 4.17 -5.03 102.61
CA ALA E 17 4.32 -3.76 101.91
C ALA E 17 5.70 -3.69 101.27
N ASN E 18 5.71 -3.73 99.95
CA ASN E 18 6.90 -3.40 99.18
C ASN E 18 6.75 -2.00 98.64
N LEU E 19 7.46 -1.06 99.27
CA LEU E 19 7.29 0.37 99.02
C LEU E 19 7.46 0.79 97.57
N LEU E 20 8.01 -0.09 96.74
CA LEU E 20 8.23 0.22 95.33
C LEU E 20 7.24 -0.48 94.40
N GLN E 21 6.26 -1.17 94.97
CA GLN E 21 5.37 -2.05 94.22
C GLN E 21 4.63 -1.36 93.05
N TYR E 22 4.25 -0.10 93.24
CA TYR E 22 3.46 0.61 92.23
C TYR E 22 4.26 1.03 91.00
N TYR E 23 5.59 1.02 91.12
CA TYR E 23 6.43 1.57 90.05
C TYR E 23 7.19 0.49 89.29
N GLU E 24 7.50 0.79 88.04
CA GLU E 24 8.26 -0.11 87.20
C GLU E 24 9.72 -0.23 87.67
N LYS E 25 10.42 0.89 87.83
CA LYS E 25 11.81 0.84 88.30
C LYS E 25 11.88 0.21 89.70
N PRO E 26 12.62 -0.91 89.83
CA PRO E 26 12.85 -1.49 91.16
C PRO E 26 13.91 -0.77 91.98
N GLU E 27 14.25 0.45 91.58
CA GLU E 27 15.12 1.30 92.38
C GLU E 27 14.79 2.78 92.18
N PRO E 28 14.80 3.55 93.28
CA PRO E 28 14.60 5.00 93.20
C PRO E 28 15.64 5.70 92.31
N ASN E 29 15.18 6.60 91.44
CA ASN E 29 16.09 7.31 90.55
C ASN E 29 17.10 8.12 91.37
N ASN E 30 16.63 8.65 92.49
CA ASN E 30 17.47 9.46 93.35
C ASN E 30 18.12 8.63 94.43
N THR E 31 19.31 8.15 94.12
CA THR E 31 20.11 7.39 95.06
C THR E 31 21.48 8.05 95.10
N VAL E 32 22.00 8.26 96.30
CA VAL E 32 23.28 8.92 96.40
C VAL E 32 24.23 8.07 97.22
N ASP E 33 25.47 7.99 96.74
CA ASP E 33 26.47 7.15 97.36
C ASP E 33 27.53 8.01 98.02
N LEU E 34 27.51 8.05 99.35
CA LEU E 34 28.54 8.75 100.08
C LEU E 34 29.62 7.76 100.48
N TYR E 35 30.86 8.23 100.50
CA TYR E 35 32.02 7.37 100.69
C TYR E 35 32.90 7.92 101.81
N VAL E 36 33.37 7.03 102.67
CA VAL E 36 34.17 7.42 103.83
C VAL E 36 35.62 6.97 103.69
N SER E 37 36.54 7.90 103.98
CA SER E 37 37.97 7.63 103.87
C SER E 37 38.47 6.86 105.08
N GLY E 61 21.03 -3.83 101.85
CA GLY E 61 21.37 -3.91 103.26
C GLY E 61 20.64 -5.02 103.99
N SER E 62 21.06 -6.25 103.73
CA SER E 62 20.29 -7.43 104.14
C SER E 62 20.91 -8.17 105.34
N GLU E 63 21.20 -7.45 106.42
CA GLU E 63 21.57 -8.09 107.67
C GLU E 63 20.96 -7.41 108.90
N TYR E 64 20.75 -6.10 108.83
CA TYR E 64 19.93 -5.48 109.86
C TYR E 64 19.13 -4.34 109.26
N SER E 65 17.92 -4.12 109.76
CA SER E 65 17.15 -2.97 109.35
C SER E 65 16.19 -2.50 110.40
N ASN E 66 15.97 -1.18 110.45
CA ASN E 66 15.12 -0.61 111.49
C ASN E 66 14.53 0.70 111.03
N CYS E 67 13.53 1.17 111.77
CA CYS E 67 12.97 2.49 111.53
C CYS E 67 13.19 3.37 112.74
N LEU E 68 13.30 4.67 112.49
CA LEU E 68 13.43 5.63 113.56
C LEU E 68 12.60 6.86 113.24
N LEU E 69 11.86 7.33 114.24
CA LEU E 69 11.01 8.50 114.07
C LEU E 69 11.84 9.74 114.34
N LEU E 70 11.62 10.79 113.54
CA LEU E 70 12.39 12.03 113.66
C LEU E 70 11.51 13.22 114.07
N SER E 71 12.15 14.36 114.32
CA SER E 71 11.48 15.60 114.67
C SER E 71 10.35 16.01 113.72
N ASN E 72 10.47 15.67 112.44
CA ASN E 72 9.48 16.09 111.44
C ASN E 72 8.32 15.12 111.21
N SER E 73 8.11 14.19 112.15
CA SER E 73 7.03 13.20 112.08
C SER E 73 7.22 12.17 110.97
N GLU E 74 8.39 12.20 110.35
CA GLU E 74 8.70 11.27 109.27
C GLU E 74 9.50 10.11 109.85
N TYR E 75 9.32 8.94 109.27
CA TYR E 75 10.12 7.78 109.58
C TYR E 75 11.26 7.57 108.61
N ILE E 76 12.47 7.46 109.16
CA ILE E 76 13.61 7.11 108.33
C ILE E 76 13.95 5.64 108.57
N CYS E 77 14.19 4.94 107.48
CA CYS E 77 14.58 3.55 107.54
C CYS E 77 16.07 3.45 107.34
N TYR E 78 16.67 2.46 107.98
CA TYR E 78 18.06 2.20 107.71
C TYR E 78 18.36 0.73 107.67
N HIS E 79 19.38 0.39 106.88
CA HIS E 79 19.79 -0.98 106.67
C HIS E 79 21.30 -1.06 106.81
N PHE E 80 21.76 -2.08 107.51
CA PHE E 80 23.18 -2.32 107.61
C PHE E 80 23.38 -3.60 106.82
N SER E 81 24.30 -3.57 105.86
CA SER E 81 24.47 -4.67 104.93
C SER E 81 24.99 -5.92 105.61
N SER E 82 25.01 -7.02 104.86
CA SER E 82 25.51 -8.30 105.35
C SER E 82 26.92 -8.18 105.92
N ARG E 83 27.77 -7.45 105.21
CA ARG E 83 29.17 -7.31 105.60
C ARG E 83 29.38 -6.24 106.66
N SER E 84 28.35 -5.44 106.92
CA SER E 84 28.44 -4.30 107.84
C SER E 84 29.41 -3.28 107.28
N THR E 85 29.45 -3.19 105.96
CA THR E 85 30.27 -2.20 105.25
C THR E 85 29.42 -1.11 104.62
N LEU E 86 28.11 -1.32 104.56
CA LEU E 86 27.23 -0.35 103.92
C LEU E 86 26.02 -0.02 104.79
N LEU E 87 25.79 1.28 104.97
CA LEU E 87 24.64 1.76 105.71
C LEU E 87 23.73 2.44 104.70
N THR E 88 22.44 2.16 104.76
CA THR E 88 21.51 2.74 103.80
C THR E 88 20.35 3.42 104.50
N PHE E 89 20.00 4.62 104.05
CA PHE E 89 18.86 5.34 104.62
C PHE E 89 17.82 5.68 103.57
N TYR E 90 16.55 5.50 103.90
CA TYR E 90 15.49 5.97 103.00
C TYR E 90 14.21 6.33 103.74
N PRO E 91 13.46 7.32 103.23
CA PRO E 91 12.23 7.75 103.91
C PRO E 91 11.06 6.80 103.71
N LEU E 92 10.58 6.23 104.81
CA LEU E 92 9.45 5.28 104.83
C LEU E 92 8.30 5.69 103.91
N SER E 93 7.91 6.96 103.98
CA SER E 93 6.67 7.42 103.35
C SER E 93 6.88 7.95 101.93
N ASP E 94 8.10 7.85 101.42
CA ASP E 94 8.41 8.35 100.09
C ASP E 94 9.62 7.64 99.51
N ALA E 95 9.56 6.31 99.49
CA ALA E 95 10.71 5.50 99.12
C ALA E 95 11.11 5.72 97.66
N TYR E 96 10.14 5.85 96.78
CA TYR E 96 10.42 5.94 95.35
C TYR E 96 10.93 7.31 94.91
N HIS E 97 10.21 8.36 95.27
CA HIS E 97 10.60 9.70 94.84
C HIS E 97 11.63 10.33 95.77
N GLY E 98 11.60 9.94 97.03
CA GLY E 98 12.54 10.45 98.01
C GLY E 98 13.93 9.89 97.79
N LYS E 99 14.88 10.34 98.61
CA LYS E 99 16.28 10.00 98.40
C LYS E 99 16.67 8.83 99.27
N THR E 100 17.31 7.85 98.66
CA THR E 100 17.99 6.83 99.44
C THR E 100 19.48 7.13 99.39
N ILE E 101 20.11 7.03 100.55
CA ILE E 101 21.51 7.37 100.70
C ILE E 101 22.30 6.14 101.09
N ASN E 102 23.30 5.80 100.30
CA ASN E 102 24.20 4.72 100.65
C ASN E 102 25.51 5.28 101.15
N ILE E 103 25.80 5.01 102.41
CA ILE E 103 27.05 5.39 103.02
C ILE E 103 27.96 4.17 103.05
N HIS E 104 29.08 4.29 102.34
CA HIS E 104 30.06 3.22 102.24
C HIS E 104 31.12 3.36 103.33
N LEU E 105 31.49 2.24 103.95
CA LEU E 105 32.40 2.27 105.10
C LEU E 105 33.74 1.67 104.70
N PRO E 106 34.84 2.21 105.25
CA PRO E 106 36.16 1.70 104.83
C PRO E 106 36.37 0.23 105.18
N ASN E 107 35.89 -0.17 106.34
CA ASN E 107 35.84 -1.57 106.76
C ASN E 107 34.61 -1.82 107.60
N ALA E 108 34.36 -3.09 107.90
CA ALA E 108 33.21 -3.48 108.70
C ALA E 108 33.36 -3.05 110.15
N SER E 109 32.23 -2.92 110.84
CA SER E 109 32.21 -2.62 112.26
C SER E 109 32.68 -3.83 113.04
N MET E 110 33.14 -3.60 114.27
CA MET E 110 33.77 -4.65 115.08
C MET E 110 32.84 -5.85 115.23
N ASN E 111 31.60 -5.57 115.58
CA ASN E 111 30.61 -6.62 115.80
C ASN E 111 29.25 -6.21 115.26
N GLN E 112 29.15 -6.07 113.93
CA GLN E 112 27.88 -5.82 113.26
C GLN E 112 27.16 -4.57 113.80
N ARG E 113 25.83 -4.55 113.67
CA ARG E 113 25.03 -3.43 114.15
C ARG E 113 25.13 -3.23 115.66
N TYR E 114 25.62 -4.25 116.37
CA TYR E 114 25.78 -4.16 117.81
C TYR E 114 26.90 -3.19 118.17
N THR E 115 27.78 -2.90 117.21
CA THR E 115 28.78 -1.85 117.42
C THR E 115 28.42 -0.57 116.68
N LEU E 116 27.13 -0.33 116.53
CA LEU E 116 26.65 0.83 115.79
C LEU E 116 25.50 1.48 116.53
N THR E 117 25.47 2.81 116.52
CA THR E 117 24.38 3.56 117.13
C THR E 117 23.93 4.64 116.17
N ILE E 118 22.65 4.99 116.27
CA ILE E 118 22.05 6.03 115.46
C ILE E 118 20.99 6.74 116.28
N GLN E 119 21.18 8.03 116.48
CA GLN E 119 20.25 8.83 117.27
C GLN E 119 20.16 10.21 116.66
N GLU E 120 19.00 10.83 116.81
CA GLU E 120 18.85 12.19 116.32
C GLU E 120 19.19 13.20 117.42
N VAL E 121 20.34 13.83 117.28
CA VAL E 121 20.79 14.85 118.22
C VAL E 121 20.01 16.16 118.07
N GLU E 122 20.47 17.07 117.22
CA GLU E 122 19.78 18.33 116.98
C GLU E 122 19.74 18.64 115.49
N GLN E 123 18.67 18.17 114.86
CA GLN E 123 18.40 18.36 113.42
C GLN E 123 19.37 17.52 112.59
N GLN E 124 19.98 16.53 113.23
CA GLN E 124 20.95 15.65 112.55
C GLN E 124 20.87 14.20 113.00
N LEU E 125 21.11 13.29 112.06
CA LEU E 125 21.31 11.89 112.38
C LEU E 125 22.77 11.72 112.77
N LEU E 126 22.99 11.50 114.06
CA LEU E 126 24.30 11.20 114.59
C LEU E 126 24.47 9.69 114.60
N VAL E 127 25.51 9.22 113.94
CA VAL E 127 25.74 7.79 113.81
C VAL E 127 27.14 7.48 114.28
N ASN E 128 27.29 6.63 115.28
CA ASN E 128 28.63 6.24 115.66
C ASN E 128 28.84 4.76 115.41
N VAL E 129 30.06 4.40 115.05
CA VAL E 129 30.38 3.04 114.64
C VAL E 129 31.82 2.72 115.00
N ILE E 130 32.00 1.78 115.93
CA ILE E 130 33.32 1.23 116.19
C ILE E 130 33.63 0.24 115.09
N LEU E 131 34.72 0.47 114.37
CA LEU E 131 35.06 -0.36 113.23
C LEU E 131 35.98 -1.48 113.68
N LYS E 132 36.25 -2.43 112.78
CA LYS E 132 37.03 -3.61 113.13
C LYS E 132 38.46 -3.29 113.57
N ASP E 133 39.10 -2.35 112.89
CA ASP E 133 40.49 -2.01 113.22
C ASP E 133 40.64 -1.29 114.56
N GLY E 134 39.53 -0.82 115.11
CA GLY E 134 39.55 -0.13 116.39
C GLY E 134 39.07 1.31 116.31
N SER E 135 39.00 1.85 115.09
CA SER E 135 38.59 3.24 114.90
C SER E 135 37.19 3.46 115.42
N PHE E 136 36.90 4.68 115.85
CA PHE E 136 35.57 5.07 116.25
C PHE E 136 35.06 6.16 115.29
N LEU E 137 34.21 5.75 114.35
CA LEU E 137 33.71 6.64 113.31
C LEU E 137 32.45 7.37 113.76
N THR E 138 32.43 8.67 113.48
CA THR E 138 31.25 9.50 113.69
C THR E 138 30.73 9.98 112.36
N LEU E 139 29.42 9.86 112.17
CA LEU E 139 28.72 10.41 111.02
C LEU E 139 27.72 11.45 111.49
N GLN E 140 27.69 12.56 110.77
CA GLN E 140 26.70 13.60 111.01
C GLN E 140 25.95 13.86 109.72
N LEU E 141 24.68 13.50 109.69
CA LEU E 141 23.89 13.64 108.49
C LEU E 141 22.78 14.62 108.79
N PRO E 142 22.84 15.81 108.19
CA PRO E 142 21.78 16.79 108.48
C PRO E 142 20.40 16.29 108.07
N LEU E 143 19.42 16.54 108.92
CA LEU E 143 18.02 16.17 108.67
C LEU E 143 17.59 16.68 107.30
N SER E 144 17.95 17.92 106.99
CA SER E 144 17.65 18.53 105.70
C SER E 144 18.14 17.62 104.58
N PHE E 145 19.42 17.26 104.63
CA PHE E 145 20.05 16.44 103.59
C PHE E 145 19.31 15.13 103.34
N LEU E 146 18.72 14.56 104.39
CA LEU E 146 17.98 13.31 104.28
C LEU E 146 16.67 13.47 103.51
N PHE E 147 16.14 14.68 103.49
CA PHE E 147 14.89 14.95 102.80
C PHE E 147 15.06 16.00 101.72
N SER E 148 16.30 16.25 101.33
CA SER E 148 16.58 17.20 100.26
C SER E 148 16.70 16.48 98.92
N SER E 149 16.87 17.25 97.86
CA SER E 149 17.12 16.70 96.54
C SER E 149 18.61 16.48 96.30
N ALA E 150 19.44 17.15 97.10
CA ALA E 150 20.88 17.22 96.85
C ALA E 150 21.56 15.85 96.77
N ASN E 151 22.54 15.76 95.87
CA ASN E 151 23.37 14.57 95.76
C ASN E 151 24.76 14.83 96.30
N THR E 152 24.92 16.00 96.91
CA THR E 152 26.18 16.41 97.51
C THR E 152 25.96 16.69 98.99
N LEU E 153 27.02 16.58 99.78
CA LEU E 153 26.98 16.98 101.18
C LEU E 153 28.22 17.78 101.55
N ASN E 154 27.98 18.92 102.21
CA ASN E 154 29.03 19.83 102.60
C ASN E 154 29.45 19.67 104.06
N GLY E 155 30.65 20.11 104.39
CA GLY E 155 31.12 20.07 105.77
C GLY E 155 31.54 18.70 106.25
N GLU E 156 32.04 18.63 107.47
CA GLU E 156 32.55 17.40 108.03
C GLU E 156 31.42 16.48 108.44
N TRP E 157 30.96 15.64 107.52
CA TRP E 157 29.91 14.67 107.85
C TRP E 157 30.47 13.38 108.46
N PHE E 158 31.78 13.26 108.55
CA PHE E 158 32.37 12.11 109.23
C PHE E 158 33.70 12.40 109.90
N HIS E 159 33.89 11.79 111.06
CA HIS E 159 35.13 11.91 111.82
C HIS E 159 35.65 10.52 112.21
N LEU E 160 36.88 10.21 111.81
CA LEU E 160 37.57 9.03 112.34
C LEU E 160 38.32 9.41 113.61
N GLN E 161 38.56 8.41 114.46
CA GLN E 161 39.14 8.66 115.77
C GLN E 161 39.58 7.37 116.46
N ASN E 162 40.69 7.45 117.20
CA ASN E 162 41.18 6.31 117.96
C ASN E 162 41.32 6.66 119.44
N PRO E 163 40.24 6.54 120.21
CA PRO E 163 40.33 6.92 121.62
C PRO E 163 40.95 5.84 122.52
N TYR E 164 40.61 4.58 122.28
CA TYR E 164 41.18 3.47 123.06
C TYR E 164 41.87 2.44 122.16
N ASP E 165 42.77 1.65 122.76
CA ASP E 165 43.41 0.54 122.05
C ASP E 165 42.55 -0.73 122.13
N PHE E 166 41.74 -0.96 121.10
CA PHE E 166 40.86 -2.12 121.04
C PHE E 166 41.52 -3.35 120.44
N THR E 167 42.82 -3.26 120.19
CA THR E 167 43.58 -4.41 119.71
C THR E 167 43.72 -5.44 120.83
N VAL E 168 44.10 -4.95 122.01
CA VAL E 168 44.22 -5.80 123.19
C VAL E 168 42.86 -6.34 123.69
N ARG E 169 41.97 -5.43 124.11
CA ARG E 169 40.70 -5.81 124.70
C ARG E 169 39.60 -5.46 123.72
N VAL E 170 39.07 -6.47 123.06
CA VAL E 170 38.14 -6.27 121.96
C VAL E 170 36.72 -5.99 122.49
N PRO E 171 36.10 -4.92 122.00
CA PRO E 171 34.73 -4.59 122.38
C PRO E 171 33.74 -5.34 121.51
N HIS E 172 32.46 -5.36 121.89
CA HIS E 172 31.47 -6.04 121.08
C HIS E 172 30.08 -5.41 121.10
N PHE E 173 29.90 -4.40 121.95
CA PHE E 173 28.58 -3.80 122.11
C PHE E 173 28.68 -2.32 122.48
N LEU E 174 28.05 -1.47 121.65
CA LEU E 174 28.09 -0.02 121.83
C LEU E 174 26.70 0.48 122.20
N PHE E 175 26.61 1.20 123.32
CA PHE E 175 25.32 1.67 123.83
C PHE E 175 25.26 3.18 124.03
N TYR E 176 24.38 3.85 123.29
CA TYR E 176 24.19 5.31 123.41
C TYR E 176 23.50 5.68 124.73
N VAL E 177 24.02 6.70 125.40
CA VAL E 177 23.41 7.21 126.63
C VAL E 177 22.96 8.66 126.47
N SER E 178 23.78 9.47 125.81
CA SER E 178 23.55 10.90 125.65
C SER E 178 24.39 11.40 124.48
N PRO E 179 24.09 12.60 123.94
CA PRO E 179 24.89 13.19 122.85
C PRO E 179 26.40 13.19 123.09
N GLN E 180 26.82 13.33 124.34
CA GLN E 180 28.25 13.37 124.68
C GLN E 180 28.73 12.09 125.34
N PHE E 181 27.82 11.36 125.97
CA PHE E 181 28.20 10.16 126.71
C PHE E 181 27.52 8.89 126.23
N SER E 182 28.33 7.84 126.14
CA SER E 182 27.87 6.51 125.84
C SER E 182 28.97 5.51 126.25
N VAL E 183 28.55 4.33 126.69
CA VAL E 183 29.48 3.32 127.20
C VAL E 183 29.82 2.24 126.18
N VAL E 184 30.99 1.62 126.35
CA VAL E 184 31.39 0.50 125.52
C VAL E 184 31.47 -0.77 126.37
N PHE E 185 31.01 -1.88 125.81
CA PHE E 185 31.12 -3.18 126.48
C PHE E 185 32.14 -4.06 125.78
N LEU E 186 32.89 -4.82 126.58
CA LEU E 186 34.00 -5.59 126.06
C LEU E 186 33.74 -7.09 126.18
N GLU E 187 34.40 -7.85 125.32
CA GLU E 187 34.19 -9.29 125.25
C GLU E 187 34.64 -9.95 126.56
N ASP E 188 35.73 -9.46 127.14
CA ASP E 188 36.22 -10.02 128.40
C ASP E 188 35.35 -9.69 129.61
N GLY E 189 34.47 -8.71 129.48
CA GLY E 189 33.51 -8.43 130.54
C GLY E 189 33.57 -7.01 131.07
N GLY E 190 34.56 -6.25 130.62
CA GLY E 190 34.78 -4.92 131.16
C GLY E 190 33.97 -3.85 130.47
N LEU E 191 33.68 -2.79 131.20
CA LEU E 191 33.01 -1.64 130.60
C LEU E 191 34.01 -0.50 130.46
N LEU E 192 33.87 0.22 129.36
CA LEU E 192 34.62 1.45 129.12
C LEU E 192 33.62 2.60 129.04
N GLY E 193 34.02 3.76 129.52
CA GLY E 193 33.21 4.95 129.33
C GLY E 193 33.77 5.79 128.21
N LEU E 194 32.91 6.59 127.59
CA LEU E 194 33.34 7.42 126.46
C LEU E 194 32.70 8.79 126.57
N LYS E 195 33.48 9.76 127.04
CA LYS E 195 32.96 11.10 127.28
C LYS E 195 33.39 12.11 126.21
N LYS E 196 32.43 12.84 125.66
CA LYS E 196 32.69 13.83 124.64
C LYS E 196 32.94 15.20 125.28
N VAL E 197 34.12 15.76 125.01
CA VAL E 197 34.55 17.01 125.63
C VAL E 197 34.12 18.26 124.84
N ASP E 198 34.61 18.38 123.63
CA ASP E 198 34.30 19.43 122.65
C ASP E 198 33.05 18.95 121.89
N GLY E 199 33.20 18.87 120.56
CA GLY E 199 32.15 18.29 119.70
C GLY E 199 32.45 16.96 119.03
N VAL E 200 33.71 16.58 119.09
CA VAL E 200 34.24 15.49 118.24
C VAL E 200 35.00 14.47 119.07
N HIS E 201 35.91 14.94 119.92
CA HIS E 201 36.83 14.05 120.62
C HIS E 201 36.17 13.29 121.77
N TYR E 202 36.60 12.05 121.94
CA TYR E 202 36.07 11.17 122.97
C TYR E 202 37.18 10.65 123.88
N GLU E 203 36.89 10.44 125.17
CA GLU E 203 37.90 9.89 126.07
C GLU E 203 37.34 8.81 126.99
N PRO E 204 38.14 7.74 127.21
CA PRO E 204 37.78 6.64 128.10
C PRO E 204 37.66 7.05 129.57
N LEU E 205 36.46 6.92 130.13
CA LEU E 205 36.21 7.05 131.56
C LEU E 205 35.94 5.67 132.15
N LEU E 206 36.97 5.00 132.67
CA LEU E 206 36.83 3.60 133.07
C LEU E 206 36.01 3.41 134.34
N PHE E 207 35.30 2.28 134.36
CA PHE E 207 34.46 1.90 135.49
C PHE E 207 35.26 0.99 136.40
N ASN E 208 35.00 1.04 137.71
CA ASN E 208 35.64 0.10 138.62
C ASN E 208 35.17 -1.31 138.40
N ASP E 209 36.10 -2.23 138.13
CA ASP E 209 35.69 -3.61 137.92
C ASP E 209 36.56 -4.57 138.71
N ASN E 210 35.91 -5.29 139.62
CA ASN E 210 36.53 -6.33 140.44
C ASN E 210 35.93 -7.70 140.18
N SER E 211 35.13 -7.79 139.12
CA SER E 211 34.52 -9.06 138.73
C SER E 211 35.64 -10.01 138.32
N TYR E 212 36.68 -9.46 137.70
CA TYR E 212 37.79 -10.24 137.18
C TYR E 212 38.41 -11.16 138.24
N LEU E 213 38.44 -10.70 139.50
CA LEU E 213 39.07 -11.44 140.59
C LEU E 213 38.56 -12.88 140.81
N LYS E 214 37.49 -13.28 140.13
CA LYS E 214 37.01 -14.66 140.16
C LYS E 214 37.99 -15.59 139.45
N SER E 215 38.99 -14.95 138.85
CA SER E 215 40.10 -15.64 138.20
C SER E 215 40.87 -16.41 139.26
N LEU E 216 40.90 -15.86 140.47
CA LEU E 216 41.57 -16.50 141.60
C LEU E 216 41.10 -17.92 141.87
N THR E 217 39.83 -18.16 141.61
CA THR E 217 39.21 -19.49 141.70
C THR E 217 39.73 -20.46 140.63
N ARG E 218 39.75 -21.75 140.96
CA ARG E 218 40.17 -22.79 140.02
C ARG E 218 39.20 -23.00 138.87
N PHE E 219 38.09 -22.28 138.87
CA PHE E 219 37.02 -22.50 137.90
C PHE E 219 37.00 -21.41 136.83
N PHE E 220 37.88 -20.42 136.96
CA PHE E 220 37.95 -19.38 135.93
C PHE E 220 39.40 -18.93 135.69
N SER E 221 39.67 -18.51 134.46
CA SER E 221 40.97 -17.92 134.13
C SER E 221 40.73 -16.59 133.40
N ARG E 222 41.66 -15.65 133.51
CA ARG E 222 41.68 -14.48 132.64
C ARG E 222 42.01 -14.86 131.19
N SER E 223 42.82 -15.90 131.03
CA SER E 223 43.37 -16.27 129.73
C SER E 223 42.41 -17.15 128.93
N SER E 224 41.40 -17.66 129.63
CA SER E 224 40.43 -18.57 129.03
C SER E 224 39.53 -17.88 128.01
N LYS E 225 39.25 -18.57 126.92
CA LYS E 225 38.34 -18.09 125.90
C LYS E 225 36.86 -18.22 126.32
N SER E 226 36.57 -19.23 127.14
CA SER E 226 35.32 -19.29 127.90
C SER E 226 35.32 -18.32 129.08
N ASP E 227 34.45 -18.58 130.07
CA ASP E 227 34.48 -17.83 131.34
C ASP E 227 34.02 -16.37 131.25
N TYR E 228 34.05 -15.77 130.06
CA TYR E 228 33.59 -14.39 129.94
C TYR E 228 32.09 -14.34 130.20
N ASP E 229 31.69 -13.41 131.04
CA ASP E 229 30.29 -13.11 131.27
C ASP E 229 29.94 -11.74 130.71
N SER E 230 30.03 -11.61 129.38
CA SER E 230 29.85 -10.32 128.72
C SER E 230 28.38 -9.90 128.61
N VAL E 231 28.17 -8.60 128.41
CA VAL E 231 26.82 -8.06 128.31
C VAL E 231 26.21 -8.43 126.96
N ILE E 232 24.95 -8.84 126.99
CA ILE E 232 24.20 -9.27 125.82
C ILE E 232 22.97 -8.41 125.59
N SER E 233 22.63 -7.59 126.58
CA SER E 233 21.53 -6.64 126.45
C SER E 233 21.67 -5.51 127.48
N CYS E 234 21.25 -4.32 127.10
CA CYS E 234 21.43 -3.16 127.96
C CYS E 234 20.42 -2.04 127.73
N LYS E 235 19.90 -1.50 128.82
CA LYS E 235 18.94 -0.39 128.80
C LYS E 235 19.26 0.73 129.78
N LEU E 236 18.94 1.96 129.38
CA LEU E 236 19.14 3.13 130.21
C LEU E 236 17.87 3.50 130.97
N PHE E 237 17.97 3.64 132.29
CA PHE E 237 16.80 3.97 133.08
C PHE E 237 16.97 5.32 133.77
N HIS E 238 15.98 6.18 133.58
CA HIS E 238 15.95 7.51 134.17
C HIS E 238 17.28 8.24 133.95
N GLU E 239 17.83 8.13 132.74
CA GLU E 239 19.07 8.81 132.36
C GLU E 239 20.31 8.41 133.15
N ARG E 240 20.14 7.79 134.32
CA ARG E 240 21.27 7.61 135.23
C ARG E 240 21.63 6.14 135.39
N TYR E 241 20.63 5.28 135.52
CA TYR E 241 20.89 3.87 135.80
C TYR E 241 21.01 3.03 134.53
N LEU E 242 22.05 2.21 134.49
CA LEU E 242 22.36 1.40 133.31
C LEU E 242 22.16 -0.08 133.66
N ILE E 243 21.09 -0.67 133.14
CA ILE E 243 20.73 -2.06 133.43
C ILE E 243 21.30 -3.02 132.39
N VAL E 244 22.17 -3.92 132.83
CA VAL E 244 22.83 -4.84 131.93
C VAL E 244 22.47 -6.30 132.23
N LEU E 245 22.34 -7.06 131.15
CA LEU E 245 22.09 -8.50 131.20
C LEU E 245 23.31 -9.20 130.67
N THR E 246 23.81 -10.18 131.43
CA THR E 246 25.02 -10.89 131.04
C THR E 246 24.71 -12.27 130.45
N GLN E 247 25.74 -12.90 129.89
CA GLN E 247 25.57 -14.18 129.20
C GLN E 247 25.11 -15.27 130.15
N ASN E 248 25.43 -15.11 131.43
CA ASN E 248 24.97 -16.04 132.44
C ASN E 248 23.67 -15.58 133.05
N CYS E 249 23.02 -14.64 132.36
CA CYS E 249 21.75 -14.07 132.78
C CYS E 249 21.92 -13.48 134.14
N HIS E 250 22.98 -12.73 134.35
CA HIS E 250 22.94 -11.89 135.57
C HIS E 250 22.46 -10.51 135.16
N LEU E 251 21.56 -9.98 135.97
CA LEU E 251 21.21 -8.56 135.83
C LEU E 251 22.07 -7.72 136.76
N LYS E 252 23.07 -7.06 136.18
CA LYS E 252 23.89 -6.13 136.94
C LYS E 252 23.34 -4.72 136.70
N ILE E 253 23.46 -3.85 137.69
CA ILE E 253 22.94 -2.48 137.56
C ILE E 253 24.00 -1.47 137.98
N TRP E 254 24.35 -0.61 137.01
CA TRP E 254 25.39 0.41 137.18
C TRP E 254 24.82 1.82 137.37
N ASP E 255 25.24 2.48 138.44
CA ASP E 255 24.87 3.88 138.65
C ASP E 255 25.90 4.82 138.00
N LEU E 256 25.47 5.56 136.98
CA LEU E 256 26.36 6.43 136.21
C LEU E 256 26.75 7.67 136.99
N THR E 257 26.02 7.95 138.07
CA THR E 257 26.42 9.02 138.94
C THR E 257 27.65 8.53 139.69
N SER E 258 27.54 7.37 140.33
CA SER E 258 28.71 6.78 140.98
C SER E 258 29.76 6.19 140.03
N PHE E 259 29.33 5.68 138.88
CA PHE E 259 30.17 4.79 138.09
C PHE E 259 30.56 3.59 138.95
N THR E 260 29.57 3.00 139.62
CA THR E 260 29.80 1.90 140.55
C THR E 260 28.75 0.83 140.35
N LEU E 261 29.12 -0.43 140.53
CA LEU E 261 28.14 -1.51 140.49
C LEU E 261 27.22 -1.41 141.70
N ILE E 262 25.93 -1.14 141.47
CA ILE E 262 24.97 -1.02 142.56
C ILE E 262 24.31 -2.37 142.77
N GLN E 263 23.82 -2.98 141.69
CA GLN E 263 23.12 -4.25 141.87
C GLN E 263 23.75 -5.41 141.09
N ASP E 264 23.49 -6.61 141.58
CA ASP E 264 23.84 -7.83 140.87
C ASP E 264 22.89 -8.97 141.25
N TYR E 265 21.89 -9.20 140.41
CA TYR E 265 20.90 -10.26 140.59
C TYR E 265 21.21 -11.46 139.72
N ASP E 266 21.09 -12.65 140.28
CA ASP E 266 21.11 -13.87 139.49
C ASP E 266 19.69 -14.22 139.08
N MET E 267 19.38 -14.01 137.81
CA MET E 267 18.00 -14.17 137.34
C MET E 267 17.53 -15.62 137.42
N VAL E 268 18.46 -16.55 137.35
CA VAL E 268 18.11 -17.96 137.20
C VAL E 268 17.80 -18.70 138.50
N SER E 269 18.30 -18.21 139.63
CA SER E 269 18.16 -18.95 140.89
C SER E 269 16.78 -18.80 141.52
N GLN E 270 15.89 -18.15 140.79
CA GLN E 270 14.54 -17.90 141.24
C GLN E 270 13.64 -19.06 140.81
N SER E 271 13.53 -19.30 139.51
CA SER E 271 12.81 -20.47 139.04
C SER E 271 13.59 -21.78 139.28
N ASP E 272 12.99 -22.89 138.86
CA ASP E 272 13.53 -24.25 139.02
C ASP E 272 14.96 -24.41 138.58
N SER E 273 15.88 -24.38 139.55
CA SER E 273 17.29 -24.44 139.22
C SER E 273 17.73 -25.74 138.56
N ASP E 274 17.62 -25.77 137.23
CA ASP E 274 17.92 -26.94 136.43
C ASP E 274 19.43 -27.13 136.40
N PRO E 275 19.94 -28.22 136.98
CA PRO E 275 21.37 -28.50 136.83
C PRO E 275 21.72 -29.03 135.45
N SER E 276 20.73 -29.49 134.70
CA SER E 276 20.96 -30.07 133.38
C SER E 276 21.52 -29.10 132.34
N HIS E 277 20.75 -28.08 131.93
CA HIS E 277 21.29 -27.09 130.99
C HIS E 277 20.58 -25.74 130.98
N PHE E 278 21.30 -24.72 131.42
CA PHE E 278 20.90 -23.34 131.12
C PHE E 278 21.88 -22.83 130.09
N ARG E 279 21.33 -22.44 128.94
CA ARG E 279 22.10 -21.96 127.81
C ARG E 279 22.56 -20.54 128.04
N LYS E 280 23.80 -20.40 128.47
CA LYS E 280 24.43 -19.11 128.61
C LYS E 280 24.40 -18.45 127.23
N VAL E 281 23.86 -17.24 127.17
CA VAL E 281 23.60 -16.62 125.88
C VAL E 281 24.90 -16.32 125.14
N GLU E 282 24.98 -16.84 123.92
CA GLU E 282 26.23 -16.85 123.19
C GLU E 282 26.30 -15.78 122.10
N ALA E 283 25.53 -14.71 122.27
CA ALA E 283 25.52 -13.61 121.31
C ALA E 283 24.70 -12.46 121.86
N VAL E 284 24.98 -11.26 121.35
CA VAL E 284 24.21 -10.09 121.73
C VAL E 284 22.86 -10.15 121.05
N GLY E 285 21.80 -9.92 121.80
CA GLY E 285 20.46 -9.92 121.25
C GLY E 285 19.50 -9.09 122.07
N GLU E 286 18.24 -9.07 121.65
CA GLU E 286 17.23 -8.28 122.33
C GLU E 286 16.59 -9.14 123.40
N TYR E 287 17.16 -9.13 124.60
CA TYR E 287 16.67 -10.00 125.67
C TYR E 287 15.94 -9.27 126.78
N LEU E 288 15.85 -7.95 126.67
CA LEU E 288 15.01 -7.19 127.60
C LEU E 288 14.60 -5.84 127.01
N SER E 289 13.41 -5.38 127.42
CA SER E 289 12.97 -4.02 127.15
C SER E 289 12.08 -3.55 128.29
N LEU E 290 12.23 -2.30 128.67
CA LEU E 290 11.44 -1.72 129.76
C LEU E 290 10.46 -0.70 129.23
N TYR E 291 9.35 -0.54 129.93
CA TYR E 291 8.40 0.53 129.63
C TYR E 291 8.57 1.63 130.68
N ASN E 292 7.67 1.74 131.64
CA ASN E 292 7.87 2.75 132.68
C ASN E 292 8.91 2.28 133.67
N ASN E 293 8.45 1.68 134.77
CA ASN E 293 9.34 1.07 135.73
C ASN E 293 9.22 -0.45 135.75
N THR E 294 8.54 -1.01 134.76
CA THR E 294 8.48 -2.47 134.60
C THR E 294 9.70 -2.94 133.78
N LEU E 295 10.09 -4.21 133.92
CA LEU E 295 11.18 -4.73 133.11
C LEU E 295 11.09 -6.24 132.87
N VAL E 296 10.86 -6.58 131.60
CA VAL E 296 10.89 -7.96 131.15
C VAL E 296 12.29 -8.35 130.68
N THR E 297 12.67 -9.59 130.98
CA THR E 297 13.93 -10.21 130.60
C THR E 297 13.67 -11.57 129.96
N LEU E 298 14.40 -11.89 128.89
CA LEU E 298 14.23 -13.19 128.25
C LEU E 298 15.34 -14.13 128.68
N LEU E 299 14.93 -15.16 129.43
CA LEU E 299 15.83 -16.19 129.90
C LEU E 299 15.58 -17.45 129.10
N PRO E 300 16.67 -18.17 128.75
CA PRO E 300 16.65 -19.39 127.95
C PRO E 300 16.49 -20.66 128.76
N LEU E 301 15.26 -21.20 128.78
CA LEU E 301 15.01 -22.53 129.32
C LEU E 301 14.10 -23.25 128.35
N GLU E 302 14.68 -23.96 127.37
CA GLU E 302 13.94 -24.33 126.17
C GLU E 302 13.53 -23.07 125.38
N ASN E 303 14.36 -22.02 125.46
CA ASN E 303 14.01 -20.71 124.89
C ASN E 303 12.64 -20.21 125.29
N GLY E 304 12.34 -20.29 126.58
CA GLY E 304 11.02 -19.95 127.04
C GLY E 304 10.83 -19.42 128.44
N LEU E 305 11.38 -18.24 128.74
CA LEU E 305 11.08 -17.59 130.01
C LEU E 305 11.14 -16.09 129.91
N PHE E 306 10.00 -15.45 130.15
CA PHE E 306 9.92 -14.01 130.25
C PHE E 306 9.77 -13.65 131.72
N GLN E 307 10.87 -13.30 132.36
CA GLN E 307 10.80 -12.77 133.70
C GLN E 307 10.40 -11.33 133.60
N MET E 308 9.67 -10.83 134.59
CA MET E 308 9.38 -9.42 134.57
C MET E 308 9.15 -8.95 135.98
N GLY E 309 9.99 -8.01 136.39
CA GLY E 309 9.82 -7.41 137.69
C GLY E 309 9.60 -5.93 137.58
N THR E 310 9.85 -5.23 138.69
CA THR E 310 9.68 -3.79 138.68
C THR E 310 10.91 -3.15 139.25
N LEU E 311 11.26 -2.02 138.67
CA LEU E 311 12.33 -1.15 139.14
C LEU E 311 11.80 -0.03 140.00
N LEU E 312 12.52 0.30 141.07
CA LEU E 312 12.00 1.28 141.99
C LEU E 312 13.02 1.71 143.04
N VAL E 313 12.99 3.00 143.33
CA VAL E 313 13.59 3.64 144.49
C VAL E 313 12.81 4.94 144.76
N LEU E 319 18.61 1.99 144.10
CA LEU E 319 17.75 1.44 143.06
C LEU E 319 17.50 -0.07 143.27
N THR E 320 16.24 -0.49 143.15
CA THR E 320 15.89 -1.88 143.44
C THR E 320 15.11 -2.57 142.33
N TYR E 321 15.54 -3.77 141.95
CA TYR E 321 14.77 -4.59 141.04
C TYR E 321 14.07 -5.66 141.88
N THR E 322 12.77 -5.84 141.65
CA THR E 322 11.99 -6.79 142.44
C THR E 322 11.12 -7.68 141.56
N PHE E 323 11.44 -8.97 141.62
CA PHE E 323 10.78 -10.03 140.87
C PHE E 323 9.26 -10.05 141.07
N GLN E 324 8.53 -10.47 140.06
CA GLN E 324 7.08 -10.63 140.16
C GLN E 324 6.62 -12.02 139.74
N ASN E 325 7.11 -12.47 138.60
CA ASN E 325 6.71 -13.76 138.04
C ASN E 325 7.57 -14.14 136.84
N ASN E 326 7.70 -15.44 136.60
CA ASN E 326 8.25 -15.93 135.35
C ASN E 326 7.12 -16.42 134.46
N ILE E 327 6.99 -15.80 133.27
CA ILE E 327 5.96 -16.21 132.33
C ILE E 327 6.60 -17.00 131.20
N PRO E 328 6.27 -18.30 131.11
CA PRO E 328 6.87 -19.10 130.04
C PRO E 328 6.33 -18.69 128.68
N THR E 329 6.80 -19.37 127.64
CA THR E 329 6.33 -19.12 126.29
C THR E 329 5.48 -20.29 125.84
N ASN E 330 4.65 -20.05 124.85
CA ASN E 330 3.95 -21.17 124.23
C ASN E 330 4.52 -21.41 122.84
N LEU E 331 5.46 -22.35 122.79
CA LEU E 331 6.14 -22.67 121.56
C LEU E 331 6.46 -24.14 121.53
N SER E 332 6.20 -24.77 120.40
CA SER E 332 6.40 -26.21 120.26
C SER E 332 7.15 -26.43 118.95
N ALA E 333 6.99 -27.64 118.39
CA ALA E 333 7.84 -28.10 117.30
C ALA E 333 9.31 -28.10 117.71
N SER E 334 9.54 -28.40 119.00
CA SER E 334 10.85 -28.46 119.70
C SER E 334 11.25 -27.15 120.39
N ALA E 335 10.60 -26.05 120.03
CA ALA E 335 11.01 -24.70 120.44
C ALA E 335 12.33 -24.33 119.76
N ILE E 336 12.23 -23.85 118.53
CA ILE E 336 13.41 -23.57 117.73
C ILE E 336 13.26 -22.19 117.09
N TRP E 337 12.69 -21.30 117.89
CA TRP E 337 12.47 -19.93 117.48
C TRP E 337 13.48 -19.06 118.21
N SER E 338 13.96 -18.05 117.52
CA SER E 338 14.92 -17.11 118.08
C SER E 338 14.28 -15.75 118.21
N ILE E 339 14.60 -15.06 119.30
CA ILE E 339 14.08 -13.71 119.48
C ILE E 339 14.72 -12.79 118.44
N VAL E 340 13.89 -11.94 117.85
CA VAL E 340 14.36 -10.97 116.88
C VAL E 340 14.34 -9.61 117.53
N ASP E 341 13.21 -9.32 118.13
CA ASP E 341 12.99 -8.07 118.82
C ASP E 341 11.78 -8.24 119.72
N LEU E 342 11.80 -7.51 120.83
CA LEU E 342 10.64 -7.45 121.70
C LEU E 342 10.45 -5.99 122.11
N VAL E 343 9.21 -5.62 122.38
CA VAL E 343 8.90 -4.27 122.80
C VAL E 343 7.74 -4.27 123.78
N LEU E 344 8.07 -3.93 125.03
CA LEU E 344 7.09 -3.77 126.09
C LEU E 344 6.47 -2.39 125.96
N THR E 345 5.15 -2.31 126.05
CA THR E 345 4.47 -1.04 125.85
C THR E 345 3.03 -1.01 126.36
N ARG E 346 2.42 0.16 126.21
CA ARG E 346 1.05 0.41 126.67
C ARG E 346 0.07 -0.53 125.98
N PRO E 347 -1.06 -0.84 126.65
CA PRO E 347 -1.90 -1.92 126.15
C PRO E 347 -2.61 -1.60 124.84
N LEU E 348 -2.98 -2.67 124.13
CA LEU E 348 -3.64 -2.53 122.85
C LEU E 348 -5.16 -2.67 123.00
N GLU E 349 -5.85 -2.62 121.88
CA GLU E 349 -7.29 -2.83 121.82
C GLU E 349 -7.54 -4.25 121.34
N LEU E 350 -7.44 -5.18 122.28
CA LEU E 350 -7.57 -6.61 122.02
C LEU E 350 -8.93 -7.12 122.48
N ASN E 351 -9.23 -8.39 122.16
CA ASN E 351 -10.55 -8.95 122.42
C ASN E 351 -10.79 -9.22 123.91
N VAL E 352 -9.81 -8.84 124.74
CA VAL E 352 -9.94 -8.93 126.20
C VAL E 352 -9.66 -7.62 126.93
N GLU E 353 -10.70 -6.98 127.45
CA GLU E 353 -10.58 -5.69 128.12
C GLU E 353 -9.66 -5.74 129.34
N ALA E 354 -9.60 -6.90 130.00
CA ALA E 354 -8.68 -7.13 131.10
C ALA E 354 -7.22 -7.05 130.66
N SER E 355 -6.68 -5.83 130.64
CA SER E 355 -5.31 -5.60 130.21
C SER E 355 -4.62 -4.50 130.99
N TYR E 356 -3.33 -4.70 131.23
CA TYR E 356 -2.52 -3.78 132.01
C TYR E 356 -1.30 -3.44 131.17
N LEU E 357 -0.63 -4.46 130.65
CA LEU E 357 0.51 -4.18 129.76
C LEU E 357 0.57 -5.13 128.58
N ASN E 358 1.32 -4.74 127.56
CA ASN E 358 1.45 -5.59 126.38
C ASN E 358 2.90 -5.71 125.94
N LEU E 359 3.34 -6.96 125.81
CA LEU E 359 4.65 -7.26 125.26
C LEU E 359 4.55 -7.78 123.84
N ILE E 360 5.11 -7.03 122.90
CA ILE E 360 5.12 -7.50 121.52
C ILE E 360 6.40 -8.28 121.31
N VAL E 361 6.26 -9.46 120.71
CA VAL E 361 7.36 -10.39 120.59
C VAL E 361 7.48 -10.88 119.17
N LEU E 362 8.71 -10.89 118.67
CA LEU E 362 8.95 -11.32 117.30
C LEU E 362 9.98 -12.45 117.32
N TRP E 363 9.54 -13.65 117.00
CA TRP E 363 10.44 -14.78 116.90
C TRP E 363 10.78 -15.00 115.44
N LYS E 364 11.85 -15.75 115.21
CA LYS E 364 12.26 -16.18 113.88
C LYS E 364 12.78 -17.60 113.88
N SER E 365 12.52 -18.32 112.80
CA SER E 365 13.09 -19.66 112.60
C SER E 365 13.34 -19.82 111.10
N GLY E 366 14.58 -19.54 110.69
CA GLY E 366 14.87 -19.39 109.28
C GLY E 366 14.25 -18.11 108.77
N THR E 367 13.68 -18.17 107.57
CA THR E 367 13.01 -17.01 107.00
C THR E 367 11.53 -16.94 107.39
N ALA E 368 11.08 -17.93 108.15
CA ALA E 368 9.74 -17.91 108.74
C ALA E 368 9.75 -17.13 110.04
N SER E 369 8.73 -16.27 110.23
CA SER E 369 8.63 -15.45 111.41
C SER E 369 7.40 -15.78 112.25
N LYS E 370 7.38 -15.26 113.47
CA LYS E 370 6.25 -15.47 114.36
C LYS E 370 6.04 -14.23 115.21
N LEU E 371 4.87 -13.63 115.12
CA LEU E 371 4.57 -12.48 115.96
C LEU E 371 3.56 -12.85 117.03
N GLN E 372 3.89 -12.54 118.27
CA GLN E 372 2.95 -12.76 119.37
C GLN E 372 2.84 -11.53 120.23
N ILE E 373 1.73 -11.45 120.96
CA ILE E 373 1.55 -10.40 121.96
C ILE E 373 1.22 -11.09 123.27
N LEU E 374 2.01 -10.82 124.29
CA LEU E 374 1.67 -11.24 125.64
C LEU E 374 0.87 -10.13 126.28
N ASN E 375 -0.37 -10.45 126.64
CA ASN E 375 -1.18 -9.51 127.40
C ASN E 375 -1.15 -9.81 128.90
N VAL E 376 -0.64 -8.88 129.70
CA VAL E 376 -0.79 -9.04 131.14
C VAL E 376 -2.00 -8.25 131.63
N ASN E 377 -2.83 -8.98 132.37
CA ASN E 377 -4.15 -8.54 132.80
C ASN E 377 -4.11 -7.51 133.91
N ASP E 378 -3.31 -7.80 134.94
CA ASP E 378 -3.34 -6.98 136.14
C ASP E 378 -1.91 -6.65 136.58
N GLU E 379 -1.78 -5.88 137.65
CA GLU E 379 -0.50 -5.39 138.11
C GLU E 379 0.36 -6.49 138.74
N SER E 380 -0.30 -7.54 139.19
CA SER E 380 0.33 -8.85 139.35
C SER E 380 0.65 -9.44 137.99
N PHE E 381 1.87 -9.94 137.82
CA PHE E 381 2.24 -10.47 136.51
C PHE E 381 2.01 -11.97 136.45
N LYS E 382 0.91 -12.39 137.07
CA LYS E 382 0.61 -13.81 137.24
C LYS E 382 -0.59 -14.20 136.40
N ASN E 383 -1.46 -13.22 136.13
CA ASN E 383 -2.53 -13.46 135.15
C ASN E 383 -2.26 -12.80 133.80
N TYR E 384 -2.12 -13.63 132.78
CA TYR E 384 -1.76 -13.18 131.43
C TYR E 384 -2.43 -14.06 130.37
N GLU E 385 -2.22 -13.70 129.10
CA GLU E 385 -2.74 -14.50 128.00
C GLU E 385 -1.95 -14.23 126.71
N TRP E 386 -1.56 -15.31 126.04
CA TRP E 386 -0.79 -15.23 124.79
C TRP E 386 -1.71 -15.08 123.59
N ILE E 387 -1.45 -14.07 122.77
CA ILE E 387 -2.22 -13.81 121.57
C ILE E 387 -1.36 -13.98 120.31
N GLU E 388 -1.77 -14.91 119.46
CA GLU E 388 -0.99 -15.25 118.27
C GLU E 388 -1.47 -14.41 117.08
N SER E 389 -0.78 -14.53 115.96
CA SER E 389 -1.21 -13.86 114.73
C SER E 389 -0.88 -14.69 113.50
N VAL E 390 -1.46 -14.31 112.37
CA VAL E 390 -1.16 -14.99 111.12
C VAL E 390 0.20 -14.52 110.62
N ASN E 391 1.08 -15.46 110.32
CA ASN E 391 2.45 -15.11 109.96
C ASN E 391 2.72 -15.26 108.48
N LYS E 392 1.66 -15.29 107.69
CA LYS E 392 1.73 -15.18 106.24
C LYS E 392 0.59 -14.29 105.77
N SER E 393 0.80 -13.50 104.73
CA SER E 393 -0.25 -12.63 104.21
C SER E 393 -1.31 -13.44 103.49
N LEU E 394 -2.48 -12.84 103.29
CA LEU E 394 -3.58 -13.51 102.60
C LEU E 394 -3.17 -13.94 101.20
N VAL E 395 -2.57 -13.02 100.46
CA VAL E 395 -2.09 -13.28 99.10
C VAL E 395 -1.18 -14.52 99.03
N ASP E 396 -0.26 -14.62 99.98
CA ASP E 396 0.64 -15.76 100.09
C ASP E 396 -0.09 -17.04 100.47
N LEU E 397 -0.94 -16.98 101.49
CA LEU E 397 -1.70 -18.16 101.91
C LEU E 397 -2.56 -18.72 100.77
N GLN E 398 -3.25 -17.81 100.08
CA GLN E 398 -4.10 -18.15 98.95
C GLN E 398 -3.26 -18.81 97.85
N SER E 399 -2.08 -18.25 97.59
CA SER E 399 -1.22 -18.81 96.56
C SER E 399 -0.72 -20.21 96.94
N GLU E 400 -0.25 -20.36 98.17
CA GLU E 400 0.19 -21.66 98.69
C GLU E 400 -0.91 -22.73 98.63
N HIS E 401 -2.09 -22.38 99.12
CA HIS E 401 -3.16 -23.34 99.36
C HIS E 401 -4.17 -23.45 98.21
N ASP E 402 -3.84 -22.79 97.09
CA ASP E 402 -4.66 -22.84 95.87
C ASP E 402 -6.11 -22.45 96.18
N LEU E 403 -6.25 -21.31 96.84
CA LEU E 403 -7.55 -20.79 97.24
C LEU E 403 -7.90 -19.54 96.44
N ASP E 404 -7.12 -19.28 95.39
CA ASP E 404 -7.28 -18.08 94.59
C ASP E 404 -8.15 -18.40 93.37
N ILE E 405 -9.35 -17.82 93.38
CA ILE E 405 -10.35 -18.05 92.35
C ILE E 405 -10.35 -16.92 91.32
N VAL E 406 -9.81 -15.77 91.68
CA VAL E 406 -9.94 -14.56 90.87
C VAL E 406 -8.91 -14.45 89.74
N THR E 407 -7.65 -14.71 90.06
CA THR E 407 -6.53 -14.55 89.11
C THR E 407 -6.78 -15.27 87.79
N LYS E 408 -6.69 -14.54 86.67
CA LYS E 408 -7.00 -15.12 85.37
C LYS E 408 -6.05 -16.27 85.01
N THR E 409 -6.62 -17.33 84.47
CA THR E 409 -5.85 -18.48 84.02
C THR E 409 -5.65 -18.44 82.51
N GLY E 410 -4.88 -19.38 81.99
CA GLY E 410 -4.79 -19.56 80.55
C GLY E 410 -3.36 -19.51 80.07
N ASP E 411 -3.03 -18.41 79.39
CA ASP E 411 -1.79 -18.31 78.65
C ASP E 411 -0.57 -18.34 79.56
N VAL E 412 0.56 -18.73 78.99
CA VAL E 412 1.84 -18.68 79.66
C VAL E 412 2.25 -17.23 79.98
N GLU E 413 2.00 -16.32 79.04
CA GLU E 413 2.27 -14.89 79.26
C GLU E 413 1.24 -14.29 80.20
N ARG E 414 0.05 -14.87 80.23
CA ARG E 414 -0.96 -14.50 81.21
C ARG E 414 -0.42 -14.76 82.61
N GLY E 415 0.18 -15.94 82.80
CA GLY E 415 0.80 -16.25 84.06
C GLY E 415 1.95 -15.30 84.35
N PHE E 416 2.62 -14.84 83.30
CA PHE E 416 3.70 -13.87 83.42
C PHE E 416 3.19 -12.55 83.99
N CYS E 417 2.16 -11.99 83.36
CA CYS E 417 1.52 -10.79 83.87
C CYS E 417 1.08 -11.01 85.30
N ASN E 418 0.47 -12.16 85.54
CA ASN E 418 -0.06 -12.51 86.86
C ASN E 418 1.00 -12.42 87.94
N LEU E 419 2.16 -13.02 87.68
CA LEU E 419 3.22 -13.08 88.67
C LEU E 419 3.92 -11.74 88.80
N LYS E 420 4.21 -11.12 87.67
CA LYS E 420 4.78 -9.77 87.63
C LYS E 420 3.98 -8.80 88.49
N SER E 421 2.70 -8.67 88.17
CA SER E 421 1.76 -7.84 88.91
C SER E 421 1.64 -8.23 90.38
N ARG E 422 1.70 -9.53 90.67
CA ARG E 422 1.56 -9.97 92.06
C ARG E 422 2.76 -9.58 92.92
N TYR E 423 3.96 -9.77 92.37
CA TYR E 423 5.19 -9.74 93.17
C TYR E 423 5.88 -8.38 93.21
N GLY E 424 5.82 -7.65 92.11
CA GLY E 424 6.44 -6.33 92.04
C GLY E 424 7.77 -6.51 91.33
N THR E 425 8.28 -5.43 90.77
CA THR E 425 9.45 -5.51 89.90
C THR E 425 10.76 -5.89 90.63
N GLN E 426 10.91 -5.46 91.88
CA GLN E 426 12.14 -5.70 92.62
C GLN E 426 12.38 -7.21 92.77
N ILE E 427 11.33 -7.89 93.17
CA ILE E 427 11.38 -9.33 93.38
C ILE E 427 11.41 -10.04 92.02
N PHE E 428 10.52 -9.66 91.11
CA PHE E 428 10.40 -10.36 89.84
C PHE E 428 11.72 -10.34 89.05
N GLU E 429 12.39 -9.20 89.08
CA GLU E 429 13.68 -9.05 88.42
C GLU E 429 14.79 -9.74 89.21
N ARG E 430 14.72 -9.72 90.54
CA ARG E 430 15.71 -10.48 91.30
C ARG E 430 15.61 -11.98 91.01
N ALA E 431 14.38 -12.46 90.83
CA ALA E 431 14.14 -13.86 90.47
C ALA E 431 14.61 -14.18 89.06
N GLN E 432 14.42 -13.24 88.13
CA GLN E 432 14.89 -13.46 86.78
C GLN E 432 16.41 -13.37 86.73
N GLN E 433 16.99 -12.68 87.71
CA GLN E 433 18.44 -12.62 87.85
C GLN E 433 18.96 -13.97 88.29
N ILE E 434 18.32 -14.54 89.32
CA ILE E 434 18.75 -15.82 89.87
C ILE E 434 18.59 -16.94 88.84
N LEU E 435 17.59 -16.81 87.97
CA LEU E 435 17.38 -17.82 86.92
C LEU E 435 18.53 -17.93 85.93
N SER E 436 18.94 -16.82 85.35
CA SER E 436 19.99 -16.80 84.32
C SER E 436 21.37 -17.16 84.87
N GLU E 437 21.62 -16.79 86.11
CA GLU E 437 22.84 -17.18 86.81
C GLU E 437 22.94 -18.69 86.89
N ASN E 438 21.83 -19.33 87.25
CA ASN E 438 21.73 -20.78 87.30
C ASN E 438 21.46 -21.41 85.94
N LYS E 439 21.57 -20.61 84.88
CA LYS E 439 21.46 -21.08 83.49
C LYS E 439 20.08 -21.60 83.11
N ILE E 440 19.05 -21.07 83.76
CA ILE E 440 17.68 -21.44 83.42
C ILE E 440 17.09 -20.36 82.50
N ILE E 441 16.95 -20.70 81.22
CA ILE E 441 16.61 -19.74 80.16
C ILE E 441 15.34 -20.12 79.38
N MET E 442 14.45 -19.16 79.19
CA MET E 442 13.15 -19.43 78.56
C MET E 442 13.27 -19.90 77.11
N ALA E 443 12.79 -21.11 76.85
CA ALA E 443 12.93 -21.76 75.55
C ALA E 443 12.15 -21.06 74.45
N HIS E 444 10.87 -20.83 74.72
CA HIS E 444 9.97 -20.17 73.78
C HIS E 444 8.84 -19.48 74.54
N ASN E 445 7.95 -18.82 73.80
CA ASN E 445 6.77 -18.13 74.36
C ASN E 445 5.99 -18.97 75.34
N GLU E 446 5.99 -20.28 75.10
CA GLU E 446 5.10 -21.17 75.78
C GLU E 446 5.82 -22.20 76.64
N ASP E 447 7.02 -21.86 77.13
CA ASP E 447 7.79 -22.75 77.98
C ASP E 447 7.16 -22.81 79.40
N GLU E 448 6.30 -23.79 79.63
CA GLU E 448 5.57 -23.92 80.90
C GLU E 448 6.52 -24.42 82.01
N GLU E 449 7.53 -25.15 81.56
CA GLU E 449 8.57 -25.71 82.42
C GLU E 449 9.39 -24.60 83.08
N TYR E 450 9.48 -23.47 82.38
CA TYR E 450 10.13 -22.26 82.88
C TYR E 450 9.29 -21.54 83.95
N LEU E 451 8.06 -21.20 83.58
CA LEU E 451 7.10 -20.55 84.46
C LEU E 451 7.04 -21.27 85.80
N ALA E 452 6.92 -22.61 85.74
CA ALA E 452 6.99 -23.43 86.95
C ALA E 452 8.16 -23.01 87.87
N ASN E 453 9.34 -22.83 87.28
CA ASN E 453 10.53 -22.41 88.02
C ASN E 453 10.40 -21.00 88.60
N LEU E 454 9.85 -20.09 87.79
CA LEU E 454 9.54 -18.74 88.25
C LEU E 454 8.70 -18.73 89.51
N GLU E 455 7.66 -19.56 89.55
CA GLU E 455 6.75 -19.62 90.69
C GLU E 455 7.56 -19.75 92.00
N THR E 456 8.46 -20.72 91.98
CA THR E 456 9.26 -21.10 93.15
C THR E 456 10.27 -20.02 93.49
N ILE E 457 11.01 -19.53 92.49
CA ILE E 457 12.05 -18.54 92.78
C ILE E 457 11.39 -17.27 93.31
N LEU E 458 10.33 -16.82 92.67
CA LEU E 458 9.56 -15.67 93.15
C LEU E 458 9.15 -15.85 94.63
N ARG E 459 8.56 -17.01 94.95
CA ARG E 459 8.20 -17.28 96.35
C ARG E 459 9.38 -17.19 97.33
N ASP E 460 10.50 -17.79 96.95
CA ASP E 460 11.73 -17.78 97.77
C ASP E 460 12.34 -16.39 97.91
N VAL E 461 12.53 -15.69 96.80
CA VAL E 461 13.01 -14.31 96.81
C VAL E 461 12.14 -13.47 97.72
N LYS E 462 10.82 -13.55 97.56
CA LYS E 462 9.89 -12.83 98.43
C LYS E 462 10.16 -13.18 99.88
N THR E 463 10.24 -14.47 100.16
CA THR E 463 10.43 -14.97 101.52
C THR E 463 11.72 -14.42 102.15
N ALA E 464 12.81 -14.51 101.41
CA ALA E 464 14.10 -13.94 101.76
C ALA E 464 13.98 -12.46 102.08
N PHE E 465 13.57 -11.69 101.08
CA PHE E 465 13.34 -10.25 101.21
C PHE E 465 12.58 -9.92 102.48
N ASN E 466 11.62 -10.76 102.82
CA ASN E 466 10.78 -10.60 104.00
C ASN E 466 11.31 -11.13 105.33
N GLU E 467 12.53 -11.66 105.36
CA GLU E 467 13.11 -12.12 106.62
C GLU E 467 13.03 -10.98 107.64
N ALA E 468 12.54 -11.29 108.83
CA ALA E 468 12.31 -10.24 109.82
C ALA E 468 13.58 -9.82 110.54
N SER E 469 13.65 -8.54 110.90
CA SER E 469 14.87 -7.96 111.47
C SER E 469 14.60 -7.20 112.77
N SER E 470 13.48 -6.50 112.83
CA SER E 470 13.18 -5.64 113.97
C SER E 470 11.73 -5.19 113.99
N ILE E 471 11.34 -4.61 115.13
CA ILE E 471 10.00 -4.06 115.29
C ILE E 471 10.08 -2.54 115.38
N THR E 472 9.11 -1.89 114.76
CA THR E 472 8.90 -0.47 114.87
C THR E 472 7.43 -0.26 115.27
N LEU E 473 7.21 0.56 116.29
CA LEU E 473 5.86 0.97 116.63
C LEU E 473 5.49 2.21 115.84
N TYR E 474 5.02 2.02 114.61
CA TYR E 474 4.48 3.11 113.81
C TYR E 474 3.35 3.78 114.59
N GLY E 475 3.26 5.10 114.49
CA GLY E 475 2.22 5.83 115.19
C GLY E 475 2.34 5.67 116.70
N ASP E 476 1.19 5.52 117.34
CA ASP E 476 1.13 5.20 118.76
C ASP E 476 1.26 3.71 119.03
N GLU E 477 0.59 2.90 118.22
CA GLU E 477 0.38 1.50 118.57
C GLU E 477 0.49 0.51 117.41
N ILE E 478 0.88 1.00 116.23
CA ILE E 478 0.89 0.16 115.03
C ILE E 478 2.12 -0.75 114.96
N ILE E 479 1.90 -2.05 114.95
CA ILE E 479 3.01 -3.02 114.91
C ILE E 479 3.55 -3.17 113.49
N LEU E 480 4.79 -2.75 113.32
CA LEU E 480 5.49 -2.83 112.04
C LEU E 480 6.75 -3.66 112.18
N VAL E 481 7.00 -4.50 111.19
CA VAL E 481 8.21 -5.32 111.15
C VAL E 481 9.04 -4.89 109.96
N ASN E 482 10.35 -4.75 110.16
CA ASN E 482 11.22 -4.28 109.09
C ASN E 482 12.02 -5.44 108.52
N CYS E 483 12.05 -5.61 107.20
CA CYS E 483 12.63 -6.83 106.65
C CYS E 483 14.09 -6.66 106.20
N PHE E 484 14.74 -7.77 105.94
CA PHE E 484 16.13 -7.79 105.46
C PHE E 484 16.33 -7.00 104.17
N GLN E 485 15.39 -7.12 103.24
CA GLN E 485 15.53 -6.42 101.98
C GLN E 485 14.93 -5.03 102.08
N PRO E 486 15.73 -4.02 101.73
CA PRO E 486 15.26 -2.62 101.68
C PRO E 486 13.98 -2.49 100.88
N TYR E 487 13.08 -1.63 101.37
CA TYR E 487 11.79 -1.32 100.76
C TYR E 487 10.77 -2.41 101.09
N ASN E 488 11.13 -3.32 101.98
CA ASN E 488 10.22 -4.39 102.35
C ASN E 488 9.92 -4.34 103.83
N HIS E 489 8.64 -4.13 104.12
CA HIS E 489 8.18 -4.06 105.49
C HIS E 489 6.93 -4.92 105.60
N SER E 490 6.62 -5.38 106.80
CA SER E 490 5.35 -6.06 107.03
C SER E 490 4.59 -5.37 108.16
N LEU E 491 3.38 -4.91 107.88
CA LEU E 491 2.53 -4.40 108.95
C LEU E 491 1.69 -5.56 109.49
N TYR E 492 1.54 -5.61 110.82
CA TYR E 492 0.64 -6.57 111.42
C TYR E 492 -0.62 -5.87 111.90
N LYS E 493 -1.74 -6.20 111.27
CA LYS E 493 -2.99 -5.47 111.44
C LYS E 493 -4.01 -6.20 112.32
N LEU E 494 -4.55 -5.47 113.29
CA LEU E 494 -5.62 -5.99 114.14
C LEU E 494 -6.79 -6.41 113.26
N ASN E 495 -7.27 -7.62 113.48
CA ASN E 495 -8.36 -8.14 112.67
C ASN E 495 -9.70 -7.56 113.10
N THR E 496 -10.59 -7.39 112.14
CA THR E 496 -11.97 -7.04 112.43
C THR E 496 -12.67 -8.33 112.81
N THR E 497 -13.96 -8.24 113.15
CA THR E 497 -14.73 -9.40 113.55
C THR E 497 -14.71 -10.47 112.44
N VAL E 498 -15.08 -10.04 111.24
CA VAL E 498 -15.23 -10.95 110.11
C VAL E 498 -13.89 -11.60 109.77
N GLU E 499 -12.82 -10.81 109.90
CA GLU E 499 -11.47 -11.27 109.62
C GLU E 499 -11.06 -12.34 110.63
N ASN E 500 -11.46 -12.14 111.89
CA ASN E 500 -11.23 -13.15 112.91
C ASN E 500 -11.96 -14.45 112.62
N TRP E 501 -13.15 -14.33 112.03
CA TRP E 501 -13.91 -15.53 111.67
C TRP E 501 -13.19 -16.25 110.54
N PHE E 502 -12.73 -15.48 109.57
CA PHE E 502 -12.05 -16.03 108.41
C PHE E 502 -10.78 -16.76 108.82
N TYR E 503 -9.99 -16.10 109.67
CA TYR E 503 -8.69 -16.60 110.06
C TYR E 503 -8.77 -17.63 111.19
N ASN E 504 -9.98 -17.90 111.69
CA ASN E 504 -10.11 -18.91 112.74
C ASN E 504 -11.29 -19.88 112.56
N MET E 505 -11.56 -20.31 111.32
CA MET E 505 -12.56 -21.35 111.07
C MET E 505 -12.33 -22.67 111.81
N HIS E 506 -11.12 -23.22 111.69
CA HIS E 506 -10.74 -24.50 112.28
C HIS E 506 -10.17 -24.35 113.68
N SER E 507 -10.79 -23.51 114.49
CA SER E 507 -10.26 -23.21 115.80
C SER E 507 -11.36 -22.87 116.77
N GLU E 508 -11.95 -21.69 116.56
CA GLU E 508 -12.86 -21.01 117.47
C GLU E 508 -13.69 -22.11 118.13
N THR E 509 -13.42 -22.39 119.41
CA THR E 509 -14.24 -23.32 120.18
C THR E 509 -15.70 -22.91 120.24
N ASP E 510 -15.89 -21.66 120.65
CA ASP E 510 -17.20 -21.05 120.80
C ASP E 510 -17.61 -20.37 119.51
N GLY E 511 -17.74 -19.04 119.55
CA GLY E 511 -18.21 -18.31 118.39
C GLY E 511 -19.70 -18.06 118.44
N SER E 512 -20.11 -16.95 117.86
CA SER E 512 -21.52 -16.60 117.76
C SER E 512 -22.22 -17.47 116.72
N GLU E 513 -23.54 -17.29 116.61
CA GLU E 513 -24.33 -18.02 115.63
C GLU E 513 -23.83 -17.77 114.22
N LEU E 514 -23.52 -16.52 113.92
CA LEU E 514 -23.07 -16.14 112.58
C LEU E 514 -21.78 -16.88 112.26
N PHE E 515 -20.83 -16.88 113.20
CA PHE E 515 -19.60 -17.66 113.02
C PHE E 515 -19.82 -19.13 112.71
N LYS E 516 -20.68 -19.77 113.50
CA LYS E 516 -20.95 -21.19 113.33
C LYS E 516 -21.58 -21.47 111.96
N TYR E 517 -22.46 -20.56 111.56
CA TYR E 517 -23.11 -20.62 110.26
C TYR E 517 -22.10 -20.53 109.13
N LEU E 518 -21.19 -19.56 109.24
CA LEU E 518 -20.16 -19.38 108.24
C LEU E 518 -19.25 -20.61 108.20
N ARG E 519 -18.92 -21.13 109.37
CA ARG E 519 -18.04 -22.30 109.46
C ARG E 519 -18.64 -23.51 108.78
N THR E 520 -19.96 -23.67 108.89
CA THR E 520 -20.62 -24.79 108.24
C THR E 520 -20.70 -24.61 106.72
N LEU E 521 -20.97 -23.38 106.30
CA LEU E 521 -20.95 -23.04 104.88
C LEU E 521 -19.58 -23.30 104.26
N ASN E 522 -18.53 -22.94 104.97
CA ASN E 522 -17.17 -23.19 104.52
C ASN E 522 -16.88 -24.68 104.56
N GLY E 523 -17.47 -25.36 105.54
CA GLY E 523 -17.34 -26.80 105.66
C GLY E 523 -17.82 -27.50 104.42
N PHE E 524 -18.89 -26.98 103.82
CA PHE E 524 -19.34 -27.57 102.56
C PHE E 524 -18.56 -27.07 101.34
N ALA E 525 -18.38 -25.76 101.24
CA ALA E 525 -17.77 -25.15 100.06
C ALA E 525 -16.31 -25.55 99.85
N SER E 526 -15.63 -25.89 100.94
CA SER E 526 -14.22 -26.27 100.88
C SER E 526 -14.00 -27.65 100.24
N THR E 527 -15.07 -28.43 100.11
CA THR E 527 -15.00 -29.74 99.47
C THR E 527 -15.10 -29.65 97.94
N LEU E 528 -15.67 -28.56 97.45
CA LEU E 528 -15.69 -28.28 96.02
C LEU E 528 -14.31 -27.89 95.51
N SER E 529 -14.08 -28.01 94.22
CA SER E 529 -12.78 -27.69 93.64
C SER E 529 -12.80 -26.26 93.12
N ASN E 530 -11.62 -25.72 92.79
CA ASN E 530 -11.51 -24.37 92.26
C ASN E 530 -12.25 -24.12 90.95
N ASP E 531 -12.17 -25.05 90.01
CA ASP E 531 -12.84 -24.89 88.72
C ASP E 531 -14.35 -24.74 88.90
N VAL E 532 -14.92 -25.57 89.77
CA VAL E 532 -16.34 -25.54 90.05
C VAL E 532 -16.73 -24.18 90.62
N LEU E 533 -16.02 -23.77 91.66
CA LEU E 533 -16.26 -22.49 92.32
C LEU E 533 -16.15 -21.31 91.35
N ARG E 534 -15.14 -21.34 90.49
CA ARG E 534 -14.99 -20.29 89.47
C ARG E 534 -16.18 -20.26 88.53
N SER E 535 -16.66 -21.43 88.14
CA SER E 535 -17.74 -21.48 87.15
C SER E 535 -19.02 -20.94 87.78
N ILE E 536 -19.13 -21.15 89.09
CA ILE E 536 -20.26 -20.64 89.85
C ILE E 536 -20.18 -19.13 89.98
N SER E 537 -18.98 -18.63 90.30
CA SER E 537 -18.77 -17.19 90.39
C SER E 537 -19.15 -16.54 89.07
N LYS E 538 -18.60 -17.06 87.98
CA LYS E 538 -18.94 -16.61 86.64
C LYS E 538 -20.44 -16.53 86.44
N LYS E 539 -21.16 -17.59 86.83
CA LYS E 539 -22.61 -17.57 86.63
C LYS E 539 -23.28 -16.45 87.42
N PHE E 540 -22.78 -16.18 88.62
CA PHE E 540 -23.33 -15.09 89.42
C PHE E 540 -23.06 -13.74 88.76
N LEU E 541 -21.92 -13.62 88.10
CA LEU E 541 -21.68 -12.43 87.29
C LEU E 541 -22.70 -12.38 86.14
N ASP E 542 -22.94 -13.52 85.51
CA ASP E 542 -23.85 -13.62 84.38
C ASP E 542 -25.26 -13.14 84.72
N ILE E 543 -25.69 -13.34 85.97
CA ILE E 543 -27.01 -12.87 86.39
C ILE E 543 -27.12 -11.35 86.35
N ILE E 544 -26.03 -10.70 86.72
CA ILE E 544 -25.98 -9.25 86.71
C ILE E 544 -25.79 -8.72 85.28
N THR E 545 -24.93 -9.37 84.51
CA THR E 545 -24.66 -8.95 83.14
C THR E 545 -25.78 -9.18 82.13
N GLY E 546 -26.66 -10.11 82.46
CA GLY E 546 -27.82 -10.36 81.63
C GLY E 546 -27.49 -11.51 80.69
N GLU E 547 -26.28 -12.06 80.77
CA GLU E 547 -25.94 -13.25 79.98
C GLU E 547 -26.79 -14.42 80.40
N LEU E 548 -27.20 -14.39 81.65
CA LEU E 548 -28.36 -15.13 82.13
C LEU E 548 -29.49 -14.12 82.07
N PRO E 549 -30.32 -14.16 81.02
CA PRO E 549 -31.36 -13.17 80.77
C PRO E 549 -32.16 -12.75 82.01
N ASP E 550 -32.42 -11.45 82.10
CA ASP E 550 -33.35 -10.89 83.08
C ASP E 550 -34.76 -11.48 82.97
N SER E 551 -35.06 -12.07 81.80
CA SER E 551 -36.34 -12.74 81.56
C SER E 551 -36.58 -13.96 82.45
N MET E 552 -35.51 -14.66 82.82
CA MET E 552 -35.63 -15.85 83.67
C MET E 552 -36.04 -15.49 85.09
N THR E 553 -36.69 -16.43 85.77
CA THR E 553 -36.95 -16.27 87.19
C THR E 553 -35.66 -16.60 87.92
N THR E 554 -35.59 -16.17 89.17
CA THR E 554 -34.45 -16.49 90.01
C THR E 554 -34.28 -18.01 90.10
N VAL E 555 -35.38 -18.71 90.34
CA VAL E 555 -35.35 -20.16 90.47
C VAL E 555 -34.76 -20.77 89.21
N GLU E 556 -35.16 -20.24 88.06
CA GLU E 556 -34.62 -20.74 86.78
C GLU E 556 -33.11 -20.49 86.59
N LYS E 557 -32.62 -19.33 87.01
CA LYS E 557 -31.19 -19.05 86.90
C LYS E 557 -30.40 -19.96 87.83
N PHE E 558 -30.92 -20.14 89.04
CA PHE E 558 -30.32 -21.05 90.02
C PHE E 558 -30.32 -22.50 89.53
N THR E 559 -31.38 -22.89 88.83
CA THR E 559 -31.47 -24.22 88.24
C THR E 559 -30.45 -24.40 87.12
N ASP E 560 -30.33 -23.37 86.29
CA ASP E 560 -29.32 -23.34 85.24
C ASP E 560 -27.94 -23.55 85.87
N ILE E 561 -27.63 -22.68 86.83
CA ILE E 561 -26.36 -22.72 87.55
C ILE E 561 -26.10 -24.13 88.10
N PHE E 562 -27.09 -24.68 88.80
CA PHE E 562 -26.95 -26.01 89.39
C PHE E 562 -26.60 -27.08 88.38
N LYS E 563 -27.42 -27.19 87.35
CA LYS E 563 -27.24 -28.21 86.32
C LYS E 563 -25.87 -28.08 85.64
N ASN E 564 -25.48 -26.85 85.31
CA ASN E 564 -24.25 -26.62 84.55
C ASN E 564 -22.98 -26.73 85.39
N CYS E 565 -23.06 -26.36 86.66
CA CYS E 565 -21.88 -26.20 87.52
C CYS E 565 -21.74 -27.20 88.67
N LEU E 566 -22.83 -27.57 89.31
CA LEU E 566 -22.76 -28.27 90.59
C LEU E 566 -23.17 -29.74 90.53
N GLU E 567 -24.13 -30.06 89.67
CA GLU E 567 -24.63 -31.42 89.57
C GLU E 567 -23.43 -32.36 89.34
N ASN E 568 -23.45 -33.49 90.03
CA ASN E 568 -22.38 -34.49 89.99
C ASN E 568 -20.99 -34.00 90.42
N GLN E 569 -20.92 -32.78 90.97
CA GLN E 569 -19.64 -32.18 91.32
C GLN E 569 -19.39 -32.06 92.83
N PHE E 570 -20.16 -32.79 93.63
CA PHE E 570 -19.99 -32.79 95.07
C PHE E 570 -20.50 -34.08 95.70
N GLU E 571 -20.03 -34.40 96.91
CA GLU E 571 -20.49 -35.61 97.58
C GLU E 571 -21.80 -35.33 98.31
N ILE E 572 -22.83 -36.09 97.96
CA ILE E 572 -24.15 -35.99 98.59
C ILE E 572 -24.12 -36.10 100.12
N THR E 573 -23.11 -36.79 100.64
CA THR E 573 -22.92 -36.92 102.09
C THR E 573 -22.65 -35.56 102.73
N ASN E 574 -21.86 -34.73 102.06
CA ASN E 574 -21.51 -33.43 102.57
C ASN E 574 -22.72 -32.50 102.45
N LEU E 575 -23.55 -32.76 101.44
CA LEU E 575 -24.78 -32.01 101.28
C LEU E 575 -25.68 -32.28 102.48
N LYS E 576 -25.80 -33.55 102.86
CA LYS E 576 -26.64 -33.91 104.01
C LYS E 576 -26.11 -33.26 105.29
N ILE E 577 -24.80 -33.37 105.52
CA ILE E 577 -24.13 -32.69 106.63
C ILE E 577 -24.48 -31.19 106.70
N LEU E 578 -24.40 -30.54 105.54
CA LEU E 578 -24.67 -29.10 105.43
C LEU E 578 -26.13 -28.77 105.70
N PHE E 579 -27.05 -29.56 105.18
CA PHE E 579 -28.48 -29.35 105.36
C PHE E 579 -28.83 -29.46 106.84
N ASP E 580 -28.30 -30.49 107.47
CA ASP E 580 -28.55 -30.74 108.89
C ASP E 580 -28.06 -29.55 109.70
N GLU E 581 -26.77 -29.23 109.57
CA GLU E 581 -26.18 -28.11 110.29
C GLU E 581 -26.97 -26.82 110.04
N LEU E 582 -27.39 -26.62 108.79
CA LEU E 582 -28.14 -25.43 108.37
C LEU E 582 -29.48 -25.30 109.06
N ASN E 583 -30.06 -26.42 109.47
CA ASN E 583 -31.40 -26.39 110.05
C ASN E 583 -31.44 -25.88 111.49
N SER E 584 -30.28 -25.85 112.15
CA SER E 584 -30.15 -25.26 113.47
C SER E 584 -30.19 -23.73 113.52
N PHE E 585 -29.96 -23.08 112.39
CA PHE E 585 -29.82 -21.63 112.39
C PHE E 585 -31.12 -20.91 112.08
N ASP E 586 -31.30 -19.73 112.68
CA ASP E 586 -32.38 -18.84 112.29
C ASP E 586 -31.81 -17.98 111.17
N ILE E 587 -31.96 -18.50 109.95
CA ILE E 587 -31.29 -17.93 108.78
C ILE E 587 -31.57 -16.44 108.54
N PRO E 588 -32.85 -16.01 108.51
CA PRO E 588 -33.10 -14.58 108.24
C PRO E 588 -32.32 -13.63 109.15
N VAL E 589 -32.23 -13.99 110.44
CA VAL E 589 -31.55 -13.17 111.44
C VAL E 589 -30.04 -13.13 111.21
N VAL E 590 -29.44 -14.30 111.06
CA VAL E 590 -28.00 -14.41 110.82
C VAL E 590 -27.58 -13.70 109.54
N LEU E 591 -28.36 -13.88 108.47
CA LEU E 591 -28.08 -13.21 107.21
C LEU E 591 -28.27 -11.70 107.34
N ASN E 592 -29.28 -11.30 108.10
CA ASN E 592 -29.49 -9.89 108.38
C ASN E 592 -28.26 -9.29 109.03
N ASP E 593 -27.75 -9.95 110.07
CA ASP E 593 -26.61 -9.43 110.80
C ASP E 593 -25.36 -9.43 109.93
N LEU E 594 -25.21 -10.45 109.08
CA LEU E 594 -24.07 -10.52 108.19
C LEU E 594 -24.07 -9.41 107.13
N ILE E 595 -25.20 -9.24 106.45
CA ILE E 595 -25.31 -8.28 105.36
C ILE E 595 -25.38 -6.84 105.85
N ASN E 596 -26.29 -6.57 106.79
CA ASN E 596 -26.58 -5.21 107.22
C ASN E 596 -25.69 -4.66 108.34
N ASN E 597 -24.98 -5.52 109.05
CA ASN E 597 -24.04 -5.05 110.06
C ASN E 597 -22.58 -5.30 109.68
N GLN E 598 -22.23 -6.58 109.53
CA GLN E 598 -20.84 -6.98 109.34
C GLN E 598 -20.27 -6.51 108.01
N MET E 599 -20.94 -6.84 106.91
CA MET E 599 -20.37 -6.61 105.59
C MET E 599 -20.67 -5.23 105.00
N LYS E 600 -21.90 -4.74 105.13
CA LYS E 600 -22.21 -3.42 104.60
C LYS E 600 -21.81 -2.35 105.60
N PRO E 601 -20.76 -1.57 105.25
CA PRO E 601 -20.13 -0.60 106.15
C PRO E 601 -20.99 0.63 106.49
N GLY E 602 -20.42 1.51 107.31
CA GLY E 602 -21.14 2.62 107.90
C GLY E 602 -21.19 3.91 107.11
N ILE E 603 -22.26 4.68 107.30
CA ILE E 603 -22.36 6.04 106.78
C ILE E 603 -21.47 6.90 107.66
N PHE E 604 -20.56 7.66 107.04
CA PHE E 604 -19.64 8.45 107.83
C PHE E 604 -20.06 9.91 107.88
N TRP E 605 -19.92 10.53 109.04
CA TRP E 605 -20.03 11.96 109.12
C TRP E 605 -18.61 12.51 109.29
N LYS E 606 -17.71 11.91 108.52
CA LYS E 606 -16.27 12.09 108.64
C LYS E 606 -15.78 11.73 110.05
N LYS E 607 -15.06 10.63 110.19
CA LYS E 607 -14.56 10.28 111.52
C LYS E 607 -13.05 10.29 111.54
N ASP E 608 -12.53 11.49 111.35
CA ASP E 608 -11.11 11.83 111.43
C ASP E 608 -10.16 10.77 110.89
N PHE E 609 -10.06 10.73 109.56
CA PHE E 609 -8.99 10.04 108.84
C PHE E 609 -7.94 11.04 108.39
N ILE E 610 -7.07 11.45 109.32
CA ILE E 610 -6.08 12.53 109.13
C ILE E 610 -5.70 12.69 107.67
N SER E 611 -6.09 13.84 107.11
CA SER E 611 -5.89 14.09 105.70
C SER E 611 -4.41 14.33 105.43
N ALA E 612 -3.88 13.63 104.44
CA ALA E 612 -2.47 13.73 104.16
C ALA E 612 -2.23 14.94 103.28
N ILE E 613 -1.25 15.74 103.66
CA ILE E 613 -0.82 16.90 102.90
C ILE E 613 0.01 16.53 101.69
N LYS E 614 0.66 15.37 101.77
CA LYS E 614 1.58 14.92 100.74
C LYS E 614 1.30 13.45 100.50
N PHE E 615 1.63 12.94 99.32
CA PHE E 615 1.39 11.53 99.06
C PHE E 615 2.23 10.67 99.99
N ASP E 616 1.57 9.72 100.63
CA ASP E 616 2.23 8.83 101.58
C ASP E 616 2.15 7.45 100.97
N GLY E 617 3.24 7.02 100.34
CA GLY E 617 3.27 5.76 99.64
C GLY E 617 3.06 4.57 100.55
N PHE E 618 3.54 4.68 101.78
CA PHE E 618 3.42 3.61 102.76
C PHE E 618 1.97 3.36 103.11
N THR E 619 1.27 4.41 103.52
CA THR E 619 -0.11 4.24 103.94
C THR E 619 -0.95 3.87 102.73
N SER E 620 -0.53 4.36 101.56
CA SER E 620 -1.19 4.01 100.31
C SER E 620 -1.22 2.50 100.04
N ILE E 621 -0.04 1.87 100.03
CA ILE E 621 0.05 0.43 99.78
C ILE E 621 -0.50 -0.42 100.93
N ILE E 622 -0.34 0.06 102.16
CA ILE E 622 -0.90 -0.65 103.31
C ILE E 622 -2.43 -0.63 103.27
N SER E 623 -2.98 0.49 102.85
CA SER E 623 -4.42 0.63 102.69
C SER E 623 -4.92 -0.28 101.60
N LEU E 624 -4.25 -0.27 100.45
CA LEU E 624 -4.73 -1.06 99.33
C LEU E 624 -4.66 -2.56 99.63
N GLU E 625 -3.54 -3.01 100.20
CA GLU E 625 -3.40 -4.41 100.61
C GLU E 625 -4.44 -4.82 101.67
N SER E 626 -4.71 -3.91 102.61
CA SER E 626 -5.68 -4.22 103.65
C SER E 626 -7.08 -4.34 103.08
N LEU E 627 -7.42 -3.39 102.21
CA LEU E 627 -8.69 -3.42 101.50
C LEU E 627 -8.83 -4.73 100.74
N HIS E 628 -7.74 -5.14 100.10
CA HIS E 628 -7.76 -6.36 99.29
C HIS E 628 -8.00 -7.60 100.13
N GLN E 629 -7.41 -7.63 101.33
CA GLN E 629 -7.64 -8.75 102.22
C GLN E 629 -9.11 -8.77 102.65
N LEU E 630 -9.62 -7.61 103.07
CA LEU E 630 -11.00 -7.52 103.52
C LEU E 630 -11.97 -7.98 102.45
N LEU E 631 -11.79 -7.49 101.23
CA LEU E 631 -12.72 -7.78 100.16
C LEU E 631 -12.57 -9.21 99.65
N SER E 632 -11.38 -9.79 99.79
CA SER E 632 -11.18 -11.18 99.41
C SER E 632 -12.01 -12.07 100.35
N ILE E 633 -11.87 -11.79 101.66
CA ILE E 633 -12.63 -12.50 102.68
C ILE E 633 -14.14 -12.36 102.44
N HIS E 634 -14.57 -11.11 102.21
CA HIS E 634 -15.96 -10.83 101.87
C HIS E 634 -16.41 -11.66 100.69
N TYR E 635 -15.59 -11.69 99.65
CA TYR E 635 -15.85 -12.43 98.43
C TYR E 635 -16.13 -13.90 98.68
N ARG E 636 -15.30 -14.50 99.55
CA ARG E 636 -15.40 -15.94 99.79
C ARG E 636 -16.67 -16.24 100.58
N ILE E 637 -16.96 -15.39 101.55
CA ILE E 637 -18.19 -15.53 102.33
C ILE E 637 -19.42 -15.42 101.41
N THR E 638 -19.50 -14.30 100.70
CA THR E 638 -20.61 -13.97 99.80
C THR E 638 -20.88 -15.11 98.82
N LEU E 639 -19.80 -15.67 98.29
CA LEU E 639 -19.92 -16.76 97.33
C LEU E 639 -20.47 -18.03 97.99
N GLN E 640 -20.01 -18.30 99.22
CA GLN E 640 -20.49 -19.49 99.93
C GLN E 640 -22.00 -19.40 100.27
N VAL E 641 -22.43 -18.21 100.66
CA VAL E 641 -23.86 -17.97 100.95
C VAL E 641 -24.72 -18.10 99.70
N LEU E 642 -24.31 -17.42 98.63
CA LEU E 642 -25.00 -17.51 97.35
C LEU E 642 -25.15 -18.98 96.94
N LEU E 643 -24.06 -19.73 97.10
CA LEU E 643 -24.03 -21.16 96.81
C LEU E 643 -25.16 -21.87 97.55
N THR E 644 -25.30 -21.54 98.84
CA THR E 644 -26.35 -22.17 99.63
C THR E 644 -27.72 -21.77 99.08
N PHE E 645 -27.80 -20.59 98.45
CA PHE E 645 -29.07 -20.14 97.88
C PHE E 645 -29.44 -20.87 96.59
N VAL E 646 -28.44 -21.35 95.86
CA VAL E 646 -28.72 -22.10 94.64
C VAL E 646 -29.02 -23.58 94.95
N LEU E 647 -28.42 -24.11 96.02
CA LEU E 647 -28.61 -25.53 96.33
C LEU E 647 -29.94 -25.90 97.01
N PHE E 648 -30.52 -25.01 97.81
CA PHE E 648 -31.69 -25.38 98.63
C PHE E 648 -32.91 -24.52 98.31
N ASP E 649 -34.10 -25.05 98.62
CA ASP E 649 -35.34 -24.38 98.25
C ASP E 649 -35.68 -23.25 99.23
N LEU E 650 -34.91 -22.18 99.17
CA LEU E 650 -35.10 -21.03 100.04
C LEU E 650 -35.96 -20.03 99.28
N ASP E 651 -37.07 -19.62 99.91
CA ASP E 651 -38.08 -18.83 99.22
C ASP E 651 -37.44 -17.63 98.54
N THR E 652 -37.51 -17.66 97.22
CA THR E 652 -36.78 -16.75 96.35
C THR E 652 -37.45 -15.38 96.45
N GLU E 653 -38.65 -15.37 97.02
CA GLU E 653 -39.34 -14.12 97.30
C GLU E 653 -38.97 -13.53 98.67
N ILE E 654 -39.07 -14.31 99.75
CA ILE E 654 -38.65 -13.84 101.08
C ILE E 654 -37.25 -13.25 101.10
N PHE E 655 -36.31 -14.00 100.55
CA PHE E 655 -34.90 -13.64 100.53
C PHE E 655 -34.49 -12.88 99.27
N GLY E 656 -35.47 -12.43 98.51
CA GLY E 656 -35.24 -11.78 97.23
C GLY E 656 -34.32 -10.60 97.42
N GLN E 657 -34.59 -9.82 98.46
CA GLN E 657 -33.76 -8.66 98.74
C GLN E 657 -32.31 -9.08 98.98
N HIS E 658 -32.11 -10.00 99.92
CA HIS E 658 -30.76 -10.45 100.27
C HIS E 658 -29.99 -10.98 99.08
N ILE E 659 -30.65 -11.88 98.33
CA ILE E 659 -30.05 -12.47 97.15
C ILE E 659 -29.55 -11.39 96.21
N SER E 660 -30.39 -10.38 95.96
CA SER E 660 -29.97 -9.35 95.01
C SER E 660 -28.92 -8.48 95.60
N THR E 661 -28.99 -8.24 96.91
CA THR E 661 -27.89 -7.54 97.55
C THR E 661 -26.59 -8.33 97.42
N LEU E 662 -26.66 -9.64 97.68
CA LEU E 662 -25.46 -10.48 97.64
C LEU E 662 -24.85 -10.53 96.25
N LEU E 663 -25.71 -10.66 95.24
CA LEU E 663 -25.25 -10.74 93.88
C LEU E 663 -24.68 -9.39 93.51
N ASP E 664 -25.29 -8.32 93.99
CA ASP E 664 -24.68 -7.00 93.85
C ASP E 664 -23.31 -6.90 94.53
N LEU E 665 -23.19 -7.41 95.75
CA LEU E 665 -21.93 -7.32 96.48
C LEU E 665 -20.79 -8.19 95.94
N HIS E 666 -21.16 -9.38 95.46
CA HIS E 666 -20.21 -10.38 94.97
C HIS E 666 -19.54 -9.81 93.77
N TYR E 667 -20.37 -9.17 92.99
CA TYR E 667 -20.00 -8.64 91.74
C TYR E 667 -18.98 -7.53 91.95
N LYS E 668 -19.30 -6.62 92.84
CA LYS E 668 -18.39 -5.54 93.15
C LYS E 668 -17.09 -6.07 93.69
N GLN E 669 -17.19 -7.04 94.59
CA GLN E 669 -16.00 -7.71 95.10
C GLN E 669 -15.13 -8.23 93.97
N PHE E 670 -15.74 -9.01 93.08
CA PHE E 670 -14.97 -9.61 91.99
C PHE E 670 -14.26 -8.50 91.25
N LEU E 671 -15.03 -7.48 90.86
CA LEU E 671 -14.45 -6.40 90.09
C LEU E 671 -13.22 -5.86 90.77
N LEU E 672 -13.38 -5.39 92.01
CA LEU E 672 -12.23 -4.82 92.70
C LEU E 672 -11.03 -5.73 92.70
N LEU E 673 -11.26 -6.99 93.05
CA LEU E 673 -10.14 -7.92 93.19
C LEU E 673 -9.46 -8.12 91.86
N ASN E 674 -10.25 -8.10 90.80
CA ASN E 674 -9.73 -8.22 89.47
C ASN E 674 -8.81 -7.04 89.18
N LEU E 675 -9.32 -5.85 89.45
CA LEU E 675 -8.56 -4.66 89.13
C LEU E 675 -7.30 -4.66 89.97
N TYR E 676 -7.42 -5.15 91.20
CA TYR E 676 -6.26 -5.17 92.08
C TYR E 676 -5.12 -5.92 91.43
N ARG E 677 -5.36 -7.15 90.99
CA ARG E 677 -4.27 -7.91 90.40
C ARG E 677 -3.93 -7.50 88.96
N GLN E 678 -4.80 -6.70 88.36
CA GLN E 678 -4.54 -6.23 87.01
C GLN E 678 -3.58 -5.04 87.00
N ASP E 679 -3.78 -4.09 87.91
CA ASP E 679 -2.94 -2.91 87.94
C ASP E 679 -3.13 -2.18 89.27
N LYS E 680 -2.33 -2.59 90.26
CA LYS E 680 -2.40 -2.03 91.61
C LYS E 680 -2.23 -0.52 91.65
N CYS E 681 -1.17 -0.01 91.02
CA CYS E 681 -0.91 1.43 90.97
C CYS E 681 -2.15 2.20 90.52
N LEU E 682 -2.67 1.84 89.34
CA LEU E 682 -3.90 2.44 88.81
C LEU E 682 -5.08 2.32 89.77
N LEU E 683 -5.24 1.15 90.40
CA LEU E 683 -6.35 0.96 91.32
C LEU E 683 -6.24 1.95 92.47
N ALA E 684 -5.06 2.00 93.10
CA ALA E 684 -4.78 2.94 94.17
C ALA E 684 -5.08 4.38 93.75
N GLU E 685 -4.62 4.73 92.55
CA GLU E 685 -4.76 6.09 92.03
C GLU E 685 -6.22 6.49 91.86
N VAL E 686 -7.03 5.59 91.32
CA VAL E 686 -8.45 5.88 91.11
C VAL E 686 -9.23 5.82 92.43
N LEU E 687 -8.73 5.02 93.38
CA LEU E 687 -9.40 4.78 94.65
C LEU E 687 -9.12 5.86 95.68
N LEU E 688 -8.03 6.61 95.49
CA LEU E 688 -7.70 7.73 96.36
C LEU E 688 -8.07 9.09 95.76
N LYS E 689 -8.10 9.18 94.44
CA LYS E 689 -8.70 10.32 93.76
C LYS E 689 -10.23 10.23 93.73
N ASP E 690 -10.77 9.15 94.28
CA ASP E 690 -12.21 9.02 94.52
C ASP E 690 -12.69 9.93 95.64
N SER E 691 -12.06 9.83 96.80
CA SER E 691 -12.33 10.73 97.92
C SER E 691 -11.68 12.09 97.65
N SER E 692 -12.52 13.13 97.62
CA SER E 692 -12.07 14.48 97.31
C SER E 692 -11.18 15.12 98.39
N GLU E 693 -11.65 15.16 99.63
CA GLU E 693 -10.91 15.80 100.69
C GLU E 693 -9.65 15.01 101.04
N PHE E 694 -9.66 13.72 100.67
CA PHE E 694 -8.56 12.83 100.91
C PHE E 694 -7.89 12.47 99.60
N SER E 695 -7.72 13.45 98.73
CA SER E 695 -7.20 13.10 97.42
C SER E 695 -5.76 12.60 97.47
N PHE E 696 -4.98 13.25 98.31
CA PHE E 696 -3.54 12.91 98.46
C PHE E 696 -3.25 11.64 99.21
N GLY E 697 -4.08 11.28 100.16
CA GLY E 697 -3.93 10.04 100.89
C GLY E 697 -4.50 10.12 102.30
N VAL E 698 -3.91 9.41 103.25
CA VAL E 698 -4.33 9.49 104.67
C VAL E 698 -3.12 9.29 105.64
N LYS E 699 -3.29 9.67 106.92
CA LYS E 699 -2.41 9.25 108.01
C LYS E 699 -3.25 8.58 109.09
N PHE E 700 -2.74 7.49 109.64
CA PHE E 700 -3.39 6.83 110.77
C PHE E 700 -2.37 6.52 111.86
N PHE E 701 -2.73 6.81 113.09
CA PHE E 701 -1.78 6.64 114.18
C PHE E 701 -2.18 5.50 115.12
N ASN E 702 -3.39 4.98 114.96
CA ASN E 702 -3.81 3.81 115.72
C ASN E 702 -4.67 2.84 114.90
N TYR E 703 -4.97 1.68 115.48
CA TYR E 703 -5.63 0.60 114.75
C TYR E 703 -7.08 0.96 114.40
N GLY E 704 -7.72 1.69 115.29
CA GLY E 704 -9.08 2.18 115.05
C GLY E 704 -9.19 3.09 113.83
N GLN E 705 -8.26 4.03 113.71
CA GLN E 705 -8.22 4.94 112.56
C GLN E 705 -7.98 4.19 111.25
N LEU E 706 -7.18 3.13 111.33
CA LEU E 706 -6.82 2.34 110.16
C LEU E 706 -7.99 1.48 109.71
N ILE E 707 -8.53 0.71 110.65
CA ILE E 707 -9.73 -0.09 110.39
C ILE E 707 -10.84 0.80 109.81
N ALA E 708 -11.06 1.96 110.44
CA ALA E 708 -12.09 2.88 109.97
C ALA E 708 -11.83 3.39 108.55
N TYR E 709 -10.56 3.65 108.22
CA TYR E 709 -10.24 4.07 106.85
C TYR E 709 -10.50 2.95 105.84
N ILE E 710 -10.01 1.73 106.13
CA ILE E 710 -10.26 0.59 105.26
C ILE E 710 -11.75 0.33 105.03
N ASP E 711 -12.52 0.36 106.12
CA ASP E 711 -13.98 0.25 106.05
C ASP E 711 -14.53 1.33 105.12
N SER E 712 -14.02 2.55 105.29
CA SER E 712 -14.41 3.70 104.46
C SER E 712 -14.25 3.43 102.97
N LEU E 713 -13.11 2.81 102.62
CA LEU E 713 -12.84 2.47 101.24
C LEU E 713 -13.80 1.36 100.81
N ASN E 714 -14.09 0.46 101.74
CA ASN E 714 -15.05 -0.61 101.47
C ASN E 714 -16.37 0.03 101.04
N SER E 715 -16.82 1.02 101.81
CA SER E 715 -18.06 1.73 101.52
C SER E 715 -18.00 2.28 100.11
N ASN E 716 -16.91 2.99 99.81
CA ASN E 716 -16.69 3.50 98.45
C ASN E 716 -16.93 2.42 97.39
N VAL E 717 -16.36 1.24 97.60
CA VAL E 717 -16.51 0.12 96.65
C VAL E 717 -17.96 -0.36 96.51
N TYR E 718 -18.64 -0.56 97.65
CA TYR E 718 -20.00 -1.06 97.65
C TYR E 718 -21.06 -0.04 97.23
N ASN E 719 -20.72 1.24 97.28
CA ASN E 719 -21.64 2.28 96.83
C ASN E 719 -21.32 2.78 95.43
N THR E 723 -20.10 6.84 90.38
CA THR E 723 -19.12 7.92 90.50
C THR E 723 -17.69 7.36 90.60
N GLU E 724 -17.54 6.26 91.31
CA GLU E 724 -16.30 5.47 91.29
C GLU E 724 -16.02 4.78 89.95
N ASN E 725 -16.94 3.90 89.55
CA ASN E 725 -16.87 3.21 88.26
C ASN E 725 -16.59 4.10 87.05
N SER E 726 -17.18 5.30 87.04
CA SER E 726 -16.94 6.24 85.94
C SER E 726 -15.56 6.88 86.03
N PHE E 727 -15.17 7.30 87.22
CA PHE E 727 -13.89 7.97 87.40
C PHE E 727 -12.77 6.99 87.02
N PHE E 728 -13.01 5.71 87.27
CA PHE E 728 -11.96 4.70 87.15
C PHE E 728 -11.87 4.23 85.70
N MET E 729 -13.03 4.07 85.07
CA MET E 729 -13.05 3.70 83.66
C MET E 729 -12.43 4.83 82.82
N THR E 730 -12.75 6.07 83.20
CA THR E 730 -12.19 7.25 82.56
C THR E 730 -10.68 7.35 82.71
N PHE E 731 -10.19 7.27 83.95
CA PHE E 731 -8.74 7.30 84.20
C PHE E 731 -8.02 6.19 83.45
N PHE E 732 -8.59 4.99 83.49
CA PHE E 732 -8.04 3.83 82.80
C PHE E 732 -7.89 4.08 81.31
N ARG E 733 -8.97 4.56 80.68
CA ARG E 733 -8.98 4.73 79.23
C ARG E 733 -8.00 5.80 78.79
N SER E 734 -7.88 6.85 79.58
CA SER E 734 -6.96 7.94 79.31
C SER E 734 -5.50 7.48 79.38
N SER E 741 -4.79 -2.53 81.23
CA SER E 741 -5.84 -3.36 81.80
C SER E 741 -6.88 -3.72 80.73
N HIS E 742 -6.42 -3.75 79.49
CA HIS E 742 -7.26 -4.03 78.31
C HIS E 742 -8.18 -5.25 78.47
N LYS E 743 -7.57 -6.39 78.78
CA LYS E 743 -8.25 -7.68 78.88
C LYS E 743 -9.35 -7.76 79.93
N ASN E 744 -9.12 -7.21 81.12
CA ASN E 744 -10.09 -7.29 82.21
C ASN E 744 -11.37 -6.57 81.90
N ILE E 745 -11.21 -5.38 81.34
CA ILE E 745 -12.34 -4.54 80.96
C ILE E 745 -13.25 -5.18 79.91
N ARG E 746 -13.02 -6.45 79.62
CA ARG E 746 -13.81 -7.12 78.62
C ARG E 746 -14.82 -7.83 79.48
N PHE E 747 -14.31 -8.36 80.58
CA PHE E 747 -15.10 -9.14 81.50
C PHE E 747 -15.98 -8.06 82.08
N PHE E 748 -15.34 -6.94 82.39
CA PHE E 748 -15.93 -5.77 83.02
C PHE E 748 -16.53 -4.76 82.04
N LEU E 749 -16.64 -5.10 80.76
CA LEU E 749 -17.54 -4.35 79.90
C LEU E 749 -18.69 -5.26 79.53
N GLU E 750 -18.51 -6.55 79.77
CA GLU E 750 -19.62 -7.49 79.69
C GLU E 750 -20.27 -7.45 81.05
N ASN E 751 -19.42 -7.46 82.08
CA ASN E 751 -19.91 -7.32 83.45
C ASN E 751 -20.29 -5.90 83.78
N VAL E 752 -19.30 -5.05 84.01
CA VAL E 752 -19.55 -3.76 84.67
C VAL E 752 -20.42 -2.80 83.86
N GLU E 753 -20.58 -3.05 82.57
CA GLU E 753 -21.46 -2.20 81.76
C GLU E 753 -22.93 -2.45 82.12
N CYS E 754 -23.27 -3.71 82.39
CA CYS E 754 -24.64 -4.05 82.76
C CYS E 754 -24.91 -3.77 84.23
N GLU E 762 -27.33 3.63 77.26
CA GLU E 762 -26.76 4.50 76.25
C GLU E 762 -25.28 4.75 76.51
N VAL E 763 -24.96 5.17 77.73
CA VAL E 763 -23.58 5.40 78.12
C VAL E 763 -22.77 4.09 78.08
N GLN E 764 -23.29 3.06 78.76
CA GLN E 764 -22.65 1.75 78.80
C GLN E 764 -22.44 1.17 77.40
N GLU E 765 -23.37 1.49 76.50
CA GLU E 765 -23.28 1.06 75.11
C GLU E 765 -22.06 1.66 74.42
N PHE E 766 -21.95 2.99 74.47
CA PHE E 766 -20.83 3.69 73.86
C PHE E 766 -19.50 3.22 74.47
N MET E 767 -19.50 3.03 75.78
CA MET E 767 -18.33 2.50 76.49
C MET E 767 -17.92 1.14 75.93
N PHE E 768 -18.91 0.26 75.79
CA PHE E 768 -18.69 -1.06 75.21
C PHE E 768 -18.12 -0.95 73.81
N ALA E 769 -18.60 0.03 73.05
CA ALA E 769 -18.12 0.25 71.68
C ALA E 769 -16.64 0.63 71.65
N MET E 770 -16.32 1.76 72.27
CA MET E 770 -14.96 2.28 72.28
C MET E 770 -13.98 1.29 72.91
N THR E 771 -14.45 0.53 73.89
CA THR E 771 -13.61 -0.47 74.55
C THR E 771 -13.35 -1.65 73.61
N LEU E 772 -14.40 -2.13 72.97
CA LEU E 772 -14.27 -3.26 72.04
C LEU E 772 -13.53 -2.87 70.76
N PHE E 773 -13.35 -1.56 70.56
CA PHE E 773 -12.60 -1.10 69.39
C PHE E 773 -11.10 -0.97 69.70
N SER E 774 -10.77 -0.54 70.90
CA SER E 774 -9.37 -0.34 71.30
C SER E 774 -8.63 -1.66 71.42
N PHE E 778 -13.61 -6.26 66.26
CA PHE E 778 -14.07 -4.99 65.70
C PHE E 778 -15.52 -5.07 65.25
N ASP E 779 -15.96 -6.28 64.90
CA ASP E 779 -17.32 -6.53 64.48
C ASP E 779 -18.32 -6.11 65.56
N GLN E 780 -18.11 -6.61 66.78
CA GLN E 780 -18.95 -6.30 67.92
C GLN E 780 -19.06 -4.79 68.14
N SER E 781 -17.92 -4.12 68.12
CA SER E 781 -17.86 -2.68 68.29
C SER E 781 -18.74 -1.94 67.28
N TYR E 782 -18.48 -2.18 66.00
CA TYR E 782 -19.24 -1.55 64.91
C TYR E 782 -20.75 -1.83 65.04
N GLU E 783 -21.10 -3.08 65.27
CA GLU E 783 -22.50 -3.48 65.43
C GLU E 783 -23.20 -2.71 66.54
N ILE E 784 -22.62 -2.76 67.74
CA ILE E 784 -23.16 -2.06 68.90
C ILE E 784 -23.31 -0.55 68.63
N PHE E 785 -22.24 0.05 68.11
CA PHE E 785 -22.23 1.47 67.77
C PHE E 785 -23.37 1.85 66.83
N GLN E 786 -23.49 1.13 65.72
CA GLN E 786 -24.54 1.37 64.74
C GLN E 786 -25.94 1.23 65.35
N LEU E 787 -26.13 0.14 66.10
CA LEU E 787 -27.41 -0.14 66.75
C LEU E 787 -27.84 0.99 67.69
N HIS E 788 -26.91 1.46 68.52
CA HIS E 788 -27.19 2.57 69.44
C HIS E 788 -27.60 3.85 68.69
N ASP E 789 -26.62 4.50 68.06
CA ASP E 789 -26.85 5.68 67.25
C ASP E 789 -25.59 6.07 66.48
N ILE E 815 -5.86 9.58 70.90
CA ILE E 815 -7.11 8.81 70.86
C ILE E 815 -8.20 9.51 71.67
N TRP E 816 -7.84 9.95 72.88
CA TRP E 816 -8.78 10.64 73.76
C TRP E 816 -9.28 11.93 73.14
N LYS E 817 -8.36 12.70 72.55
CA LYS E 817 -8.70 13.97 71.89
C LYS E 817 -9.68 13.75 70.73
N ASP E 818 -9.42 12.73 69.92
CA ASP E 818 -10.30 12.38 68.81
C ASP E 818 -11.70 12.03 69.30
N LEU E 819 -11.76 11.24 70.37
CA LEU E 819 -13.03 10.86 70.99
C LEU E 819 -13.79 12.09 71.46
N LEU E 820 -13.08 13.02 72.10
CA LEU E 820 -13.67 14.28 72.54
C LEU E 820 -14.24 15.08 71.36
N CYS E 821 -13.47 15.16 70.29
CA CYS E 821 -13.91 15.83 69.07
C CYS E 821 -15.20 15.20 68.52
N THR E 822 -15.21 13.87 68.46
CA THR E 822 -16.38 13.13 67.99
C THR E 822 -17.61 13.40 68.85
N PHE E 823 -17.42 13.40 70.17
CA PHE E 823 -18.50 13.72 71.11
C PHE E 823 -19.03 15.12 70.88
N THR E 824 -18.13 16.07 70.65
CA THR E 824 -18.50 17.45 70.36
C THR E 824 -19.33 17.54 69.08
N VAL E 825 -18.92 16.78 68.06
CA VAL E 825 -19.65 16.77 66.79
C VAL E 825 -21.08 16.23 66.93
N PRO E 826 -21.25 15.20 67.76
CA PRO E 826 -22.55 14.58 67.98
C PRO E 826 -23.54 15.55 68.64
N HIS E 829 -22.75 10.31 62.75
CA HIS E 829 -22.17 9.01 62.42
C HIS E 829 -20.88 9.17 61.61
N SER E 830 -20.88 10.13 60.68
CA SER E 830 -19.75 10.36 59.78
C SER E 830 -18.44 10.57 60.54
N ALA E 831 -18.48 11.44 61.55
CA ALA E 831 -17.32 11.74 62.37
C ALA E 831 -16.74 10.47 63.01
N PHE E 832 -17.62 9.66 63.60
CA PHE E 832 -17.22 8.42 64.25
C PHE E 832 -16.47 7.49 63.32
N TYR E 833 -17.05 7.25 62.15
CA TYR E 833 -16.45 6.37 61.15
C TYR E 833 -15.11 6.90 60.68
N TYR E 834 -15.04 8.21 60.41
CA TYR E 834 -13.79 8.84 59.99
C TYR E 834 -12.69 8.62 61.02
N GLN E 835 -13.04 8.86 62.29
CA GLN E 835 -12.12 8.66 63.39
C GLN E 835 -11.64 7.21 63.49
N LEU E 836 -12.57 6.26 63.41
CA LEU E 836 -12.24 4.83 63.47
C LEU E 836 -11.27 4.43 62.36
N SER E 837 -11.59 4.89 61.15
CA SER E 837 -10.76 4.64 59.98
C SER E 837 -9.36 5.20 60.14
N LEU E 838 -9.27 6.41 60.66
CA LEU E 838 -7.98 7.05 60.91
C LEU E 838 -7.19 6.26 61.95
N LEU E 839 -7.87 5.79 63.00
CA LEU E 839 -7.22 5.07 64.10
C LEU E 839 -6.69 3.70 63.69
N PHE E 840 -7.40 3.03 62.79
CA PHE E 840 -6.95 1.72 62.33
C PHE E 840 -6.04 1.84 61.11
N ASP E 841 -5.84 3.06 60.63
CA ASP E 841 -4.92 3.31 59.53
C ASP E 841 -3.53 3.68 60.04
N GLN E 846 -7.27 -3.08 59.87
CA GLN E 846 -7.60 -2.14 58.80
C GLN E 846 -8.97 -2.45 58.19
N GLU E 847 -9.35 -3.72 58.21
CA GLU E 847 -10.62 -4.17 57.66
C GLU E 847 -11.79 -3.42 58.26
N PHE E 848 -11.82 -3.36 59.60
CA PHE E 848 -12.83 -2.64 60.35
C PHE E 848 -12.96 -1.21 59.87
N ALA E 849 -11.82 -0.52 59.84
CA ALA E 849 -11.71 0.85 59.39
C ALA E 849 -12.37 1.05 58.03
N LEU E 850 -11.87 0.30 57.05
CA LEU E 850 -12.36 0.40 55.68
C LEU E 850 -13.86 0.17 55.60
N LYS E 851 -14.34 -0.87 56.29
CA LYS E 851 -15.76 -1.19 56.30
C LYS E 851 -16.61 -0.03 56.86
N CYS E 852 -16.23 0.46 58.04
CA CYS E 852 -16.93 1.55 58.68
C CYS E 852 -16.98 2.79 57.79
N ILE E 853 -15.81 3.15 57.24
CA ILE E 853 -15.69 4.30 56.34
C ILE E 853 -16.63 4.17 55.14
N SER E 854 -16.57 3.02 54.48
CA SER E 854 -17.44 2.76 53.33
C SER E 854 -18.92 2.89 53.68
N LYS E 855 -19.31 2.26 54.79
CA LYS E 855 -20.69 2.30 55.25
C LYS E 855 -21.18 3.74 55.50
N SER E 856 -20.38 4.52 56.21
CA SER E 856 -20.72 5.91 56.49
C SER E 856 -20.84 6.73 55.22
N ALA E 857 -19.85 6.57 54.33
CA ALA E 857 -19.87 7.26 53.05
C ALA E 857 -21.13 6.95 52.26
N GLU E 858 -21.52 5.68 52.27
CA GLU E 858 -22.74 5.26 51.59
C GLU E 858 -23.98 5.89 52.22
N TYR E 859 -24.05 5.88 53.55
CA TYR E 859 -25.19 6.44 54.27
C TYR E 859 -25.31 7.95 54.08
N SER E 860 -24.18 8.62 53.86
CA SER E 860 -24.17 10.07 53.63
C SER E 860 -24.63 10.42 52.22
N LEU E 861 -24.12 9.70 51.23
CA LEU E 861 -24.47 9.94 49.84
C LEU E 861 -25.90 9.52 49.54
N GLN E 870 -18.12 20.41 50.69
CA GLN E 870 -17.19 20.07 49.63
C GLN E 870 -16.00 19.26 50.17
N ASP E 871 -15.47 19.70 51.30
CA ASP E 871 -14.32 19.06 51.92
C ASP E 871 -14.61 17.61 52.30
N PHE E 872 -15.67 17.41 53.08
CA PHE E 872 -16.07 16.09 53.56
C PHE E 872 -16.29 15.11 52.40
N LYS E 873 -17.06 15.56 51.42
CA LYS E 873 -17.35 14.77 50.23
C LYS E 873 -16.07 14.30 49.54
N GLU E 874 -15.20 15.26 49.22
CA GLU E 874 -13.93 14.97 48.56
C GLU E 874 -13.09 13.96 49.35
N LYS E 875 -12.93 14.20 50.65
CA LYS E 875 -12.18 13.29 51.51
C LYS E 875 -12.72 11.87 51.46
N GLN E 876 -14.02 11.73 51.71
CA GLN E 876 -14.68 10.43 51.69
C GLN E 876 -14.43 9.71 50.36
N HIS E 877 -14.67 10.41 49.26
CA HIS E 877 -14.47 9.86 47.93
C HIS E 877 -13.06 9.33 47.73
N ILE E 878 -12.07 10.16 48.03
CA ILE E 878 -10.66 9.79 47.90
C ILE E 878 -10.34 8.54 48.70
N HIS E 879 -10.78 8.52 49.96
CA HIS E 879 -10.58 7.37 50.83
C HIS E 879 -11.15 6.09 50.23
N TYR E 880 -12.41 6.14 49.82
CA TYR E 880 -13.08 4.98 49.21
C TYR E 880 -12.35 4.46 47.99
N LEU E 881 -12.01 5.37 47.08
CA LEU E 881 -11.29 5.00 45.85
C LEU E 881 -9.96 4.32 46.17
N ASN E 882 -9.19 4.90 47.08
CA ASN E 882 -7.91 4.34 47.48
C ASN E 882 -8.06 2.94 48.06
N LEU E 883 -9.03 2.79 48.95
CA LEU E 883 -9.30 1.50 49.57
C LEU E 883 -9.69 0.44 48.52
N LEU E 884 -10.51 0.82 47.55
CA LEU E 884 -10.94 -0.12 46.52
C LEU E 884 -9.80 -0.50 45.59
N ILE E 885 -8.98 0.47 45.20
CA ILE E 885 -7.83 0.21 44.35
C ILE E 885 -6.81 -0.66 45.10
N HIS E 886 -6.80 -0.54 46.43
CA HIS E 886 -5.91 -1.36 47.25
C HIS E 886 -6.43 -2.79 47.38
N PHE E 887 -7.74 -2.93 47.53
CA PHE E 887 -8.37 -4.25 47.67
C PHE E 887 -8.47 -4.97 46.33
N GLU E 892 -14.48 -0.14 38.75
CA GLU E 892 -15.78 -0.04 39.38
C GLU E 892 -15.89 1.21 40.24
N VAL E 893 -15.11 1.25 41.31
CA VAL E 893 -15.14 2.35 42.26
C VAL E 893 -14.87 3.68 41.57
N LEU E 894 -13.90 3.66 40.67
CA LEU E 894 -13.50 4.84 39.92
C LEU E 894 -14.68 5.46 39.17
N ASP E 895 -15.28 4.68 38.27
CA ASP E 895 -16.41 5.14 37.47
C ASP E 895 -17.56 5.68 38.34
N VAL E 896 -17.86 4.94 39.41
CA VAL E 896 -18.90 5.32 40.36
C VAL E 896 -18.65 6.71 40.94
N LEU E 897 -17.50 6.88 41.58
CA LEU E 897 -17.11 8.16 42.17
C LEU E 897 -17.16 9.29 41.14
N ARG E 898 -16.62 9.03 39.95
CA ARG E 898 -16.59 10.01 38.87
C ARG E 898 -17.99 10.50 38.49
N LEU E 899 -18.86 9.57 38.11
CA LEU E 899 -20.23 9.88 37.74
C LEU E 899 -20.94 10.61 38.87
N GLY E 900 -20.67 10.19 40.10
CA GLY E 900 -21.24 10.81 41.28
C GLY E 900 -20.87 12.29 41.40
N HIS E 901 -19.57 12.58 41.43
CA HIS E 901 -19.09 13.95 41.57
C HIS E 901 -19.52 14.83 40.40
N GLU E 902 -19.53 14.25 39.20
CA GLU E 902 -19.95 14.96 38.01
C GLU E 902 -21.40 15.44 38.13
N CYS E 903 -22.29 14.53 38.52
CA CYS E 903 -23.71 14.83 38.68
C CYS E 903 -23.93 15.82 39.83
N ARG E 909 -14.93 20.83 42.43
CA ARG E 909 -13.58 20.35 42.65
C ARG E 909 -13.08 19.55 41.45
N THR E 910 -12.69 20.25 40.39
CA THR E 910 -12.26 19.60 39.16
C THR E 910 -10.78 19.20 39.19
N ASN E 911 -9.95 20.11 39.69
CA ASN E 911 -8.52 19.84 39.78
C ASN E 911 -8.23 18.65 40.69
N PHE E 912 -9.06 18.50 41.72
CA PHE E 912 -8.97 17.37 42.62
C PHE E 912 -9.12 16.08 41.84
N LEU E 913 -10.15 16.05 40.99
CA LEU E 913 -10.40 14.91 40.12
C LEU E 913 -9.25 14.69 39.16
N GLN E 914 -8.66 15.78 38.68
CA GLN E 914 -7.51 15.69 37.80
C GLN E 914 -6.34 14.97 38.51
N LEU E 915 -6.15 15.29 39.79
CA LEU E 915 -5.11 14.64 40.58
C LEU E 915 -5.42 13.18 40.87
N LEU E 916 -6.69 12.90 41.15
CA LEU E 916 -7.13 11.52 41.40
C LEU E 916 -6.88 10.64 40.17
N LEU E 917 -7.27 11.14 39.01
CA LEU E 917 -7.04 10.44 37.74
C LEU E 917 -5.56 10.34 37.44
N GLN E 918 -4.80 11.35 37.90
CA GLN E 918 -3.36 11.32 37.77
C GLN E 918 -2.79 10.11 38.51
N GLU E 919 -3.28 9.88 39.73
CA GLU E 919 -2.89 8.69 40.49
C GLU E 919 -3.33 7.41 39.80
N ASP E 920 -4.54 7.45 39.25
CA ASP E 920 -5.11 6.31 38.56
C ASP E 920 -4.20 5.83 37.44
N ILE E 921 -3.77 6.77 36.60
CA ILE E 921 -2.86 6.46 35.51
C ILE E 921 -1.51 5.98 36.04
N ASP E 925 -2.91 1.08 34.42
CA ASP E 925 -3.51 -0.01 33.65
C ASP E 925 -4.93 -0.31 34.13
N PHE E 926 -5.09 -0.41 35.45
CA PHE E 926 -6.40 -0.67 36.05
C PHE E 926 -7.37 0.45 35.69
N PHE E 927 -6.86 1.67 35.77
CA PHE E 927 -7.64 2.85 35.40
C PHE E 927 -8.11 2.76 33.96
N SER E 928 -7.19 2.42 33.05
CA SER E 928 -7.50 2.30 31.63
C SER E 928 -8.58 1.24 31.39
N THR E 929 -8.45 0.11 32.08
CA THR E 929 -9.44 -0.96 31.98
C THR E 929 -10.81 -0.47 32.43
N LEU E 930 -10.84 0.23 33.56
CA LEU E 930 -12.09 0.79 34.07
C LEU E 930 -12.74 1.74 33.06
N LEU E 931 -11.90 2.59 32.45
CA LEU E 931 -12.38 3.55 31.44
C LEU E 931 -12.98 2.84 30.24
N ARG E 932 -12.28 1.81 29.78
CA ARG E 932 -12.76 0.99 28.68
C ARG E 932 -14.12 0.40 29.02
N LEU E 933 -14.24 -0.09 30.24
CA LEU E 933 -15.51 -0.65 30.72
C LEU E 933 -16.63 0.40 30.68
N CYS E 934 -16.34 1.61 31.16
CA CYS E 934 -17.32 2.69 31.17
C CYS E 934 -17.78 3.06 29.75
N ASN E 935 -16.81 3.13 28.84
CA ASN E 935 -17.11 3.43 27.44
C ASN E 935 -18.00 2.34 26.84
N ALA E 936 -17.70 1.08 27.14
CA ALA E 936 -18.50 -0.04 26.66
C ALA E 936 -19.93 0.05 27.19
N HIS E 937 -20.06 0.42 28.45
CA HIS E 937 -21.37 0.60 29.07
C HIS E 937 -22.15 1.70 28.38
N SER E 938 -21.48 2.81 28.08
CA SER E 938 -22.11 3.94 27.40
C SER E 938 -22.64 3.53 26.03
N ASP E 939 -21.88 2.70 25.33
CA ASP E 939 -22.28 2.24 24.00
C ASP E 939 -23.52 1.35 24.06
N LYS E 951 -19.50 15.70 29.36
CA LYS E 951 -18.93 17.01 29.10
C LYS E 951 -17.63 17.23 29.87
N ILE E 952 -17.74 17.72 31.09
CA ILE E 952 -16.58 18.01 31.94
C ILE E 952 -15.69 16.78 32.10
N VAL E 953 -16.32 15.65 32.36
CA VAL E 953 -15.64 14.39 32.47
C VAL E 953 -14.84 14.10 31.20
N ASP E 954 -15.52 14.20 30.06
CA ASP E 954 -14.90 13.95 28.75
C ASP E 954 -13.67 14.84 28.50
N SER E 955 -13.83 16.14 28.72
CA SER E 955 -12.75 17.10 28.52
C SER E 955 -11.55 16.77 29.42
N ILE E 956 -11.83 16.55 30.70
CA ILE E 956 -10.77 16.22 31.68
C ILE E 956 -10.00 14.98 31.24
N LEU E 957 -10.74 13.95 30.83
CA LEU E 957 -10.15 12.71 30.35
C LEU E 957 -9.26 12.96 29.13
N SER E 958 -9.77 13.68 28.15
CA SER E 958 -9.03 13.99 26.93
C SER E 958 -7.71 14.71 27.25
N GLN E 959 -7.81 15.70 28.14
CA GLN E 959 -6.63 16.45 28.58
C GLN E 959 -5.60 15.57 29.26
N ASN E 960 -6.06 14.71 30.17
CA ASN E 960 -5.18 13.80 30.88
C ASN E 960 -4.47 12.83 29.94
N LEU E 961 -5.20 12.33 28.94
CA LEU E 961 -4.65 11.39 27.97
C LEU E 961 -3.63 12.07 27.06
N ARG E 962 -3.91 13.33 26.72
CA ARG E 962 -3.02 14.10 25.87
C ARG E 962 -1.75 14.50 26.63
N SER E 963 -1.81 14.46 27.95
CA SER E 963 -0.67 14.84 28.78
C SER E 963 0.50 13.87 28.61
N CYS E 968 1.52 4.97 19.84
CA CYS E 968 1.30 3.66 20.44
C CYS E 968 0.32 3.73 21.60
N PHE E 969 0.85 3.80 22.83
CA PHE E 969 0.01 3.82 24.02
C PHE E 969 -0.90 5.05 24.05
N LYS E 970 -0.28 6.22 23.91
CA LYS E 970 -1.00 7.49 23.94
C LYS E 970 -2.09 7.57 22.89
N LYS E 971 -1.70 7.37 21.64
CA LYS E 971 -2.62 7.41 20.52
C LYS E 971 -3.78 6.45 20.74
N LEU E 972 -3.47 5.23 21.18
CA LEU E 972 -4.49 4.21 21.42
C LEU E 972 -5.50 4.65 22.45
N TYR E 973 -5.00 5.08 23.61
CA TYR E 973 -5.87 5.54 24.68
C TYR E 973 -6.77 6.68 24.19
N CYS E 974 -6.15 7.66 23.51
CA CYS E 974 -6.89 8.79 22.97
C CYS E 974 -8.03 8.35 22.06
N PHE E 975 -7.71 7.47 21.11
CA PHE E 975 -8.68 6.93 20.18
C PHE E 975 -9.84 6.23 20.89
N ARG E 976 -9.50 5.33 21.80
CA ARG E 976 -10.47 4.59 22.58
C ARG E 976 -11.43 5.51 23.32
N MET E 977 -10.88 6.56 23.92
CA MET E 977 -11.70 7.52 24.65
C MET E 977 -12.66 8.28 23.73
N LEU E 978 -12.12 8.87 22.66
CA LEU E 978 -12.90 9.67 21.72
C LEU E 978 -14.05 8.89 21.08
N ASN E 979 -13.90 7.57 21.09
CA ASN E 979 -14.94 6.67 20.61
C ASN E 979 -16.00 6.44 21.68
N ALA E 984 -12.94 12.03 16.00
CA ALA E 984 -12.05 12.94 15.29
C ALA E 984 -10.72 13.09 16.01
N ALA E 985 -10.77 13.16 17.33
CA ALA E 985 -9.59 13.35 18.17
C ALA E 985 -8.52 12.31 17.86
N ALA E 986 -8.98 11.07 17.71
CA ALA E 986 -8.13 9.95 17.33
C ALA E 986 -7.33 10.25 16.08
N GLU E 987 -8.05 10.58 15.02
CA GLU E 987 -7.47 10.88 13.71
C GLU E 987 -6.44 12.00 13.80
N VAL E 988 -6.81 13.08 14.48
CA VAL E 988 -5.92 14.23 14.65
C VAL E 988 -4.61 13.82 15.34
N LEU E 989 -4.75 13.10 16.46
CA LEU E 989 -3.57 12.63 17.20
C LEU E 989 -2.66 11.75 16.34
N TYR E 990 -3.25 10.79 15.65
CA TYR E 990 -2.51 9.90 14.77
C TYR E 990 -1.75 10.66 13.68
N GLN E 991 -2.44 11.58 13.02
CA GLN E 991 -1.84 12.42 11.99
C GLN E 991 -0.66 13.22 12.53
N TYR E 992 -0.84 13.78 13.73
CA TYR E 992 0.20 14.56 14.38
C TYR E 992 1.44 13.71 14.70
N ILE E 993 1.22 12.51 15.20
CA ILE E 993 2.30 11.60 15.53
C ILE E 993 3.05 11.15 14.28
N LEU E 994 2.31 10.98 13.19
CA LEU E 994 2.89 10.57 11.93
C LEU E 994 3.66 11.72 11.27
N MET E 995 3.33 12.94 11.68
CA MET E 995 3.98 14.12 11.11
C MET E 995 5.29 14.42 11.83
N ILE E 1002 6.75 0.62 8.80
CA ILE E 1002 5.72 -0.14 9.49
C ILE E 1002 4.73 0.78 10.19
N ARG E 1003 5.27 1.70 10.99
CA ARG E 1003 4.46 2.65 11.74
C ARG E 1003 3.54 3.44 10.80
N LYS E 1004 4.12 3.94 9.71
CA LYS E 1004 3.38 4.72 8.72
C LYS E 1004 2.21 3.95 8.13
N ARG E 1005 2.51 2.75 7.66
CA ARG E 1005 1.49 1.86 7.10
C ARG E 1005 0.35 1.63 8.09
N LYS E 1006 0.69 1.24 9.31
CA LYS E 1006 -0.29 0.97 10.36
C LYS E 1006 -1.20 2.16 10.63
N CYS E 1007 -0.58 3.33 10.76
CA CYS E 1007 -1.33 4.56 10.98
C CYS E 1007 -2.29 4.86 9.83
N TYR E 1008 -1.78 4.91 8.61
CA TYR E 1008 -2.59 5.20 7.42
C TYR E 1008 -3.78 4.27 7.35
N LEU E 1009 -3.49 2.99 7.58
CA LEU E 1009 -4.49 1.94 7.60
C LEU E 1009 -5.59 2.19 8.64
N MET E 1010 -5.18 2.42 9.89
CA MET E 1010 -6.11 2.70 10.98
C MET E 1010 -7.02 3.88 10.65
N VAL E 1011 -6.41 4.93 10.11
CA VAL E 1011 -7.13 6.12 9.68
C VAL E 1011 -8.20 5.81 8.62
N ILE E 1012 -7.78 5.09 7.57
CA ILE E 1012 -8.70 4.70 6.51
C ILE E 1012 -9.88 3.88 7.02
N ASN E 1013 -9.62 2.92 7.90
CA ASN E 1013 -10.69 2.10 8.48
C ASN E 1013 -11.67 2.92 9.34
N VAL E 1014 -11.13 3.84 10.14
CA VAL E 1014 -11.96 4.72 10.95
C VAL E 1014 -12.85 5.62 10.11
N LEU E 1015 -12.29 6.16 9.03
CA LEU E 1015 -13.04 7.03 8.12
C LEU E 1015 -14.14 6.26 7.37
N SER E 1016 -13.91 4.97 7.17
CA SER E 1016 -14.87 4.12 6.48
C SER E 1016 -15.92 3.57 7.46
N VAL E 1033 -11.77 12.23 0.61
CA VAL E 1033 -10.57 13.03 0.43
C VAL E 1033 -9.40 12.48 1.24
N THR E 1034 -9.65 12.29 2.53
CA THR E 1034 -8.64 11.78 3.46
C THR E 1034 -8.08 10.44 3.01
N LEU E 1035 -8.98 9.52 2.64
CA LEU E 1035 -8.57 8.20 2.19
C LEU E 1035 -7.65 8.27 0.97
N THR E 1036 -8.04 9.09 -0.02
CA THR E 1036 -7.26 9.27 -1.24
C THR E 1036 -5.86 9.78 -0.96
N ASP E 1037 -5.79 10.79 -0.10
CA ASP E 1037 -4.51 11.36 0.31
C ASP E 1037 -3.64 10.30 0.98
N LEU E 1038 -4.23 9.55 1.91
CA LEU E 1038 -3.50 8.51 2.63
C LEU E 1038 -2.94 7.44 1.69
N ARG E 1039 -3.78 7.02 0.76
CA ARG E 1039 -3.40 6.02 -0.23
C ARG E 1039 -2.27 6.51 -1.10
N ASP E 1040 -2.39 7.75 -1.56
CA ASP E 1040 -1.36 8.36 -2.40
C ASP E 1040 -0.03 8.44 -1.65
N GLU E 1041 -0.10 8.80 -0.37
CA GLU E 1041 1.10 8.91 0.46
C GLU E 1041 1.77 7.56 0.66
N LEU E 1042 0.95 6.54 0.92
CA LEU E 1042 1.47 5.19 1.11
C LEU E 1042 2.08 4.66 -0.19
N ARG E 1043 1.54 5.09 -1.32
CA ARG E 1043 2.06 4.67 -2.62
C ARG E 1043 3.29 5.46 -3.04
N GLY E 1044 3.53 6.59 -2.37
CA GLY E 1044 4.66 7.44 -2.69
C GLY E 1044 5.81 7.26 -1.70
N TYR F 10 13.96 143.91 -75.37
CA TYR F 10 13.21 144.06 -74.12
C TYR F 10 13.99 143.53 -72.91
N GLN F 11 14.66 142.39 -73.07
CA GLN F 11 15.20 141.58 -71.98
C GLN F 11 15.61 142.30 -70.66
N THR F 12 16.16 143.50 -70.80
CA THR F 12 16.41 144.45 -69.69
C THR F 12 15.12 144.76 -68.89
N GLU F 13 14.19 143.82 -68.97
CA GLU F 13 13.04 143.70 -68.09
C GLU F 13 13.40 142.95 -66.81
N ARG F 14 14.15 141.85 -66.92
CA ARG F 14 14.59 140.99 -65.79
C ARG F 14 14.18 141.39 -64.36
N PHE F 15 14.76 142.47 -63.82
CA PHE F 15 14.50 142.89 -62.44
C PHE F 15 13.02 142.93 -62.07
N THR F 16 12.20 143.36 -63.02
CA THR F 16 10.76 143.32 -62.91
C THR F 16 10.23 141.97 -62.45
N LYS F 17 10.63 140.94 -63.15
CA LYS F 17 10.21 139.58 -62.88
C LYS F 17 10.45 139.23 -61.43
N PHE F 18 11.66 139.53 -60.96
CA PHE F 18 12.02 139.19 -59.60
C PHE F 18 11.23 140.09 -58.68
N SER F 19 11.31 141.39 -58.95
CA SER F 19 10.51 142.39 -58.25
C SER F 19 9.05 142.00 -58.25
N ASP F 20 8.57 141.58 -59.43
CA ASP F 20 7.17 141.20 -59.57
C ASP F 20 6.76 140.15 -58.57
N THR F 21 7.59 139.13 -58.43
CA THR F 21 7.32 138.06 -57.48
C THR F 21 7.18 138.53 -56.04
N LEU F 22 7.99 139.53 -55.71
CA LEU F 22 7.97 140.09 -54.37
C LEU F 22 6.69 140.85 -54.16
N LYS F 23 6.26 141.56 -55.18
CA LYS F 23 4.99 142.25 -55.09
C LYS F 23 3.95 141.23 -54.68
N GLU F 24 3.77 140.19 -55.48
CA GLU F 24 2.69 139.23 -55.22
C GLU F 24 2.76 138.68 -53.80
N PHE F 25 3.96 138.46 -53.28
CA PHE F 25 4.07 137.92 -51.93
C PHE F 25 3.58 138.88 -50.85
N LYS F 26 4.13 140.09 -50.84
CA LYS F 26 3.76 141.07 -49.83
C LYS F 26 2.27 141.39 -49.87
N ILE F 27 1.66 141.20 -51.03
CA ILE F 27 0.24 141.46 -51.23
C ILE F 27 -0.93 140.45 -51.00
N GLU F 28 -0.68 139.14 -50.88
CA GLU F 28 -1.80 138.29 -50.47
C GLU F 28 -1.97 138.06 -48.97
N GLN F 29 -1.30 138.86 -48.15
CA GLN F 29 -1.60 138.91 -46.72
C GLN F 29 -3.00 139.50 -46.39
N ASP F 37 5.14 128.34 -48.16
CA ASP F 37 4.33 129.42 -48.71
C ASP F 37 5.22 130.58 -49.23
N PRO F 38 6.02 131.20 -48.34
CA PRO F 38 7.07 132.05 -48.92
C PRO F 38 8.04 131.29 -49.82
N PHE F 39 8.01 129.95 -49.76
CA PHE F 39 8.87 129.13 -50.62
C PHE F 39 8.51 129.31 -52.08
N ASN F 40 7.31 129.83 -52.32
CA ASN F 40 6.90 130.10 -53.68
C ASN F 40 7.78 131.18 -54.30
N ILE F 41 8.10 132.22 -53.53
CA ILE F 41 9.01 133.27 -53.99
C ILE F 41 10.19 132.69 -54.75
N ILE F 42 10.87 131.77 -54.08
CA ILE F 42 12.09 131.17 -54.61
C ILE F 42 11.73 130.36 -55.83
N ARG F 43 10.63 129.60 -55.74
CA ARG F 43 10.19 128.75 -56.84
C ARG F 43 10.05 129.64 -58.07
N GLU F 44 9.53 130.84 -57.85
CA GLU F 44 9.30 131.75 -58.95
C GLU F 44 10.62 132.30 -59.40
N PHE F 45 11.46 132.72 -58.46
CA PHE F 45 12.81 133.11 -58.81
C PHE F 45 13.42 132.07 -59.74
N ARG F 46 13.24 130.80 -59.41
CA ARG F 46 13.80 129.75 -60.26
C ARG F 46 13.28 129.84 -61.66
N SER F 47 11.96 129.78 -61.76
CA SER F 47 11.30 129.83 -63.05
C SER F 47 11.71 131.07 -63.79
N ALA F 48 11.80 132.19 -63.08
CA ALA F 48 12.17 133.45 -63.72
C ALA F 48 13.53 133.29 -64.37
N ALA F 49 14.51 132.88 -63.59
CA ALA F 49 15.85 132.70 -64.13
C ALA F 49 15.85 131.73 -65.31
N GLY F 50 15.12 130.63 -65.16
CA GLY F 50 15.04 129.67 -66.23
C GLY F 50 14.46 130.27 -67.49
N GLN F 51 13.40 131.06 -67.33
CA GLN F 51 12.81 131.70 -68.50
C GLN F 51 13.87 132.55 -69.18
N LEU F 52 14.59 133.33 -68.37
CA LEU F 52 15.62 134.20 -68.93
C LEU F 52 16.73 133.37 -69.55
N ALA F 53 17.07 132.25 -68.93
CA ALA F 53 18.07 131.36 -69.48
C ALA F 53 17.71 130.98 -70.91
N LEU F 54 16.43 130.75 -71.14
CA LEU F 54 15.95 130.43 -72.49
C LEU F 54 16.13 131.58 -73.47
N ASP F 55 15.75 132.79 -73.06
CA ASP F 55 15.86 133.98 -73.91
C ASP F 55 17.25 134.18 -74.49
N LEU F 56 18.23 134.45 -73.63
CA LEU F 56 19.61 134.63 -74.06
C LEU F 56 20.17 133.44 -74.85
N ALA F 57 19.58 132.26 -74.65
CA ALA F 57 20.11 131.05 -75.27
C ALA F 57 19.68 130.87 -76.74
N ASN F 58 18.39 131.07 -77.03
CA ASN F 58 17.80 130.68 -78.32
C ASN F 58 18.54 131.23 -79.53
N SER F 59 18.26 132.49 -79.85
CA SER F 59 18.94 133.21 -80.92
C SER F 59 19.67 134.31 -80.19
N GLY F 60 20.96 134.42 -80.43
CA GLY F 60 21.79 135.31 -79.66
C GLY F 60 23.18 135.56 -80.21
N ASP F 61 23.77 136.66 -79.76
CA ASP F 61 25.18 136.91 -80.01
C ASP F 61 25.91 135.92 -79.12
N GLU F 62 27.06 135.44 -79.58
CA GLU F 62 27.83 134.43 -78.84
C GLU F 62 28.50 135.01 -77.58
N SER F 63 28.22 136.29 -77.35
CA SER F 63 28.45 136.95 -76.06
C SER F 63 27.32 136.64 -75.08
N ASN F 64 26.17 136.28 -75.62
CA ASN F 64 25.01 135.83 -74.82
C ASN F 64 25.05 134.38 -74.32
N VAL F 65 25.72 133.47 -75.01
CA VAL F 65 25.77 132.08 -74.54
C VAL F 65 26.35 131.99 -73.12
N ILE F 66 27.29 132.88 -72.83
CA ILE F 66 27.91 132.98 -71.51
C ILE F 66 26.90 133.38 -70.43
N SER F 67 26.25 134.52 -70.63
CA SER F 67 25.32 135.00 -69.63
C SER F 67 24.06 134.13 -69.62
N SER F 68 23.89 133.32 -70.66
CA SER F 68 22.81 132.36 -70.70
C SER F 68 23.11 131.25 -69.72
N LYS F 69 24.35 130.77 -69.76
CA LYS F 69 24.73 129.73 -68.81
C LYS F 69 24.71 130.26 -67.38
N ASP F 70 25.06 131.52 -67.21
CA ASP F 70 24.98 132.11 -65.88
C ASP F 70 23.55 132.28 -65.34
N TRP F 71 22.59 132.18 -66.24
CA TRP F 71 21.17 132.19 -65.88
C TRP F 71 20.70 130.78 -65.59
N GLU F 72 21.15 129.81 -66.38
CA GLU F 72 20.74 128.44 -66.15
C GLU F 72 21.25 128.07 -64.75
N LEU F 73 22.51 128.43 -64.52
CA LEU F 73 23.16 128.25 -63.23
C LEU F 73 22.37 128.93 -62.11
N GLU F 74 22.09 130.22 -62.31
CA GLU F 74 21.14 130.96 -61.45
C GLU F 74 19.93 130.10 -61.03
N ALA F 75 19.28 129.53 -62.04
CA ALA F 75 18.04 128.77 -61.89
C ALA F 75 18.28 127.55 -61.01
N ARG F 76 19.29 126.76 -61.37
CA ARG F 76 19.66 125.58 -60.58
C ARG F 76 19.88 125.97 -59.13
N PHE F 77 20.50 127.13 -58.92
CA PHE F 77 20.73 127.62 -57.57
C PHE F 77 19.43 127.80 -56.81
N TRP F 78 18.47 128.49 -57.44
CA TRP F 78 17.18 128.68 -56.79
C TRP F 78 16.50 127.35 -56.48
N HIS F 79 16.66 126.39 -57.39
CA HIS F 79 16.07 125.08 -57.18
C HIS F 79 16.66 124.38 -55.95
N LEU F 80 17.98 124.24 -55.94
CA LEU F 80 18.71 123.69 -54.79
C LEU F 80 18.28 124.34 -53.47
N VAL F 81 18.08 125.66 -53.54
CA VAL F 81 17.72 126.43 -52.36
C VAL F 81 16.34 125.99 -51.91
N GLU F 82 15.41 125.94 -52.86
CA GLU F 82 14.05 125.52 -52.55
C GLU F 82 14.08 124.16 -51.87
N LEU F 83 14.62 123.16 -52.57
CA LEU F 83 14.69 121.80 -52.05
C LEU F 83 15.20 121.72 -50.60
N LEU F 84 16.35 122.32 -50.36
CA LEU F 84 16.98 122.20 -49.05
C LEU F 84 16.23 122.97 -47.98
N LEU F 85 15.86 124.21 -48.26
CA LEU F 85 15.17 124.97 -47.23
C LEU F 85 13.78 124.41 -46.97
N VAL F 86 13.10 123.90 -48.00
CA VAL F 86 11.84 123.20 -47.79
C VAL F 86 12.02 122.07 -46.80
N PHE F 87 12.98 121.17 -47.06
CA PHE F 87 13.19 120.04 -46.17
C PHE F 87 13.58 120.49 -44.75
N ARG F 88 14.53 121.42 -44.66
CA ARG F 88 15.06 121.86 -43.36
C ARG F 88 14.03 122.59 -42.52
N ASN F 89 13.24 123.43 -43.18
CA ASN F 89 12.39 124.40 -42.49
C ASN F 89 10.96 123.93 -42.31
N ALA F 90 10.38 123.38 -43.37
CA ALA F 90 9.09 122.68 -43.26
C ALA F 90 9.17 121.36 -42.47
N ASP F 91 10.26 121.23 -41.72
CA ASP F 91 10.42 120.16 -40.77
C ASP F 91 9.45 120.27 -39.59
N LEU F 92 8.39 119.47 -39.69
CA LEU F 92 7.47 119.25 -38.59
C LEU F 92 7.51 117.77 -38.28
N ASP F 93 7.89 117.40 -37.07
CA ASP F 93 8.53 116.11 -36.84
C ASP F 93 7.49 115.01 -36.72
N LEU F 94 7.71 113.97 -37.53
CA LEU F 94 6.75 112.88 -37.71
C LEU F 94 6.99 111.76 -36.69
N ASP F 95 6.44 110.59 -36.95
CA ASP F 95 6.62 109.45 -36.04
C ASP F 95 7.82 108.56 -36.34
N GLU F 96 8.58 108.28 -35.29
CA GLU F 96 9.70 107.34 -35.31
C GLU F 96 9.32 105.93 -35.71
N MET F 97 10.21 105.28 -36.45
CA MET F 97 10.05 103.91 -36.92
C MET F 97 10.63 102.87 -35.95
N GLU F 98 9.85 101.89 -35.53
CA GLU F 98 10.36 100.89 -34.60
C GLU F 98 10.60 99.55 -35.31
N LEU F 99 11.85 99.28 -35.63
CA LEU F 99 12.23 98.05 -36.32
C LEU F 99 12.47 96.91 -35.36
N HIS F 100 12.51 95.70 -35.89
CA HIS F 100 12.97 94.54 -35.14
C HIS F 100 14.13 93.89 -35.88
N PRO F 101 14.86 92.97 -35.22
CA PRO F 101 15.97 92.35 -35.95
C PRO F 101 15.49 91.47 -37.11
N TYR F 102 14.28 90.93 -36.99
CA TYR F 102 13.70 90.13 -38.05
C TYR F 102 13.39 90.92 -39.31
N ASN F 103 13.32 92.24 -39.15
CA ASN F 103 13.03 93.12 -40.27
C ASN F 103 14.14 93.06 -41.33
N SER F 104 13.73 93.28 -42.58
CA SER F 104 14.64 93.27 -43.73
C SER F 104 15.55 94.49 -43.73
N ARG F 105 16.67 94.36 -44.42
CA ARG F 105 17.58 95.45 -44.63
C ARG F 105 16.91 96.69 -45.23
N GLY F 106 15.99 96.47 -46.17
CA GLY F 106 15.21 97.54 -46.77
C GLY F 106 14.62 98.53 -45.78
N LEU F 107 14.00 98.00 -44.74
CA LEU F 107 13.46 98.83 -43.68
C LEU F 107 14.54 99.57 -42.94
N PHE F 108 15.65 98.91 -42.63
CA PHE F 108 16.72 99.59 -41.92
C PHE F 108 17.26 100.77 -42.73
N GLU F 109 17.45 100.56 -44.05
CA GLU F 109 17.82 101.66 -44.94
C GLU F 109 16.85 102.83 -44.84
N LYS F 110 15.56 102.51 -44.92
CA LYS F 110 14.52 103.54 -44.78
C LYS F 110 14.65 104.27 -43.45
N LYS F 111 14.79 103.51 -42.36
CA LYS F 111 14.93 104.10 -41.02
C LYS F 111 16.08 105.07 -41.00
N LEU F 112 17.21 104.62 -41.51
CA LEU F 112 18.41 105.43 -41.60
C LEU F 112 18.07 106.76 -42.26
N MET F 113 17.46 106.71 -43.44
CA MET F 113 17.13 107.95 -44.16
C MET F 113 16.10 108.82 -43.46
N GLN F 114 15.22 108.22 -42.67
CA GLN F 114 14.29 109.00 -41.85
C GLN F 114 15.05 109.74 -40.74
N ASP F 115 15.78 108.99 -39.92
CA ASP F 115 16.29 109.46 -38.64
C ASP F 115 17.46 110.45 -38.79
N ASN F 116 18.29 110.20 -39.79
CA ASN F 116 19.50 110.97 -40.00
C ASN F 116 19.29 112.04 -41.07
N LYS F 117 19.09 113.27 -40.62
CA LYS F 117 18.68 114.34 -41.51
C LYS F 117 19.92 114.80 -42.26
N GLN F 118 21.08 114.74 -41.60
CA GLN F 118 22.35 115.12 -42.20
C GLN F 118 22.57 114.38 -43.51
N LEU F 119 22.11 113.14 -43.52
CA LEU F 119 22.41 112.21 -44.58
C LEU F 119 21.35 112.26 -45.68
N TYR F 120 20.09 112.29 -45.25
CA TYR F 120 19.01 112.62 -46.16
C TYR F 120 19.31 113.89 -46.95
N GLN F 121 19.84 114.92 -46.31
CA GLN F 121 20.28 116.12 -47.02
C GLN F 121 21.20 115.78 -48.20
N ILE F 122 22.07 114.80 -47.98
CA ILE F 122 22.99 114.35 -49.03
C ILE F 122 22.16 113.78 -50.14
N TRP F 123 21.17 112.97 -49.77
CA TRP F 123 20.23 112.45 -50.77
C TRP F 123 19.59 113.57 -51.59
N ILE F 124 18.96 114.54 -50.91
CA ILE F 124 18.34 115.71 -51.54
C ILE F 124 19.27 116.33 -52.58
N VAL F 125 20.52 116.50 -52.19
CA VAL F 125 21.50 117.17 -53.03
C VAL F 125 21.81 116.32 -54.24
N MET F 126 22.02 115.04 -54.04
CA MET F 126 22.23 114.11 -55.15
C MET F 126 21.07 114.14 -56.13
N VAL F 127 19.84 114.16 -55.60
CA VAL F 127 18.63 114.25 -56.41
C VAL F 127 18.69 115.50 -57.30
N TRP F 128 19.03 116.63 -56.68
CA TRP F 128 19.19 117.88 -57.42
C TRP F 128 20.27 117.73 -58.50
N LEU F 129 21.38 117.09 -58.15
CA LEU F 129 22.51 116.91 -59.05
C LEU F 129 22.07 116.12 -60.28
N LYS F 130 21.25 115.10 -60.04
CA LYS F 130 20.81 114.19 -61.10
C LYS F 130 19.90 114.99 -62.02
N GLU F 131 18.90 115.63 -61.41
CA GLU F 131 17.95 116.50 -62.09
C GLU F 131 18.61 117.28 -63.24
N ASN F 132 19.79 117.84 -62.96
CA ASN F 132 20.46 118.74 -63.88
C ASN F 132 21.62 118.09 -64.64
N THR F 133 21.53 116.79 -64.90
CA THR F 133 22.59 116.07 -65.58
C THR F 133 22.25 115.93 -67.06
N TYR F 134 23.23 116.10 -67.93
CA TYR F 134 23.00 115.94 -69.37
C TYR F 134 23.03 114.47 -69.77
N VAL F 135 22.09 114.08 -70.62
CA VAL F 135 22.09 112.75 -71.23
C VAL F 135 22.02 112.79 -72.75
N MET F 136 22.85 112.00 -73.42
CA MET F 136 22.90 111.99 -74.87
C MET F 136 21.54 111.55 -75.42
N GLU F 137 21.28 111.80 -76.69
CA GLU F 137 20.04 111.35 -77.31
C GLU F 137 20.13 109.84 -77.51
N ARG F 138 18.98 109.15 -77.44
CA ARG F 138 18.96 107.69 -77.52
C ARG F 138 19.66 107.23 -78.80
N PRO F 139 20.55 106.24 -78.69
CA PRO F 139 21.29 105.83 -79.89
C PRO F 139 20.31 105.32 -80.93
N LYS F 140 20.47 105.78 -82.16
CA LYS F 140 19.68 105.29 -83.27
C LYS F 140 20.33 104.06 -83.89
N ASN F 141 19.73 103.59 -84.98
CA ASN F 141 20.05 102.32 -85.64
C ASN F 141 20.62 101.16 -84.80
N VAL F 142 20.12 101.00 -83.58
CA VAL F 142 20.59 99.95 -82.66
C VAL F 142 20.28 98.57 -83.27
N PRO F 143 21.19 97.59 -83.09
CA PRO F 143 20.97 96.33 -83.83
C PRO F 143 19.94 95.40 -83.20
N THR F 144 19.17 94.74 -84.07
CA THR F 144 18.27 93.62 -83.74
C THR F 144 18.60 92.85 -82.48
N SER F 145 19.88 92.52 -82.27
CA SER F 145 20.27 91.61 -81.20
C SER F 145 21.76 91.73 -80.85
N LYS F 146 22.11 91.19 -79.69
CA LYS F 146 23.42 91.39 -79.07
C LYS F 146 24.51 90.57 -79.75
N TRP F 147 25.73 91.12 -79.77
CA TRP F 147 26.91 90.48 -80.34
C TRP F 147 26.66 89.73 -81.65
N LEU F 148 25.75 90.27 -82.46
CA LEU F 148 25.29 89.60 -83.67
C LEU F 148 26.46 89.37 -84.63
N ASN F 149 27.39 90.32 -84.64
CA ASN F 149 28.53 90.27 -85.54
C ASN F 149 29.45 89.10 -85.23
N SER F 150 29.69 88.86 -83.94
CA SER F 150 30.58 87.78 -83.50
C SER F 150 29.94 86.44 -83.82
N ILE F 151 28.67 86.31 -83.46
CA ILE F 151 27.88 85.13 -83.77
C ILE F 151 27.91 84.77 -85.25
N THR F 152 27.67 85.78 -86.09
CA THR F 152 27.71 85.63 -87.54
C THR F 152 29.08 85.25 -88.11
N SER F 153 30.15 85.85 -87.59
CA SER F 153 31.50 85.43 -87.96
C SER F 153 31.85 84.00 -87.56
N GLY F 154 31.12 83.46 -86.62
CA GLY F 154 31.35 82.18 -85.94
C GLY F 154 32.48 82.52 -84.97
N GLY F 155 32.49 81.76 -83.87
CA GLY F 155 33.54 81.89 -82.87
C GLY F 155 33.08 82.26 -81.46
N LEU F 156 31.81 82.59 -81.31
CA LEU F 156 31.20 82.60 -79.99
C LEU F 156 30.68 81.20 -79.62
N LYS F 157 31.46 80.47 -78.83
CA LYS F 157 31.12 79.13 -78.40
C LYS F 157 30.12 79.23 -77.27
N SER F 158 30.07 80.42 -76.68
CA SER F 158 29.05 80.71 -75.69
C SER F 158 28.57 82.14 -75.88
N CYS F 159 27.27 82.35 -75.67
CA CYS F 159 26.65 83.62 -75.99
C CYS F 159 26.44 84.43 -74.74
N ASP F 160 27.31 84.23 -73.76
CA ASP F 160 27.07 84.89 -72.49
C ASP F 160 28.15 85.93 -72.32
N LEU F 161 27.79 87.00 -71.61
CA LEU F 161 28.60 88.21 -71.48
C LEU F 161 30.02 87.88 -71.02
N ASP F 162 30.16 86.78 -70.30
CA ASP F 162 31.42 86.42 -69.64
C ASP F 162 32.35 85.58 -70.49
N PHE F 163 31.86 85.17 -71.65
CA PHE F 163 32.64 84.31 -72.54
C PHE F 163 33.97 84.92 -72.96
N PRO F 164 33.97 86.21 -73.36
CA PRO F 164 35.25 86.73 -73.87
C PRO F 164 36.13 87.11 -72.70
N LEU F 165 35.58 87.00 -71.50
CA LEU F 165 36.35 87.17 -70.30
C LEU F 165 37.08 85.87 -69.90
N ARG F 166 36.38 84.74 -69.92
CA ARG F 166 36.97 83.40 -69.83
C ARG F 166 38.18 83.13 -70.71
N GLU F 167 38.24 83.80 -71.85
CA GLU F 167 39.36 83.65 -72.74
C GLU F 167 39.42 84.79 -73.73
N ASN F 168 40.65 85.24 -74.01
CA ASN F 168 40.99 86.45 -74.76
C ASN F 168 39.83 87.22 -75.44
N THR F 169 39.85 88.53 -75.27
CA THR F 169 38.84 89.41 -75.86
C THR F 169 38.85 89.40 -77.39
N ASN F 170 39.94 88.93 -77.99
CA ASN F 170 39.99 88.64 -79.43
C ASN F 170 38.76 87.92 -80.00
N VAL F 171 38.05 87.18 -79.15
CA VAL F 171 36.75 86.62 -79.51
C VAL F 171 35.73 87.61 -80.10
N LEU F 172 35.53 88.76 -79.48
CA LEU F 172 34.50 89.70 -79.93
C LEU F 172 34.91 90.52 -81.16
N ASP F 173 34.03 90.56 -82.15
CA ASP F 173 34.20 91.39 -83.33
C ASP F 173 34.41 92.86 -82.93
N VAL F 174 35.14 93.63 -83.74
CA VAL F 174 35.36 95.05 -83.45
C VAL F 174 34.02 95.80 -83.36
N LYS F 175 33.17 95.63 -84.38
CA LYS F 175 31.91 96.37 -84.45
C LYS F 175 31.04 96.10 -83.23
N ASP F 176 31.05 94.86 -82.76
CA ASP F 176 30.33 94.48 -81.54
C ASP F 176 30.84 95.28 -80.35
N LYS F 177 32.16 95.38 -80.21
CA LYS F 177 32.73 96.15 -79.11
C LYS F 177 32.30 97.61 -79.23
N GLU F 178 32.33 98.13 -80.46
CA GLU F 178 31.99 99.52 -80.73
C GLU F 178 30.54 99.82 -80.30
N GLU F 179 29.68 98.84 -80.54
CA GLU F 179 28.28 98.96 -80.16
C GLU F 179 28.07 98.81 -78.66
N ASP F 180 28.78 97.85 -78.06
CA ASP F 180 28.75 97.70 -76.61
C ASP F 180 29.20 99.00 -75.96
N HIS F 181 30.14 99.69 -76.59
CA HIS F 181 30.57 100.99 -76.13
C HIS F 181 29.43 102.00 -76.19
N ILE F 182 28.73 102.04 -77.32
CA ILE F 182 27.61 102.98 -77.46
C ILE F 182 26.58 102.76 -76.35
N PHE F 183 26.24 101.48 -76.16
CA PHE F 183 25.29 101.06 -75.15
C PHE F 183 25.71 101.45 -73.75
N PHE F 184 26.89 100.98 -73.33
CA PHE F 184 27.31 101.15 -71.95
C PHE F 184 27.48 102.62 -71.62
N LYS F 185 27.92 103.41 -72.61
CA LYS F 185 28.03 104.84 -72.38
C LYS F 185 26.64 105.45 -72.15
N TYR F 186 25.70 105.09 -73.02
CA TYR F 186 24.33 105.62 -72.86
C TYR F 186 23.69 105.24 -71.53
N ILE F 187 23.88 103.98 -71.13
CA ILE F 187 23.35 103.48 -69.87
C ILE F 187 23.97 104.27 -68.73
N TYR F 188 25.27 104.50 -68.82
CA TYR F 188 25.98 105.26 -67.79
C TYR F 188 25.46 106.69 -67.62
N GLU F 189 25.32 107.42 -68.72
CA GLU F 189 24.73 108.75 -68.66
C GLU F 189 23.34 108.70 -68.02
N LEU F 190 22.56 107.69 -68.37
CA LEU F 190 21.20 107.58 -67.83
C LEU F 190 21.24 107.33 -66.32
N ILE F 191 22.24 106.59 -65.86
CA ILE F 191 22.35 106.21 -64.46
C ILE F 191 22.73 107.44 -63.66
N LEU F 192 23.63 108.25 -64.23
CA LEU F 192 24.07 109.45 -63.53
C LEU F 192 22.94 110.47 -63.46
N ALA F 193 21.98 110.35 -64.37
CA ALA F 193 20.86 111.29 -64.40
C ALA F 193 19.70 110.82 -63.53
N GLY F 194 19.83 109.65 -62.91
CA GLY F 194 18.75 109.12 -62.09
C GLY F 194 17.71 108.35 -62.88
N ALA F 195 17.92 108.24 -64.18
CA ALA F 195 16.99 107.57 -65.08
C ALA F 195 17.05 106.04 -65.04
N ILE F 196 16.81 105.45 -63.87
CA ILE F 196 17.02 104.01 -63.68
C ILE F 196 15.99 103.20 -64.47
N ASP F 197 14.73 103.62 -64.40
CA ASP F 197 13.67 103.03 -65.22
C ASP F 197 14.00 103.01 -66.71
N GLU F 198 14.53 104.12 -67.22
CA GLU F 198 14.89 104.20 -68.65
C GLU F 198 16.05 103.25 -68.95
N ALA F 199 16.97 103.13 -68.00
CA ALA F 199 18.10 102.24 -68.15
C ALA F 199 17.66 100.79 -68.24
N LEU F 200 16.74 100.40 -67.36
CA LEU F 200 16.15 99.07 -67.45
C LEU F 200 15.38 98.85 -68.74
N GLU F 201 14.62 99.86 -69.18
CA GLU F 201 13.94 99.75 -70.46
C GLU F 201 14.90 99.55 -71.63
N GLU F 202 16.02 100.27 -71.60
CA GLU F 202 17.00 100.20 -72.67
C GLU F 202 17.66 98.84 -72.67
N ALA F 203 18.04 98.39 -71.49
CA ALA F 203 18.65 97.09 -71.32
C ALA F 203 17.71 96.03 -71.90
N LYS F 204 16.49 95.93 -71.36
CA LYS F 204 15.49 95.00 -71.89
C LYS F 204 15.41 95.06 -73.42
N LEU F 205 15.15 96.25 -73.96
CA LEU F 205 14.75 96.38 -75.35
C LEU F 205 15.92 96.25 -76.32
N SER F 206 17.15 96.37 -75.81
CA SER F 206 18.31 96.35 -76.69
C SER F 206 19.01 94.99 -76.61
N ASP F 207 18.32 94.03 -75.99
CA ASP F 207 18.77 92.63 -75.91
C ASP F 207 19.99 92.51 -74.97
N ASN F 208 20.00 93.35 -73.95
CA ASN F 208 20.99 93.25 -72.87
C ASN F 208 20.36 92.80 -71.57
N ILE F 209 19.63 91.68 -71.64
CA ILE F 209 18.93 91.12 -70.50
C ILE F 209 19.80 90.92 -69.26
N SER F 210 21.05 90.51 -69.46
CA SER F 210 21.87 90.17 -68.31
C SER F 210 22.32 91.44 -67.57
N ILE F 211 22.63 92.47 -68.34
CA ILE F 211 22.96 93.79 -67.80
C ILE F 211 21.76 94.38 -67.04
N CYS F 212 20.57 94.23 -67.63
CA CYS F 212 19.32 94.61 -66.99
C CYS F 212 19.20 94.00 -65.62
N MET F 213 19.34 92.68 -65.63
CA MET F 213 19.34 91.90 -64.41
C MET F 213 20.35 92.49 -63.42
N ILE F 214 21.53 92.90 -63.89
CA ILE F 214 22.52 93.53 -63.02
C ILE F 214 21.97 94.79 -62.37
N LEU F 215 21.35 95.64 -63.19
CA LEU F 215 20.66 96.83 -62.71
C LEU F 215 19.54 96.56 -61.70
N CYS F 216 18.98 95.35 -61.71
CA CYS F 216 17.93 95.03 -60.72
C CYS F 216 18.45 94.83 -59.30
N GLY F 217 19.73 94.52 -59.16
CA GLY F 217 20.35 94.33 -57.85
C GLY F 217 20.45 95.58 -57.00
N ILE F 218 20.10 96.72 -57.58
CA ILE F 218 20.18 98.01 -56.90
C ILE F 218 19.32 98.09 -55.62
N GLN F 219 18.23 97.32 -55.58
CA GLN F 219 17.33 97.40 -54.44
C GLN F 219 17.67 96.45 -53.30
N GLU F 220 17.66 97.02 -52.10
CA GLU F 220 17.62 96.31 -50.83
C GLU F 220 16.35 95.50 -50.67
N TYR F 221 16.39 94.47 -49.83
CA TYR F 221 15.27 93.54 -49.76
C TYR F 221 14.18 94.12 -48.87
N LEU F 222 12.94 94.00 -49.35
CA LEU F 222 11.77 94.26 -48.55
C LEU F 222 10.77 93.15 -48.74
N ASN F 223 10.02 92.85 -47.70
CA ASN F 223 8.91 91.93 -47.85
C ASN F 223 7.74 92.59 -47.15
N PRO F 224 6.71 92.95 -47.92
CA PRO F 224 5.56 93.70 -47.41
C PRO F 224 4.92 92.96 -46.26
N VAL F 225 5.07 91.65 -46.29
CA VAL F 225 4.46 90.82 -45.28
C VAL F 225 5.21 90.90 -43.97
N ILE F 226 6.53 91.03 -44.03
CA ILE F 226 7.33 91.02 -42.81
C ILE F 226 7.55 92.44 -42.37
N ASP F 227 8.01 93.22 -43.32
CA ASP F 227 8.20 94.64 -43.15
C ASP F 227 6.87 95.33 -43.31
N THR F 228 5.93 94.98 -42.43
CA THR F 228 4.60 95.60 -42.30
C THR F 228 4.52 97.09 -42.66
N GLN F 229 5.40 97.91 -42.08
CA GLN F 229 5.33 99.37 -42.21
C GLN F 229 5.56 99.88 -43.65
N ILE F 230 5.70 98.96 -44.61
CA ILE F 230 5.65 99.35 -46.01
C ILE F 230 4.74 98.43 -46.84
N ALA F 231 3.80 97.77 -46.16
CA ALA F 231 2.82 96.91 -46.82
C ALA F 231 1.82 97.74 -47.64
N ASN F 232 2.13 99.03 -47.79
CA ASN F 232 1.33 99.95 -48.58
C ASN F 232 1.99 100.14 -49.93
N GLU F 233 3.29 100.46 -49.89
CA GLU F 233 4.07 100.68 -51.09
C GLU F 233 4.29 99.41 -51.88
N PHE F 234 4.18 98.28 -51.20
CA PHE F 234 4.44 97.03 -51.88
C PHE F 234 3.38 96.02 -51.60
N ASN F 235 3.16 95.19 -52.61
CA ASN F 235 2.31 94.03 -52.49
C ASN F 235 3.10 92.75 -52.61
N THR F 236 4.37 92.84 -52.96
CA THR F 236 5.13 91.64 -53.25
C THR F 236 6.54 91.87 -52.73
N GLN F 237 7.20 90.81 -52.27
CA GLN F 237 8.56 90.97 -51.82
C GLN F 237 9.34 91.47 -53.03
N GLN F 238 10.45 92.15 -52.78
CA GLN F 238 11.31 92.59 -53.87
C GLN F 238 12.67 92.96 -53.32
N GLY F 239 13.66 93.00 -54.20
CA GLY F 239 14.98 93.47 -53.84
C GLY F 239 15.72 92.21 -53.46
N ILE F 240 17.01 92.32 -53.12
CA ILE F 240 17.85 91.14 -53.07
C ILE F 240 18.49 91.05 -51.68
N LYS F 241 18.40 89.87 -51.08
CA LYS F 241 18.68 89.69 -49.65
C LYS F 241 20.17 89.82 -49.33
N LYS F 242 21.01 89.24 -50.19
CA LYS F 242 22.45 89.18 -49.93
C LYS F 242 23.14 90.34 -50.62
N HIS F 243 22.77 91.55 -50.21
CA HIS F 243 23.16 92.76 -50.91
C HIS F 243 24.64 93.06 -50.74
N SER F 244 25.19 92.87 -49.53
CA SER F 244 26.62 93.13 -49.33
C SER F 244 27.43 92.27 -50.30
N LEU F 245 26.91 91.08 -50.58
CA LEU F 245 27.51 90.22 -51.59
C LEU F 245 27.38 90.86 -52.93
N TRP F 246 26.14 91.01 -53.42
CA TRP F 246 25.86 91.72 -54.66
C TRP F 246 26.86 92.83 -54.90
N ARG F 247 27.01 93.69 -53.89
CA ARG F 247 27.84 94.88 -53.92
C ARG F 247 29.32 94.57 -54.15
N ARG F 248 29.91 93.68 -53.33
CA ARG F 248 31.25 93.18 -53.68
C ARG F 248 31.37 92.52 -55.05
N THR F 249 30.34 91.77 -55.45
CA THR F 249 30.31 91.09 -56.73
C THR F 249 30.40 92.09 -57.89
N VAL F 250 29.63 93.16 -57.75
CA VAL F 250 29.58 94.22 -58.74
C VAL F 250 30.89 94.98 -58.74
N TYR F 251 31.38 95.37 -57.56
CA TYR F 251 32.64 96.09 -57.44
C TYR F 251 33.82 95.33 -58.04
N SER F 252 33.89 94.05 -57.74
CA SER F 252 34.93 93.21 -58.30
C SER F 252 34.75 93.21 -59.80
N LEU F 253 33.52 93.06 -60.25
CA LEU F 253 33.27 93.06 -61.70
C LEU F 253 33.79 94.37 -62.30
N SER F 254 33.67 95.44 -61.53
CA SER F 254 34.03 96.79 -61.94
C SER F 254 35.54 96.91 -62.11
N GLN F 255 36.27 96.13 -61.31
CA GLN F 255 37.74 96.18 -61.35
C GLN F 255 38.35 95.25 -62.40
N GLN F 256 37.53 94.37 -62.96
CA GLN F 256 38.00 93.44 -63.99
C GLN F 256 38.12 94.15 -65.34
N ALA F 257 39.35 94.24 -65.85
CA ALA F 257 39.60 94.88 -67.13
C ALA F 257 39.28 93.96 -68.30
N GLY F 258 39.33 94.48 -69.53
CA GLY F 258 38.78 93.78 -70.67
C GLY F 258 37.28 93.99 -70.82
N LEU F 259 36.72 94.75 -69.88
CA LEU F 259 35.40 95.37 -70.03
C LEU F 259 35.49 96.80 -70.52
N ASP F 260 34.44 97.25 -71.21
CA ASP F 260 34.38 98.60 -71.73
C ASP F 260 34.47 99.54 -70.53
N PRO F 261 35.17 100.67 -70.70
CA PRO F 261 35.33 101.60 -69.57
C PRO F 261 34.05 102.16 -68.98
N TYR F 262 33.03 102.39 -69.81
CA TYR F 262 31.72 102.78 -69.31
C TYR F 262 30.98 101.69 -68.53
N GLU F 263 31.16 100.43 -68.90
CA GLU F 263 30.53 99.34 -68.16
C GLU F 263 31.15 99.30 -66.76
N ARG F 264 32.47 99.35 -66.71
CA ARG F 264 33.20 99.37 -65.45
C ARG F 264 32.76 100.59 -64.65
N ALA F 265 32.56 101.71 -65.35
CA ALA F 265 32.12 102.93 -64.72
C ALA F 265 30.78 102.71 -64.02
N ILE F 266 29.88 102.04 -64.72
CA ILE F 266 28.55 101.74 -64.18
C ILE F 266 28.69 100.96 -62.89
N TYR F 267 29.40 99.85 -62.95
CA TYR F 267 29.56 99.00 -61.76
C TYR F 267 30.24 99.73 -60.60
N SER F 268 31.18 100.60 -60.94
CA SER F 268 31.77 101.48 -59.94
C SER F 268 30.67 102.28 -59.25
N TYR F 269 29.89 103.05 -60.02
CA TYR F 269 28.80 103.82 -59.42
C TYR F 269 27.87 102.97 -58.55
N LEU F 270 27.50 101.79 -59.04
CA LEU F 270 26.62 100.90 -58.28
C LEU F 270 27.23 100.37 -56.98
N SER F 271 28.55 100.19 -56.93
CA SER F 271 29.15 99.66 -55.72
C SER F 271 29.48 100.74 -54.69
N GLY F 272 29.12 101.99 -55.01
CA GLY F 272 29.49 103.12 -54.18
C GLY F 272 30.96 103.46 -54.32
N ALA F 273 31.50 103.21 -55.50
CA ALA F 273 32.92 103.45 -55.75
C ALA F 273 33.11 104.59 -56.74
N ILE F 274 34.37 104.86 -57.06
CA ILE F 274 34.73 105.98 -57.92
C ILE F 274 35.22 105.43 -59.25
N PRO F 275 34.49 105.76 -60.34
CA PRO F 275 34.78 105.15 -61.64
C PRO F 275 36.20 105.37 -62.12
N ASN F 276 36.63 104.48 -63.01
CA ASN F 276 37.95 104.50 -63.63
C ASN F 276 38.32 105.85 -64.24
N GLN F 277 39.63 106.07 -64.40
CA GLN F 277 40.17 107.35 -64.87
C GLN F 277 39.66 107.75 -66.26
N GLU F 278 39.55 106.77 -67.17
CA GLU F 278 39.16 107.04 -68.55
C GLU F 278 37.80 107.72 -68.63
N VAL F 279 36.95 107.42 -67.66
CA VAL F 279 35.59 107.96 -67.64
C VAL F 279 35.54 109.19 -66.73
N LEU F 280 36.20 109.09 -65.57
CA LEU F 280 36.16 110.15 -64.57
C LEU F 280 36.81 111.44 -65.07
N GLN F 281 37.76 111.32 -65.99
CA GLN F 281 38.48 112.49 -66.49
C GLN F 281 37.53 113.48 -67.18
N TYR F 282 36.36 113.00 -67.59
CA TYR F 282 35.40 113.84 -68.31
C TYR F 282 34.28 114.35 -67.41
N SER F 283 34.38 114.09 -66.11
CA SER F 283 33.30 114.50 -65.23
C SER F 283 33.59 115.89 -64.69
N ASP F 284 32.55 116.71 -64.66
CA ASP F 284 32.65 118.09 -64.19
C ASP F 284 32.27 118.20 -62.72
N TRP F 285 32.57 119.35 -62.12
CA TRP F 285 32.19 119.68 -60.73
C TRP F 285 30.95 118.94 -60.28
N GLU F 286 29.86 119.13 -61.01
CA GLU F 286 28.60 118.51 -60.63
C GLU F 286 28.73 116.98 -60.68
N SER F 287 29.20 116.47 -61.82
CA SER F 287 29.32 115.04 -62.02
C SER F 287 30.18 114.38 -60.95
N ASP F 288 31.37 114.94 -60.77
CA ASP F 288 32.35 114.49 -59.79
C ASP F 288 31.83 114.52 -58.34
N LEU F 289 31.31 115.68 -57.95
CA LEU F 289 30.65 115.85 -56.66
C LEU F 289 29.56 114.82 -56.43
N HIS F 290 28.79 114.56 -57.48
CA HIS F 290 27.73 113.58 -57.42
C HIS F 290 28.36 112.23 -57.09
N ILE F 291 29.30 111.79 -57.93
CA ILE F 291 30.04 110.56 -57.68
C ILE F 291 30.50 110.36 -56.23
N HIS F 292 31.03 111.43 -55.63
CA HIS F 292 31.58 111.31 -54.29
C HIS F 292 30.54 111.37 -53.19
N LEU F 293 29.41 112.04 -53.44
CA LEU F 293 28.33 112.00 -52.48
C LEU F 293 27.71 110.62 -52.50
N ASN F 294 27.60 110.06 -53.71
CA ASN F 294 27.13 108.68 -53.86
C ASN F 294 28.00 107.79 -53.00
N GLN F 295 29.33 108.02 -53.04
CA GLN F 295 30.24 107.21 -52.25
C GLN F 295 29.95 107.35 -50.76
N ILE F 296 29.77 108.60 -50.31
CA ILE F 296 29.53 108.87 -48.88
C ILE F 296 28.33 108.07 -48.48
N LEU F 297 27.29 108.20 -49.29
CA LEU F 297 26.00 107.65 -49.00
C LEU F 297 26.09 106.14 -48.86
N GLN F 298 26.56 105.48 -49.91
CA GLN F 298 26.74 104.02 -49.93
C GLN F 298 27.48 103.51 -48.70
N THR F 299 28.58 104.19 -48.38
CA THR F 299 29.40 103.77 -47.26
C THR F 299 28.61 103.89 -45.96
N GLU F 300 27.98 105.04 -45.76
CA GLU F 300 27.15 105.28 -44.59
C GLU F 300 26.03 104.26 -44.41
N ILE F 301 25.29 103.92 -45.46
CA ILE F 301 24.28 102.87 -45.34
C ILE F 301 24.89 101.55 -44.89
N GLU F 302 25.94 101.12 -45.58
CA GLU F 302 26.49 99.80 -45.27
C GLU F 302 27.01 99.76 -43.83
N ASN F 303 27.53 100.88 -43.36
CA ASN F 303 27.96 100.98 -41.96
C ASN F 303 26.77 100.93 -41.01
N TYR F 304 25.71 101.66 -41.33
CA TYR F 304 24.47 101.60 -40.56
C TYR F 304 24.00 100.16 -40.39
N LEU F 305 24.09 99.40 -41.46
CA LEU F 305 23.66 98.00 -41.47
C LEU F 305 24.58 97.12 -40.62
N LEU F 306 25.89 97.31 -40.75
CA LEU F 306 26.83 96.61 -39.86
C LEU F 306 26.61 96.90 -38.37
N GLU F 307 26.37 98.17 -38.00
CA GLU F 307 26.13 98.50 -36.60
C GLU F 307 24.85 97.86 -36.04
N ASN F 308 23.98 97.39 -36.94
CA ASN F 308 22.77 96.70 -36.49
C ASN F 308 22.70 95.20 -36.79
N ASN F 309 23.84 94.57 -37.03
CA ASN F 309 23.90 93.14 -37.38
C ASN F 309 22.81 92.75 -38.36
N GLN F 310 22.82 93.37 -39.53
CA GLN F 310 21.87 93.05 -40.60
C GLN F 310 22.67 92.68 -41.83
N VAL F 311 23.98 92.55 -41.63
CA VAL F 311 24.90 92.06 -42.64
C VAL F 311 25.43 90.70 -42.15
N GLY F 312 25.53 89.73 -43.06
CA GLY F 312 26.03 88.43 -42.71
C GLY F 312 27.46 88.21 -43.16
N THR F 313 28.27 87.62 -42.28
CA THR F 313 29.73 87.62 -42.40
C THR F 313 30.18 87.00 -43.73
N ASP F 314 29.43 86.01 -44.19
CA ASP F 314 29.73 85.31 -45.44
C ASP F 314 29.85 86.31 -46.60
N GLU F 315 29.04 87.38 -46.56
CA GLU F 315 28.97 88.31 -47.68
C GLU F 315 30.16 89.27 -47.77
N LEU F 316 30.95 89.37 -46.69
CA LEU F 316 32.10 90.26 -46.72
C LEU F 316 33.26 89.56 -47.46
N ILE F 317 32.96 89.26 -48.72
CA ILE F 317 33.88 88.75 -49.73
C ILE F 317 35.17 89.53 -49.89
N LEU F 318 35.04 90.86 -49.87
CA LEU F 318 36.09 91.78 -50.31
C LEU F 318 36.11 93.04 -49.45
N PRO F 319 37.27 93.73 -49.43
CA PRO F 319 37.33 94.99 -48.71
C PRO F 319 36.84 96.14 -49.57
N LEU F 320 35.82 96.82 -49.05
CA LEU F 320 35.44 98.14 -49.51
C LEU F 320 35.71 99.14 -48.39
N PRO F 321 36.03 100.39 -48.75
CA PRO F 321 36.34 101.38 -47.71
C PRO F 321 35.13 101.68 -46.84
N SER F 322 35.41 101.86 -45.55
CA SER F 322 34.38 101.95 -44.52
C SER F 322 34.25 103.37 -44.01
N HIS F 323 35.21 104.20 -44.34
CA HIS F 323 35.27 105.54 -43.78
C HIS F 323 34.62 106.53 -44.71
N ALA F 324 33.51 107.09 -44.25
CA ALA F 324 32.74 108.03 -45.03
C ALA F 324 33.41 109.39 -44.92
N LEU F 325 33.46 110.11 -46.03
CA LEU F 325 33.87 111.50 -45.98
C LEU F 325 32.75 112.35 -45.43
N THR F 326 33.07 113.59 -45.09
CA THR F 326 32.08 114.58 -44.74
C THR F 326 31.84 115.43 -45.96
N VAL F 327 30.66 116.02 -46.04
CA VAL F 327 30.26 116.78 -47.21
C VAL F 327 31.21 117.96 -47.38
N GLN F 328 31.53 118.60 -46.26
CA GLN F 328 32.61 119.57 -46.19
C GLN F 328 33.85 119.14 -47.00
N GLU F 329 34.37 117.95 -46.69
CA GLU F 329 35.63 117.49 -47.26
C GLU F 329 35.49 117.09 -48.71
N VAL F 330 34.38 116.44 -49.05
CA VAL F 330 34.13 116.09 -50.44
C VAL F 330 34.15 117.36 -51.23
N LEU F 331 33.44 118.37 -50.74
CA LEU F 331 33.38 119.64 -51.44
C LEU F 331 34.79 120.20 -51.60
N ASN F 332 35.58 120.21 -50.53
CA ASN F 332 36.95 120.74 -50.60
C ASN F 332 37.81 120.04 -51.66
N ARG F 333 37.68 118.72 -51.73
CA ARG F 333 38.45 117.93 -52.67
C ARG F 333 37.98 118.19 -54.10
N VAL F 334 36.68 118.06 -54.33
CA VAL F 334 36.11 118.27 -55.65
C VAL F 334 36.46 119.68 -56.13
N ALA F 335 36.52 120.61 -55.18
CA ALA F 335 36.85 122.00 -55.43
C ALA F 335 38.26 122.06 -56.00
N SER F 336 39.18 121.47 -55.25
CA SER F 336 40.58 121.53 -55.66
C SER F 336 40.82 120.78 -56.97
N ARG F 337 39.89 119.88 -57.30
CA ARG F 337 39.91 119.13 -58.56
C ARG F 337 39.27 119.87 -59.74
N HIS F 338 38.56 120.96 -59.44
CA HIS F 338 37.84 121.73 -60.46
C HIS F 338 37.85 123.24 -60.17
N PRO F 339 39.03 123.79 -59.83
CA PRO F 339 39.17 125.15 -59.30
C PRO F 339 38.38 126.19 -60.09
N SER F 340 38.58 126.26 -61.40
CA SER F 340 37.83 127.17 -62.25
C SER F 340 36.34 127.12 -61.91
N GLU F 341 35.74 125.95 -62.11
CA GLU F 341 34.32 125.75 -61.86
C GLU F 341 33.96 126.08 -60.42
N SER F 342 34.73 125.55 -59.48
CA SER F 342 34.54 125.77 -58.04
C SER F 342 34.34 127.25 -57.72
N GLU F 343 35.19 128.08 -58.31
CA GLU F 343 35.31 129.49 -57.96
C GLU F 343 34.17 130.36 -58.52
N HIS F 344 33.50 129.86 -59.57
CA HIS F 344 32.31 130.53 -60.13
C HIS F 344 31.36 130.96 -59.01
N PRO F 345 30.99 132.24 -59.00
CA PRO F 345 30.32 132.82 -57.82
C PRO F 345 28.95 132.26 -57.44
N ILE F 346 28.13 131.77 -58.38
CA ILE F 346 26.88 131.15 -57.94
C ILE F 346 27.08 129.72 -57.42
N ARG F 347 28.09 129.01 -57.93
CA ARG F 347 28.44 127.66 -57.48
C ARG F 347 29.08 127.64 -56.09
N VAL F 348 29.68 128.77 -55.73
CA VAL F 348 30.13 129.01 -54.36
C VAL F 348 28.90 129.11 -53.47
N LEU F 349 27.86 129.79 -53.96
CA LEU F 349 26.63 129.90 -53.21
C LEU F 349 26.01 128.52 -53.09
N MET F 350 26.02 127.77 -54.19
CA MET F 350 25.55 126.37 -54.21
C MET F 350 26.16 125.58 -53.07
N ALA F 351 27.49 125.69 -52.93
CA ALA F 351 28.18 124.96 -51.88
C ALA F 351 27.78 125.52 -50.52
N SER F 352 27.69 126.83 -50.44
CA SER F 352 27.36 127.55 -49.20
C SER F 352 26.01 127.10 -48.66
N VAL F 353 25.10 126.80 -49.59
CA VAL F 353 23.75 126.38 -49.26
C VAL F 353 23.84 124.95 -48.79
N ILE F 354 24.57 124.14 -49.56
CA ILE F 354 24.79 122.75 -49.19
C ILE F 354 25.34 122.58 -47.78
N LEU F 355 26.31 123.40 -47.40
CA LEU F 355 26.90 123.33 -46.05
C LEU F 355 26.13 124.13 -44.98
N ASP F 356 25.10 124.86 -45.42
CA ASP F 356 24.31 125.77 -44.58
C ASP F 356 25.04 127.06 -44.18
N SER F 357 26.36 127.11 -44.36
CA SER F 357 27.10 128.36 -44.16
C SER F 357 26.66 129.48 -45.11
N LEU F 358 25.37 129.79 -45.12
CA LEU F 358 24.79 130.70 -46.13
C LEU F 358 24.69 132.19 -45.72
N PRO F 359 24.06 132.51 -44.58
CA PRO F 359 24.19 133.89 -44.08
C PRO F 359 25.65 134.27 -43.90
N SER F 360 26.43 133.26 -43.55
CA SER F 360 27.87 133.32 -43.47
C SER F 360 28.45 133.97 -44.73
N VAL F 361 28.04 133.49 -45.89
CA VAL F 361 28.55 133.97 -47.17
C VAL F 361 27.87 135.29 -47.57
N ILE F 362 26.64 135.49 -47.13
CA ILE F 362 25.93 136.74 -47.38
C ILE F 362 26.72 137.90 -46.79
N HIS F 363 26.95 137.83 -45.49
CA HIS F 363 27.70 138.84 -44.76
C HIS F 363 29.07 139.05 -45.41
N SER F 364 29.65 137.94 -45.87
CA SER F 364 30.91 137.94 -46.60
C SER F 364 30.85 138.80 -47.87
N SER F 365 30.00 138.44 -48.83
CA SER F 365 29.98 139.16 -50.10
C SER F 365 29.50 140.61 -49.87
N VAL F 366 28.85 140.82 -48.73
CA VAL F 366 28.50 142.16 -48.26
C VAL F 366 29.78 142.96 -48.00
N GLU F 367 30.73 142.33 -47.31
CA GLU F 367 31.99 143.02 -47.02
C GLU F 367 32.82 143.18 -48.28
N MET F 368 32.58 142.34 -49.29
CA MET F 368 33.22 142.58 -50.60
C MET F 368 32.67 143.82 -51.29
N LEU F 369 31.73 144.50 -50.64
CA LEU F 369 31.37 145.86 -51.02
C LEU F 369 31.72 146.89 -49.96
N LEU F 370 33.01 147.11 -49.72
CA LEU F 370 33.44 147.91 -48.58
C LEU F 370 34.89 148.31 -48.67
N ASP F 381 35.44 142.89 -56.57
CA ASP F 381 35.22 142.06 -57.81
C ASP F 381 33.94 141.23 -57.65
N ILE F 382 33.05 141.78 -56.85
CA ILE F 382 31.61 141.46 -56.80
C ILE F 382 30.74 142.39 -57.69
N ILE F 383 31.09 143.67 -57.75
CA ILE F 383 30.49 144.64 -58.65
C ILE F 383 30.74 144.29 -60.14
N ASP F 384 31.86 143.63 -60.45
CA ASP F 384 32.14 143.30 -61.83
C ASP F 384 31.10 142.32 -62.45
N LYS F 385 30.51 141.37 -61.73
CA LYS F 385 29.57 140.43 -62.32
C LYS F 385 28.16 140.77 -61.83
N PRO F 386 27.23 141.00 -62.78
CA PRO F 386 25.90 141.63 -62.61
C PRO F 386 24.90 140.79 -61.82
N TYR F 387 24.72 139.53 -62.20
CA TYR F 387 23.84 138.63 -61.44
C TYR F 387 24.05 138.65 -59.92
N LEU F 388 25.29 138.75 -59.47
CA LEU F 388 25.65 138.46 -58.08
C LEU F 388 24.93 139.35 -57.07
N LEU F 389 25.14 140.65 -57.19
CA LEU F 389 24.55 141.63 -56.28
C LEU F 389 23.02 141.49 -56.20
N ARG F 390 22.37 141.23 -57.34
CA ARG F 390 20.94 140.92 -57.36
C ARG F 390 20.64 139.68 -56.51
N ILE F 391 21.23 138.56 -56.92
CA ILE F 391 20.94 137.24 -56.35
C ILE F 391 21.07 137.25 -54.83
N VAL F 392 22.20 137.78 -54.34
CA VAL F 392 22.46 137.81 -52.90
C VAL F 392 21.35 138.56 -52.20
N THR F 393 20.98 139.72 -52.74
CA THR F 393 19.89 140.54 -52.19
C THR F 393 18.56 139.79 -52.08
N HIS F 394 18.11 139.22 -53.20
CA HIS F 394 16.83 138.48 -53.21
C HIS F 394 16.87 137.24 -52.32
N LEU F 395 18.02 136.60 -52.25
CA LEU F 395 18.23 135.46 -51.37
C LEU F 395 18.07 135.89 -49.91
N ALA F 396 18.75 136.98 -49.54
CA ALA F 396 18.68 137.54 -48.18
C ALA F 396 17.25 137.86 -47.78
N ILE F 397 16.51 138.39 -48.75
CA ILE F 397 15.10 138.73 -48.55
C ILE F 397 14.33 137.46 -48.25
N CYS F 398 14.44 136.49 -49.14
CA CYS F 398 13.78 135.20 -48.98
C CYS F 398 14.09 134.60 -47.60
N LEU F 399 15.37 134.61 -47.25
CA LEU F 399 15.84 134.00 -46.01
C LEU F 399 15.16 134.62 -44.80
N ASP F 400 15.15 135.95 -44.74
CA ASP F 400 14.55 136.59 -43.58
C ASP F 400 13.03 136.48 -43.58
N ILE F 401 12.45 136.27 -44.75
CA ILE F 401 11.03 135.97 -44.81
C ILE F 401 10.72 134.60 -44.21
N ILE F 402 11.47 133.59 -44.66
CA ILE F 402 11.24 132.21 -44.27
C ILE F 402 11.72 131.93 -42.85
N ASN F 403 12.88 132.49 -42.54
CA ASN F 403 13.49 132.43 -41.20
C ASN F 403 13.81 133.79 -40.65
N PRO F 404 12.79 134.47 -40.08
CA PRO F 404 12.99 135.80 -39.49
C PRO F 404 14.20 135.77 -38.56
N GLY F 405 15.09 136.75 -38.72
CA GLY F 405 16.37 136.73 -38.03
C GLY F 405 17.57 136.26 -38.85
N SER F 406 17.34 135.37 -39.81
CA SER F 406 18.39 134.77 -40.65
C SER F 406 19.61 135.63 -41.01
N VAL F 407 19.39 136.73 -41.71
CA VAL F 407 20.48 137.62 -42.13
C VAL F 407 20.53 138.93 -41.37
N GLU F 408 21.73 139.34 -40.97
CA GLU F 408 21.84 140.47 -40.05
C GLU F 408 21.18 141.69 -40.68
N GLU F 409 20.28 142.29 -39.89
CA GLU F 409 19.57 143.54 -40.22
C GLU F 409 20.39 144.52 -41.07
N VAL F 410 21.64 144.72 -40.65
CA VAL F 410 22.57 145.62 -41.32
C VAL F 410 22.77 145.13 -42.74
N ASP F 411 23.12 143.85 -42.86
CA ASP F 411 23.42 143.26 -44.16
C ASP F 411 22.25 143.44 -45.16
N LYS F 412 21.02 143.32 -44.66
CA LYS F 412 19.85 143.55 -45.48
C LYS F 412 19.95 145.04 -45.95
N SER F 413 20.14 145.95 -44.99
CA SER F 413 20.19 147.35 -45.29
C SER F 413 21.20 147.64 -46.42
N LYS F 414 22.45 147.24 -46.22
CA LYS F 414 23.55 147.41 -47.17
C LYS F 414 23.22 146.86 -48.58
N LEU F 415 22.67 145.65 -48.59
CA LEU F 415 22.37 144.94 -49.84
C LEU F 415 21.30 145.66 -50.64
N ILE F 416 20.19 145.95 -49.99
CA ILE F 416 19.07 146.59 -50.65
C ILE F 416 19.50 147.99 -51.09
N THR F 417 20.12 148.75 -50.20
CA THR F 417 20.74 150.04 -50.55
C THR F 417 21.47 150.03 -51.90
N THR F 418 22.38 149.07 -52.04
CA THR F 418 23.21 149.04 -53.25
C THR F 418 22.41 148.60 -54.46
N TYR F 419 21.55 147.58 -54.30
CA TYR F 419 20.73 147.14 -55.42
C TYR F 419 19.73 148.20 -55.91
N ILE F 420 19.14 148.92 -54.95
CA ILE F 420 18.23 150.02 -55.22
C ILE F 420 18.92 151.07 -56.06
N SER F 421 20.15 151.42 -55.67
CA SER F 421 20.88 152.43 -56.45
C SER F 421 21.15 151.98 -57.90
N LEU F 422 21.11 150.68 -58.12
CA LEU F 422 21.17 150.13 -59.47
C LEU F 422 19.83 150.14 -60.15
N LEU F 423 18.76 150.01 -59.37
CA LEU F 423 17.43 150.17 -59.94
C LEU F 423 17.35 151.59 -60.47
N LYS F 424 17.99 152.52 -59.75
CA LYS F 424 18.09 153.91 -60.19
C LYS F 424 18.95 154.06 -61.44
N LEU F 425 20.10 153.39 -61.45
CA LEU F 425 20.99 153.47 -62.62
C LEU F 425 20.36 152.82 -63.85
N GLN F 426 19.40 151.93 -63.62
CA GLN F 426 18.69 151.33 -64.75
C GLN F 426 17.45 152.15 -65.12
N GLY F 427 17.12 153.12 -64.27
CA GLY F 427 15.95 153.96 -64.49
C GLY F 427 14.63 153.26 -64.19
N LEU F 428 14.67 152.28 -63.32
CA LEU F 428 13.46 151.61 -62.84
C LEU F 428 13.13 151.98 -61.38
N TYR F 429 12.88 153.27 -61.18
CA TYR F 429 12.46 153.82 -59.90
C TYR F 429 11.06 153.33 -59.51
N GLU F 430 10.26 153.09 -60.56
CA GLU F 430 8.90 152.56 -60.49
C GLU F 430 8.69 151.50 -59.40
N ASN F 431 9.61 150.56 -59.30
CA ASN F 431 9.41 149.39 -58.45
C ASN F 431 10.36 149.36 -57.23
N ILE F 432 10.83 150.52 -56.83
CA ILE F 432 11.63 150.63 -55.62
C ILE F 432 10.87 150.48 -54.29
N PRO F 433 9.60 150.95 -54.20
CA PRO F 433 8.92 150.81 -52.90
C PRO F 433 8.88 149.37 -52.37
N ILE F 434 8.73 148.39 -53.26
CA ILE F 434 8.59 146.99 -52.88
C ILE F 434 9.79 146.56 -52.03
N TYR F 435 10.98 146.97 -52.45
CA TYR F 435 12.22 146.57 -51.79
C TYR F 435 12.37 147.34 -50.49
N ALA F 436 11.71 148.49 -50.41
CA ALA F 436 11.74 149.32 -49.20
C ALA F 436 11.13 148.61 -47.99
N THR F 437 10.16 147.73 -48.24
CA THR F 437 9.36 147.09 -47.19
C THR F 437 10.20 146.19 -46.23
N PHE F 438 11.35 146.69 -45.78
CA PHE F 438 12.19 145.90 -44.87
C PHE F 438 13.01 146.73 -43.90
N LEU F 439 12.82 148.04 -43.91
CA LEU F 439 13.52 148.89 -42.96
C LEU F 439 12.71 150.13 -42.64
N ASN F 440 12.97 150.71 -41.47
CA ASN F 440 12.57 152.07 -41.24
C ASN F 440 13.52 153.04 -41.93
N GLU F 441 14.68 152.54 -42.30
CA GLU F 441 15.54 153.29 -43.20
C GLU F 441 14.85 153.72 -44.47
N SER F 442 13.83 152.96 -44.89
CA SER F 442 13.02 153.37 -46.04
C SER F 442 12.51 154.81 -46.03
N ASP F 443 12.17 155.31 -44.84
CA ASP F 443 11.97 156.73 -44.58
C ASP F 443 12.82 157.66 -45.46
N CYS F 444 14.07 157.28 -45.66
CA CYS F 444 15.03 158.10 -46.37
C CYS F 444 14.92 157.94 -47.89
N LEU F 445 13.75 157.56 -48.38
CA LEU F 445 13.52 157.50 -49.82
C LEU F 445 12.23 158.21 -50.25
N VAL G 28 -4.39 -60.15 -19.90
CA VAL G 28 -4.36 -59.91 -18.47
C VAL G 28 -4.56 -61.21 -17.69
N GLN G 29 -3.65 -61.50 -16.77
CA GLN G 29 -3.73 -62.73 -16.01
C GLN G 29 -2.73 -62.91 -14.87
N LEU G 30 -3.24 -63.30 -13.70
CA LEU G 30 -2.35 -63.56 -12.61
C LEU G 30 -2.29 -65.08 -12.71
N VAL G 31 -1.17 -65.67 -12.32
CA VAL G 31 -0.98 -67.11 -12.19
C VAL G 31 -0.41 -67.57 -10.85
N GLU G 32 -1.05 -68.47 -10.14
CA GLU G 32 -0.54 -68.89 -8.82
C GLU G 32 -0.12 -70.33 -8.78
N SER G 33 1.13 -70.52 -8.38
CA SER G 33 1.67 -71.86 -8.21
C SER G 33 2.43 -72.12 -6.89
N GLY G 34 2.41 -73.35 -6.42
CA GLY G 34 3.31 -73.75 -5.35
C GLY G 34 2.67 -74.05 -4.01
N GLY G 35 1.36 -74.30 -4.03
CA GLY G 35 0.66 -74.75 -2.84
C GLY G 35 0.64 -76.26 -2.80
N GLY G 36 -0.46 -76.82 -2.31
CA GLY G 36 -0.58 -78.26 -2.18
C GLY G 36 -0.73 -78.78 -0.76
N LEU G 37 -0.16 -79.95 -0.50
CA LEU G 37 -0.09 -80.52 0.84
C LEU G 37 1.22 -80.24 1.59
N VAL G 38 1.09 -79.78 2.84
CA VAL G 38 2.25 -79.41 3.65
C VAL G 38 2.03 -79.81 5.11
N GLN G 39 3.00 -80.54 5.67
CA GLN G 39 3.05 -80.81 7.10
C GLN G 39 3.01 -79.54 7.96
N PRO G 40 2.33 -79.58 9.10
CA PRO G 40 2.30 -78.44 10.01
C PRO G 40 3.68 -78.13 10.57
N GLY G 41 3.92 -76.86 10.89
CA GLY G 41 5.26 -76.38 11.20
C GLY G 41 6.12 -76.21 9.95
N GLY G 42 5.64 -76.76 8.83
CA GLY G 42 6.35 -76.70 7.56
C GLY G 42 6.26 -75.39 6.81
N SER G 43 6.70 -75.41 5.56
CA SER G 43 6.88 -74.19 4.77
C SER G 43 6.48 -74.35 3.31
N LEU G 44 6.01 -73.27 2.70
CA LEU G 44 5.65 -73.28 1.29
C LEU G 44 5.92 -71.92 0.69
N ARG G 45 6.47 -71.86 -0.52
CA ARG G 45 6.55 -70.56 -1.20
C ARG G 45 5.52 -70.51 -2.34
N LEU G 46 4.56 -69.60 -2.23
CA LEU G 46 3.64 -69.35 -3.33
C LEU G 46 4.13 -68.30 -4.31
N SER G 47 4.00 -68.60 -5.59
CA SER G 47 4.29 -67.64 -6.64
C SER G 47 3.02 -67.12 -7.28
N CYS G 48 3.08 -65.86 -7.72
CA CYS G 48 2.05 -65.25 -8.54
C CYS G 48 2.73 -64.53 -9.72
N ALA G 49 2.70 -65.17 -10.88
CA ALA G 49 3.26 -64.60 -12.10
C ALA G 49 2.22 -63.74 -12.82
N ALA G 50 2.55 -62.47 -12.99
CA ALA G 50 1.60 -61.50 -13.55
C ALA G 50 1.85 -61.23 -15.03
N SER G 51 0.80 -60.83 -15.74
CA SER G 51 1.00 -60.21 -17.05
C SER G 51 -0.25 -59.45 -17.49
N GLY G 52 -0.05 -58.46 -18.36
CA GLY G 52 -1.15 -57.65 -18.84
C GLY G 52 -1.25 -56.33 -18.10
N PHE G 53 -0.39 -56.14 -17.09
CA PHE G 53 -0.41 -54.89 -16.36
C PHE G 53 0.94 -54.50 -15.72
N ASN G 54 1.04 -53.22 -15.33
CA ASN G 54 2.26 -52.67 -14.75
C ASN G 54 2.48 -53.21 -13.38
N VAL G 55 3.29 -54.24 -13.30
CA VAL G 55 3.66 -54.78 -12.03
C VAL G 55 4.33 -53.71 -11.20
N SER G 56 5.20 -52.93 -11.83
CA SER G 56 6.01 -51.95 -11.11
C SER G 56 5.27 -50.81 -10.41
N TYR G 57 4.05 -50.50 -10.79
CA TYR G 57 3.29 -49.49 -10.03
C TYR G 57 2.08 -50.08 -9.34
N SER G 58 1.92 -51.39 -9.43
CA SER G 58 0.80 -52.06 -8.78
C SER G 58 1.11 -52.49 -7.35
N SER G 59 0.07 -52.90 -6.64
CA SER G 59 0.21 -53.50 -5.33
C SER G 59 -0.27 -54.92 -5.48
N ILE G 60 0.48 -55.86 -4.94
CA ILE G 60 0.03 -57.25 -4.94
C ILE G 60 -0.46 -57.62 -3.55
N HIS G 61 -1.68 -58.16 -3.49
CA HIS G 61 -2.27 -58.63 -2.25
C HIS G 61 -2.47 -60.14 -2.26
N TRP G 62 -2.42 -60.74 -1.08
CA TRP G 62 -2.78 -62.14 -0.94
C TRP G 62 -4.00 -62.22 -0.02
N VAL G 63 -5.04 -62.88 -0.49
CA VAL G 63 -6.29 -62.98 0.23
C VAL G 63 -6.61 -64.47 0.30
N ARG G 64 -6.95 -64.98 1.48
CA ARG G 64 -7.21 -66.40 1.57
C ARG G 64 -8.62 -66.73 2.03
N GLN G 65 -9.06 -67.93 1.67
CA GLN G 65 -10.39 -68.41 1.98
C GLN G 65 -10.38 -69.83 2.53
N ALA G 66 -10.69 -69.97 3.82
CA ALA G 66 -10.72 -71.28 4.45
C ALA G 66 -12.04 -71.94 4.07
N PRO G 67 -12.05 -73.28 3.93
CA PRO G 67 -13.25 -74.07 3.58
C PRO G 67 -14.54 -73.56 4.22
N GLY G 68 -15.53 -73.17 3.40
CA GLY G 68 -16.80 -72.70 3.92
C GLY G 68 -16.81 -71.38 4.67
N LYS G 69 -15.71 -70.62 4.62
CA LYS G 69 -15.64 -69.35 5.34
C LYS G 69 -15.48 -68.19 4.36
N GLY G 70 -15.40 -66.97 4.88
CA GLY G 70 -15.23 -65.80 4.04
C GLY G 70 -13.80 -65.48 3.64
N LEU G 71 -13.61 -64.33 3.01
CA LEU G 71 -12.30 -63.93 2.51
C LEU G 71 -11.48 -63.27 3.62
N GLU G 72 -10.20 -63.63 3.72
CA GLU G 72 -9.30 -62.99 4.67
C GLU G 72 -8.06 -62.40 4.01
N TRP G 73 -7.94 -61.07 4.04
CA TRP G 73 -6.74 -60.43 3.53
C TRP G 73 -5.60 -60.69 4.51
N VAL G 74 -4.48 -61.23 4.01
CA VAL G 74 -3.31 -61.49 4.86
C VAL G 74 -2.12 -60.55 4.67
N ALA G 75 -1.87 -60.10 3.44
CA ALA G 75 -0.67 -59.32 3.17
C ALA G 75 -0.76 -58.52 1.87
N SER G 76 0.04 -57.47 1.79
CA SER G 76 0.24 -56.76 0.51
C SER G 76 1.63 -56.17 0.39
N ILE G 77 2.05 -55.94 -0.85
CA ILE G 77 3.30 -55.26 -1.14
C ILE G 77 3.13 -54.22 -2.25
N TYR G 78 3.72 -53.04 -2.02
CA TYR G 78 3.83 -52.02 -3.05
C TYR G 78 5.05 -52.30 -3.94
N PRO G 79 4.81 -52.51 -5.25
CA PRO G 79 6.02 -52.71 -6.06
C PRO G 79 6.77 -51.40 -6.29
N TYR G 80 6.07 -50.29 -6.09
CA TYR G 80 6.65 -48.97 -6.28
C TYR G 80 7.67 -48.64 -5.18
N TYR G 81 7.26 -48.83 -3.93
CA TYR G 81 8.07 -48.44 -2.79
C TYR G 81 8.70 -49.63 -2.08
N GLY G 82 8.17 -50.82 -2.34
CA GLY G 82 8.66 -52.02 -1.68
C GLY G 82 8.04 -52.20 -0.30
N SER G 83 7.16 -51.28 0.07
CA SER G 83 6.46 -51.35 1.35
C SER G 83 5.62 -52.61 1.44
N THR G 84 5.66 -53.28 2.58
CA THR G 84 4.85 -54.48 2.80
C THR G 84 4.07 -54.42 4.10
N SER G 85 2.93 -55.10 4.16
CA SER G 85 2.22 -55.22 5.42
C SER G 85 1.40 -56.51 5.53
N TYR G 86 1.00 -56.85 6.75
CA TYR G 86 0.52 -58.20 7.08
C TYR G 86 -0.66 -58.17 8.04
N ALA G 87 -1.61 -59.08 7.87
CA ALA G 87 -2.63 -59.33 8.90
C ALA G 87 -1.98 -59.91 10.15
N ASP G 88 -2.50 -59.54 11.31
CA ASP G 88 -2.03 -60.10 12.59
C ASP G 88 -1.91 -61.63 12.65
N SER G 89 -2.77 -62.32 11.93
CA SER G 89 -2.84 -63.77 11.99
C SER G 89 -1.65 -64.50 11.36
N VAL G 90 -0.88 -63.80 10.55
CA VAL G 90 0.23 -64.42 9.84
C VAL G 90 1.56 -63.72 10.11
N LYS G 91 1.51 -62.64 10.88
CA LYS G 91 2.69 -61.81 11.08
C LYS G 91 3.77 -62.63 11.79
N GLY G 92 4.98 -62.55 11.25
CA GLY G 92 6.13 -63.21 11.83
C GLY G 92 6.34 -64.60 11.24
N ARG G 93 5.32 -65.12 10.56
CA ARG G 93 5.45 -66.40 9.88
C ARG G 93 5.42 -66.27 8.36
N PHE G 94 4.71 -65.26 7.85
CA PHE G 94 4.59 -65.09 6.40
C PHE G 94 5.43 -63.91 5.93
N THR G 95 6.16 -64.11 4.83
CA THR G 95 6.86 -63.00 4.17
C THR G 95 6.40 -62.77 2.73
N ILE G 96 5.87 -61.60 2.43
CA ILE G 96 5.50 -61.28 1.06
C ILE G 96 6.68 -60.58 0.37
N SER G 97 7.01 -60.99 -0.85
CA SER G 97 8.04 -60.27 -1.62
C SER G 97 7.69 -60.16 -3.10
N ALA G 98 8.51 -59.45 -3.86
CA ALA G 98 8.19 -59.23 -5.27
C ALA G 98 9.42 -58.92 -6.13
N ASP G 99 9.45 -59.52 -7.31
CA ASP G 99 10.52 -59.32 -8.27
C ASP G 99 9.89 -58.69 -9.51
N THR G 100 10.03 -57.36 -9.59
CA THR G 100 9.51 -56.56 -10.68
C THR G 100 10.09 -56.98 -12.04
N SER G 101 11.32 -57.49 -12.03
CA SER G 101 12.01 -57.87 -13.27
C SER G 101 11.51 -59.16 -13.91
N LYS G 102 10.75 -59.95 -13.18
CA LYS G 102 10.06 -61.09 -13.78
C LYS G 102 8.56 -61.01 -13.54
N ASN G 103 8.08 -59.84 -13.10
CA ASN G 103 6.66 -59.61 -12.89
C ASN G 103 6.06 -60.68 -11.99
N THR G 104 6.80 -61.06 -10.95
CA THR G 104 6.36 -62.18 -10.14
C THR G 104 6.38 -61.82 -8.66
N ALA G 105 5.34 -62.17 -7.92
CA ALA G 105 5.35 -61.92 -6.49
C ALA G 105 5.29 -63.23 -5.70
N TYR G 106 5.65 -63.14 -4.43
CA TYR G 106 5.81 -64.34 -3.64
C TYR G 106 5.21 -64.19 -2.25
N LEU G 107 4.80 -65.32 -1.69
CA LEU G 107 4.42 -65.38 -0.29
C LEU G 107 5.10 -66.60 0.31
N GLN G 108 6.10 -66.37 1.14
CA GLN G 108 6.79 -67.45 1.83
C GLN G 108 6.07 -67.73 3.14
N MET G 109 5.59 -68.95 3.31
CA MET G 109 4.77 -69.32 4.45
C MET G 109 5.50 -70.31 5.34
N ASN G 110 6.00 -69.82 6.47
CA ASN G 110 6.72 -70.65 7.43
C ASN G 110 5.86 -70.99 8.63
N SER G 111 6.27 -72.02 9.37
CA SER G 111 5.57 -72.48 10.57
C SER G 111 4.07 -72.61 10.32
N LEU G 112 3.73 -73.29 9.23
CA LEU G 112 2.34 -73.42 8.79
C LEU G 112 1.49 -74.23 9.76
N ARG G 113 0.22 -73.86 9.86
CA ARG G 113 -0.70 -74.40 10.86
C ARG G 113 -2.01 -74.85 10.21
N ALA G 114 -2.78 -75.69 10.90
CA ALA G 114 -4.10 -76.12 10.41
C ALA G 114 -4.97 -74.90 10.10
N GLU G 115 -4.86 -73.89 10.95
CA GLU G 115 -5.53 -72.60 10.77
C GLU G 115 -5.17 -71.88 9.47
N ASP G 116 -4.10 -72.32 8.81
CA ASP G 116 -3.67 -71.70 7.56
C ASP G 116 -4.19 -72.45 6.34
N THR G 117 -4.82 -73.60 6.55
CA THR G 117 -5.44 -74.32 5.44
C THR G 117 -6.49 -73.44 4.79
N ALA G 118 -6.41 -73.30 3.47
CA ALA G 118 -7.24 -72.34 2.72
C ALA G 118 -6.89 -72.36 1.24
N VAL G 119 -7.82 -71.94 0.38
CA VAL G 119 -7.44 -71.50 -0.95
C VAL G 119 -6.81 -70.11 -0.87
N TYR G 120 -5.61 -69.98 -1.43
CA TYR G 120 -4.90 -68.70 -1.46
C TYR G 120 -5.02 -68.01 -2.82
N TYR G 121 -5.54 -66.79 -2.82
CA TYR G 121 -5.59 -65.98 -4.03
C TYR G 121 -4.58 -64.83 -4.02
N CYS G 122 -3.85 -64.66 -5.11
CA CYS G 122 -3.16 -63.39 -5.36
C CYS G 122 -4.11 -62.48 -6.12
N ALA G 123 -4.04 -61.18 -5.83
CA ALA G 123 -4.85 -60.18 -6.50
C ALA G 123 -4.05 -58.89 -6.60
N ARG G 124 -4.44 -57.98 -7.48
CA ARG G 124 -3.70 -56.73 -7.61
C ARG G 124 -4.60 -55.50 -7.51
N THR G 125 -4.00 -54.40 -7.07
CA THR G 125 -4.59 -53.08 -7.26
C THR G 125 -3.63 -52.20 -8.04
N GLY G 126 -4.18 -51.27 -8.82
CA GLY G 126 -3.37 -50.32 -9.54
C GLY G 126 -2.87 -49.18 -8.67
N ALA G 140 -9.99 -50.67 -6.68
CA ALA G 140 -10.21 -51.93 -5.98
C ALA G 140 -9.51 -53.10 -6.67
N LEU G 141 -9.74 -54.31 -6.19
CA LEU G 141 -8.94 -55.48 -6.55
C LEU G 141 -9.47 -56.07 -7.84
N ASP G 142 -9.04 -55.51 -8.96
CA ASP G 142 -9.64 -55.82 -10.26
C ASP G 142 -9.17 -57.13 -10.87
N TYR G 143 -7.96 -57.57 -10.53
CA TYR G 143 -7.39 -58.75 -11.17
C TYR G 143 -7.05 -59.87 -10.19
N TRP G 144 -7.82 -60.95 -10.25
CA TRP G 144 -7.65 -62.13 -9.39
C TRP G 144 -7.09 -63.45 -9.90
N GLY G 145 -6.17 -63.96 -9.08
CA GLY G 145 -5.49 -65.22 -9.24
C GLY G 145 -6.59 -66.28 -9.27
N GLN G 146 -6.41 -67.34 -10.06
CA GLN G 146 -7.31 -68.49 -9.94
C GLN G 146 -7.26 -69.27 -8.63
N GLY G 147 -6.33 -68.91 -7.73
CA GLY G 147 -6.30 -69.53 -6.43
C GLY G 147 -5.57 -70.86 -6.39
N THR G 148 -4.82 -71.10 -5.33
CA THR G 148 -4.25 -72.43 -5.10
C THR G 148 -4.50 -72.96 -3.68
N LEU G 149 -4.86 -74.23 -3.58
CA LEU G 149 -5.25 -74.79 -2.29
C LEU G 149 -4.06 -75.24 -1.46
N VAL G 150 -3.94 -74.63 -0.28
CA VAL G 150 -2.96 -75.06 0.71
C VAL G 150 -3.66 -75.87 1.80
N THR G 151 -3.33 -77.15 1.89
CA THR G 151 -3.82 -78.00 2.97
C THR G 151 -2.70 -78.31 3.94
N VAL G 152 -2.91 -77.96 5.21
CA VAL G 152 -1.87 -78.21 6.21
C VAL G 152 -2.13 -79.28 7.25
N SER G 153 -1.56 -80.48 7.07
CA SER G 153 -1.74 -81.49 8.12
C SER G 153 -0.76 -82.67 8.05
N SER G 154 -0.69 -83.39 9.16
CA SER G 154 0.19 -84.54 9.38
C SER G 154 -0.37 -85.91 9.06
N ALA G 155 -1.68 -85.96 8.88
CA ALA G 155 -2.36 -87.22 8.68
C ALA G 155 -1.81 -87.77 7.39
N SER G 156 -1.80 -89.10 7.27
CA SER G 156 -1.19 -89.66 6.11
C SER G 156 -2.30 -89.58 5.11
N THR G 157 -1.92 -89.51 3.84
CA THR G 157 -2.88 -89.57 2.77
C THR G 157 -3.40 -90.99 2.84
N LYS G 158 -4.72 -91.10 2.80
CA LYS G 158 -5.36 -92.39 2.83
C LYS G 158 -6.40 -92.41 1.72
N GLY G 159 -6.28 -93.44 0.89
CA GLY G 159 -7.27 -93.69 -0.13
C GLY G 159 -8.58 -94.10 0.49
N PRO G 160 -9.69 -93.78 -0.18
CA PRO G 160 -11.01 -94.14 0.32
C PRO G 160 -11.29 -95.61 0.07
N SER G 161 -12.23 -96.17 0.82
CA SER G 161 -12.89 -97.39 0.39
C SER G 161 -14.20 -97.01 -0.30
N VAL G 162 -14.63 -97.84 -1.24
CA VAL G 162 -15.79 -97.50 -2.05
C VAL G 162 -16.76 -98.65 -1.93
N PHE G 163 -17.94 -98.36 -1.39
CA PHE G 163 -18.97 -99.38 -1.24
C PHE G 163 -20.19 -99.07 -2.08
N PRO G 164 -20.86 -100.11 -2.58
CA PRO G 164 -22.09 -99.87 -3.33
C PRO G 164 -23.27 -99.46 -2.45
N LEU G 165 -24.06 -98.53 -2.95
CA LEU G 165 -25.39 -98.28 -2.42
C LEU G 165 -26.34 -98.91 -3.41
N ALA G 166 -26.77 -100.14 -3.12
CA ALA G 166 -27.50 -100.95 -4.09
C ALA G 166 -28.97 -100.57 -4.16
N PRO G 167 -29.52 -100.57 -5.39
CA PRO G 167 -30.93 -100.26 -5.64
C PRO G 167 -31.89 -101.22 -4.96
N SER G 168 -32.87 -100.68 -4.23
CA SER G 168 -33.81 -101.49 -3.45
C SER G 168 -34.49 -102.55 -4.33
N SER G 169 -34.59 -103.77 -3.83
CA SER G 169 -35.37 -104.81 -4.51
C SER G 169 -36.86 -104.46 -4.61
N LYS G 170 -37.31 -103.52 -3.78
CA LYS G 170 -38.70 -103.06 -3.81
C LYS G 170 -38.91 -101.85 -4.71
N SER G 171 -37.91 -101.49 -5.51
CA SER G 171 -38.02 -100.38 -6.45
C SER G 171 -39.33 -100.43 -7.23
N THR G 172 -40.02 -99.29 -7.30
CA THR G 172 -41.36 -99.24 -7.86
C THR G 172 -41.41 -99.63 -9.33
N SER G 173 -42.34 -100.51 -9.67
CA SER G 173 -42.57 -100.91 -11.05
C SER G 173 -43.02 -99.73 -11.92
N GLY G 174 -42.36 -99.55 -13.05
CA GLY G 174 -42.56 -98.37 -13.88
C GLY G 174 -42.22 -97.04 -13.23
N GLY G 175 -41.48 -97.08 -12.13
CA GLY G 175 -41.14 -95.86 -11.41
C GLY G 175 -39.67 -95.54 -11.50
N THR G 176 -39.18 -94.77 -10.53
CA THR G 176 -37.78 -94.39 -10.54
C THR G 176 -37.05 -95.05 -9.37
N ALA G 177 -35.82 -95.49 -9.61
CA ALA G 177 -34.97 -96.05 -8.57
C ALA G 177 -33.77 -95.16 -8.29
N ALA G 178 -33.23 -95.25 -7.09
CA ALA G 178 -31.96 -94.62 -6.76
C ALA G 178 -30.85 -95.65 -6.51
N LEU G 179 -29.62 -95.30 -6.90
CA LEU G 179 -28.47 -96.15 -6.59
C LEU G 179 -27.26 -95.24 -6.37
N GLY G 180 -26.16 -95.79 -5.87
CA GLY G 180 -25.01 -94.95 -5.59
C GLY G 180 -23.70 -95.62 -5.20
N CYS G 181 -22.73 -94.79 -4.84
CA CYS G 181 -21.53 -95.26 -4.15
C CYS G 181 -21.18 -94.39 -2.96
N LEU G 182 -20.72 -95.07 -1.90
CA LEU G 182 -20.30 -94.42 -0.68
C LEU G 182 -18.77 -94.45 -0.67
N VAL G 183 -18.18 -93.27 -0.51
CA VAL G 183 -16.74 -93.09 -0.63
C VAL G 183 -16.24 -92.68 0.75
N LYS G 184 -15.78 -93.69 1.49
CA LYS G 184 -15.58 -93.56 2.93
C LYS G 184 -14.11 -93.56 3.36
N ASP G 185 -13.82 -92.72 4.35
CA ASP G 185 -12.57 -92.73 5.09
C ASP G 185 -11.36 -92.37 4.24
N TYR G 186 -11.34 -91.15 3.72
CA TYR G 186 -10.18 -90.68 2.99
C TYR G 186 -9.68 -89.38 3.59
N PHE G 187 -8.42 -89.05 3.31
CA PHE G 187 -7.82 -87.80 3.74
C PHE G 187 -6.63 -87.54 2.84
N PRO G 188 -6.27 -86.26 2.65
CA PRO G 188 -7.15 -85.09 2.69
C PRO G 188 -8.15 -85.07 1.54
N GLU G 189 -9.03 -84.06 1.54
CA GLU G 189 -9.82 -83.72 0.36
C GLU G 189 -8.88 -83.46 -0.83
N PRO G 190 -9.43 -83.36 -2.05
CA PRO G 190 -10.77 -83.78 -2.48
C PRO G 190 -10.82 -85.14 -3.16
N VAL G 191 -12.04 -85.60 -3.38
CA VAL G 191 -12.32 -86.77 -4.17
C VAL G 191 -13.23 -86.34 -5.31
N THR G 192 -13.08 -86.97 -6.49
CA THR G 192 -14.03 -86.75 -7.57
C THR G 192 -14.79 -88.04 -7.90
N VAL G 193 -16.05 -87.90 -8.30
CA VAL G 193 -16.84 -89.05 -8.74
C VAL G 193 -17.50 -88.79 -10.09
N SER G 194 -17.41 -89.76 -11.00
CA SER G 194 -18.22 -89.78 -12.21
C SER G 194 -19.03 -91.07 -12.33
N TRP G 195 -20.01 -91.09 -13.22
CA TRP G 195 -20.75 -92.31 -13.54
C TRP G 195 -20.56 -92.70 -15.00
N ASN G 196 -20.28 -93.98 -15.22
CA ASN G 196 -20.05 -94.53 -16.56
C ASN G 196 -19.09 -93.66 -17.36
N SER G 197 -17.97 -93.33 -16.71
CA SER G 197 -16.89 -92.53 -17.28
C SER G 197 -17.32 -91.17 -17.83
N GLY G 198 -18.35 -90.58 -17.24
CA GLY G 198 -18.75 -89.25 -17.65
C GLY G 198 -19.94 -89.23 -18.58
N ALA G 199 -20.36 -90.41 -19.03
CA ALA G 199 -21.46 -90.51 -19.98
C ALA G 199 -22.83 -90.37 -19.30
N LEU G 200 -22.86 -90.61 -17.99
CA LEU G 200 -24.09 -90.47 -17.23
C LEU G 200 -23.99 -89.31 -16.24
N THR G 201 -24.81 -88.28 -16.46
CA THR G 201 -24.70 -87.05 -15.68
C THR G 201 -26.09 -86.63 -15.19
N SER G 202 -27.12 -87.02 -15.93
CA SER G 202 -28.50 -86.62 -15.63
C SER G 202 -29.01 -87.37 -14.40
N GLY G 203 -29.55 -86.63 -13.44
CA GLY G 203 -30.01 -87.23 -12.19
C GLY G 203 -28.92 -87.56 -11.18
N VAL G 204 -27.68 -87.20 -11.51
CA VAL G 204 -26.55 -87.38 -10.60
C VAL G 204 -26.49 -86.30 -9.51
N HIS G 205 -26.35 -86.73 -8.26
CA HIS G 205 -25.94 -85.82 -7.19
C HIS G 205 -24.76 -86.34 -6.39
N THR G 206 -23.69 -85.55 -6.36
CA THR G 206 -22.52 -85.84 -5.54
C THR G 206 -22.51 -84.85 -4.38
N PHE G 207 -22.60 -85.38 -3.16
CA PHE G 207 -22.77 -84.54 -1.98
C PHE G 207 -21.44 -84.04 -1.44
N PRO G 208 -21.48 -82.90 -0.73
CA PRO G 208 -20.29 -82.43 -0.01
C PRO G 208 -19.83 -83.48 1.00
N ALA G 209 -18.51 -83.63 1.14
CA ALA G 209 -17.97 -84.54 2.13
C ALA G 209 -18.29 -84.05 3.53
N VAL G 210 -18.45 -84.99 4.46
CA VAL G 210 -18.50 -84.62 5.86
C VAL G 210 -17.25 -85.14 6.57
N LEU G 211 -16.77 -84.40 7.55
CA LEU G 211 -15.62 -84.84 8.32
C LEU G 211 -16.09 -85.67 9.49
N GLN G 212 -15.73 -86.95 9.50
CA GLN G 212 -16.08 -87.82 10.62
C GLN G 212 -15.23 -87.47 11.82
N SER G 213 -15.70 -87.84 13.01
CA SER G 213 -14.94 -87.63 14.24
C SER G 213 -13.58 -88.32 14.24
N SER G 214 -13.43 -89.32 13.38
CA SER G 214 -12.15 -89.97 13.17
C SER G 214 -11.10 -89.06 12.51
N GLY G 215 -11.56 -87.96 11.92
CA GLY G 215 -10.68 -87.09 11.18
C GLY G 215 -10.57 -87.47 9.71
N LEU G 216 -11.34 -88.47 9.30
CA LEU G 216 -11.41 -88.86 7.90
C LEU G 216 -12.72 -88.42 7.27
N TYR G 217 -12.67 -88.09 5.99
CA TYR G 217 -13.86 -87.64 5.27
C TYR G 217 -14.66 -88.80 4.73
N SER G 218 -15.96 -88.57 4.54
CA SER G 218 -16.81 -89.49 3.83
C SER G 218 -17.72 -88.67 2.93
N LEU G 219 -18.00 -89.19 1.73
CA LEU G 219 -19.02 -88.55 0.89
C LEU G 219 -19.83 -89.60 0.15
N SER G 220 -21.00 -89.21 -0.32
CA SER G 220 -21.85 -90.11 -1.10
C SER G 220 -22.12 -89.53 -2.47
N SER G 221 -22.28 -90.41 -3.46
CA SER G 221 -22.76 -89.98 -4.77
C SER G 221 -23.84 -90.92 -5.25
N VAL G 222 -24.91 -90.34 -5.80
CA VAL G 222 -26.09 -91.12 -6.16
C VAL G 222 -26.61 -90.70 -7.54
N VAL G 223 -27.43 -91.56 -8.12
CA VAL G 223 -28.11 -91.22 -9.36
C VAL G 223 -29.44 -91.96 -9.40
N THR G 224 -30.43 -91.34 -10.02
CA THR G 224 -31.72 -91.97 -10.19
C THR G 224 -31.86 -92.41 -11.63
N VAL G 225 -32.43 -93.59 -11.82
CA VAL G 225 -32.56 -94.23 -13.13
C VAL G 225 -33.93 -94.88 -13.21
N PRO G 226 -34.40 -95.23 -14.43
CA PRO G 226 -35.69 -95.91 -14.40
C PRO G 226 -35.53 -97.31 -13.80
N SER G 227 -36.53 -97.75 -13.04
CA SER G 227 -36.55 -99.08 -12.43
C SER G 227 -36.39 -100.25 -13.40
N SER G 228 -37.04 -100.17 -14.56
CA SER G 228 -36.95 -101.20 -15.59
C SER G 228 -35.56 -101.35 -16.20
N SER G 229 -34.66 -100.41 -15.92
CA SER G 229 -33.29 -100.52 -16.42
C SER G 229 -32.31 -101.19 -15.46
N LEU G 230 -32.77 -101.61 -14.28
CA LEU G 230 -31.86 -102.22 -13.31
C LEU G 230 -31.37 -103.59 -13.78
N GLY G 231 -32.23 -104.29 -14.51
CA GLY G 231 -31.87 -105.57 -15.07
C GLY G 231 -31.03 -105.48 -16.33
N THR G 232 -31.07 -104.33 -17.00
CA THR G 232 -30.69 -104.26 -18.41
C THR G 232 -29.54 -103.29 -18.71
N GLN G 233 -29.28 -102.34 -17.82
CA GLN G 233 -28.22 -101.35 -18.04
C GLN G 233 -27.11 -101.50 -17.01
N THR G 234 -25.91 -101.05 -17.38
CA THR G 234 -24.78 -101.06 -16.46
C THR G 234 -24.52 -99.69 -15.85
N TYR G 235 -24.33 -99.65 -14.54
CA TYR G 235 -23.98 -98.41 -13.85
C TYR G 235 -22.74 -98.57 -13.01
N ILE G 236 -21.71 -97.80 -13.35
CA ILE G 236 -20.40 -97.94 -12.75
C ILE G 236 -20.02 -96.59 -12.20
N CYS G 237 -19.64 -96.52 -10.93
CA CYS G 237 -19.09 -95.29 -10.40
C CYS G 237 -17.57 -95.26 -10.40
N ASN G 238 -17.02 -94.11 -10.77
CA ASN G 238 -15.61 -93.92 -11.00
C ASN G 238 -15.11 -92.90 -10.00
N VAL G 239 -14.25 -93.33 -9.09
CA VAL G 239 -13.80 -92.50 -7.98
C VAL G 239 -12.31 -92.21 -8.11
N ASN G 240 -11.95 -90.94 -7.97
CA ASN G 240 -10.56 -90.52 -7.98
C ASN G 240 -10.16 -89.74 -6.74
N HIS G 241 -9.09 -90.20 -6.10
CA HIS G 241 -8.49 -89.49 -4.99
C HIS G 241 -7.03 -89.26 -5.34
N LYS G 242 -6.80 -88.12 -5.99
CA LYS G 242 -5.48 -87.73 -6.48
C LYS G 242 -4.37 -87.77 -5.42
N PRO G 243 -4.61 -87.22 -4.20
CA PRO G 243 -3.57 -87.23 -3.16
C PRO G 243 -2.95 -88.60 -2.90
N SER G 244 -3.74 -89.66 -3.03
CA SER G 244 -3.25 -91.01 -2.77
C SER G 244 -3.07 -91.78 -4.08
N ASN G 245 -3.39 -91.13 -5.19
CA ASN G 245 -3.35 -91.77 -6.50
C ASN G 245 -4.28 -92.97 -6.53
N THR G 246 -5.39 -92.87 -5.80
CA THR G 246 -6.43 -93.90 -5.86
C THR G 246 -7.42 -93.69 -7.00
N LYS G 247 -7.64 -94.73 -7.78
CA LYS G 247 -8.73 -94.75 -8.74
C LYS G 247 -9.50 -96.06 -8.58
N VAL G 248 -10.81 -95.96 -8.41
CA VAL G 248 -11.63 -97.17 -8.31
C VAL G 248 -12.84 -97.12 -9.21
N ASP G 249 -13.16 -98.23 -9.85
CA ASP G 249 -14.40 -98.35 -10.60
C ASP G 249 -15.25 -99.39 -9.91
N LYS G 250 -16.48 -99.04 -9.57
CA LYS G 250 -17.33 -99.98 -8.87
C LYS G 250 -18.70 -100.09 -9.52
N LYS G 251 -18.97 -101.29 -10.03
CA LYS G 251 -20.25 -101.63 -10.63
C LYS G 251 -21.32 -101.70 -9.53
N VAL G 252 -22.42 -100.98 -9.71
CA VAL G 252 -23.48 -101.01 -8.71
C VAL G 252 -24.69 -101.75 -9.26
N GLU G 253 -25.06 -102.84 -8.60
CA GLU G 253 -26.20 -103.65 -9.03
C GLU G 253 -27.05 -104.10 -7.85
N PRO G 254 -28.30 -104.54 -8.11
CA PRO G 254 -29.15 -105.07 -7.04
C PRO G 254 -28.49 -106.26 -6.34
N LYS G 255 -28.71 -106.41 -5.04
CA LYS G 255 -28.07 -107.49 -4.30
C LYS G 255 -28.78 -108.81 -4.59
N SER G 256 -28.00 -109.88 -4.69
CA SER G 256 -28.56 -111.21 -4.92
C SER G 256 -28.93 -111.87 -3.61
N CYS G 257 -29.99 -112.66 -3.64
CA CYS G 257 -30.36 -113.47 -2.48
C CYS G 257 -30.38 -114.97 -2.82
N ASP H 4 -8.39 -53.16 14.11
CA ASP H 4 -8.74 -53.49 12.73
C ASP H 4 -10.20 -53.21 12.45
N ILE H 5 -10.48 -52.77 11.22
CA ILE H 5 -11.83 -52.38 10.82
C ILE H 5 -12.72 -53.61 10.57
N GLN H 6 -13.92 -53.60 11.14
CA GLN H 6 -14.88 -54.67 10.86
C GLN H 6 -15.96 -54.20 9.89
N MET H 7 -16.34 -55.06 8.95
CA MET H 7 -17.37 -54.68 7.99
C MET H 7 -18.54 -55.64 8.22
N THR H 8 -19.71 -55.11 8.59
CA THR H 8 -20.86 -55.98 8.86
C THR H 8 -21.91 -55.96 7.76
N GLN H 9 -22.09 -57.08 7.07
CA GLN H 9 -23.12 -57.14 6.06
C GLN H 9 -24.47 -57.60 6.64
N SER H 10 -25.56 -56.99 6.17
CA SER H 10 -26.91 -57.47 6.44
C SER H 10 -27.65 -57.67 5.11
N PRO H 11 -28.56 -58.66 5.06
CA PRO H 11 -28.51 -59.85 5.91
C PRO H 11 -27.34 -60.77 5.54
N SER H 12 -27.11 -61.81 6.33
CA SER H 12 -26.06 -62.77 6.01
C SER H 12 -26.51 -63.74 4.93
N SER H 13 -27.81 -63.74 4.66
CA SER H 13 -28.40 -64.69 3.73
C SER H 13 -29.74 -64.15 3.27
N LEU H 14 -30.06 -64.31 1.99
CA LEU H 14 -31.38 -63.92 1.51
C LEU H 14 -31.87 -64.74 0.32
N SER H 15 -33.20 -64.79 0.19
CA SER H 15 -33.84 -65.50 -0.92
C SER H 15 -34.70 -64.51 -1.68
N ALA H 16 -34.52 -64.45 -2.99
CA ALA H 16 -35.36 -63.57 -3.81
C ALA H 16 -35.69 -64.15 -5.18
N SER H 17 -36.85 -63.77 -5.70
CA SER H 17 -37.35 -64.28 -6.98
C SER H 17 -36.66 -63.56 -8.13
N VAL H 18 -36.61 -64.20 -9.29
CA VAL H 18 -36.10 -63.57 -10.49
C VAL H 18 -36.92 -62.30 -10.81
N GLY H 19 -36.24 -61.19 -11.06
CA GLY H 19 -36.92 -59.96 -11.40
C GLY H 19 -37.11 -59.03 -10.20
N ASP H 20 -36.93 -59.60 -9.02
CA ASP H 20 -36.96 -58.83 -7.77
C ASP H 20 -35.78 -57.88 -7.65
N ARG H 21 -35.97 -56.84 -6.86
CA ARG H 21 -34.91 -55.90 -6.54
C ARG H 21 -34.27 -56.34 -5.23
N VAL H 22 -32.94 -56.42 -5.19
CA VAL H 22 -32.25 -56.95 -4.02
C VAL H 22 -31.29 -55.91 -3.42
N THR H 23 -31.38 -55.73 -2.11
CA THR H 23 -30.49 -54.82 -1.38
C THR H 23 -29.64 -55.46 -0.29
N ILE H 24 -28.32 -55.31 -0.39
CA ILE H 24 -27.39 -55.83 0.61
C ILE H 24 -26.67 -54.64 1.24
N THR H 25 -26.60 -54.59 2.56
CA THR H 25 -26.01 -53.42 3.22
C THR H 25 -24.76 -53.82 3.99
N CYS H 26 -23.83 -52.89 4.14
CA CYS H 26 -22.57 -53.18 4.82
C CYS H 26 -22.22 -51.96 5.69
N ARG H 27 -21.99 -52.21 6.98
CA ARG H 27 -21.70 -51.16 7.94
C ARG H 27 -20.29 -51.25 8.50
N ALA H 28 -19.52 -50.17 8.37
CA ALA H 28 -18.12 -50.17 8.77
C ALA H 28 -17.99 -49.94 10.27
N SER H 29 -17.14 -50.73 10.92
CA SER H 29 -16.86 -50.58 12.36
C SER H 29 -16.57 -49.14 12.74
N GLN H 30 -15.59 -48.53 12.06
CA GLN H 30 -15.36 -47.11 12.20
C GLN H 30 -15.71 -46.43 10.88
N SER H 31 -15.52 -45.13 10.81
CA SER H 31 -15.80 -44.41 9.57
C SER H 31 -14.68 -44.57 8.55
N VAL H 32 -14.89 -45.48 7.60
CA VAL H 32 -14.08 -45.53 6.39
C VAL H 32 -14.64 -44.47 5.45
N SER H 33 -13.92 -44.16 4.39
CA SER H 33 -14.37 -43.16 3.45
C SER H 33 -14.86 -43.97 2.27
N SER H 34 -15.37 -43.34 1.21
CA SER H 34 -15.95 -44.08 0.09
C SER H 34 -15.07 -45.22 -0.48
N ALA H 35 -14.00 -45.59 0.23
CA ALA H 35 -13.05 -46.63 -0.19
C ALA H 35 -13.62 -48.01 0.08
N VAL H 36 -14.70 -48.36 -0.63
CA VAL H 36 -15.42 -49.59 -0.36
C VAL H 36 -15.76 -50.26 -1.67
N ALA H 37 -15.44 -51.54 -1.76
CA ALA H 37 -15.67 -52.30 -2.97
C ALA H 37 -16.60 -53.49 -2.76
N TRP H 38 -17.30 -53.87 -3.83
CA TRP H 38 -18.20 -55.00 -3.76
C TRP H 38 -17.78 -56.04 -4.77
N TYR H 39 -17.85 -57.28 -4.31
CA TYR H 39 -17.47 -58.44 -5.10
C TYR H 39 -18.54 -59.50 -5.13
N GLN H 40 -18.49 -60.34 -6.16
CA GLN H 40 -19.36 -61.50 -6.28
C GLN H 40 -18.51 -62.76 -6.35
N GLN H 41 -18.82 -63.75 -5.53
CA GLN H 41 -18.09 -65.01 -5.61
C GLN H 41 -19.02 -66.20 -5.80
N LYS H 42 -18.85 -66.87 -6.93
CA LYS H 42 -19.48 -68.14 -7.20
C LYS H 42 -18.73 -69.19 -6.41
N PRO H 43 -19.41 -70.28 -6.04
CA PRO H 43 -18.68 -71.26 -5.23
C PRO H 43 -17.65 -72.04 -6.07
N GLY H 44 -16.44 -72.13 -5.56
CA GLY H 44 -15.36 -72.82 -6.26
C GLY H 44 -14.58 -71.93 -7.20
N LYS H 45 -14.78 -70.62 -7.09
CA LYS H 45 -14.14 -69.67 -8.00
C LYS H 45 -13.67 -68.40 -7.30
N ALA H 46 -12.73 -67.72 -7.96
CA ALA H 46 -12.23 -66.42 -7.51
C ALA H 46 -13.35 -65.39 -7.48
N PRO H 47 -13.35 -64.54 -6.44
CA PRO H 47 -14.23 -63.37 -6.43
C PRO H 47 -14.03 -62.48 -7.65
N LYS H 48 -15.08 -61.76 -8.03
CA LYS H 48 -15.03 -60.90 -9.21
C LYS H 48 -15.45 -59.50 -8.80
N LEU H 49 -14.70 -58.49 -9.21
CA LEU H 49 -15.01 -57.16 -8.73
C LEU H 49 -16.31 -56.68 -9.36
N LEU H 50 -17.15 -56.05 -8.55
CA LEU H 50 -18.38 -55.47 -9.06
C LEU H 50 -18.31 -53.96 -8.98
N ILE H 51 -17.97 -53.45 -7.80
CA ILE H 51 -18.07 -52.02 -7.56
C ILE H 51 -16.83 -51.51 -6.84
N TYR H 52 -16.33 -50.33 -7.22
CA TYR H 52 -15.21 -49.73 -6.48
C TYR H 52 -15.57 -48.30 -6.15
N SER H 53 -14.87 -47.72 -5.18
CA SER H 53 -15.12 -46.35 -4.73
C SER H 53 -16.58 -46.14 -4.39
N ALA H 54 -17.19 -47.16 -3.78
CA ALA H 54 -18.57 -47.18 -3.31
C ALA H 54 -19.64 -47.21 -4.40
N SER H 55 -19.44 -46.49 -5.51
CA SER H 55 -20.50 -46.32 -6.50
C SER H 55 -20.07 -46.37 -7.97
N SER H 56 -18.78 -46.62 -8.22
CA SER H 56 -18.31 -46.79 -9.58
C SER H 56 -18.45 -48.22 -10.10
N LEU H 57 -19.12 -48.36 -11.25
CA LEU H 57 -19.38 -49.68 -11.82
C LEU H 57 -18.12 -50.13 -12.56
N TYR H 58 -17.59 -51.30 -12.18
CA TYR H 58 -16.39 -51.82 -12.82
C TYR H 58 -16.69 -52.20 -14.27
N SER H 59 -15.71 -52.00 -15.15
CA SER H 59 -15.91 -52.11 -16.59
C SER H 59 -16.45 -53.49 -17.02
N GLY H 60 -17.55 -53.48 -17.76
CA GLY H 60 -18.11 -54.71 -18.29
C GLY H 60 -19.24 -55.31 -17.46
N VAL H 61 -19.27 -54.96 -16.17
CA VAL H 61 -20.30 -55.46 -15.26
C VAL H 61 -21.67 -54.92 -15.68
N PRO H 62 -22.67 -55.80 -15.77
CA PRO H 62 -24.06 -55.45 -16.10
C PRO H 62 -24.59 -54.29 -15.26
N SER H 63 -25.36 -53.41 -15.87
CA SER H 63 -25.80 -52.19 -15.22
C SER H 63 -26.88 -52.40 -14.16
N ARG H 64 -27.37 -53.63 -14.03
CA ARG H 64 -28.34 -53.95 -12.98
C ARG H 64 -27.68 -53.90 -11.60
N PHE H 65 -26.35 -53.95 -11.57
CA PHE H 65 -25.60 -53.83 -10.32
C PHE H 65 -25.30 -52.34 -10.10
N SER H 66 -25.60 -51.83 -8.91
CA SER H 66 -25.17 -50.48 -8.54
C SER H 66 -24.81 -50.37 -7.06
N GLY H 67 -23.99 -49.38 -6.73
CA GLY H 67 -23.53 -49.16 -5.38
C GLY H 67 -23.90 -47.75 -4.93
N SER H 68 -24.18 -47.58 -3.64
CA SER H 68 -24.44 -46.26 -3.09
C SER H 68 -23.99 -46.13 -1.64
N ARG H 69 -23.86 -44.89 -1.16
CA ARG H 69 -23.43 -44.64 0.20
C ARG H 69 -24.37 -43.69 0.91
N SER H 70 -24.67 -43.98 2.17
CA SER H 70 -25.29 -43.01 3.06
C SER H 70 -24.59 -42.96 4.41
N GLY H 71 -23.66 -42.02 4.54
CA GLY H 71 -22.81 -41.94 5.71
C GLY H 71 -21.87 -43.12 5.82
N THR H 72 -22.10 -43.91 6.85
CA THR H 72 -21.34 -45.13 7.09
C THR H 72 -22.10 -46.38 6.61
N ASP H 73 -23.23 -46.20 5.95
CA ASP H 73 -23.93 -47.36 5.39
C ASP H 73 -23.69 -47.48 3.90
N PHE H 74 -23.13 -48.61 3.48
CA PHE H 74 -22.93 -48.88 2.07
C PHE H 74 -23.93 -49.87 1.50
N THR H 75 -24.47 -49.58 0.32
CA THR H 75 -25.54 -50.36 -0.25
C THR H 75 -25.13 -50.93 -1.61
N LEU H 76 -25.22 -52.24 -1.76
CA LEU H 76 -25.22 -52.88 -3.07
C LEU H 76 -26.63 -53.27 -3.51
N THR H 77 -27.04 -52.76 -4.67
CA THR H 77 -28.36 -53.04 -5.21
C THR H 77 -28.32 -53.79 -6.55
N ILE H 78 -29.17 -54.81 -6.65
CA ILE H 78 -29.38 -55.53 -7.91
C ILE H 78 -30.80 -55.24 -8.37
N SER H 79 -30.96 -54.51 -9.47
CA SER H 79 -32.25 -53.90 -9.76
C SER H 79 -33.27 -54.95 -10.21
N SER H 80 -32.77 -56.04 -10.79
CA SER H 80 -33.65 -57.08 -11.34
C SER H 80 -32.92 -58.41 -11.33
N LEU H 81 -33.19 -59.23 -10.32
CA LEU H 81 -32.36 -60.41 -10.05
C LEU H 81 -32.49 -61.47 -11.14
N GLN H 82 -31.35 -61.99 -11.59
CA GLN H 82 -31.32 -63.00 -12.63
C GLN H 82 -30.95 -64.36 -12.02
N PRO H 83 -31.40 -65.45 -12.65
CA PRO H 83 -31.05 -66.79 -12.13
C PRO H 83 -29.55 -67.04 -11.98
N GLU H 84 -28.72 -66.43 -12.81
CA GLU H 84 -27.28 -66.64 -12.72
C GLU H 84 -26.64 -65.87 -11.56
N ASP H 85 -27.43 -65.08 -10.84
CA ASP H 85 -26.87 -64.20 -9.83
C ASP H 85 -26.67 -64.81 -8.44
N PHE H 86 -26.97 -66.09 -8.26
CA PHE H 86 -26.75 -66.72 -6.96
C PHE H 86 -25.26 -66.73 -6.67
N ALA H 87 -24.88 -66.30 -5.47
CA ALA H 87 -23.46 -66.23 -5.07
C ALA H 87 -23.35 -65.74 -3.64
N THR H 88 -22.11 -65.67 -3.15
CA THR H 88 -21.85 -64.87 -1.95
C THR H 88 -21.29 -63.50 -2.35
N TYR H 89 -21.89 -62.42 -1.84
CA TYR H 89 -21.41 -61.07 -2.15
C TYR H 89 -20.65 -60.50 -0.97
N TYR H 90 -19.52 -59.84 -1.26
CA TYR H 90 -18.68 -59.30 -0.19
C TYR H 90 -18.40 -57.79 -0.33
N CYS H 91 -18.53 -57.05 0.77
CA CYS H 91 -18.01 -55.68 0.80
C CYS H 91 -16.57 -55.71 1.31
N GLN H 92 -15.83 -54.64 1.06
CA GLN H 92 -14.42 -54.59 1.42
C GLN H 92 -14.00 -53.14 1.62
N GLN H 93 -13.21 -52.86 2.65
CA GLN H 93 -12.73 -51.50 2.85
C GLN H 93 -11.24 -51.39 2.59
N PRO H 98 -4.99 -53.10 8.07
CA PRO H 98 -5.24 -54.21 7.16
C PRO H 98 -6.52 -54.01 6.33
N ILE H 99 -6.50 -54.42 5.07
CA ILE H 99 -7.73 -54.51 4.29
C ILE H 99 -8.64 -55.51 5.00
N THR H 100 -9.92 -55.16 5.16
CA THR H 100 -10.89 -56.12 5.64
C THR H 100 -12.13 -56.32 4.77
N PHE H 101 -12.60 -57.56 4.76
CA PHE H 101 -13.78 -57.99 4.03
C PHE H 101 -14.98 -58.13 4.96
N GLY H 102 -16.18 -57.81 4.47
CA GLY H 102 -17.39 -58.17 5.20
C GLY H 102 -17.53 -59.68 5.28
N GLN H 103 -18.48 -60.17 6.08
CA GLN H 103 -18.57 -61.62 6.28
C GLN H 103 -19.29 -62.33 5.13
N GLY H 104 -19.89 -61.55 4.24
CA GLY H 104 -20.54 -62.12 3.07
C GLY H 104 -22.04 -62.25 3.17
N THR H 105 -22.73 -62.07 2.05
CA THR H 105 -24.17 -62.29 2.00
C THR H 105 -24.47 -63.30 0.91
N LYS H 106 -25.04 -64.44 1.31
CA LYS H 106 -25.45 -65.49 0.38
C LYS H 106 -26.83 -65.23 -0.23
N VAL H 107 -26.89 -65.13 -1.57
CA VAL H 107 -28.16 -64.86 -2.24
C VAL H 107 -28.67 -66.12 -2.97
N GLU H 108 -29.86 -66.58 -2.62
CA GLU H 108 -30.53 -67.62 -3.39
C GLU H 108 -31.85 -67.24 -4.09
N ILE H 109 -32.19 -68.04 -5.08
CA ILE H 109 -33.46 -67.95 -5.84
C ILE H 109 -34.58 -68.71 -5.13
N LYS H 110 -35.67 -68.02 -4.81
CA LYS H 110 -36.91 -68.58 -4.21
C LYS H 110 -37.92 -69.25 -5.18
N ARG H 111 -38.41 -70.44 -4.82
CA ARG H 111 -39.40 -71.13 -5.64
C ARG H 111 -40.43 -71.86 -4.80
N THR H 112 -41.36 -72.50 -5.50
CA THR H 112 -42.44 -73.23 -4.89
C THR H 112 -41.89 -74.46 -4.18
N VAL H 113 -42.62 -74.93 -3.17
CA VAL H 113 -42.29 -76.14 -2.41
C VAL H 113 -42.15 -77.34 -3.31
N ALA H 114 -41.17 -78.19 -3.02
CA ALA H 114 -41.04 -79.42 -3.76
C ALA H 114 -40.77 -80.50 -2.74
N ALA H 115 -41.55 -81.57 -2.76
CA ALA H 115 -41.43 -82.62 -1.76
C ALA H 115 -40.23 -83.48 -2.13
N PRO H 116 -39.53 -84.03 -1.12
CA PRO H 116 -38.41 -84.92 -1.45
C PRO H 116 -38.87 -86.28 -1.92
N SER H 117 -38.01 -86.99 -2.64
CA SER H 117 -38.18 -88.42 -2.82
C SER H 117 -37.23 -89.13 -1.86
N VAL H 118 -37.70 -90.16 -1.16
CA VAL H 118 -36.87 -90.73 -0.11
C VAL H 118 -36.44 -92.16 -0.41
N PHE H 119 -35.18 -92.44 -0.14
CA PHE H 119 -34.58 -93.75 -0.45
C PHE H 119 -33.69 -94.16 0.72
N ILE H 120 -33.79 -95.41 1.17
CA ILE H 120 -32.85 -95.89 2.16
C ILE H 120 -31.91 -96.94 1.56
N PHE H 121 -30.66 -96.92 1.99
CA PHE H 121 -29.68 -97.91 1.57
C PHE H 121 -29.03 -98.58 2.77
N PRO H 122 -29.09 -99.92 2.81
CA PRO H 122 -28.40 -100.70 3.84
C PRO H 122 -26.90 -100.67 3.60
N PRO H 123 -26.10 -101.04 4.61
CA PRO H 123 -24.66 -101.16 4.37
C PRO H 123 -24.41 -102.30 3.37
N SER H 124 -23.42 -102.13 2.50
CA SER H 124 -23.03 -103.23 1.63
C SER H 124 -22.37 -104.34 2.43
N ASP H 125 -22.29 -105.52 1.82
CA ASP H 125 -21.57 -106.64 2.40
C ASP H 125 -20.11 -106.28 2.60
N SER H 126 -19.52 -105.61 1.61
CA SER H 126 -18.11 -105.23 1.66
C SER H 126 -17.79 -104.29 2.84
N GLN H 127 -18.71 -103.42 3.22
CA GLN H 127 -18.46 -102.54 4.36
C GLN H 127 -18.44 -103.29 5.69
N LEU H 128 -19.41 -104.17 5.89
CA LEU H 128 -19.57 -104.93 7.13
C LEU H 128 -18.33 -105.74 7.23
N LYS H 129 -17.99 -106.32 6.08
CA LYS H 129 -16.75 -106.99 5.82
C LYS H 129 -15.52 -106.33 6.46
N SER H 130 -15.60 -105.04 6.78
CA SER H 130 -14.51 -104.35 7.46
C SER H 130 -14.79 -103.84 8.89
N GLY H 131 -15.95 -104.11 9.46
CA GLY H 131 -16.12 -103.82 10.88
C GLY H 131 -17.09 -102.68 11.20
N THR H 132 -17.52 -101.96 10.17
CA THR H 132 -18.42 -100.83 10.35
C THR H 132 -19.62 -100.92 9.42
N ALA H 133 -20.70 -100.27 9.81
CA ALA H 133 -21.95 -100.29 9.07
C ALA H 133 -22.52 -98.89 8.88
N SER H 134 -22.60 -98.45 7.63
CA SER H 134 -23.18 -97.15 7.34
C SER H 134 -24.50 -97.35 6.61
N VAL H 135 -25.53 -96.71 7.13
CA VAL H 135 -26.86 -96.73 6.54
C VAL H 135 -27.18 -95.35 5.99
N VAL H 136 -27.71 -95.28 4.78
CA VAL H 136 -27.80 -93.98 4.11
C VAL H 136 -29.23 -93.64 3.71
N CYS H 137 -29.65 -92.41 4.02
CA CYS H 137 -30.99 -91.95 3.65
C CYS H 137 -30.80 -90.78 2.69
N LEU H 138 -31.39 -90.94 1.51
CA LEU H 138 -31.43 -89.90 0.48
C LEU H 138 -32.76 -89.20 0.36
N LEU H 139 -32.70 -87.88 0.37
CA LEU H 139 -33.85 -87.03 0.11
C LEU H 139 -33.56 -86.29 -1.19
N ASN H 140 -34.33 -86.56 -2.22
CA ASN H 140 -34.02 -86.03 -3.54
C ASN H 140 -34.96 -84.93 -3.99
N ASN H 141 -34.37 -83.83 -4.44
CA ASN H 141 -35.03 -82.80 -5.24
C ASN H 141 -36.19 -82.13 -4.52
N PHE H 142 -35.87 -81.40 -3.45
CA PHE H 142 -36.90 -80.77 -2.67
C PHE H 142 -36.65 -79.28 -2.43
N TYR H 143 -37.68 -78.58 -1.98
CA TYR H 143 -37.58 -77.18 -1.59
C TYR H 143 -38.69 -76.93 -0.57
N PRO H 144 -38.46 -76.03 0.41
CA PRO H 144 -37.20 -75.43 0.84
C PRO H 144 -36.18 -76.37 1.45
N ARG H 145 -35.02 -75.80 1.76
CA ARG H 145 -33.85 -76.54 2.23
C ARG H 145 -34.08 -77.27 3.55
N GLU H 146 -34.94 -76.71 4.40
CA GLU H 146 -35.15 -77.27 5.74
C GLU H 146 -35.94 -78.56 5.73
N ALA H 147 -35.21 -79.67 5.66
CA ALA H 147 -35.77 -81.00 5.79
C ALA H 147 -35.25 -81.60 7.09
N LYS H 148 -36.03 -82.47 7.72
CA LYS H 148 -35.60 -83.06 8.99
C LYS H 148 -35.56 -84.57 8.85
N VAL H 149 -34.39 -85.14 9.11
CA VAL H 149 -34.22 -86.58 9.07
C VAL H 149 -34.18 -87.09 10.50
N GLN H 150 -34.90 -88.16 10.77
CA GLN H 150 -34.90 -88.76 12.08
C GLN H 150 -34.66 -90.24 11.85
N TRP H 151 -33.52 -90.73 12.32
CA TRP H 151 -33.22 -92.16 12.25
C TRP H 151 -33.87 -92.93 13.39
N LYS H 152 -34.42 -94.10 13.08
CA LYS H 152 -34.93 -95.00 14.10
C LYS H 152 -34.40 -96.43 13.90
N VAL H 153 -33.97 -97.04 15.00
CA VAL H 153 -33.43 -98.39 14.96
C VAL H 153 -34.28 -99.23 15.91
N ASP H 154 -35.00 -100.19 15.35
CA ASP H 154 -36.05 -100.91 16.08
C ASP H 154 -36.95 -99.91 16.83
N ASN H 155 -37.31 -98.84 16.12
CA ASN H 155 -38.16 -97.75 16.62
C ASN H 155 -37.58 -96.90 17.75
N ALA H 156 -36.31 -97.08 18.08
CA ALA H 156 -35.67 -96.20 19.05
C ALA H 156 -35.04 -94.99 18.37
N LEU H 157 -35.32 -93.79 18.88
CA LEU H 157 -34.70 -92.56 18.37
C LEU H 157 -33.18 -92.58 18.50
N GLN H 158 -32.51 -91.99 17.50
CA GLN H 158 -31.05 -91.98 17.46
C GLN H 158 -30.53 -90.55 17.63
N SER H 159 -29.39 -90.40 18.29
CA SER H 159 -28.76 -89.09 18.41
C SER H 159 -27.24 -89.17 18.52
N GLY H 160 -26.56 -88.27 17.82
CA GLY H 160 -25.11 -88.19 17.89
C GLY H 160 -24.31 -89.10 16.98
N ASN H 161 -24.97 -90.02 16.29
CA ASN H 161 -24.26 -90.99 15.46
C ASN H 161 -24.60 -90.88 13.98
N SER H 162 -25.06 -89.71 13.57
CA SER H 162 -25.37 -89.47 12.17
C SER H 162 -24.84 -88.12 11.71
N GLN H 163 -24.63 -87.99 10.40
CA GLN H 163 -24.22 -86.72 9.82
C GLN H 163 -24.93 -86.52 8.50
N GLU H 164 -25.08 -85.28 8.05
CA GLU H 164 -25.73 -85.05 6.78
C GLU H 164 -25.07 -83.93 6.00
N SER H 165 -25.28 -83.93 4.69
CA SER H 165 -24.89 -82.78 3.89
C SER H 165 -25.88 -82.55 2.76
N VAL H 166 -25.84 -81.36 2.19
CA VAL H 166 -26.85 -80.94 1.24
C VAL H 166 -26.14 -80.42 -0.01
N THR H 167 -26.69 -80.73 -1.18
CA THR H 167 -26.16 -80.19 -2.43
C THR H 167 -26.44 -78.70 -2.55
N GLU H 168 -25.77 -78.05 -3.50
CA GLU H 168 -26.12 -76.68 -3.84
C GLU H 168 -27.43 -76.71 -4.61
N GLN H 169 -28.13 -75.58 -4.64
CA GLN H 169 -29.36 -75.47 -5.40
C GLN H 169 -29.16 -75.83 -6.89
N ASP H 170 -30.04 -76.67 -7.42
CA ASP H 170 -30.08 -77.00 -8.84
C ASP H 170 -30.27 -75.78 -9.73
N SER H 171 -29.52 -75.71 -10.82
CA SER H 171 -29.47 -74.51 -11.64
C SER H 171 -30.72 -74.34 -12.50
N LYS H 172 -31.48 -75.42 -12.68
CA LYS H 172 -32.68 -75.37 -13.50
C LYS H 172 -33.97 -75.38 -12.69
N ASP H 173 -34.13 -76.34 -11.79
CA ASP H 173 -35.37 -76.44 -11.03
C ASP H 173 -35.28 -75.90 -9.60
N SER H 174 -34.10 -75.47 -9.18
CA SER H 174 -33.92 -74.76 -7.91
C SER H 174 -34.17 -75.62 -6.66
N THR H 175 -34.06 -76.94 -6.78
CA THR H 175 -34.29 -77.80 -5.64
C THR H 175 -33.00 -78.20 -4.94
N TYR H 176 -33.14 -78.75 -3.73
CA TYR H 176 -32.02 -79.31 -3.00
C TYR H 176 -32.11 -80.82 -2.92
N SER H 177 -30.97 -81.47 -2.70
CA SER H 177 -30.99 -82.84 -2.21
C SER H 177 -30.16 -82.95 -0.92
N LEU H 178 -30.44 -83.98 -0.14
CA LEU H 178 -29.81 -84.14 1.17
C LEU H 178 -29.42 -85.60 1.38
N SER H 179 -28.23 -85.83 1.91
CA SER H 179 -27.83 -87.18 2.24
C SER H 179 -27.55 -87.24 3.73
N SER H 180 -28.04 -88.30 4.38
CA SER H 180 -27.76 -88.55 5.79
C SER H 180 -27.15 -89.92 6.00
N THR H 181 -26.07 -89.98 6.79
CA THR H 181 -25.40 -91.23 7.07
C THR H 181 -25.45 -91.57 8.55
N LEU H 182 -26.05 -92.71 8.86
CA LEU H 182 -26.04 -93.29 10.20
C LEU H 182 -24.89 -94.29 10.32
N THR H 183 -23.99 -94.08 11.27
CA THR H 183 -22.82 -94.96 11.41
C THR H 183 -22.85 -95.80 12.68
N LEU H 184 -22.67 -97.10 12.53
CA LEU H 184 -22.61 -98.00 13.69
C LEU H 184 -21.47 -98.98 13.56
N SER H 185 -21.11 -99.64 14.65
CA SER H 185 -20.16 -100.74 14.59
C SER H 185 -20.90 -101.88 13.92
N LYS H 186 -20.17 -102.82 13.30
CA LYS H 186 -20.80 -104.03 12.80
C LYS H 186 -21.61 -104.74 13.89
N ALA H 187 -21.06 -104.76 15.10
CA ALA H 187 -21.68 -105.47 16.23
C ALA H 187 -23.01 -104.87 16.64
N ASP H 188 -23.02 -103.53 16.76
CA ASP H 188 -24.24 -102.81 17.08
C ASP H 188 -25.22 -102.95 15.94
N TYR H 189 -24.74 -102.85 14.70
CA TYR H 189 -25.61 -103.07 13.56
C TYR H 189 -26.30 -104.43 13.63
N GLU H 190 -25.54 -105.45 14.01
CA GLU H 190 -26.05 -106.81 14.09
C GLU H 190 -26.93 -107.05 15.33
N LYS H 191 -26.91 -106.14 16.29
CA LYS H 191 -27.81 -106.30 17.43
C LYS H 191 -29.26 -105.89 17.13
N HIS H 192 -29.52 -105.37 15.93
CA HIS H 192 -30.83 -104.78 15.66
C HIS H 192 -31.44 -105.20 14.31
N LYS H 193 -32.76 -105.09 14.20
CA LYS H 193 -33.48 -105.59 13.01
C LYS H 193 -33.98 -104.51 12.07
N VAL H 194 -34.78 -103.58 12.58
CA VAL H 194 -35.46 -102.61 11.71
C VAL H 194 -34.73 -101.28 11.63
N TYR H 195 -34.27 -100.92 10.44
CA TYR H 195 -33.56 -99.67 10.25
C TYR H 195 -34.44 -98.74 9.44
N ALA H 196 -34.66 -97.53 9.93
CA ALA H 196 -35.62 -96.63 9.30
C ALA H 196 -35.21 -95.15 9.33
N CYS H 197 -35.51 -94.44 8.24
CA CYS H 197 -35.25 -93.02 8.17
C CYS H 197 -36.58 -92.33 7.91
N GLU H 198 -36.90 -91.38 8.79
CA GLU H 198 -38.16 -90.66 8.77
C GLU H 198 -37.91 -89.21 8.38
N VAL H 199 -38.60 -88.76 7.34
CA VAL H 199 -38.38 -87.46 6.77
C VAL H 199 -39.58 -86.55 6.98
N THR H 200 -39.30 -85.37 7.53
CA THR H 200 -40.33 -84.38 7.80
C THR H 200 -39.98 -83.14 6.99
N HIS H 201 -40.96 -82.60 6.27
CA HIS H 201 -40.70 -81.50 5.35
C HIS H 201 -42.00 -80.79 5.00
N GLN H 202 -41.91 -79.51 4.66
CA GLN H 202 -43.09 -78.72 4.31
C GLN H 202 -43.92 -79.34 3.20
N GLY H 203 -43.25 -79.97 2.25
CA GLY H 203 -43.96 -80.45 1.08
C GLY H 203 -44.66 -81.73 1.47
N LEU H 204 -44.31 -82.26 2.64
CA LEU H 204 -44.87 -83.54 3.04
C LEU H 204 -45.99 -83.26 4.04
N SER H 205 -47.19 -83.79 3.78
CA SER H 205 -48.33 -83.47 4.61
C SER H 205 -48.25 -84.25 5.92
N SER H 206 -47.50 -85.35 5.87
CA SER H 206 -47.10 -86.10 7.06
C SER H 206 -45.74 -86.77 6.80
N PRO H 207 -45.03 -87.18 7.87
CA PRO H 207 -43.66 -87.68 7.69
C PRO H 207 -43.58 -88.96 6.86
N VAL H 208 -42.52 -89.12 6.07
CA VAL H 208 -42.35 -90.32 5.27
C VAL H 208 -41.29 -91.23 5.87
N THR H 209 -41.58 -92.51 5.98
CA THR H 209 -40.56 -93.40 6.53
C THR H 209 -40.17 -94.45 5.52
N LYS H 210 -38.87 -94.55 5.26
CA LYS H 210 -38.38 -95.68 4.50
C LYS H 210 -37.57 -96.57 5.43
N SER H 211 -37.68 -97.88 5.25
CA SER H 211 -37.01 -98.79 6.15
C SER H 211 -36.63 -100.11 5.49
N PHE H 212 -35.63 -100.78 6.07
CA PHE H 212 -35.39 -102.17 5.74
C PHE H 212 -35.25 -103.00 7.01
N ASN H 213 -35.39 -104.31 6.86
CA ASN H 213 -35.04 -105.25 7.91
C ASN H 213 -33.68 -105.85 7.62
N ARG H 214 -32.78 -105.83 8.61
CA ARG H 214 -31.44 -106.34 8.40
C ARG H 214 -31.41 -107.78 7.90
N GLY H 215 -30.68 -108.01 6.81
CA GLY H 215 -30.38 -109.35 6.34
C GLY H 215 -31.53 -110.04 5.63
N GLU H 216 -32.44 -109.29 5.01
CA GLU H 216 -33.64 -109.92 4.47
C GLU H 216 -33.71 -110.04 2.94
N CYS H 217 -33.09 -109.07 2.24
CA CYS H 217 -32.99 -108.92 0.77
C CYS H 217 -33.37 -107.51 0.34
#